data_6N7R
#
_entry.id   6N7R
#
_cell.length_a   1.00
_cell.length_b   1.00
_cell.length_c   1.00
_cell.angle_alpha   90.00
_cell.angle_beta   90.00
_cell.angle_gamma   90.00
#
_symmetry.space_group_name_H-M   'P 1'
#
loop_
_entity.id
_entity.type
_entity.pdbx_description
1 polymer 'U1 small nuclear ribonucleoprotein 70 kDa homolog'
2 polymer 'U1 small nuclear ribonucleoprotein C'
3 polymer 'U1 small nuclear ribonucleoprotein A'
4 polymer 'U1 small nuclear ribonucleoprotein component PRP42'
5 polymer 'Pre-mRNA-processing factor 39'
6 polymer 'Protein NAM8'
7 polymer '56 kDa U1 small nuclear ribonucleoprotein component'
8 polymer 'U1 small nuclear ribonucleoprotein component SNU71,U1 small nuclear ribonucleoprotein component SNU71,Snu71'
9 polymer 'Protein LUC7'
10 polymer 'Small nuclear ribonucleoprotein-associated protein B'
11 polymer 'Small nuclear ribonucleoprotein Sm D1'
12 polymer 'Small nuclear ribonucleoprotein Sm D2'
13 polymer 'Small nuclear ribonucleoprotein Sm D3'
14 polymer 'Small nuclear ribonucleoprotein E'
15 polymer 'Small nuclear ribonucleoprotein F'
16 polymer 'Small nuclear ribonucleoprotein G'
17 polymer 'U1 snRNA'
18 polymer 'ACT1 pre-mRNA'
19 non-polymer 'ZINC ION'
#
loop_
_entity_poly.entity_id
_entity_poly.type
_entity_poly.pdbx_seq_one_letter_code
_entity_poly.pdbx_strand_id
1 'polypeptide(L)'
;MNYNLSKYPDDVSRLFKPRPPLSYKRPTDYPYAKRQTNPNITGVANLLSTSLKHYMEEFPEGSPNNHLQRYEDIKLSKIK
NAQLLDRRLQNWNPNVDPHIKDTDPYRTIFIGRLPYDLDEIELQKYFVKFGEIEKIRIVKDKITQKSKGYAFIVFKDPIS
SKMAFKEIGVHRGIQIKDRICIVDIERGRTVKYFKPRRLGGGLGGRGYSNRDSRLPGRFASASTSNPAERNYAPRLPRRE
TSSSAYSADRYGSSTLDARYRGNRPLLSAATPTAAVTSVYKSRNSRTRESQPAPKEAPDY
;
A
2 'polypeptide(L)'
;MTRYYCEYCHSYLTHDTLSVRKSHLVGKNHLRITADYYRNKARDIINKHNHKRRHIGKRGRKERENSSQNETLKVTCLSN
KEKRHIMHVKKMNQKELAQTSIDTLKLLYDGSPGYSKVFVDANRFDIGDLVKASKLPQRANEKSAHHSFKQTSRSRDETC
ESNPFPRLNNPKKLEPPKILSQWSNTIPKTSIFYSVDILQTTIKESKKRMHSDGIRKPSSANGYKRRRYGN
;
B
3 'polypeptide(L)'
;MSALYFQNLPSRPANKENYTRLLLKHINPNNKYAINPSLPLPHNKLQISSQPLMLLDDQMGLLEVSISRSSKMTNQAFLT
FVTQEEADRFLEKYTTTALKVQGRKVRMGKARTNSLLGLSIEMQKKKGNDETYNLDIKKVLKARKLKRKLRSDDICAKKF
RLKRQIRRLKHKLRSRKVEEAEIDRIVKEFETRRLENMKSQQENLKQSQKPLKRAKVSNTMENPPNKVLLIQNLPSGTTE
QLLSQILGNEALVEIRLVSVRNLAFVEYETVADATKIKNQLGSTYKLQNNDVTIGFAKGRRIPGLINPWKRRWKKNFIAV
SAANRFKKISSSGALDYDIPTTASENLYFQ
;
C
4 'polypeptide(L)'
;MDKYTALIHDENFSTLTLNVSRYPKSLAYWEKLLNYIVKASAPICKSTEPQLLKLIRCTYSSMLNEFPYLENYYIDFALL
EYKLGNVSMSHKIFQRGLQAFNQRSLLLWTSYLKFCNNVISHQKQLFKKYETAEEYVGLHFFSGEFWDLYLEQISSRCTS
SKKYWNVLRKILEIPLHSFSKFYALWLQRIDDIMDLKQLSQLTSKDELLKKLKIDINYSGRKGPYLQDAKKKLKKITKEM
YMVVQYQVLEIYSIFESKIYINYYTSPETLVSSDEIETWIKYLDYTITLQTDSLTHLNFQRALLPLAHYDLVWIKYSKWL
INSKNDLLGAKNVLLMGLKFSLKKTEIIKLLYSVICKLNEYVLLRNLLEKIESSYSDNVENVDDFEIFWDYLQFKTFCQN
SLYSSRYSDSQSNGLLNKELFDKVWKRLSCKEKKSGQEILLNNLVQFYSKDTVEFVEKNIFQKIIEFGWEYYLQNGMFWN
CYCRLIYFDTSRSYLDKRQYIVRKIWPQIDKKFAQSVLPSLTEFCESYFPEEMDTLEEMFTEEP
;
D
5 'polypeptide(L)'
;MPDETNFTIEDIEPRPDALRGLDTQFLQDNTALVQAYRGLDWSDISSLTQMVDVIEQTVVKYGNPNDSIKLALETILWQI
LRKYPLLFGFWKRFATIEYQLFGLKKSIAVLATSVKWFPTSLELWCDYLNVLCVNNPNETDFIRNNFEIAKDLIGKQFLS
HPFWDKFIEFEVGQKNWHNVQRIYEYIIEVPLHQYARFFTSYKKFLNEKNLKTTRNIDIVLRKTQTTVNEIWQFESKIKQ
PFFNLGQVLNDDLENWSRYLKFVTDPSKSLDKEFVMSVFDRCLIPCLYHENTWMMYIKWLTKKNISDEVVVDIYQKANTF
LPLDFKTLRYDFLRFLKRKYRSNNTLFNNIFNETVSRYLKIWPNDILLMTEYLCMLKRHSFKNSLDQSPKEILEKQTSFT
KILETSITNYINNQIDAKVHLQTLINDKNLSIVVVELIKTTWLVLKNNMQTRKYFNLYQKNILIKNSVPFWLTYYKFEKS
NVNFTKLNKFIRELGVEIYLPTTVMNDILTDYKTFYLTHSNIVTYESSIIDSNTFDPILYPELKMSNPKYDPVLNTTANV
DWHKKTEWKEAGHIGITTERPQISNSIIECNSGTLIQKPISLPNFRNLEKINQVKINDLYTEEFLKEGK
;
E
6 'polypeptide(L)'
;MSYKQTTYYPSRGNLVRNDSSPYTNTISSETNNSSTSVLSLQGASNVSLGTTGNQLYMGDLDPTWDKNTVRQIWASLGEA
NINVRMMWNNTLNNGSRSSMGPKNNQGYCFVDFPSSTHAANALLKNGMLIPNFPNKKLKLNWATSSYSNSNNSLNNVKSG
NNCSIFVGDLAPNVTESQLFELFINRYASTSHAKIVHDQVTGMSKGYGFVKFTNSDEQQLALSEMQGVFLNGRAIKVGPT
SGQQQHVSGNNDYNRSSSSLNNENVDSRFLSKGQSFLSNGNNNMGFKRNHMSQFIYPVQQQPSLNHFTDPNNTTVFIGGL
SSLVTEDELRAYFQPFGTIVYVKIPVGKCCGFVQYVDRLSAEAAIAGMQGFPIANSRVRLSWGRSAKQTALLQQAMLSNS
LQVQQQQPGLQQPNYGYIPSSTCEAPVLPDNNVSSTMLPGCQILNYSNPYANANGLGSNNFSFYSNNNATNTQATSLLAD
TSSMDLSGTGGQQVIMQGSEAVVNSTNAMLNRLEQGSNGFMFA
;
F
7 'polypeptide(L)'
;MRPRRRGLAYHHTKPKGQLSQGHYPTTSNDGQRRKVGNSEAFQSFDIWKNLDRIRSTKKNAGQFIKGSLLILPMRTEDKQ
QFDECMDELHKYISKDILRCYPQKEQKDEGMLFYIVLKDFNILDSCFVLSVLLAFQKRLWMAPSEKSYFRVPKNINLTGS
FYLPKNIETGRGHIITSYRREQPSSSIVEVGFNVVPDFQQFQVKACHVSKFMNELSNFFSQVEFGKCEANVINYFKREYN
RTYSQISLALYELPLIGDGLFDIKSYISKTRPIIETSKAQMIKHISEMKAYNEISGLQGDQFPRQQRPLSNSPSSNSISS
SQTIEAGATSYQTQPQRHAVNKPSNVLNSSNRHSGPKTFEDGRYSEGNKPGFMTQDEIKQHCIGTIKASMDAVKKKSSYQ
ILKTYVRCPRQNYIDIVYQNLNDLRSKTNCNIVVLNLNNLHESQMWLESLNTTNYTIFAQAPHPSTIRVISIGGVGEYIV
KALELILNILEH
;
G
8 'polypeptide(L)'
;MRDIVFVSPQLYLSSQEGWKSDSAKSGFIPILKNDLQRFQDSLKHIVDARNS(UNK)(UNK)(UNK)(UNK)(UNK)
(UNK)(UNK)(UNK)(UNK)(UNK)(UNK)(UNK)(UNK)(UNK)(UNK)(UNK)(UNK)(UNK)(UNK)(UNK)(UNK)
(UNK)(UNK)(UNK)(UNK)(UNK)(UNK)(UNK)(UNK)(UNK)(UNK)(UNK)(UNK)(UNK)(UNK)(UNK)(UNK)
;
H
9 'polypeptide(L)'
;MSTMSTPAAEQRKLVEQLMGRDFSFRHNRYSHQKRDLGLHDPKICKSYLVGECPYDLFQGTKQSLGKCPQMHLTKHKIQY
EREVKQGKTFPEFEREYLAILSRFVNECNGQISVALQNLKHTAEERMKIQQVTEELDVLDVRIGLMGQEIDSLIRADEVS
MGMLQSVKLQELISKRKEVAKRVRNITENVGQSAQQKLQVCEVCGAYLSRLDTDRRLADHFLGKIHLGYVKMREDYDRLM
KNNRTTNASKTATTLPGRRFV
;
I
10 'polypeptide(L)'
;MSKIQVAHSSRLANLIDYKLRVLTQDGRVYIGQLMAFDKHMNLVLNECIEERVPKTQLDKLRPRKDSKDGTTLNIKVEKR
VLGLTILRGEQILSTVVEDKPLLSKKERLVRDKKEKKQAQKQTKLRKEKEKKPGKIAKPNTANAKHTSSNSREIAQPSSS
RYNGGNDNIGANRSRFNNEAPPQTRKFQPPPGFKRK
;
K
11 'polypeptide(L)'
;MKLVNFLKKLRNEQVTIELKNGTTVWGTLQSVSPQMNAILTDVKLTLPQPRLNKLNSNGIAMASLYLTGGQQPTASDNIA
SLQYINIRGNTIRQIILPDSLNLDSLLVDQKQLNSLRRSGQIANDPSKKRRRDFGAPANKRPRRGL
;
L
12 'polypeptide(L)'
;MSSQIIDRPKHELSRAELEELEEFEFKHGPMSLINDAMVTRTPVIISLRNNHKIIARVKAFDRHCNMVLENVKELWTEKK
GKNVINRERFISKLFLRGDSVIVVLKTPVE
;
M
13 'polypeptide(L)'
;MTMNGIPVKLLNEAQGHIVSLELTTGATYRGKLVESEDSMNVQLRDVIATEPQGAVTHMDQIFVRGSQIKFIVVPDLLKN
APLFKKNSSRPMPPIRGPKRR
;
N
14 'polypeptide(L)'
;MSNKVKTKAMVPPINCIFNFLQQQTPVTIWLFEQIGIRIKGKIVGFDEFMNVVIDEAVEIPVNSADGKEDVEKGTPLGKI
LLKGDNITLITSAD
;
O
15 'polypeptide(L)'
;MSESSDISAMQPVNPKPFLKGLVNHRVGVKLKFNSTEYRGTLVSTDNYFNLQLNEAEEFVAGVSHGTLGEIFIRCNNVLY
IRELPN
;
P
16 'polypeptide(L)' MVSTPELKKYMDKKILLNINGSRKVAGILRGYDIFLNVVLDDAMEINGEDPANNHQLGLQTVIRGNSIISLEALDAI Q
17 'polyribonucleotide'
;AUACUUACCUUAAGAUAUCAGAGGAGAUCAAGAAGUCCUACUGAUCAAACAUGCGCUUCCAAUAGUAGAAGGACGUUAAG
CAUUUAUCAUUGAACUAUAAUUGUUCAUUGAAGUCAUUGAUGCAAACUCCUUGGUCACACACACAUACGGCGCGGAAGGC
GUGUUUGCUGACGUUUCCAUUCCCUUGUUUCAAUCAUUGGUUAAUCCCUUGAUUCCUUUGGGGAUUUUUGGGUUAAACUG
AUUUUUGGGGCCCUUUGUUUCUUCUGCCUGGAGAAGUUUGACACCAAAUUCAAAUUGGUGUUAGGGGAGCUGGGGCCUUU
CAAAAGAGAGCUUUGUAGAGGCAUUCUUUUUGACUACUUUUCUCUAGCGUGCCAUUUUAGUUUUUGACGGCAGAUUCGAA
UGAACUUAAGUUUAUGAUGAAGGUAUGGCUGUUGAGAUUAUUUGGUCGGGAUUGUAGUUUGAAGAUGUGCUCUUUUGAGC
AGUCUCAACUUUGCUCGUUCCCGUUAUGGGAAAAAUUUUGGAAGGUCUUGGUAGGAACGGGUGGAUCUUAUAAUUUUUGA
UUUAUUUU
;
R
18 'polyribonucleotide'
;GGAUCCGAUAUCCGUACACCAUCAGGGUACGAGCUAGCCCAUGGCGUACACCAUCAGGGUACGACUAGUAGAUCUCGUAC
ACCAUCAGGGUACGGAAUUGUCUAGACUUUUAGAUUUUUCACGCUUACUGCUUUUUUCUUCCCAAGAUCGAAAAUUUACU
GAAUUAACAAUGGAUUCUGGUAUGUUC(N)(N)(N)(N)(N)(N)(N)(N)(N)(N)(N)(N)(N)(N)(N)(N)(N)
(N)(N)(N)(N)(N)(N)(N)(N)(N)(N)(N)(N)(N)(N)(N)(N)(N)(N)(N)(N)(N)(N)(N)(N)(N)(N)
(N)(N)(N)(N)(N)(N)(N)(N)(N)(N)
;
r
#
loop_
_chem_comp.id
_chem_comp.type
_chem_comp.name
_chem_comp.formula
A RNA linking ADENOSINE-5'-MONOPHOSPHATE 'C10 H14 N5 O7 P'
C RNA linking CYTIDINE-5'-MONOPHOSPHATE 'C9 H14 N3 O8 P'
G RNA linking GUANOSINE-5'-MONOPHOSPHATE 'C10 H14 N5 O8 P'
N RNA linking 'ANY 5'-MONOPHOSPHATE NUCLEOTIDE' 'C5 H11 O7 P'
U RNA linking URIDINE-5'-MONOPHOSPHATE 'C9 H13 N2 O9 P'
ZN non-polymer 'ZINC ION' 'Zn 2'
#
# COMPACT_ATOMS: atom_id res chain seq x y z
N MET A 1 -14.87 5.06 -4.94
CA MET A 1 -16.14 4.53 -5.44
C MET A 1 -16.29 3.05 -5.13
N ASN A 2 -15.97 2.68 -3.90
CA ASN A 2 -16.13 1.29 -3.49
C ASN A 2 -17.59 0.97 -3.21
N TYR A 3 -18.39 1.98 -2.94
CA TYR A 3 -19.71 1.82 -2.37
C TYR A 3 -20.68 2.67 -3.17
N ASN A 4 -21.97 2.45 -2.94
CA ASN A 4 -23.00 3.21 -3.70
C ASN A 4 -24.07 3.76 -2.74
N LEU A 5 -24.20 5.09 -2.67
CA LEU A 5 -25.25 5.73 -1.83
C LEU A 5 -26.49 5.97 -2.71
N SER A 6 -26.36 5.71 -4.01
CA SER A 6 -27.43 5.89 -5.02
C SER A 6 -28.40 4.70 -5.05
N LYS A 7 -29.53 4.90 -5.74
CA LYS A 7 -30.60 3.95 -5.92
C LYS A 7 -30.25 2.93 -6.98
N TYR A 8 -29.32 3.26 -7.86
CA TYR A 8 -29.04 2.46 -9.03
C TYR A 8 -28.20 1.25 -8.65
N PRO A 9 -28.15 0.21 -9.48
CA PRO A 9 -27.16 -0.84 -9.30
C PRO A 9 -25.75 -0.35 -9.57
N ASP A 10 -24.79 -1.25 -9.33
CA ASP A 10 -23.38 -0.86 -9.42
C ASP A 10 -22.97 -0.51 -10.83
N ASP A 11 -23.43 -1.27 -11.82
CA ASP A 11 -23.06 -1.00 -13.20
C ASP A 11 -23.55 0.36 -13.65
N VAL A 12 -24.72 0.78 -13.18
CA VAL A 12 -25.22 2.08 -13.58
C VAL A 12 -24.43 3.18 -12.88
N SER A 13 -24.03 2.94 -11.64
CA SER A 13 -23.32 3.97 -10.90
C SER A 13 -21.86 4.07 -11.32
N ARG A 14 -21.31 3.06 -11.97
CA ARG A 14 -19.98 3.25 -12.54
C ARG A 14 -20.02 4.14 -13.77
N LEU A 15 -21.18 4.27 -14.39
CA LEU A 15 -21.30 5.09 -15.60
C LEU A 15 -21.20 6.56 -15.24
N PHE A 16 -21.55 6.91 -14.01
CA PHE A 16 -21.53 8.27 -13.51
C PHE A 16 -20.23 8.50 -12.75
N LYS A 17 -19.16 8.05 -13.34
CA LYS A 17 -17.86 8.23 -12.75
C LYS A 17 -17.50 9.68 -12.96
N PRO A 18 -17.08 10.41 -11.95
CA PRO A 18 -16.83 11.84 -12.13
C PRO A 18 -15.49 12.10 -12.78
N ARG A 19 -15.25 13.35 -13.08
CA ARG A 19 -13.95 13.82 -13.48
C ARG A 19 -12.97 13.71 -12.31
N PRO A 20 -11.67 13.84 -12.54
CA PRO A 20 -10.74 13.89 -11.42
C PRO A 20 -10.94 15.15 -10.59
N PRO A 21 -10.48 15.16 -9.35
CA PRO A 21 -10.70 16.31 -8.48
C PRO A 21 -10.05 17.58 -8.97
N LEU A 22 -10.65 18.70 -8.60
CA LEU A 22 -10.23 19.99 -9.12
C LEU A 22 -8.91 20.39 -8.52
N SER A 23 -8.08 21.05 -9.31
CA SER A 23 -6.83 21.51 -8.77
C SER A 23 -7.03 22.76 -7.95
N TYR A 24 -6.03 23.13 -7.17
CA TYR A 24 -6.14 24.26 -6.26
C TYR A 24 -5.41 25.45 -6.83
N LYS A 25 -6.06 26.61 -6.81
CA LYS A 25 -5.46 27.84 -7.28
C LYS A 25 -5.66 28.92 -6.23
N ARG A 26 -4.65 29.76 -6.06
CA ARG A 26 -4.69 30.75 -5.02
C ARG A 26 -5.64 31.88 -5.41
N PRO A 27 -6.37 32.45 -4.47
CA PRO A 27 -7.43 33.38 -4.82
C PRO A 27 -6.91 34.73 -5.24
N THR A 28 -7.68 35.43 -6.06
CA THR A 28 -7.31 36.75 -6.54
C THR A 28 -8.25 37.85 -6.06
N ASP A 29 -9.22 37.53 -5.23
CA ASP A 29 -10.21 38.47 -4.75
C ASP A 29 -10.00 38.69 -3.28
N TYR A 30 -11.02 39.21 -2.63
CA TYR A 30 -10.92 39.53 -1.23
C TYR A 30 -11.50 38.41 -0.38
N PRO A 31 -10.85 38.07 0.74
CA PRO A 31 -11.39 37.06 1.64
C PRO A 31 -12.68 37.55 2.24
N TYR A 32 -13.52 36.62 2.69
CA TYR A 32 -14.93 36.92 2.88
C TYR A 32 -15.15 37.91 4.01
N ALA A 33 -14.23 37.96 4.96
CA ALA A 33 -14.39 38.89 6.06
C ALA A 33 -13.99 40.28 5.65
N LYS A 34 -13.10 40.40 4.67
CA LYS A 34 -12.63 41.71 4.27
C LYS A 34 -13.53 42.36 3.23
N ARG A 35 -14.62 41.73 2.86
CA ARG A 35 -15.48 42.33 1.86
C ARG A 35 -16.37 43.38 2.47
N GLN A 36 -16.44 44.52 1.82
CA GLN A 36 -17.23 45.65 2.26
C GLN A 36 -17.33 46.56 1.06
N THR A 37 -18.35 47.41 1.04
CA THR A 37 -18.34 48.36 -0.05
C THR A 37 -17.41 49.49 0.35
N ASN A 38 -17.86 50.71 0.20
CA ASN A 38 -17.07 51.78 0.75
C ASN A 38 -17.58 52.09 2.15
N PRO A 39 -16.75 52.02 3.16
CA PRO A 39 -16.96 52.81 4.36
C PRO A 39 -16.33 54.15 4.07
N ASN A 40 -16.31 55.01 5.09
CA ASN A 40 -15.90 56.42 5.02
C ASN A 40 -16.52 57.14 3.82
N ILE A 41 -17.83 56.92 3.68
CA ILE A 41 -18.68 57.76 2.86
C ILE A 41 -18.79 59.12 3.49
N THR A 42 -18.17 60.11 2.86
CA THR A 42 -18.05 61.43 3.47
C THR A 42 -19.36 62.19 3.37
N GLY A 43 -19.45 63.25 4.15
CA GLY A 43 -20.73 63.91 4.37
C GLY A 43 -21.20 64.77 3.22
N VAL A 44 -22.52 65.03 3.24
CA VAL A 44 -23.19 65.68 2.12
C VAL A 44 -23.30 67.18 2.31
N ALA A 45 -23.00 67.69 3.50
CA ALA A 45 -23.35 69.08 3.83
C ALA A 45 -22.31 70.06 3.32
N ASN A 46 -21.08 69.60 3.12
CA ASN A 46 -20.02 70.46 2.58
C ASN A 46 -20.37 70.99 1.20
N LEU A 47 -21.17 70.25 0.44
CA LEU A 47 -21.52 70.68 -0.92
C LEU A 47 -22.39 71.91 -0.85
N LEU A 48 -23.23 71.98 0.18
CA LEU A 48 -24.40 72.85 0.19
C LEU A 48 -23.99 74.31 0.31
N SER A 49 -22.82 74.57 0.88
CA SER A 49 -22.38 75.95 0.96
C SER A 49 -21.79 76.42 -0.36
N THR A 50 -20.83 75.69 -0.91
CA THR A 50 -20.02 76.20 -2.01
C THR A 50 -20.46 75.70 -3.38
N SER A 51 -20.62 74.39 -3.55
CA SER A 51 -20.74 73.83 -4.89
C SER A 51 -22.11 74.09 -5.47
N LEU A 52 -23.11 74.15 -4.60
CA LEU A 52 -24.46 74.43 -5.01
C LEU A 52 -24.60 75.83 -5.57
N LYS A 53 -23.78 76.76 -5.08
CA LYS A 53 -23.84 78.12 -5.59
C LYS A 53 -23.32 78.21 -7.01
N HIS A 54 -22.25 77.47 -7.33
CA HIS A 54 -21.81 77.38 -8.72
C HIS A 54 -22.88 76.74 -9.58
N TYR A 55 -23.56 75.72 -9.04
CA TYR A 55 -24.61 75.06 -9.82
C TYR A 55 -25.75 76.01 -10.09
N MET A 56 -26.11 76.84 -9.13
CA MET A 56 -27.23 77.75 -9.34
C MET A 56 -26.84 78.92 -10.24
N GLU A 57 -25.59 79.37 -10.18
CA GLU A 57 -25.13 80.38 -11.12
C GLU A 57 -25.07 79.82 -12.53
N GLU A 58 -24.85 78.51 -12.66
CA GLU A 58 -24.68 77.90 -13.96
C GLU A 58 -26.02 77.45 -14.55
N PHE A 59 -26.90 76.91 -13.73
CA PHE A 59 -28.21 76.44 -14.18
C PHE A 59 -29.28 77.05 -13.30
N PRO A 60 -29.68 78.30 -13.57
CA PRO A 60 -30.62 78.95 -12.67
C PRO A 60 -32.04 78.46 -12.80
N GLU A 61 -32.44 77.98 -13.98
CA GLU A 61 -33.82 77.61 -14.23
C GLU A 61 -33.90 76.20 -14.77
N GLY A 62 -34.77 75.39 -14.17
CA GLY A 62 -34.93 74.04 -14.64
C GLY A 62 -35.79 73.97 -15.88
N SER A 63 -35.59 72.93 -16.66
CA SER A 63 -36.36 72.76 -17.87
C SER A 63 -37.76 72.29 -17.53
N PRO A 64 -38.77 72.72 -18.28
CA PRO A 64 -40.15 72.42 -17.90
C PRO A 64 -40.52 70.97 -18.11
N ASN A 65 -41.29 70.42 -17.17
CA ASN A 65 -41.61 69.00 -17.17
C ASN A 65 -42.83 68.78 -18.04
N ASN A 66 -42.62 68.72 -19.35
CA ASN A 66 -43.75 68.69 -20.27
C ASN A 66 -44.41 67.32 -20.32
N HIS A 67 -43.78 66.32 -19.72
CA HIS A 67 -44.42 65.01 -19.73
C HIS A 67 -45.52 64.93 -18.68
N LEU A 68 -45.37 65.66 -17.57
CA LEU A 68 -46.45 65.70 -16.59
C LEU A 68 -47.64 66.49 -17.10
N GLN A 69 -47.38 67.38 -18.06
CA GLN A 69 -48.38 68.26 -18.63
C GLN A 69 -49.52 67.45 -19.25
N ARG A 70 -49.21 66.31 -19.86
CA ARG A 70 -50.24 65.54 -20.54
C ARG A 70 -51.16 64.84 -19.55
N TYR A 71 -50.61 64.38 -18.43
CA TYR A 71 -51.44 63.80 -17.38
C TYR A 71 -52.36 64.87 -16.80
N GLU A 72 -51.81 66.07 -16.58
CA GLU A 72 -52.64 67.13 -16.04
C GLU A 72 -53.68 67.59 -17.05
N ASP A 73 -53.37 67.50 -18.34
CA ASP A 73 -54.35 67.91 -19.34
C ASP A 73 -55.52 66.94 -19.39
N ILE A 74 -55.26 65.64 -19.27
CA ILE A 74 -56.41 64.75 -19.27
C ILE A 74 -57.20 64.86 -17.97
N LYS A 75 -56.51 65.18 -16.86
CA LYS A 75 -57.23 65.40 -15.59
C LYS A 75 -58.11 66.64 -15.65
N LEU A 76 -57.58 67.73 -16.20
CA LEU A 76 -58.33 68.96 -16.24
C LEU A 76 -59.43 68.91 -17.28
N SER A 77 -59.26 68.12 -18.34
CA SER A 77 -60.36 67.98 -19.28
C SER A 77 -61.45 67.08 -18.72
N LYS A 78 -61.09 66.12 -17.84
CA LYS A 78 -62.11 65.40 -17.09
C LYS A 78 -62.89 66.33 -16.16
N ILE A 79 -62.18 67.21 -15.46
CA ILE A 79 -62.83 68.20 -14.59
C ILE A 79 -63.71 69.14 -15.40
N LYS A 80 -63.22 69.56 -16.57
CA LYS A 80 -63.98 70.44 -17.45
C LYS A 80 -65.25 69.78 -17.96
N ASN A 81 -65.18 68.49 -18.29
CA ASN A 81 -66.39 67.82 -18.74
C ASN A 81 -67.34 67.58 -17.57
N ALA A 82 -66.82 67.45 -16.35
CA ALA A 82 -67.69 67.42 -15.18
C ALA A 82 -68.39 68.76 -14.96
N GLN A 83 -67.72 69.86 -15.25
CA GLN A 83 -68.36 71.17 -15.06
C GLN A 83 -69.41 71.42 -16.15
N LEU A 84 -69.12 71.02 -17.39
CA LEU A 84 -70.14 71.12 -18.45
C LEU A 84 -71.33 70.20 -18.16
N LEU A 85 -71.08 69.04 -17.56
CA LEU A 85 -72.16 68.15 -17.18
C LEU A 85 -72.99 68.76 -16.06
N ASP A 86 -72.34 69.48 -15.14
CA ASP A 86 -73.06 70.25 -14.12
C ASP A 86 -73.95 71.33 -14.74
N ARG A 87 -73.44 72.00 -15.78
CA ARG A 87 -74.24 73.02 -16.47
C ARG A 87 -75.44 72.40 -17.19
N ARG A 88 -75.23 71.30 -17.90
CA ARG A 88 -76.31 70.67 -18.67
C ARG A 88 -77.33 70.02 -17.75
N LEU A 89 -76.89 69.55 -16.59
CA LEU A 89 -77.83 69.09 -15.58
C LEU A 89 -78.59 70.26 -14.97
N GLN A 90 -77.99 71.45 -14.95
CA GLN A 90 -78.68 72.61 -14.40
C GLN A 90 -79.79 73.08 -15.33
N ASN A 91 -79.55 73.09 -16.64
CA ASN A 91 -80.60 73.43 -17.60
C ASN A 91 -80.97 72.25 -18.48
N PRO A 94 -87.34 70.05 -15.47
CA PRO A 94 -88.57 69.27 -15.32
C PRO A 94 -89.83 70.12 -15.13
N ASN A 95 -89.92 70.78 -13.97
CA ASN A 95 -91.06 71.68 -13.66
C ASN A 95 -91.08 72.83 -14.65
N VAL A 96 -89.89 73.36 -14.98
CA VAL A 96 -89.72 74.50 -15.93
C VAL A 96 -89.51 73.94 -17.35
N ASP A 97 -89.55 72.62 -17.51
CA ASP A 97 -89.34 71.97 -18.82
C ASP A 97 -90.44 72.42 -19.79
N PRO A 98 -91.71 72.56 -19.32
CA PRO A 98 -92.86 73.05 -20.13
C PRO A 98 -93.39 72.12 -21.24
N HIS A 99 -92.51 71.68 -22.14
CA HIS A 99 -92.93 70.84 -23.31
C HIS A 99 -93.56 69.52 -22.86
N ILE A 100 -93.00 68.88 -21.85
CA ILE A 100 -93.55 67.57 -21.35
C ILE A 100 -94.53 67.87 -20.20
N LYS A 101 -94.74 69.17 -19.93
CA LYS A 101 -95.61 69.61 -18.83
C LYS A 101 -97.04 69.76 -19.32
N ASP A 102 -97.54 68.71 -19.96
CA ASP A 102 -98.95 68.41 -20.14
C ASP A 102 -99.43 67.70 -18.87
N THR A 103 -100.50 66.91 -19.00
CA THR A 103 -101.18 66.30 -17.84
C THR A 103 -100.31 65.35 -17.02
N ASP A 104 -100.90 64.84 -15.93
CA ASP A 104 -100.19 64.27 -14.79
C ASP A 104 -99.33 63.09 -15.19
N PRO A 105 -98.22 62.83 -14.48
CA PRO A 105 -97.27 61.79 -14.91
C PRO A 105 -97.73 60.36 -14.68
N TYR A 106 -98.91 60.14 -14.09
CA TYR A 106 -99.44 58.79 -13.94
C TYR A 106 -99.84 58.16 -15.26
N ARG A 107 -100.26 58.96 -16.24
CA ARG A 107 -100.62 58.44 -17.55
C ARG A 107 -99.48 58.47 -18.55
N THR A 108 -98.38 59.15 -18.23
CA THR A 108 -97.34 59.44 -19.20
C THR A 108 -96.34 58.29 -19.26
N ILE A 109 -96.26 57.65 -20.42
CA ILE A 109 -95.23 56.66 -20.71
C ILE A 109 -94.13 57.31 -21.52
N PHE A 110 -92.90 56.88 -21.28
CA PHE A 110 -91.80 57.23 -22.16
C PHE A 110 -91.51 56.08 -23.10
N ILE A 111 -91.06 56.41 -24.31
CA ILE A 111 -90.47 55.45 -25.22
C ILE A 111 -89.13 56.02 -25.68
N GLY A 112 -88.11 55.15 -25.76
CA GLY A 112 -86.78 55.57 -26.14
C GLY A 112 -86.19 54.62 -27.17
N ARG A 113 -85.16 55.12 -27.86
CA ARG A 113 -84.48 54.49 -29.01
C ARG A 113 -85.43 54.22 -30.19
N LEU A 114 -86.58 54.90 -30.24
CA LEU A 114 -87.41 54.88 -31.42
C LEU A 114 -86.72 55.69 -32.52
N PRO A 115 -87.17 55.58 -33.77
CA PRO A 115 -86.41 56.20 -34.87
C PRO A 115 -86.47 57.72 -34.83
N TYR A 116 -85.30 58.34 -35.04
CA TYR A 116 -85.24 59.78 -35.28
C TYR A 116 -85.96 60.15 -36.55
N ASP A 117 -85.95 59.26 -37.54
CA ASP A 117 -86.61 59.48 -38.82
C ASP A 117 -88.03 58.90 -38.84
N LEU A 118 -88.59 58.58 -37.69
CA LEU A 118 -89.99 58.17 -37.60
C LEU A 118 -90.92 59.37 -37.70
N ASP A 119 -92.21 59.13 -37.44
CA ASP A 119 -93.23 60.15 -37.53
C ASP A 119 -93.90 60.33 -36.18
N GLU A 120 -94.80 61.32 -36.10
CA GLU A 120 -95.66 61.47 -34.94
C GLU A 120 -96.85 60.52 -34.98
N ILE A 121 -97.48 60.36 -36.14
CA ILE A 121 -98.77 59.68 -36.22
C ILE A 121 -98.63 58.17 -36.14
N GLU A 122 -97.54 57.61 -36.68
CA GLU A 122 -97.36 56.16 -36.64
C GLU A 122 -97.00 55.67 -35.25
N LEU A 123 -96.14 56.40 -34.53
CA LEU A 123 -95.85 56.05 -33.14
C LEU A 123 -97.06 56.35 -32.24
N GLN A 124 -97.83 57.38 -32.57
CA GLN A 124 -99.06 57.66 -31.82
C GLN A 124 -100.08 56.53 -32.00
N LYS A 125 -100.20 55.98 -33.22
CA LYS A 125 -101.04 54.81 -33.44
C LYS A 125 -100.45 53.56 -32.76
N TYR A 126 -99.12 53.51 -32.66
CA TYR A 126 -98.47 52.42 -31.93
C TYR A 126 -98.84 52.43 -30.45
N PHE A 127 -98.91 53.62 -29.86
CA PHE A 127 -99.41 53.71 -28.48
C PHE A 127 -100.93 53.57 -28.43
N VAL A 128 -101.63 53.95 -29.50
CA VAL A 128 -103.08 53.81 -29.57
C VAL A 128 -103.49 52.36 -29.70
N LYS A 129 -102.56 51.48 -30.06
CA LYS A 129 -102.79 50.05 -29.98
C LYS A 129 -103.14 49.60 -28.57
N PHE A 130 -102.57 50.25 -27.55
CA PHE A 130 -102.78 49.83 -26.17
C PHE A 130 -103.44 50.89 -25.30
N GLY A 131 -104.22 51.80 -25.86
CA GLY A 131 -105.00 52.73 -25.07
C GLY A 131 -105.19 54.05 -25.78
N GLU A 132 -106.25 54.76 -25.37
CA GLU A 132 -106.62 56.05 -25.96
C GLU A 132 -105.56 57.12 -25.69
N ILE A 133 -105.26 57.93 -26.71
CA ILE A 133 -104.15 58.89 -26.67
C ILE A 133 -104.67 60.27 -26.27
N GLU A 134 -104.02 60.87 -25.28
CA GLU A 134 -104.33 62.22 -24.80
C GLU A 134 -103.33 63.26 -25.28
N LYS A 135 -102.03 62.92 -25.29
CA LYS A 135 -101.01 63.78 -25.85
C LYS A 135 -99.81 62.93 -26.25
N ILE A 136 -99.07 63.40 -27.24
CA ILE A 136 -97.82 62.77 -27.66
C ILE A 136 -96.82 63.86 -27.99
N ARG A 137 -95.54 63.61 -27.71
CA ARG A 137 -94.53 64.65 -27.86
C ARG A 137 -93.15 64.03 -28.06
N ILE A 138 -92.55 64.25 -29.23
CA ILE A 138 -91.16 63.86 -29.45
C ILE A 138 -90.24 64.94 -28.92
N VAL A 139 -89.08 64.54 -28.41
CA VAL A 139 -88.04 65.46 -27.99
C VAL A 139 -87.06 65.62 -29.14
N LYS A 140 -86.89 66.84 -29.62
CA LYS A 140 -85.92 67.14 -30.66
C LYS A 140 -84.90 68.12 -30.10
N ASP A 141 -83.64 67.92 -30.49
CA ASP A 141 -82.51 68.61 -29.88
C ASP A 141 -82.59 70.11 -30.14
N LYS A 142 -82.53 70.90 -29.07
CA LYS A 142 -82.77 72.33 -29.18
C LYS A 142 -81.66 73.07 -29.91
N ILE A 143 -80.48 72.45 -30.03
CA ILE A 143 -79.43 73.07 -30.83
C ILE A 143 -79.71 72.90 -32.32
N THR A 144 -80.18 71.73 -32.73
CA THR A 144 -80.55 71.44 -34.10
C THR A 144 -81.51 70.26 -34.10
N GLN A 145 -82.62 70.37 -34.83
CA GLN A 145 -83.79 69.54 -34.54
C GLN A 145 -83.73 68.13 -35.11
N LYS A 146 -82.66 67.40 -34.85
CA LYS A 146 -82.70 65.95 -34.92
C LYS A 146 -83.59 65.40 -33.81
N SER A 147 -84.54 64.55 -34.18
CA SER A 147 -85.39 63.90 -33.19
C SER A 147 -84.53 62.99 -32.32
N LYS A 148 -84.65 63.13 -31.00
CA LYS A 148 -83.69 62.46 -30.13
C LYS A 148 -83.90 60.96 -30.01
N GLY A 149 -84.97 60.41 -30.59
CA GLY A 149 -85.26 59.01 -30.38
C GLY A 149 -85.99 58.70 -29.10
N TYR A 150 -86.50 59.73 -28.43
CA TYR A 150 -87.30 59.56 -27.23
C TYR A 150 -88.55 60.41 -27.37
N ALA A 151 -89.66 59.88 -26.84
CA ALA A 151 -90.95 60.55 -26.91
C ALA A 151 -91.76 60.23 -25.67
N PHE A 152 -92.64 61.16 -25.31
CA PHE A 152 -93.50 61.02 -24.15
C PHE A 152 -94.94 60.97 -24.65
N ILE A 153 -95.67 59.92 -24.27
CA ILE A 153 -97.05 59.73 -24.67
C ILE A 153 -97.89 59.64 -23.42
N VAL A 154 -98.78 60.61 -23.22
CA VAL A 154 -99.73 60.60 -22.12
C VAL A 154 -101.04 60.03 -22.67
N PHE A 155 -101.53 58.98 -22.04
CA PHE A 155 -102.76 58.31 -22.45
C PHE A 155 -103.94 58.84 -21.65
N LYS A 156 -105.14 58.38 -22.03
CA LYS A 156 -106.33 58.76 -21.29
C LYS A 156 -106.44 58.01 -19.97
N ASP A 157 -105.79 56.85 -19.85
CA ASP A 157 -105.85 56.07 -18.63
C ASP A 157 -104.49 55.45 -18.32
N PRO A 158 -104.12 55.39 -17.04
CA PRO A 158 -102.78 54.85 -16.68
C PRO A 158 -102.68 53.34 -16.75
N ILE A 159 -103.79 52.61 -16.69
CA ILE A 159 -103.73 51.15 -16.78
C ILE A 159 -103.42 50.73 -18.21
N SER A 160 -104.04 51.40 -19.18
CA SER A 160 -103.74 51.18 -20.58
C SER A 160 -102.31 51.57 -20.91
N SER A 161 -101.81 52.65 -20.30
CA SER A 161 -100.42 53.05 -20.49
C SER A 161 -99.45 52.08 -19.84
N LYS A 162 -99.86 51.47 -18.71
CA LYS A 162 -99.05 50.45 -18.07
C LYS A 162 -98.90 49.20 -18.94
N MET A 163 -100.00 48.75 -19.54
CA MET A 163 -99.92 47.64 -20.50
C MET A 163 -99.16 48.04 -21.76
N ALA A 164 -99.24 49.31 -22.15
CA ALA A 164 -98.47 49.80 -23.30
C ALA A 164 -96.97 49.76 -23.03
N PHE A 165 -96.55 50.22 -21.85
CA PHE A 165 -95.14 50.20 -21.46
C PHE A 165 -94.62 48.78 -21.36
N LYS A 166 -95.39 47.89 -20.70
CA LYS A 166 -95.15 46.46 -20.64
C LYS A 166 -94.93 45.83 -22.01
N GLU A 167 -95.88 46.03 -22.93
CA GLU A 167 -95.81 45.47 -24.28
C GLU A 167 -94.64 46.01 -25.06
N ILE A 168 -94.50 47.34 -25.13
CA ILE A 168 -93.56 47.97 -26.04
C ILE A 168 -92.15 48.11 -25.46
N GLY A 169 -91.93 47.72 -24.21
CA GLY A 169 -90.57 47.59 -23.75
C GLY A 169 -90.17 46.13 -23.56
N VAL A 170 -91.09 45.33 -23.02
CA VAL A 170 -90.80 43.96 -22.63
C VAL A 170 -90.62 43.05 -23.85
N HIS A 171 -91.23 43.41 -24.98
CA HIS A 171 -91.02 42.67 -26.22
C HIS A 171 -89.81 43.21 -26.98
N ARG A 172 -88.67 43.29 -26.28
CA ARG A 172 -87.35 43.64 -26.82
C ARG A 172 -87.28 45.05 -27.40
N GLY A 173 -88.23 45.91 -27.05
CA GLY A 173 -88.30 47.21 -27.68
C GLY A 173 -89.12 47.07 -28.95
N ILE A 174 -90.26 47.76 -28.99
CA ILE A 174 -91.26 47.65 -30.06
C ILE A 174 -90.66 48.00 -31.40
N GLN A 175 -91.19 47.37 -32.45
CA GLN A 175 -90.63 47.61 -33.80
C GLN A 175 -90.79 49.08 -34.13
N ILE A 176 -89.66 49.77 -34.34
CA ILE A 176 -89.65 51.21 -34.74
C ILE A 176 -89.65 51.28 -36.27
N LYS A 177 -89.52 52.47 -36.84
CA LYS A 177 -89.47 52.54 -38.33
C LYS A 177 -88.22 51.77 -38.77
N ASP A 178 -87.09 51.99 -38.09
CA ASP A 178 -85.82 51.26 -38.37
C ASP A 178 -85.10 50.94 -37.06
N ARG A 179 -85.81 50.60 -35.97
CA ARG A 179 -85.07 50.36 -34.75
C ARG A 179 -85.94 49.76 -33.64
N ILE A 180 -85.29 49.59 -32.49
CA ILE A 180 -85.85 48.90 -31.33
C ILE A 180 -86.23 49.93 -30.28
N CYS A 181 -87.53 50.19 -30.09
CA CYS A 181 -88.01 51.25 -29.23
C CYS A 181 -88.47 50.70 -27.90
N ILE A 182 -87.61 50.80 -26.86
CA ILE A 182 -88.03 50.36 -25.53
C ILE A 182 -89.05 51.35 -24.97
N VAL A 183 -89.88 50.88 -24.04
CA VAL A 183 -90.93 51.72 -23.48
C VAL A 183 -91.10 51.44 -21.99
N ASP A 184 -91.40 52.50 -21.24
CA ASP A 184 -91.53 52.46 -19.78
C ASP A 184 -92.40 53.64 -19.36
N ILE A 185 -92.37 53.95 -18.06
CA ILE A 185 -93.08 55.11 -17.51
C ILE A 185 -92.29 56.39 -17.76
N GLU A 186 -92.86 57.54 -17.37
CA GLU A 186 -92.20 58.83 -17.60
C GLU A 186 -90.94 59.00 -16.75
N ARG A 187 -91.04 58.66 -15.45
CA ARG A 187 -89.98 58.72 -14.43
C ARG A 187 -89.50 60.13 -14.10
N GLY A 188 -90.09 61.15 -14.71
CA GLY A 188 -89.70 62.52 -14.46
C GLY A 188 -90.02 63.00 -13.06
N ARG B 3 -46.92 21.25 -12.76
CA ARG B 3 -47.08 19.82 -12.50
C ARG B 3 -45.74 19.12 -12.55
N TYR B 4 -45.73 17.81 -12.36
CA TYR B 4 -44.48 17.10 -12.46
C TYR B 4 -44.62 16.01 -13.49
N TYR B 5 -43.59 15.92 -14.33
CA TYR B 5 -43.53 14.99 -15.45
C TYR B 5 -42.15 14.38 -15.46
N CYS B 6 -42.09 13.05 -15.53
CA CYS B 6 -40.84 12.32 -15.48
C CYS B 6 -40.50 11.87 -16.88
N GLU B 7 -39.52 12.51 -17.50
CA GLU B 7 -39.19 12.22 -18.89
C GLU B 7 -38.56 10.85 -19.05
N TYR B 8 -38.09 10.26 -17.96
CA TYR B 8 -37.67 8.88 -18.04
C TYR B 8 -38.88 7.99 -18.12
N CYS B 9 -39.86 8.20 -17.25
CA CYS B 9 -40.99 7.29 -17.16
C CYS B 9 -42.07 7.69 -18.15
N HIS B 10 -41.96 8.90 -18.71
CA HIS B 10 -42.91 9.54 -19.64
C HIS B 10 -44.29 9.72 -19.03
N SER B 11 -44.38 9.98 -17.73
CA SER B 11 -45.67 10.00 -17.06
C SER B 11 -45.85 11.26 -16.24
N TYR B 12 -46.99 11.91 -16.45
CA TYR B 12 -47.48 12.98 -15.60
C TYR B 12 -47.90 12.47 -14.24
N LEU B 13 -47.86 13.36 -13.26
CA LEU B 13 -48.53 13.13 -11.99
C LEU B 13 -49.20 14.40 -11.52
N THR B 14 -49.99 14.29 -10.45
CA THR B 14 -50.67 15.43 -9.85
C THR B 14 -49.63 16.28 -9.12
N HIS B 15 -50.09 17.44 -8.64
CA HIS B 15 -49.34 18.50 -7.97
C HIS B 15 -48.22 17.99 -7.09
N ASP B 16 -47.00 18.37 -7.44
CA ASP B 16 -45.84 17.78 -6.81
C ASP B 16 -45.63 18.38 -5.44
N THR B 17 -45.64 17.50 -4.45
CA THR B 17 -45.19 17.83 -3.12
C THR B 17 -43.92 17.03 -2.95
N LEU B 18 -43.00 17.57 -2.17
CA LEU B 18 -41.71 16.96 -1.91
C LEU B 18 -41.83 15.52 -1.43
N SER B 19 -42.89 15.22 -0.69
CA SER B 19 -43.14 13.84 -0.27
C SER B 19 -43.56 12.97 -1.45
N VAL B 20 -44.48 13.45 -2.29
CA VAL B 20 -44.96 12.65 -3.41
C VAL B 20 -43.86 12.47 -4.45
N ARG B 21 -43.13 13.55 -4.73
CA ARG B 21 -42.06 13.50 -5.73
C ARG B 21 -40.90 12.65 -5.25
N LYS B 22 -40.52 12.82 -3.98
CA LYS B 22 -39.46 12.01 -3.40
C LYS B 22 -39.87 10.55 -3.31
N SER B 23 -41.17 10.27 -3.18
CA SER B 23 -41.61 8.89 -3.22
C SER B 23 -41.52 8.34 -4.62
N HIS B 24 -41.79 9.17 -5.63
CA HIS B 24 -41.72 8.71 -7.02
C HIS B 24 -40.31 8.39 -7.45
N LEU B 25 -39.35 9.22 -7.06
CA LEU B 25 -38.00 9.11 -7.58
C LEU B 25 -37.28 7.87 -7.06
N VAL B 26 -37.77 7.29 -5.96
CA VAL B 26 -37.20 6.05 -5.45
C VAL B 26 -38.11 4.87 -5.79
N GLY B 27 -39.11 5.08 -6.65
CA GLY B 27 -39.97 3.98 -7.04
C GLY B 27 -39.20 2.93 -7.84
N LYS B 28 -39.72 1.71 -7.87
CA LYS B 28 -38.98 0.61 -8.50
C LYS B 28 -39.06 0.69 -10.01
N ASN B 29 -40.26 0.92 -10.52
CA ASN B 29 -40.50 1.03 -11.96
C ASN B 29 -39.71 2.19 -12.54
N HIS B 30 -39.72 3.30 -11.82
CA HIS B 30 -38.92 4.47 -12.20
C HIS B 30 -37.45 4.17 -12.21
N LEU B 31 -37.01 3.35 -11.28
CA LEU B 31 -35.58 3.18 -11.11
C LEU B 31 -35.01 2.25 -12.16
N ARG B 32 -35.77 1.23 -12.54
CA ARG B 32 -35.33 0.39 -13.64
C ARG B 32 -35.38 1.14 -14.97
N ILE B 33 -36.36 2.02 -15.15
CA ILE B 33 -36.42 2.77 -16.40
C ILE B 33 -35.30 3.80 -16.49
N THR B 34 -34.92 4.40 -15.36
CA THR B 34 -33.83 5.35 -15.37
C THR B 34 -32.48 4.67 -15.59
N ALA B 35 -32.29 3.52 -14.95
CA ALA B 35 -31.10 2.71 -15.19
C ALA B 35 -31.00 2.34 -16.66
N ASP B 36 -32.11 1.92 -17.28
CA ASP B 36 -32.09 1.59 -18.70
C ASP B 36 -31.73 2.78 -19.55
N TYR B 37 -32.20 3.97 -19.18
CA TYR B 37 -31.93 5.16 -19.98
C TYR B 37 -30.45 5.43 -20.03
N TYR B 38 -29.78 5.38 -18.89
CA TYR B 38 -28.37 5.75 -18.97
C TYR B 38 -27.51 4.62 -19.48
N ARG B 39 -27.97 3.37 -19.33
CA ARG B 39 -27.30 2.28 -20.01
C ARG B 39 -27.33 2.47 -21.52
N ASN B 40 -28.48 2.85 -22.07
CA ASN B 40 -28.56 3.08 -23.50
C ASN B 40 -27.74 4.27 -23.95
N LYS B 41 -27.67 5.33 -23.16
CA LYS B 41 -26.91 6.48 -23.64
C LYS B 41 -25.41 6.23 -23.58
N ALA B 42 -24.95 5.47 -22.57
CA ALA B 42 -23.53 5.12 -22.55
C ALA B 42 -23.17 4.16 -23.66
N ARG B 43 -24.07 3.22 -23.96
CA ARG B 43 -23.91 2.36 -25.12
C ARG B 43 -23.81 3.15 -26.41
N ASP B 44 -24.60 4.23 -26.53
CA ASP B 44 -24.56 5.03 -27.74
C ASP B 44 -23.26 5.79 -27.88
N ILE B 45 -22.80 6.40 -26.79
CA ILE B 45 -21.57 7.19 -26.90
C ILE B 45 -20.34 6.30 -26.93
N ILE B 46 -20.52 4.99 -26.70
CA ILE B 46 -19.49 4.08 -27.21
C ILE B 46 -19.70 3.81 -28.69
N ASN B 47 -20.81 3.18 -29.06
CA ASN B 47 -20.86 2.55 -30.38
C ASN B 47 -21.36 3.47 -31.47
N LYS B 48 -21.28 4.79 -31.30
CA LYS B 48 -21.66 5.66 -32.40
C LYS B 48 -20.63 5.55 -33.50
N HIS B 49 -21.07 5.07 -34.65
CA HIS B 49 -20.19 4.79 -35.77
C HIS B 49 -20.49 5.80 -36.85
N ASN B 50 -19.72 6.89 -36.86
CA ASN B 50 -19.99 8.03 -37.72
C ASN B 50 -18.64 8.62 -38.10
N HIS B 51 -18.55 9.12 -39.34
CA HIS B 51 -17.27 9.42 -39.95
C HIS B 51 -16.92 10.89 -39.87
N LYS B 52 -15.62 11.15 -39.73
CA LYS B 52 -15.11 12.47 -40.05
C LYS B 52 -15.22 12.72 -41.53
N ARG B 53 -15.27 14.00 -41.89
CA ARG B 53 -15.21 14.37 -43.30
C ARG B 53 -13.84 14.05 -43.84
N ARG B 54 -13.79 13.59 -45.08
CA ARG B 54 -12.55 13.29 -45.74
C ARG B 54 -12.26 14.35 -46.78
N HIS B 55 -11.18 15.07 -46.60
CA HIS B 55 -10.77 16.14 -47.50
C HIS B 55 -9.62 15.61 -48.32
N ILE B 56 -9.87 15.31 -49.59
CA ILE B 56 -8.99 14.51 -50.41
C ILE B 56 -8.17 15.41 -51.32
N GLY B 57 -6.86 15.32 -51.22
CA GLY B 57 -5.95 16.17 -51.97
C GLY B 57 -5.47 15.49 -53.23
N LYS B 58 -5.29 16.27 -54.29
CA LYS B 58 -4.83 15.73 -55.55
C LYS B 58 -3.40 15.28 -55.44
N ARG B 59 -3.17 13.99 -55.66
CA ARG B 59 -1.85 13.42 -55.45
C ARG B 59 -0.88 13.94 -56.49
N GLY B 60 0.31 14.28 -56.04
CA GLY B 60 1.31 14.78 -56.95
C GLY B 60 1.80 13.69 -57.86
N ARG B 61 2.40 14.09 -58.97
CA ARG B 61 2.93 13.09 -59.87
C ARG B 61 4.13 12.39 -59.26
N LYS B 62 4.94 13.13 -58.50
CA LYS B 62 6.11 12.57 -57.85
C LYS B 62 5.71 11.56 -56.79
N GLU B 63 4.56 11.76 -56.18
CA GLU B 63 3.96 10.72 -55.36
C GLU B 63 3.49 9.55 -56.20
N ARG B 64 2.87 9.83 -57.35
CA ARG B 64 2.16 8.76 -58.02
C ARG B 64 3.08 7.85 -58.81
N GLU B 65 4.36 8.20 -58.97
CA GLU B 65 5.25 7.19 -59.52
C GLU B 65 5.58 6.11 -58.50
N ASN B 66 5.81 6.50 -57.25
CA ASN B 66 6.39 5.55 -56.31
C ASN B 66 5.36 4.56 -55.82
N SER B 67 4.08 4.88 -55.98
CA SER B 67 3.01 3.93 -55.71
C SER B 67 2.85 2.96 -56.87
N SER B 68 3.28 3.36 -58.07
CA SER B 68 3.22 2.46 -59.21
C SER B 68 4.25 1.34 -59.09
N GLN B 69 5.32 1.58 -58.32
CA GLN B 69 6.34 0.58 -58.17
C GLN B 69 5.86 -0.58 -57.32
N ASN B 70 5.24 -0.28 -56.18
CA ASN B 70 5.28 -1.16 -55.01
C ASN B 70 4.56 -2.48 -55.25
N GLU B 71 3.22 -2.46 -55.21
CA GLU B 71 2.27 -3.34 -55.90
C GLU B 71 0.90 -2.94 -55.38
N THR B 72 -0.16 -3.45 -55.98
CA THR B 72 -1.40 -3.60 -55.26
C THR B 72 -1.20 -4.59 -54.12
N LEU B 73 -1.89 -4.36 -53.01
CA LEU B 73 -1.79 -5.20 -51.85
C LEU B 73 -3.18 -5.76 -51.59
N LYS B 74 -3.26 -7.04 -51.27
CA LYS B 74 -4.54 -7.72 -51.22
C LYS B 74 -5.34 -7.28 -50.00
N VAL B 75 -6.66 -7.21 -50.14
CA VAL B 75 -7.56 -6.81 -49.07
C VAL B 75 -8.33 -8.02 -48.61
N THR B 76 -8.38 -8.24 -47.30
CA THR B 76 -9.17 -9.32 -46.73
C THR B 76 -10.51 -8.77 -46.27
N CYS B 77 -11.58 -9.39 -46.69
CA CYS B 77 -12.92 -8.95 -46.35
C CYS B 77 -13.73 -10.18 -45.99
N LEU B 78 -14.42 -10.11 -44.88
CA LEU B 78 -15.25 -11.22 -44.49
C LEU B 78 -16.59 -11.16 -45.18
N SER B 79 -17.32 -12.26 -45.07
CA SER B 79 -18.69 -12.36 -45.54
C SER B 79 -19.62 -11.61 -44.59
N ASN B 80 -20.92 -11.64 -44.90
CA ASN B 80 -21.88 -10.98 -44.02
C ASN B 80 -22.08 -11.77 -42.74
N LYS B 81 -22.33 -13.06 -42.87
CA LYS B 81 -22.54 -13.91 -41.70
C LYS B 81 -21.28 -14.00 -40.85
N GLU B 82 -20.12 -14.00 -41.50
CA GLU B 82 -18.87 -14.05 -40.78
C GLU B 82 -18.67 -12.80 -39.96
N LYS B 83 -19.00 -11.63 -40.51
CA LYS B 83 -18.74 -10.43 -39.73
C LYS B 83 -19.81 -10.23 -38.68
N ARG B 84 -20.99 -10.81 -38.87
CA ARG B 84 -22.01 -10.82 -37.82
C ARG B 84 -21.53 -11.59 -36.60
N HIS B 85 -21.01 -12.80 -36.82
CA HIS B 85 -20.46 -13.57 -35.72
C HIS B 85 -19.25 -12.90 -35.08
N ILE B 86 -18.33 -12.37 -35.88
CA ILE B 86 -17.09 -11.90 -35.30
C ILE B 86 -17.29 -10.59 -34.56
N MET B 87 -18.32 -9.82 -34.93
CA MET B 87 -18.48 -8.57 -34.19
C MET B 87 -19.28 -8.79 -32.92
N HIS B 88 -20.15 -9.80 -32.91
CA HIS B 88 -20.67 -10.28 -31.63
C HIS B 88 -19.56 -10.70 -30.69
N VAL B 89 -18.61 -11.49 -31.18
CA VAL B 89 -17.53 -12.00 -30.34
C VAL B 89 -16.67 -10.87 -29.82
N LYS B 90 -16.36 -9.90 -30.67
CA LYS B 90 -15.48 -8.80 -30.23
C LYS B 90 -16.16 -7.91 -29.20
N LYS B 91 -17.45 -7.66 -29.36
CA LYS B 91 -18.16 -6.89 -28.35
C LYS B 91 -18.25 -7.63 -27.02
N MET B 92 -18.40 -8.95 -27.09
CA MET B 92 -18.41 -9.74 -25.87
C MET B 92 -17.05 -9.72 -25.17
N ASN B 93 -15.97 -9.71 -25.95
CA ASN B 93 -14.64 -9.67 -25.35
C ASN B 93 -14.39 -8.35 -24.67
N GLN B 94 -14.85 -7.24 -25.26
CA GLN B 94 -14.63 -5.94 -24.63
C GLN B 94 -15.45 -5.81 -23.36
N LYS B 95 -16.65 -6.40 -23.34
CA LYS B 95 -17.45 -6.35 -22.13
C LYS B 95 -16.85 -7.17 -21.00
N GLU B 96 -16.39 -8.39 -21.28
CA GLU B 96 -15.84 -9.16 -20.16
C GLU B 96 -14.43 -8.69 -19.79
N LEU B 97 -13.74 -8.00 -20.68
CA LEU B 97 -12.46 -7.43 -20.30
C LEU B 97 -12.65 -6.14 -19.53
N ALA B 98 -13.83 -5.54 -19.65
CA ALA B 98 -14.10 -4.35 -18.85
C ALA B 98 -14.55 -4.72 -17.44
N GLN B 99 -15.26 -5.84 -17.29
CA GLN B 99 -15.66 -6.21 -15.93
C GLN B 99 -14.59 -7.01 -15.21
N THR B 100 -13.48 -7.33 -15.88
CA THR B 100 -12.37 -7.97 -15.20
C THR B 100 -11.69 -7.01 -14.24
N SER B 101 -11.50 -7.48 -13.01
CA SER B 101 -10.76 -6.75 -12.01
C SER B 101 -9.76 -7.70 -11.37
N ILE B 102 -8.61 -7.16 -10.99
CA ILE B 102 -7.57 -7.95 -10.36
C ILE B 102 -7.74 -7.84 -8.85
N ASP B 103 -8.04 -8.97 -8.20
CA ASP B 103 -8.25 -9.04 -6.76
C ASP B 103 -7.41 -10.13 -6.11
N THR B 104 -6.13 -10.21 -6.41
CA THR B 104 -5.33 -11.31 -5.88
C THR B 104 -4.87 -11.00 -4.47
N LEU B 105 -4.57 -9.73 -4.22
CA LEU B 105 -3.94 -9.32 -2.98
C LEU B 105 -4.89 -9.42 -1.81
N LYS B 106 -6.18 -9.53 -2.08
CA LYS B 106 -7.15 -9.82 -1.05
C LYS B 106 -7.16 -11.29 -0.74
N LEU B 107 -6.83 -12.12 -1.72
CA LEU B 107 -6.75 -13.55 -1.45
C LEU B 107 -5.49 -13.89 -0.69
N LEU B 108 -4.42 -13.13 -0.91
CA LEU B 108 -3.17 -13.54 -0.32
C LEU B 108 -3.11 -13.21 1.15
N TYR B 109 -3.84 -12.19 1.59
CA TYR B 109 -3.75 -11.70 2.95
C TYR B 109 -4.86 -12.22 3.82
N ASP B 110 -5.37 -13.41 3.53
CA ASP B 110 -6.66 -13.81 4.08
C ASP B 110 -6.55 -14.29 5.52
N GLY B 111 -5.35 -14.38 6.05
CA GLY B 111 -5.30 -14.81 7.42
C GLY B 111 -4.64 -13.85 8.34
N SER B 112 -4.20 -12.71 7.83
CA SER B 112 -3.30 -11.82 8.50
C SER B 112 -3.97 -11.20 9.72
N PRO B 113 -3.20 -10.70 10.68
CA PRO B 113 -3.82 -10.25 11.93
C PRO B 113 -4.74 -9.05 11.83
N GLY B 114 -4.52 -8.12 10.94
CA GLY B 114 -5.46 -7.03 10.92
C GLY B 114 -6.39 -7.04 9.74
N TYR B 115 -6.80 -8.22 9.31
CA TYR B 115 -7.43 -8.38 8.01
C TYR B 115 -8.82 -7.81 7.95
N SER B 116 -9.62 -8.03 9.00
CA SER B 116 -11.03 -7.67 8.99
C SER B 116 -11.23 -6.18 8.94
N LYS B 117 -10.24 -5.43 9.39
CA LYS B 117 -10.36 -4.00 9.55
C LYS B 117 -10.00 -3.27 8.29
N VAL B 118 -9.34 -3.94 7.36
CA VAL B 118 -8.88 -3.35 6.12
C VAL B 118 -9.57 -3.96 4.91
N PHE B 119 -9.83 -5.25 4.90
CA PHE B 119 -10.35 -5.86 3.69
C PHE B 119 -11.81 -6.27 3.74
N VAL B 120 -12.42 -6.34 4.92
CA VAL B 120 -13.85 -6.75 4.92
C VAL B 120 -14.63 -5.68 4.16
N ASP B 121 -14.27 -4.42 4.40
CA ASP B 121 -14.79 -3.17 3.77
C ASP B 121 -16.09 -2.69 4.41
N ALA B 122 -16.62 -3.43 5.39
CA ALA B 122 -17.80 -3.00 6.15
C ALA B 122 -17.33 -2.46 7.50
N ASN B 123 -16.12 -2.86 7.91
CA ASN B 123 -15.50 -2.43 9.18
C ASN B 123 -14.48 -1.33 8.92
N ARG B 124 -14.27 -0.91 7.67
CA ARG B 124 -13.28 0.14 7.50
C ARG B 124 -13.72 1.38 8.25
N PHE B 125 -12.77 2.28 8.50
CA PHE B 125 -13.14 3.50 9.19
C PHE B 125 -13.56 4.59 8.22
N ASP B 126 -13.28 4.45 6.93
CA ASP B 126 -13.73 5.50 6.03
C ASP B 126 -15.11 5.20 5.44
N ILE B 127 -15.33 4.00 4.94
CA ILE B 127 -16.61 3.67 4.33
C ILE B 127 -17.39 2.67 5.15
N GLY B 128 -17.12 2.57 6.44
CA GLY B 128 -17.86 1.64 7.25
C GLY B 128 -19.28 2.09 7.49
N ASP B 129 -19.48 3.37 7.77
CA ASP B 129 -20.82 3.90 7.97
C ASP B 129 -21.60 3.93 6.66
N LEU B 130 -20.91 4.14 5.55
CA LEU B 130 -21.57 4.32 4.26
C LEU B 130 -22.11 3.02 3.73
N VAL B 131 -21.38 1.92 3.93
CA VAL B 131 -21.89 0.61 3.54
C VAL B 131 -23.10 0.24 4.38
N LYS B 132 -23.09 0.65 5.64
CA LYS B 132 -24.26 0.48 6.52
C LYS B 132 -25.46 1.26 5.99
N ALA B 133 -25.24 2.48 5.51
CA ALA B 133 -26.34 3.28 4.99
C ALA B 133 -26.78 2.79 3.61
N SER B 134 -25.93 2.05 2.93
CA SER B 134 -26.20 1.73 1.53
C SER B 134 -27.15 0.56 1.32
N LYS B 135 -27.61 -0.12 2.39
CA LYS B 135 -28.10 -1.50 2.23
C LYS B 135 -29.34 -1.62 1.36
N LEU B 136 -30.54 -1.20 1.86
CA LEU B 136 -31.81 -0.75 1.23
C LEU B 136 -32.84 -0.58 2.34
N PRO B 137 -34.06 -0.05 2.09
CA PRO B 137 -35.15 -0.31 3.04
C PRO B 137 -35.46 -1.79 3.25
N GLN B 138 -35.21 -2.64 2.25
CA GLN B 138 -35.29 -4.12 2.37
C GLN B 138 -36.71 -4.53 2.74
N ARG B 139 -37.68 -3.93 2.04
CA ARG B 139 -39.07 -4.01 2.44
C ARG B 139 -39.68 -5.35 2.07
N ALA B 140 -39.24 -5.94 0.97
CA ALA B 140 -39.64 -7.29 0.60
C ALA B 140 -38.62 -8.24 1.21
N ASN B 141 -39.01 -8.91 2.29
CA ASN B 141 -38.12 -9.89 2.91
C ASN B 141 -38.32 -11.28 2.29
N GLU B 142 -39.28 -11.41 1.38
CA GLU B 142 -39.50 -12.69 0.70
C GLU B 142 -38.32 -13.04 -0.19
N LYS B 143 -37.66 -12.04 -0.76
CA LYS B 143 -36.41 -12.27 -1.47
C LYS B 143 -35.29 -12.70 -0.52
N SER B 144 -35.34 -12.22 0.74
CA SER B 144 -34.32 -12.58 1.72
C SER B 144 -34.52 -14.01 2.21
N ALA B 145 -35.78 -14.46 2.35
CA ALA B 145 -36.05 -15.83 2.75
C ALA B 145 -35.92 -16.79 1.58
N HIS B 146 -36.07 -16.29 0.35
CA HIS B 146 -35.86 -17.14 -0.82
C HIS B 146 -34.39 -17.50 -0.97
N HIS B 147 -33.50 -16.55 -0.67
CA HIS B 147 -32.06 -16.81 -0.66
C HIS B 147 -31.69 -17.38 0.69
N SER B 148 -31.46 -18.69 0.73
CA SER B 148 -31.32 -19.45 1.96
C SER B 148 -29.86 -19.68 2.37
N PHE B 149 -28.95 -18.83 1.91
CA PHE B 149 -27.58 -18.87 2.41
C PHE B 149 -27.50 -18.27 3.80
N LYS B 150 -26.43 -18.60 4.52
CA LYS B 150 -26.05 -17.81 5.68
C LYS B 150 -25.21 -16.61 5.22
N GLN B 151 -25.40 -15.46 5.88
CA GLN B 151 -24.71 -14.24 5.47
C GLN B 151 -23.23 -14.25 5.83
N THR B 152 -22.89 -14.76 7.03
CA THR B 152 -21.52 -15.10 7.46
C THR B 152 -20.61 -13.86 7.52
N SER B 153 -20.97 -12.90 8.34
CA SER B 153 -20.21 -11.65 8.44
C SER B 153 -18.94 -11.82 9.27
N ARG B 154 -17.89 -11.10 8.90
CA ARG B 154 -16.65 -11.06 9.66
C ARG B 154 -16.73 -9.90 10.63
N SER B 155 -16.50 -10.18 11.90
CA SER B 155 -16.56 -9.15 12.91
C SER B 155 -15.26 -8.35 12.88
N ARG B 156 -15.26 -7.24 13.58
CA ARG B 156 -14.02 -6.49 13.72
C ARG B 156 -13.17 -7.01 14.88
N ASP B 157 -13.75 -7.79 15.78
CA ASP B 157 -13.08 -8.14 17.02
C ASP B 157 -12.20 -9.37 16.91
N GLU B 158 -11.69 -9.71 15.74
CA GLU B 158 -10.89 -10.93 15.61
C GLU B 158 -9.46 -10.68 16.01
N THR B 159 -8.88 -11.62 16.73
CA THR B 159 -7.48 -11.58 17.10
C THR B 159 -6.75 -12.73 16.42
N CYS B 160 -5.43 -12.72 16.49
CA CYS B 160 -4.67 -13.74 15.79
C CYS B 160 -4.64 -15.09 16.50
N GLU B 161 -5.26 -15.20 17.68
CA GLU B 161 -5.36 -16.49 18.36
C GLU B 161 -6.16 -17.50 17.56
N SER B 162 -7.28 -17.08 17.02
CA SER B 162 -7.95 -17.90 16.03
C SER B 162 -7.05 -17.96 14.81
N ASN B 163 -7.08 -19.10 14.15
CA ASN B 163 -6.11 -19.48 13.11
C ASN B 163 -4.66 -19.37 13.59
N PRO B 164 -4.22 -20.26 14.49
CA PRO B 164 -2.81 -20.19 14.88
C PRO B 164 -1.90 -20.71 13.79
N PHE B 165 -2.21 -21.90 13.26
CA PHE B 165 -1.42 -22.53 12.23
C PHE B 165 -2.27 -22.53 10.98
N PRO B 166 -2.02 -21.63 10.03
CA PRO B 166 -2.94 -21.47 8.91
C PRO B 166 -2.91 -22.64 7.99
N ARG B 167 -1.80 -23.35 7.98
CA ARG B 167 -1.49 -24.29 6.95
C ARG B 167 -2.13 -25.65 7.20
N LEU B 168 -2.74 -25.87 8.35
CA LEU B 168 -3.33 -27.18 8.64
C LEU B 168 -4.65 -27.37 7.89
N ASN B 169 -4.50 -27.62 6.59
CA ASN B 169 -5.44 -28.02 5.52
C ASN B 169 -6.39 -26.89 5.14
N ASN B 170 -6.52 -25.87 5.96
CA ASN B 170 -7.30 -24.67 5.74
C ASN B 170 -7.05 -23.96 4.40
N PRO B 171 -5.82 -23.85 3.84
CA PRO B 171 -5.71 -23.14 2.58
C PRO B 171 -5.70 -24.09 1.38
N LYS B 172 -5.96 -23.49 0.23
CA LYS B 172 -5.83 -24.11 -1.08
C LYS B 172 -4.77 -23.33 -1.83
N LYS B 173 -4.16 -23.97 -2.83
CA LYS B 173 -3.07 -23.42 -3.61
C LYS B 173 -3.49 -22.17 -4.35
N LEU B 174 -2.51 -21.35 -4.72
CA LEU B 174 -2.77 -20.22 -5.59
C LEU B 174 -3.17 -20.69 -6.97
N GLU B 175 -4.13 -20.00 -7.58
CA GLU B 175 -4.66 -20.40 -8.87
C GLU B 175 -3.69 -20.00 -9.98
N PRO B 176 -3.54 -20.83 -11.01
CA PRO B 176 -2.49 -20.61 -11.98
C PRO B 176 -2.77 -19.37 -12.84
N PRO B 177 -1.73 -18.79 -13.44
CA PRO B 177 -1.96 -17.56 -14.18
C PRO B 177 -2.70 -17.82 -15.47
N LYS B 178 -3.75 -17.05 -15.72
CA LYS B 178 -4.56 -17.27 -16.90
C LYS B 178 -3.85 -16.78 -18.15
N ILE B 179 -4.05 -17.49 -19.25
CA ILE B 179 -3.42 -17.14 -20.51
C ILE B 179 -4.48 -16.87 -21.56
N LEU B 180 -4.06 -16.29 -22.68
CA LEU B 180 -5.01 -15.95 -23.73
C LEU B 180 -5.44 -17.18 -24.49
N SER B 181 -6.74 -17.33 -24.66
CA SER B 181 -7.26 -18.55 -25.25
C SER B 181 -6.97 -18.64 -26.73
N GLN B 182 -6.80 -17.51 -27.40
CA GLN B 182 -6.41 -17.55 -28.79
C GLN B 182 -4.96 -17.97 -28.96
N TRP B 183 -4.13 -17.74 -27.95
CA TRP B 183 -2.74 -18.09 -28.01
C TRP B 183 -2.42 -19.27 -27.11
N SER B 184 -3.29 -20.25 -27.07
CA SER B 184 -3.14 -21.33 -26.10
C SER B 184 -2.24 -22.44 -26.59
N ASN B 185 -1.87 -22.41 -27.88
CA ASN B 185 -0.88 -23.35 -28.38
C ASN B 185 0.51 -22.81 -28.26
N THR B 186 0.66 -21.65 -27.65
CA THR B 186 1.96 -21.00 -27.53
C THR B 186 2.75 -21.61 -26.40
N ILE B 187 2.07 -22.29 -25.49
CA ILE B 187 2.58 -22.76 -24.21
C ILE B 187 3.60 -23.86 -24.45
N PRO B 188 4.64 -24.02 -23.61
CA PRO B 188 5.51 -25.19 -23.75
C PRO B 188 4.76 -26.46 -23.41
N LYS B 189 5.07 -27.52 -24.13
CA LYS B 189 4.21 -28.69 -24.14
C LYS B 189 4.26 -29.43 -22.83
N THR B 190 5.45 -29.65 -22.29
CA THR B 190 5.60 -30.42 -21.07
C THR B 190 6.27 -29.57 -20.02
N SER B 191 5.82 -29.70 -18.78
CA SER B 191 6.46 -29.01 -17.68
C SER B 191 7.79 -29.66 -17.35
N ILE B 192 8.61 -28.96 -16.57
CA ILE B 192 9.95 -29.46 -16.29
C ILE B 192 9.92 -30.63 -15.33
N PHE B 193 9.24 -30.50 -14.20
CA PHE B 193 9.25 -31.54 -13.19
C PHE B 193 7.95 -32.32 -13.22
N TYR B 194 8.01 -33.52 -12.68
CA TYR B 194 6.88 -34.40 -12.62
C TYR B 194 6.09 -34.08 -11.37
N SER B 195 5.00 -33.36 -11.52
CA SER B 195 4.19 -33.00 -10.38
C SER B 195 3.00 -33.92 -10.31
N VAL B 196 2.92 -34.70 -9.24
CA VAL B 196 1.77 -35.59 -9.06
C VAL B 196 0.55 -34.74 -8.74
N ASP B 197 -0.62 -35.25 -9.15
CA ASP B 197 -1.94 -34.63 -8.96
C ASP B 197 -2.04 -33.23 -9.56
N MET C 1 12.21 51.60 -57.82
CA MET C 1 11.24 52.03 -58.82
C MET C 1 10.92 50.87 -59.73
N SER C 2 11.71 49.80 -59.61
CA SER C 2 11.48 48.58 -60.35
C SER C 2 10.62 47.66 -59.51
N ALA C 3 9.52 47.21 -60.09
CA ALA C 3 8.55 46.42 -59.36
C ALA C 3 8.84 44.95 -59.60
N LEU C 4 8.88 44.19 -58.53
CA LEU C 4 9.02 42.76 -58.67
C LEU C 4 7.67 42.15 -58.94
N TYR C 5 7.70 41.02 -59.63
CA TYR C 5 6.54 40.25 -60.06
C TYR C 5 6.58 38.90 -59.38
N PHE C 6 5.46 38.53 -58.76
CA PHE C 6 5.32 37.29 -58.01
C PHE C 6 4.24 36.42 -58.60
N GLN C 7 4.60 35.19 -58.91
CA GLN C 7 3.64 34.15 -59.25
C GLN C 7 3.57 33.20 -58.07
N ASN C 8 2.62 32.27 -58.16
CA ASN C 8 2.42 31.20 -57.20
C ASN C 8 2.15 31.72 -55.79
N LEU C 9 1.36 32.77 -55.65
CA LEU C 9 0.88 33.17 -54.34
C LEU C 9 -0.48 32.50 -54.09
N PRO C 10 -0.94 32.44 -52.83
CA PRO C 10 -2.27 31.90 -52.51
C PRO C 10 -3.30 32.94 -52.98
N SER C 11 -4.43 32.48 -53.52
CA SER C 11 -5.47 33.42 -54.04
C SER C 11 -6.71 33.47 -53.14
N ARG C 12 -6.64 32.90 -51.92
CA ARG C 12 -7.86 32.87 -51.06
C ARG C 12 -7.90 33.90 -49.93
N PRO C 13 -6.90 34.77 -49.68
CA PRO C 13 -7.00 35.79 -48.62
C PRO C 13 -8.18 36.75 -48.85
N ALA C 14 -8.46 37.09 -50.12
CA ALA C 14 -9.56 37.95 -50.60
C ALA C 14 -9.32 39.45 -50.35
N ASN C 15 -9.74 39.98 -49.20
CA ASN C 15 -9.61 41.44 -48.93
C ASN C 15 -8.15 41.86 -49.10
N LYS C 16 -7.94 42.98 -49.81
CA LYS C 16 -6.58 43.49 -50.12
C LYS C 16 -5.83 43.86 -48.83
N GLU C 17 -6.50 44.51 -47.88
CA GLU C 17 -5.78 44.90 -46.63
C GLU C 17 -5.32 43.63 -45.90
N ASN C 18 -6.19 42.63 -45.81
CA ASN C 18 -5.83 41.36 -45.14
C ASN C 18 -4.71 40.66 -45.93
N TYR C 19 -4.82 40.67 -47.27
CA TYR C 19 -3.85 40.00 -48.15
C TYR C 19 -2.46 40.63 -48.03
N THR C 20 -2.39 41.96 -48.00
CA THR C 20 -1.13 42.66 -47.91
C THR C 20 -0.46 42.39 -46.57
N ARG C 21 -1.24 42.38 -45.50
CA ARG C 21 -0.65 42.20 -44.18
C ARG C 21 -0.17 40.77 -43.97
N LEU C 22 -0.92 39.79 -44.46
CA LEU C 22 -0.49 38.39 -44.35
C LEU C 22 0.74 38.10 -45.20
N LEU C 23 0.75 38.61 -46.44
CA LEU C 23 1.94 38.52 -47.27
C LEU C 23 3.12 39.16 -46.58
N LEU C 24 2.91 40.32 -46.00
CA LEU C 24 4.01 41.11 -45.47
C LEU C 24 4.54 40.48 -44.20
N LYS C 25 3.71 39.74 -43.48
CA LYS C 25 4.19 38.88 -42.42
C LYS C 25 5.09 37.79 -42.95
N HIS C 26 4.69 37.13 -44.03
CA HIS C 26 5.54 36.07 -44.57
C HIS C 26 6.81 36.62 -45.20
N ILE C 27 6.83 37.90 -45.58
CA ILE C 27 8.05 38.53 -46.05
C ILE C 27 9.02 38.77 -44.91
N ASN C 28 8.62 39.59 -43.95
CA ASN C 28 9.42 40.04 -42.83
C ASN C 28 8.59 39.80 -41.57
N PRO C 29 8.74 38.65 -40.92
CA PRO C 29 7.97 38.39 -39.70
C PRO C 29 8.42 39.31 -38.60
N ASN C 30 7.49 39.57 -37.68
CA ASN C 30 7.62 40.60 -36.65
C ASN C 30 7.95 41.95 -37.29
N ASN C 31 7.24 42.25 -38.37
CA ASN C 31 7.16 43.59 -38.94
C ASN C 31 6.35 44.49 -38.02
N LYS C 32 6.42 45.80 -38.26
CA LYS C 32 5.62 46.74 -37.49
C LYS C 32 4.14 46.58 -37.80
N TYR C 33 3.79 46.51 -39.08
CA TYR C 33 2.38 46.45 -39.46
C TYR C 33 1.77 45.08 -39.22
N ALA C 34 2.54 44.02 -39.42
CA ALA C 34 1.95 42.68 -39.37
C ALA C 34 1.61 42.27 -37.95
N ILE C 35 2.33 42.79 -36.96
CA ILE C 35 2.13 42.31 -35.60
C ILE C 35 1.19 43.24 -34.83
N ASN C 36 0.90 44.42 -35.37
CA ASN C 36 -0.22 45.21 -34.88
C ASN C 36 -1.34 45.17 -35.89
N PRO C 37 -2.33 44.30 -35.74
CA PRO C 37 -3.54 44.43 -36.55
C PRO C 37 -4.33 45.66 -36.15
N SER C 38 -5.24 46.03 -37.04
CA SER C 38 -6.06 47.25 -36.96
C SER C 38 -5.19 48.50 -36.83
N LEU C 39 -4.07 48.51 -37.54
CA LEU C 39 -3.41 49.74 -37.97
C LEU C 39 -3.80 50.04 -39.40
N PRO C 40 -3.95 51.30 -39.76
CA PRO C 40 -4.13 51.62 -41.17
C PRO C 40 -2.84 51.41 -41.93
N LEU C 41 -2.96 50.91 -43.12
CA LEU C 41 -1.82 50.82 -44.02
C LEU C 41 -1.65 52.14 -44.73
N PRO C 42 -0.44 52.56 -45.03
CA PRO C 42 -0.26 53.78 -45.81
C PRO C 42 -0.73 53.60 -47.25
N HIS C 43 -1.46 54.59 -47.73
CA HIS C 43 -1.75 54.70 -49.16
C HIS C 43 -0.87 55.81 -49.71
N ASN C 44 0.02 55.44 -50.62
CA ASN C 44 1.06 56.33 -51.11
C ASN C 44 0.78 56.62 -52.57
N LYS C 45 0.11 57.74 -52.83
CA LYS C 45 -0.32 58.07 -54.17
C LYS C 45 0.69 59.01 -54.78
N LEU C 46 0.85 58.89 -56.08
CA LEU C 46 1.60 59.79 -56.93
C LEU C 46 1.37 61.28 -56.69
N LEU C 55 6.03 57.57 -46.68
CA LEU C 55 5.49 56.50 -45.87
C LEU C 55 5.82 55.14 -46.47
N LEU C 56 6.98 54.60 -46.08
CA LEU C 56 7.33 53.26 -46.50
C LEU C 56 6.44 52.24 -45.84
N ASP C 57 5.88 51.32 -46.63
CA ASP C 57 5.09 50.21 -46.11
C ASP C 57 5.95 49.37 -45.19
N ASP C 58 7.21 49.20 -45.55
CA ASP C 58 8.13 48.43 -44.74
C ASP C 58 9.53 48.95 -44.97
N GLN C 59 10.32 48.97 -43.90
CA GLN C 59 11.74 49.30 -44.03
C GLN C 59 12.46 48.17 -44.75
N MET C 60 13.74 48.40 -45.06
CA MET C 60 14.51 47.61 -46.02
C MET C 60 13.83 47.58 -47.39
N GLY C 61 13.23 48.72 -47.75
CA GLY C 61 12.98 49.07 -49.13
C GLY C 61 11.57 48.91 -49.65
N LEU C 62 10.66 48.31 -48.91
CA LEU C 62 9.38 47.93 -49.47
C LEU C 62 8.42 49.11 -49.40
N LEU C 63 7.87 49.48 -50.55
CA LEU C 63 7.08 50.70 -50.68
C LEU C 63 5.60 50.44 -50.88
N GLU C 64 5.23 49.53 -51.78
CA GLU C 64 3.83 49.12 -51.83
C GLU C 64 3.76 47.70 -52.33
N VAL C 65 2.61 47.07 -52.14
CA VAL C 65 2.25 45.87 -52.86
C VAL C 65 1.07 46.28 -53.73
N SER C 66 0.82 45.53 -54.80
CA SER C 66 -0.30 45.83 -55.66
C SER C 66 -0.79 44.53 -56.25
N ILE C 67 -2.01 44.16 -55.90
CA ILE C 67 -2.62 42.93 -56.36
C ILE C 67 -3.85 43.36 -57.14
N SER C 68 -4.47 42.40 -57.79
CA SER C 68 -5.75 42.63 -58.44
C SER C 68 -6.60 41.39 -58.28
N ARG C 69 -7.89 41.52 -58.51
CA ARG C 69 -8.76 40.38 -58.48
C ARG C 69 -9.10 39.85 -59.85
N SER C 70 -8.51 40.45 -60.89
CA SER C 70 -8.88 40.15 -62.26
C SER C 70 -8.56 38.71 -62.61
N SER C 71 -9.57 38.02 -63.17
CA SER C 71 -9.55 36.57 -63.28
C SER C 71 -8.53 36.09 -64.28
N LYS C 72 -7.97 36.98 -65.10
CA LYS C 72 -6.77 36.63 -65.83
C LYS C 72 -5.63 36.34 -64.87
N MET C 73 -5.39 37.24 -63.94
CA MET C 73 -4.17 37.20 -63.15
C MET C 73 -4.52 37.15 -61.67
N THR C 74 -4.68 35.93 -61.18
CA THR C 74 -5.08 35.75 -59.78
C THR C 74 -3.87 35.81 -58.87
N ASN C 75 -2.96 34.85 -59.02
CA ASN C 75 -1.98 34.65 -57.97
C ASN C 75 -0.88 35.67 -58.06
N GLN C 76 -0.70 36.27 -59.22
CA GLN C 76 0.38 37.22 -59.42
C GLN C 76 0.15 38.49 -58.62
N ALA C 77 1.24 39.07 -58.12
CA ALA C 77 1.21 40.36 -57.44
C ALA C 77 2.49 41.12 -57.74
N PHE C 78 2.50 42.41 -57.46
CA PHE C 78 3.64 43.26 -57.79
C PHE C 78 4.05 44.06 -56.60
N LEU C 79 5.27 43.87 -56.13
CA LEU C 79 5.77 44.68 -55.03
C LEU C 79 6.64 45.76 -55.62
N THR C 80 6.38 47.01 -55.30
CA THR C 80 7.29 48.02 -55.80
C THR C 80 8.08 48.56 -54.62
N PHE C 81 9.35 48.82 -54.86
CA PHE C 81 10.35 49.20 -53.89
C PHE C 81 10.77 50.64 -54.12
N VAL C 82 11.66 51.13 -53.25
CA VAL C 82 12.05 52.54 -53.27
C VAL C 82 12.90 52.83 -54.50
N THR C 83 13.92 52.03 -54.75
CA THR C 83 14.87 52.35 -55.80
C THR C 83 15.15 51.11 -56.63
N GLN C 84 15.88 51.33 -57.73
CA GLN C 84 16.22 50.28 -58.67
C GLN C 84 17.07 49.19 -58.03
N GLU C 85 17.88 49.56 -57.04
CA GLU C 85 18.87 48.64 -56.50
C GLU C 85 18.26 47.68 -55.50
N GLU C 86 17.31 48.15 -54.69
CA GLU C 86 16.68 47.29 -53.69
C GLU C 86 15.90 46.17 -54.35
N ALA C 87 15.39 46.43 -55.55
CA ALA C 87 14.76 45.42 -56.39
C ALA C 87 15.71 44.27 -56.68
N ASP C 88 16.99 44.56 -56.93
CA ASP C 88 17.93 43.48 -57.19
C ASP C 88 18.44 42.88 -55.88
N ARG C 89 18.48 43.68 -54.81
CA ARG C 89 18.98 43.19 -53.53
C ARG C 89 18.00 42.21 -52.89
N PHE C 90 16.70 42.37 -53.21
CA PHE C 90 15.68 41.51 -52.62
C PHE C 90 15.83 40.06 -53.06
N LEU C 91 16.23 39.89 -54.32
CA LEU C 91 16.50 38.55 -54.90
C LEU C 91 17.68 37.95 -54.13
N GLU C 92 18.64 38.81 -53.76
CA GLU C 92 19.87 38.44 -53.01
C GLU C 92 19.50 37.86 -51.66
N LYS C 93 18.43 38.36 -51.02
CA LYS C 93 17.97 37.86 -49.69
C LYS C 93 17.60 36.37 -49.81
N TYR C 94 16.97 35.98 -50.91
CA TYR C 94 16.60 34.54 -51.13
C TYR C 94 17.88 33.70 -51.19
N THR C 95 18.92 34.23 -51.87
CA THR C 95 20.24 33.55 -52.02
C THR C 95 20.06 32.16 -52.64
N THR C 96 19.18 32.05 -53.66
CA THR C 96 18.87 30.80 -54.42
C THR C 96 18.02 29.83 -53.58
N THR C 97 17.43 30.31 -52.48
CA THR C 97 16.51 29.50 -51.63
C THR C 97 15.13 30.15 -51.79
N ALA C 98 14.13 29.36 -52.20
CA ALA C 98 12.82 29.96 -52.52
C ALA C 98 12.01 30.34 -51.28
N LEU C 99 11.55 31.59 -51.25
CA LEU C 99 10.63 32.11 -50.27
C LEU C 99 9.32 31.34 -50.39
N LYS C 100 8.65 31.13 -49.26
CA LYS C 100 7.35 30.41 -49.33
C LYS C 100 6.28 31.17 -48.54
N VAL C 101 5.15 31.44 -49.19
CA VAL C 101 3.98 32.07 -48.50
C VAL C 101 3.00 30.92 -48.35
N GLN C 102 2.49 30.70 -47.13
CA GLN C 102 1.63 29.51 -46.86
C GLN C 102 2.45 28.27 -47.24
N GLY C 103 1.89 27.36 -48.03
CA GLY C 103 2.63 26.14 -48.40
C GLY C 103 3.23 26.20 -49.81
N ARG C 104 3.13 27.34 -50.49
CA ARG C 104 3.63 27.39 -51.90
C ARG C 104 4.82 28.35 -52.04
N LYS C 105 5.88 27.88 -52.71
CA LYS C 105 7.06 28.68 -52.98
C LYS C 105 6.79 29.71 -54.06
N VAL C 106 7.29 30.93 -53.84
CA VAL C 106 6.98 32.04 -54.73
C VAL C 106 8.15 32.29 -55.65
N ARG C 107 7.98 31.90 -56.90
CA ARG C 107 8.90 32.33 -57.93
C ARG C 107 8.71 33.83 -58.12
N MET C 108 9.80 34.53 -58.38
CA MET C 108 9.75 35.98 -58.41
C MET C 108 10.79 36.48 -59.40
N GLY C 109 10.48 37.59 -60.05
CA GLY C 109 11.41 38.19 -60.98
C GLY C 109 11.03 39.63 -61.21
N LYS C 110 11.99 40.42 -61.69
CA LYS C 110 11.72 41.82 -61.99
C LYS C 110 10.75 41.90 -63.16
N ALA C 111 9.89 42.91 -63.15
CA ALA C 111 8.77 42.93 -64.09
C ALA C 111 9.22 43.35 -65.47
N ARG C 112 8.43 42.96 -66.47
CA ARG C 112 8.69 43.41 -67.84
C ARG C 112 8.37 44.89 -68.01
N THR C 113 7.53 45.44 -67.13
CA THR C 113 7.16 46.85 -67.13
C THR C 113 7.21 47.38 -65.71
N ASN C 114 7.90 48.50 -65.51
CA ASN C 114 7.98 49.14 -64.21
C ASN C 114 6.62 49.60 -63.69
N SER C 115 6.52 49.75 -62.37
CA SER C 115 5.26 50.10 -61.74
C SER C 115 4.93 51.57 -61.99
N LEU C 116 3.64 51.88 -61.84
CA LEU C 116 3.16 53.24 -62.07
C LEU C 116 3.63 54.17 -60.96
N LEU C 117 3.60 53.69 -59.72
CA LEU C 117 4.12 54.47 -58.62
C LEU C 117 5.63 54.61 -58.74
N GLY C 118 6.29 53.58 -59.29
CA GLY C 118 7.71 53.70 -59.58
C GLY C 118 8.01 54.74 -60.63
N LEU C 119 7.18 54.82 -61.67
CA LEU C 119 7.31 55.90 -62.63
C LEU C 119 7.07 57.26 -62.00
N SER C 120 6.17 57.34 -61.03
CA SER C 120 5.96 58.61 -60.35
C SER C 120 7.18 59.03 -59.54
N ILE C 121 7.85 58.05 -58.92
CA ILE C 121 9.07 58.35 -58.17
C ILE C 121 10.19 58.78 -59.11
N GLU C 122 10.31 58.12 -60.26
CA GLU C 122 11.37 58.47 -61.20
C GLU C 122 11.09 59.79 -61.91
N MET C 123 9.84 60.04 -62.28
CA MET C 123 9.47 61.30 -62.92
C MET C 123 9.61 62.49 -61.98
N GLN C 124 9.32 62.31 -60.69
CA GLN C 124 9.59 63.38 -59.74
C GLN C 124 11.07 63.48 -59.44
N LYS C 125 11.84 62.43 -59.73
CA LYS C 125 13.28 62.53 -59.67
C LYS C 125 13.78 63.24 -60.92
N TYR C 133 2.16 64.82 -64.99
CA TYR C 133 0.74 64.50 -65.04
C TYR C 133 0.36 64.18 -66.48
N ASN C 134 1.24 64.60 -67.40
CA ASN C 134 1.08 64.27 -68.82
C ASN C 134 1.16 62.76 -69.02
N LEU C 135 1.97 62.10 -68.19
CA LEU C 135 2.01 60.65 -68.15
C LEU C 135 0.65 60.08 -67.79
N ASP C 136 -0.03 60.70 -66.83
CA ASP C 136 -1.37 60.24 -66.46
C ASP C 136 -2.35 60.43 -67.61
N ILE C 137 -2.19 61.52 -68.37
CA ILE C 137 -3.02 61.77 -69.54
C ILE C 137 -2.84 60.65 -70.54
N LYS C 138 -1.58 60.25 -70.74
CA LYS C 138 -1.29 59.19 -71.69
C LYS C 138 -1.88 57.87 -71.22
N LYS C 139 -1.77 57.59 -69.92
CA LYS C 139 -2.28 56.33 -69.38
C LYS C 139 -3.79 56.24 -69.43
N VAL C 140 -4.46 57.36 -69.15
CA VAL C 140 -5.92 57.36 -69.17
C VAL C 140 -6.43 57.27 -70.60
N LEU C 141 -5.73 57.90 -71.56
CA LEU C 141 -6.08 57.69 -72.95
C LEU C 141 -5.84 56.26 -73.39
N LYS C 142 -4.79 55.62 -72.86
CA LYS C 142 -4.57 54.19 -73.08
C LYS C 142 -5.72 53.38 -72.55
N ALA C 143 -6.23 53.76 -71.37
CA ALA C 143 -7.35 53.05 -70.76
C ALA C 143 -8.62 53.20 -71.58
N ARG C 144 -8.84 54.40 -72.14
CA ARG C 144 -10.02 54.62 -72.96
C ARG C 144 -9.90 53.90 -74.30
N LYS C 145 -8.68 53.78 -74.82
CA LYS C 145 -8.46 52.98 -76.02
C LYS C 145 -8.67 51.50 -75.75
N LEU C 146 -8.28 51.03 -74.57
CA LEU C 146 -8.51 49.64 -74.21
C LEU C 146 -9.98 49.39 -73.87
N LYS C 147 -10.71 50.43 -73.50
CA LYS C 147 -12.16 50.28 -73.35
C LYS C 147 -12.85 50.11 -74.69
N ARG C 148 -12.18 50.50 -75.77
CA ARG C 148 -12.75 50.32 -77.10
C ARG C 148 -12.71 48.85 -77.53
N MET D 1 -19.75 10.99 35.43
CA MET D 1 -18.53 10.71 34.70
C MET D 1 -18.79 10.51 33.22
N ASP D 2 -17.78 10.79 32.42
CA ASP D 2 -17.85 10.68 30.98
C ASP D 2 -17.50 9.26 30.54
N LYS D 3 -17.50 9.05 29.22
CA LYS D 3 -17.27 7.72 28.68
C LYS D 3 -15.82 7.30 28.86
N TYR D 4 -14.91 8.27 28.93
CA TYR D 4 -13.51 7.99 29.26
C TYR D 4 -13.36 7.44 30.66
N THR D 5 -13.92 8.12 31.66
CA THR D 5 -13.77 7.66 33.04
C THR D 5 -14.57 6.39 33.28
N ALA D 6 -15.63 6.18 32.52
CA ALA D 6 -16.31 4.89 32.61
C ALA D 6 -15.45 3.79 32.02
N LEU D 7 -14.62 4.15 31.03
CA LEU D 7 -13.63 3.20 30.45
C LEU D 7 -12.46 2.95 31.41
N ILE D 8 -12.01 3.98 32.14
CA ILE D 8 -10.77 3.88 32.91
C ILE D 8 -11.03 3.23 34.26
N HIS D 9 -12.27 3.24 34.72
CA HIS D 9 -12.70 2.53 35.91
C HIS D 9 -13.36 1.21 35.59
N ASP D 10 -13.22 0.73 34.37
CA ASP D 10 -13.72 -0.58 34.07
C ASP D 10 -12.76 -1.61 34.64
N GLU D 11 -13.29 -2.76 34.99
CA GLU D 11 -12.45 -3.81 35.50
C GLU D 11 -11.60 -4.40 34.39
N ASN D 12 -12.14 -4.45 33.18
CA ASN D 12 -11.45 -5.10 32.08
C ASN D 12 -10.24 -4.31 31.63
N PHE D 13 -10.30 -2.99 31.66
CA PHE D 13 -9.19 -2.17 31.19
C PHE D 13 -7.94 -2.41 32.02
N SER D 14 -8.13 -2.67 33.32
CA SER D 14 -7.00 -2.98 34.18
C SER D 14 -6.34 -4.27 33.76
N THR D 15 -7.12 -5.33 33.57
CA THR D 15 -6.51 -6.62 33.25
C THR D 15 -5.93 -6.63 31.84
N LEU D 16 -6.60 -6.01 30.87
CA LEU D 16 -6.10 -6.02 29.51
C LEU D 16 -4.82 -5.22 29.38
N THR D 17 -4.82 -4.02 29.93
CA THR D 17 -3.64 -3.19 30.01
C THR D 17 -2.50 -3.89 30.72
N LEU D 18 -2.81 -4.63 31.77
CA LEU D 18 -1.78 -5.17 32.62
C LEU D 18 -1.20 -6.43 32.00
N ASN D 19 -2.02 -7.19 31.25
CA ASN D 19 -1.50 -8.32 30.51
C ASN D 19 -0.60 -7.88 29.37
N VAL D 20 -0.95 -6.80 28.68
CA VAL D 20 -0.05 -6.25 27.68
C VAL D 20 1.26 -5.82 28.32
N SER D 21 1.17 -5.27 29.52
CA SER D 21 2.36 -4.71 30.13
C SER D 21 3.25 -5.80 30.66
N ARG D 22 2.68 -6.95 31.01
CA ARG D 22 3.48 -8.07 31.44
C ARG D 22 4.18 -8.73 30.27
N TYR D 23 3.46 -8.98 29.18
CA TYR D 23 3.91 -9.79 28.06
C TYR D 23 3.97 -8.97 26.78
N PRO D 24 5.01 -8.18 26.55
CA PRO D 24 4.98 -7.25 25.42
C PRO D 24 4.96 -7.86 24.05
N LYS D 25 5.45 -9.09 23.87
CA LYS D 25 5.67 -9.60 22.53
C LYS D 25 4.64 -10.60 22.09
N SER D 26 3.48 -10.70 22.72
CA SER D 26 2.62 -11.85 22.44
C SER D 26 1.45 -11.50 21.52
N LEU D 27 1.10 -10.23 21.41
CA LEU D 27 0.28 -9.63 20.35
C LEU D 27 -1.18 -10.02 20.35
N ALA D 28 -1.58 -11.10 20.99
CA ALA D 28 -3.00 -11.29 21.12
C ALA D 28 -3.51 -10.43 22.24
N TYR D 29 -2.62 -10.12 23.17
CA TYR D 29 -2.94 -9.23 24.25
C TYR D 29 -3.07 -7.80 23.76
N TRP D 30 -2.20 -7.38 22.84
CA TRP D 30 -2.29 -6.04 22.26
C TRP D 30 -3.56 -5.88 21.44
N GLU D 31 -3.95 -6.92 20.73
CA GLU D 31 -5.13 -6.81 19.90
C GLU D 31 -6.40 -6.82 20.73
N LYS D 32 -6.44 -7.60 21.81
CA LYS D 32 -7.61 -7.55 22.68
C LYS D 32 -7.74 -6.19 23.35
N LEU D 33 -6.61 -5.67 23.83
CA LEU D 33 -6.57 -4.35 24.50
C LEU D 33 -7.00 -3.24 23.53
N LEU D 34 -6.54 -3.29 22.28
CA LEU D 34 -6.90 -2.26 21.32
C LEU D 34 -8.34 -2.37 20.85
N ASN D 35 -8.81 -3.58 20.55
CA ASN D 35 -10.20 -3.76 20.15
C ASN D 35 -11.17 -3.32 21.22
N TYR D 36 -10.83 -3.57 22.49
CA TYR D 36 -11.70 -3.16 23.57
C TYR D 36 -11.76 -1.65 23.69
N ILE D 37 -10.62 -0.97 23.54
CA ILE D 37 -10.59 0.49 23.59
C ILE D 37 -11.41 1.09 22.47
N VAL D 38 -11.28 0.57 21.25
CA VAL D 38 -11.97 1.17 20.12
C VAL D 38 -13.46 0.89 20.20
N LYS D 39 -13.85 -0.29 20.68
CA LYS D 39 -15.26 -0.60 20.82
C LYS D 39 -15.93 0.19 21.93
N ALA D 40 -15.22 0.53 22.99
CA ALA D 40 -15.85 1.33 24.05
C ALA D 40 -16.08 2.77 23.63
N SER D 41 -15.64 3.12 22.42
CA SER D 41 -16.10 4.39 21.81
C SER D 41 -17.20 3.93 20.85
N ALA D 42 -18.47 4.06 21.25
CA ALA D 42 -19.54 3.45 20.43
C ALA D 42 -19.54 4.05 19.02
N PRO D 43 -19.49 5.39 18.86
CA PRO D 43 -19.40 6.00 17.55
C PRO D 43 -18.14 6.87 17.53
N ILE D 44 -17.23 6.62 16.59
CA ILE D 44 -16.04 7.51 16.52
C ILE D 44 -16.49 8.72 15.70
N CYS D 45 -16.36 9.91 16.25
CA CYS D 45 -16.84 11.11 15.58
C CYS D 45 -15.85 12.21 15.93
N LYS D 46 -16.09 13.39 15.40
CA LYS D 46 -15.15 14.47 15.67
C LYS D 46 -15.37 15.07 17.04
N SER D 47 -16.44 14.67 17.73
CA SER D 47 -16.67 15.18 19.07
C SER D 47 -16.46 14.16 20.16
N THR D 48 -15.97 12.96 19.85
CA THR D 48 -15.76 12.02 20.92
C THR D 48 -14.59 12.48 21.76
N GLU D 49 -14.47 11.92 22.97
CA GLU D 49 -13.71 12.52 24.04
C GLU D 49 -12.24 12.62 23.68
N PRO D 50 -11.64 13.79 23.80
CA PRO D 50 -10.25 13.94 23.36
C PRO D 50 -9.25 13.16 24.18
N GLN D 51 -9.56 12.88 25.45
CA GLN D 51 -8.73 11.98 26.23
C GLN D 51 -8.82 10.57 25.69
N LEU D 52 -9.99 10.17 25.22
CA LEU D 52 -10.17 8.83 24.70
C LEU D 52 -9.48 8.68 23.36
N LEU D 53 -9.51 9.73 22.53
CA LEU D 53 -8.80 9.68 21.26
C LEU D 53 -7.30 9.66 21.46
N LYS D 54 -6.80 10.42 22.43
CA LYS D 54 -5.39 10.39 22.73
C LYS D 54 -4.96 9.03 23.23
N LEU D 55 -5.86 8.34 23.93
CA LEU D 55 -5.55 7.00 24.38
C LEU D 55 -5.50 6.02 23.21
N ILE D 56 -6.35 6.22 22.20
CA ILE D 56 -6.34 5.33 21.03
C ILE D 56 -5.07 5.50 20.22
N ARG D 57 -4.64 6.74 20.02
CA ARG D 57 -3.44 6.98 19.25
C ARG D 57 -2.21 6.45 19.95
N CYS D 58 -2.16 6.56 21.28
CA CYS D 58 -1.04 5.97 22.00
C CYS D 58 -1.01 4.46 21.89
N THR D 59 -2.18 3.81 21.94
CA THR D 59 -2.21 2.35 21.82
C THR D 59 -1.73 1.88 20.45
N TYR D 60 -2.27 2.43 19.34
CA TYR D 60 -1.84 1.93 18.03
C TYR D 60 -0.39 2.24 17.76
N SER D 61 0.09 3.39 18.16
CA SER D 61 1.46 3.72 17.80
C SER D 61 2.47 2.91 18.60
N SER D 62 2.16 2.57 19.85
CA SER D 62 3.06 1.68 20.56
C SER D 62 3.04 0.27 19.99
N MET D 63 1.87 -0.21 19.53
CA MET D 63 1.85 -1.53 18.90
C MET D 63 2.64 -1.53 17.60
N LEU D 64 2.67 -0.41 16.89
CA LEU D 64 3.44 -0.34 15.65
C LEU D 64 4.89 -0.01 15.90
N ASN D 65 5.28 0.26 17.14
CA ASN D 65 6.70 0.14 17.46
C ASN D 65 7.09 -1.28 17.82
N GLU D 66 6.21 -2.01 18.49
CA GLU D 66 6.56 -3.37 18.86
C GLU D 66 6.59 -4.32 17.69
N PHE D 67 5.69 -4.15 16.75
CA PHE D 67 5.54 -5.08 15.64
C PHE D 67 5.53 -4.27 14.37
N PRO D 68 6.69 -3.85 13.87
CA PRO D 68 6.68 -2.85 12.80
C PRO D 68 6.28 -3.37 11.46
N TYR D 69 6.07 -4.67 11.32
CA TYR D 69 5.72 -5.21 10.03
C TYR D 69 4.25 -5.50 9.85
N LEU D 70 3.37 -5.18 10.77
CA LEU D 70 1.95 -5.41 10.59
C LEU D 70 1.40 -4.40 9.61
N GLU D 71 1.22 -4.79 8.34
CA GLU D 71 0.76 -3.85 7.31
C GLU D 71 -0.66 -3.39 7.55
N ASN D 72 -1.53 -4.31 7.95
CA ASN D 72 -2.94 -3.99 8.06
C ASN D 72 -3.22 -2.98 9.17
N TYR D 73 -2.38 -2.91 10.19
CA TYR D 73 -2.65 -1.94 11.24
C TYR D 73 -2.08 -0.57 10.91
N TYR D 74 -1.07 -0.49 10.05
CA TYR D 74 -0.69 0.83 9.53
C TYR D 74 -1.80 1.40 8.69
N ILE D 75 -2.44 0.55 7.90
CA ILE D 75 -3.58 1.02 7.12
C ILE D 75 -4.73 1.40 8.03
N ASP D 76 -4.97 0.65 9.09
CA ASP D 76 -6.12 0.95 9.93
C ASP D 76 -5.91 2.19 10.77
N PHE D 77 -4.70 2.43 11.24
CA PHE D 77 -4.44 3.65 11.98
C PHE D 77 -4.48 4.86 11.05
N ALA D 78 -4.12 4.68 9.79
CA ALA D 78 -4.28 5.78 8.84
C ALA D 78 -5.73 6.07 8.53
N LEU D 79 -6.57 5.03 8.42
CA LEU D 79 -7.97 5.28 8.10
C LEU D 79 -8.73 5.88 9.28
N LEU D 80 -8.38 5.49 10.50
CA LEU D 80 -8.95 6.13 11.69
C LEU D 80 -8.59 7.60 11.77
N GLU D 81 -7.33 7.93 11.52
CA GLU D 81 -6.95 9.34 11.48
C GLU D 81 -7.56 10.09 10.31
N TYR D 82 -7.99 9.38 9.28
CA TYR D 82 -8.72 10.06 8.21
C TYR D 82 -10.12 10.40 8.64
N LYS D 83 -10.80 9.44 9.24
CA LYS D 83 -12.18 9.61 9.70
C LYS D 83 -12.28 10.72 10.72
N LEU D 84 -11.28 10.86 11.58
CA LEU D 84 -11.27 12.01 12.49
C LEU D 84 -11.03 13.33 11.76
N GLY D 85 -10.56 13.29 10.53
CA GLY D 85 -10.60 14.51 9.76
C GLY D 85 -9.31 15.07 9.25
N ASN D 86 -8.19 14.74 9.84
CA ASN D 86 -6.93 15.36 9.45
C ASN D 86 -6.17 14.44 8.51
N VAL D 87 -6.13 14.80 7.23
CA VAL D 87 -5.54 13.91 6.25
C VAL D 87 -4.02 14.01 6.31
N SER D 88 -3.51 15.02 7.01
CA SER D 88 -2.06 15.17 7.08
C SER D 88 -1.46 14.11 7.97
N MET D 89 -2.10 13.83 9.10
CA MET D 89 -1.58 12.79 9.97
C MET D 89 -1.72 11.44 9.32
N SER D 90 -2.72 11.26 8.47
CA SER D 90 -2.87 9.99 7.80
C SER D 90 -1.82 9.81 6.71
N HIS D 91 -1.41 10.91 6.06
CA HIS D 91 -0.22 10.88 5.23
C HIS D 91 0.99 10.42 5.98
N LYS D 92 1.18 10.94 7.18
CA LYS D 92 2.39 10.62 7.93
C LYS D 92 2.37 9.20 8.43
N ILE D 93 1.19 8.65 8.67
CA ILE D 93 1.10 7.26 9.09
C ILE D 93 1.38 6.33 7.93
N PHE D 94 0.90 6.65 6.74
CA PHE D 94 1.27 5.82 5.59
C PHE D 94 2.74 5.91 5.27
N GLN D 95 3.34 7.08 5.38
CA GLN D 95 4.76 7.17 5.06
C GLN D 95 5.63 6.54 6.15
N ARG D 96 5.17 6.57 7.39
CA ARG D 96 5.84 5.84 8.46
C ARG D 96 5.77 4.35 8.22
N GLY D 97 4.64 3.86 7.75
CA GLY D 97 4.51 2.46 7.48
C GLY D 97 5.28 2.01 6.26
N LEU D 98 5.39 2.86 5.25
CA LEU D 98 6.26 2.55 4.14
C LEU D 98 7.69 2.53 4.56
N GLN D 99 8.05 3.39 5.51
CA GLN D 99 9.44 3.43 5.94
C GLN D 99 9.82 2.19 6.73
N ALA D 100 8.88 1.57 7.43
CA ALA D 100 9.19 0.35 8.16
C ALA D 100 9.60 -0.78 7.24
N PHE D 101 9.15 -0.74 6.00
CA PHE D 101 9.40 -1.78 5.03
C PHE D 101 10.35 -1.38 3.96
N ASN D 102 11.15 -0.34 4.18
CA ASN D 102 12.21 0.09 3.27
C ASN D 102 11.71 0.46 1.89
N GLN D 103 10.45 0.90 1.85
CA GLN D 103 9.61 1.33 0.74
C GLN D 103 9.06 0.18 -0.06
N ARG D 104 9.36 -1.04 0.29
CA ARG D 104 9.18 -2.18 -0.60
C ARG D 104 8.06 -3.03 -0.03
N SER D 105 6.83 -2.62 -0.29
CA SER D 105 5.68 -3.39 0.12
C SER D 105 4.54 -3.07 -0.80
N LEU D 106 3.82 -4.10 -1.24
CA LEU D 106 2.78 -3.85 -2.22
C LEU D 106 1.50 -3.38 -1.56
N LEU D 107 1.17 -3.91 -0.39
CA LEU D 107 -0.10 -3.54 0.22
C LEU D 107 -0.09 -2.09 0.68
N LEU D 108 1.02 -1.62 1.22
CA LEU D 108 1.03 -0.24 1.66
C LEU D 108 1.09 0.72 0.49
N TRP D 109 1.76 0.37 -0.59
CA TRP D 109 1.76 1.28 -1.72
C TRP D 109 0.43 1.29 -2.42
N THR D 110 -0.22 0.15 -2.53
CA THR D 110 -1.54 0.11 -3.13
C THR D 110 -2.56 0.92 -2.34
N SER D 111 -2.56 0.76 -1.02
CA SER D 111 -3.52 1.51 -0.22
C SER D 111 -3.16 2.97 -0.12
N TYR D 112 -1.87 3.31 -0.12
CA TYR D 112 -1.49 4.71 -0.05
C TYR D 112 -1.82 5.42 -1.32
N LEU D 113 -1.80 4.72 -2.44
CA LEU D 113 -2.14 5.41 -3.67
C LEU D 113 -3.64 5.51 -3.87
N LYS D 114 -4.41 4.49 -3.50
CA LYS D 114 -5.87 4.61 -3.53
C LYS D 114 -6.36 5.71 -2.59
N PHE D 115 -5.69 5.91 -1.47
CA PHE D 115 -5.93 7.07 -0.63
C PHE D 115 -5.53 8.35 -1.34
N CYS D 116 -4.28 8.41 -1.79
CA CYS D 116 -3.65 9.65 -2.31
C CYS D 116 -4.48 10.24 -3.45
N ASN D 117 -5.05 9.36 -4.27
CA ASN D 117 -5.89 9.78 -5.39
C ASN D 117 -6.91 10.82 -5.00
N ASN D 118 -7.55 10.64 -3.86
CA ASN D 118 -8.63 11.52 -3.46
C ASN D 118 -8.10 12.87 -3.01
N VAL D 119 -6.97 12.88 -2.33
CA VAL D 119 -6.59 14.05 -1.57
C VAL D 119 -5.40 14.81 -2.11
N ILE D 120 -4.74 14.36 -3.18
CA ILE D 120 -3.63 15.17 -3.67
C ILE D 120 -4.12 16.39 -4.42
N SER D 121 -4.85 16.20 -5.51
CA SER D 121 -5.35 17.27 -6.38
C SER D 121 -4.25 18.16 -6.91
N HIS D 122 -3.13 17.58 -7.29
CA HIS D 122 -2.08 18.21 -8.06
C HIS D 122 -1.51 17.09 -8.90
N GLN D 123 -1.50 17.25 -10.22
CA GLN D 123 -1.42 16.09 -11.07
C GLN D 123 0.00 15.61 -11.25
N LYS D 124 0.94 16.53 -11.44
CA LYS D 124 2.35 16.19 -11.56
C LYS D 124 2.86 15.48 -10.32
N GLN D 125 2.38 15.88 -9.16
CA GLN D 125 2.84 15.28 -7.92
C GLN D 125 2.19 13.92 -7.66
N LEU D 126 0.92 13.82 -8.04
CA LEU D 126 0.19 12.53 -7.90
C LEU D 126 0.86 11.51 -8.81
N PHE D 127 1.32 11.93 -10.00
CA PHE D 127 1.95 10.97 -10.90
C PHE D 127 3.36 10.67 -10.48
N LYS D 128 4.03 11.62 -9.84
CA LYS D 128 5.37 11.35 -9.32
C LYS D 128 5.30 10.37 -8.15
N LYS D 129 4.19 10.30 -7.45
CA LYS D 129 4.07 9.25 -6.44
C LYS D 129 3.89 7.87 -7.05
N TYR D 130 3.26 7.78 -8.21
CA TYR D 130 3.21 6.49 -8.88
C TYR D 130 4.54 6.11 -9.48
N GLU D 131 5.31 7.08 -9.93
CA GLU D 131 6.64 6.77 -10.44
C GLU D 131 7.61 6.42 -9.33
N THR D 132 7.35 6.88 -8.10
CA THR D 132 8.14 6.43 -6.97
C THR D 132 7.74 5.04 -6.52
N ALA D 133 6.44 4.76 -6.50
CA ALA D 133 5.96 3.45 -6.16
C ALA D 133 6.40 2.40 -7.15
N GLU D 134 6.63 2.79 -8.40
CA GLU D 134 6.88 1.75 -9.38
C GLU D 134 8.29 1.26 -9.33
N GLU D 135 9.22 2.05 -8.80
CA GLU D 135 10.59 1.59 -8.82
C GLU D 135 10.86 0.69 -7.64
N TYR D 136 10.05 0.77 -6.61
CA TYR D 136 10.28 -0.10 -5.48
C TYR D 136 9.46 -1.36 -5.61
N VAL D 137 8.20 -1.24 -6.00
CA VAL D 137 7.38 -2.42 -5.87
C VAL D 137 6.85 -2.89 -7.22
N GLY D 138 7.30 -2.31 -8.31
CA GLY D 138 6.64 -2.51 -9.59
C GLY D 138 6.91 -3.86 -10.23
N LEU D 139 7.97 -4.54 -9.82
CA LEU D 139 8.32 -5.82 -10.40
C LEU D 139 7.80 -6.99 -9.60
N HIS D 140 6.95 -6.75 -8.63
CA HIS D 140 6.38 -7.80 -7.78
C HIS D 140 5.56 -8.71 -8.65
N PHE D 141 5.51 -9.99 -8.30
CA PHE D 141 4.78 -10.96 -9.10
C PHE D 141 3.29 -10.70 -9.05
N PHE D 142 2.81 -10.13 -7.95
CA PHE D 142 1.41 -9.81 -7.79
C PHE D 142 1.14 -8.34 -7.96
N SER D 143 2.03 -7.63 -8.61
CA SER D 143 1.89 -6.21 -8.73
C SER D 143 0.99 -5.79 -9.81
N GLY D 144 0.12 -6.63 -10.33
CA GLY D 144 -0.80 -6.19 -11.35
C GLY D 144 -1.77 -5.14 -10.88
N GLU D 145 -2.15 -5.19 -9.61
CA GLU D 145 -3.15 -4.26 -9.09
C GLU D 145 -2.63 -2.84 -9.02
N PHE D 146 -1.34 -2.68 -8.75
CA PHE D 146 -0.69 -1.39 -8.87
C PHE D 146 -0.79 -0.83 -10.28
N TRP D 147 -0.53 -1.67 -11.28
CA TRP D 147 -0.50 -1.15 -12.64
C TRP D 147 -1.90 -0.84 -13.13
N ASP D 148 -2.91 -1.55 -12.64
CA ASP D 148 -4.29 -1.10 -12.86
C ASP D 148 -4.56 0.27 -12.29
N LEU D 149 -4.11 0.55 -11.06
CA LEU D 149 -4.25 1.90 -10.50
C LEU D 149 -3.57 2.94 -11.36
N TYR D 150 -2.36 2.65 -11.83
CA TYR D 150 -1.64 3.64 -12.62
C TYR D 150 -2.28 3.86 -13.97
N LEU D 151 -2.83 2.81 -14.56
CA LEU D 151 -3.42 2.98 -15.87
C LEU D 151 -4.77 3.65 -15.80
N GLU D 152 -5.55 3.44 -14.73
CA GLU D 152 -6.83 4.14 -14.69
C GLU D 152 -6.62 5.61 -14.37
N GLN D 153 -5.58 5.96 -13.64
CA GLN D 153 -5.31 7.38 -13.43
C GLN D 153 -4.83 8.04 -14.70
N ILE D 154 -4.04 7.34 -15.49
CA ILE D 154 -3.59 7.89 -16.77
C ILE D 154 -4.75 8.05 -17.72
N SER D 155 -5.65 7.08 -17.77
CA SER D 155 -6.69 7.14 -18.76
C SER D 155 -7.79 8.11 -18.38
N SER D 156 -7.90 8.46 -17.10
CA SER D 156 -8.85 9.53 -16.77
C SER D 156 -8.21 10.91 -16.93
N ARG D 157 -6.99 11.08 -16.45
CA ARG D 157 -6.46 12.43 -16.33
C ARG D 157 -5.83 12.94 -17.62
N CYS D 158 -5.09 12.11 -18.34
CA CYS D 158 -4.27 12.60 -19.43
C CYS D 158 -5.14 12.82 -20.65
N THR D 159 -4.85 13.89 -21.40
CA THR D 159 -5.66 14.16 -22.57
C THR D 159 -5.01 13.60 -23.82
N SER D 160 -3.73 13.25 -23.74
CA SER D 160 -2.95 13.07 -24.95
C SER D 160 -2.95 11.63 -25.43
N SER D 161 -3.06 10.68 -24.51
CA SER D 161 -3.04 9.23 -24.68
C SER D 161 -1.72 8.65 -25.18
N LYS D 162 -0.61 9.39 -25.17
CA LYS D 162 0.66 8.74 -25.44
C LYS D 162 1.21 8.09 -24.17
N LYS D 163 0.78 8.58 -23.00
CA LYS D 163 1.33 8.09 -21.76
C LYS D 163 0.81 6.70 -21.45
N TYR D 164 -0.39 6.39 -21.93
CA TYR D 164 -0.95 5.07 -21.76
C TYR D 164 -0.19 4.02 -22.53
N TRP D 165 0.20 4.34 -23.77
CA TRP D 165 1.03 3.43 -24.55
C TRP D 165 2.40 3.29 -23.93
N ASN D 166 2.93 4.37 -23.40
CA ASN D 166 4.27 4.29 -22.89
C ASN D 166 4.33 3.56 -21.56
N VAL D 167 3.26 3.56 -20.80
CA VAL D 167 3.25 2.75 -19.59
C VAL D 167 2.95 1.31 -19.92
N LEU D 168 2.02 1.07 -20.84
CA LEU D 168 1.58 -0.29 -21.11
C LEU D 168 2.64 -1.07 -21.87
N ARG D 169 3.48 -0.40 -22.64
CA ARG D 169 4.60 -1.10 -23.27
C ARG D 169 5.61 -1.58 -22.24
N LYS D 170 5.80 -0.85 -21.15
CA LYS D 170 6.67 -1.36 -20.09
C LYS D 170 6.03 -2.52 -19.37
N ILE D 171 4.73 -2.42 -19.07
CA ILE D 171 4.01 -3.48 -18.37
C ILE D 171 4.04 -4.79 -19.15
N LEU D 172 4.20 -4.70 -20.46
CA LEU D 172 4.16 -5.89 -21.34
C LEU D 172 5.38 -6.80 -21.11
N GLU D 173 6.42 -6.34 -20.41
CA GLU D 173 7.63 -7.14 -20.30
C GLU D 173 7.83 -7.71 -18.91
N ILE D 174 7.12 -7.18 -17.94
CA ILE D 174 7.17 -7.64 -16.56
C ILE D 174 6.47 -8.99 -16.47
N PRO D 175 7.10 -10.00 -15.91
CA PRO D 175 6.43 -11.28 -15.69
C PRO D 175 5.50 -11.31 -14.48
N LEU D 176 4.36 -10.63 -14.63
CA LEU D 176 3.31 -10.53 -13.58
C LEU D 176 2.45 -11.79 -13.58
N HIS D 177 1.74 -12.03 -12.47
CA HIS D 177 0.80 -13.17 -12.34
C HIS D 177 -0.35 -12.96 -13.32
N SER D 178 -0.78 -11.71 -13.49
CA SER D 178 -1.93 -11.33 -14.37
C SER D 178 -1.39 -10.61 -15.62
N PHE D 179 -0.32 -11.15 -16.20
CA PHE D 179 0.34 -10.56 -17.40
C PHE D 179 -0.60 -10.54 -18.61
N SER D 180 -1.46 -11.56 -18.77
CA SER D 180 -2.31 -11.67 -19.98
C SER D 180 -3.25 -10.47 -20.09
N LYS D 181 -3.83 -10.04 -18.98
CA LYS D 181 -4.76 -8.93 -19.03
C LYS D 181 -4.17 -7.73 -19.75
N PHE D 182 -2.90 -7.42 -19.52
CA PHE D 182 -2.33 -6.26 -20.19
C PHE D 182 -1.95 -6.59 -21.62
N TYR D 183 -1.74 -7.87 -21.93
CA TYR D 183 -1.65 -8.24 -23.34
C TYR D 183 -3.00 -8.10 -24.03
N ALA D 184 -4.09 -8.37 -23.34
CA ALA D 184 -5.39 -8.20 -23.97
C ALA D 184 -5.74 -6.74 -24.14
N LEU D 185 -5.32 -5.89 -23.22
CA LEU D 185 -5.50 -4.44 -23.40
C LEU D 185 -4.69 -3.91 -24.57
N TRP D 186 -3.47 -4.37 -24.73
CA TRP D 186 -2.68 -3.96 -25.88
C TRP D 186 -3.25 -4.48 -27.18
N LEU D 187 -3.80 -5.69 -27.20
CA LEU D 187 -4.37 -6.23 -28.42
C LEU D 187 -5.64 -5.51 -28.83
N GLN D 188 -6.54 -5.26 -27.90
CA GLN D 188 -7.70 -4.42 -28.18
C GLN D 188 -7.31 -3.01 -28.57
N ARG D 189 -6.30 -2.46 -27.93
CA ARG D 189 -5.97 -1.07 -28.16
C ARG D 189 -5.15 -0.91 -29.45
N ILE D 190 -4.55 -2.00 -29.95
CA ILE D 190 -4.05 -2.04 -31.33
C ILE D 190 -5.18 -2.19 -32.30
N ASP D 191 -6.13 -3.05 -31.98
CA ASP D 191 -7.20 -3.39 -32.90
C ASP D 191 -8.09 -2.19 -33.20
N ASP D 192 -8.17 -1.23 -32.28
CA ASP D 192 -8.96 -0.03 -32.50
C ASP D 192 -8.19 1.09 -33.19
N ILE D 193 -6.97 0.86 -33.64
CA ILE D 193 -6.27 1.89 -34.38
C ILE D 193 -6.97 2.09 -35.72
N MET D 194 -7.24 3.33 -36.07
CA MET D 194 -8.04 3.60 -37.24
C MET D 194 -7.30 4.25 -38.39
N ASP D 195 -6.04 4.65 -38.24
CA ASP D 195 -5.22 5.04 -39.39
C ASP D 195 -3.73 4.95 -39.08
N LEU D 196 -2.93 5.32 -40.08
CA LEU D 196 -1.50 5.06 -40.06
C LEU D 196 -0.76 5.90 -39.05
N LYS D 197 -1.19 7.15 -38.85
CA LYS D 197 -0.46 8.05 -37.96
C LYS D 197 -0.51 7.58 -36.51
N GLN D 198 -1.58 6.87 -36.13
CA GLN D 198 -1.71 6.28 -34.80
C GLN D 198 -0.60 5.30 -34.50
N LEU D 199 0.03 4.73 -35.54
CA LEU D 199 1.08 3.76 -35.28
C LEU D 199 2.31 4.42 -34.73
N SER D 200 2.46 5.73 -34.91
CA SER D 200 3.55 6.39 -34.21
C SER D 200 3.30 6.50 -32.72
N GLN D 201 2.09 6.22 -32.26
CA GLN D 201 1.85 6.05 -30.83
C GLN D 201 2.60 4.85 -30.29
N LEU D 202 2.71 3.79 -31.09
CA LEU D 202 3.18 2.49 -30.60
C LEU D 202 4.66 2.50 -30.33
N THR D 203 5.44 2.92 -31.32
CA THR D 203 6.89 3.03 -31.29
C THR D 203 7.27 4.27 -32.06
N SER D 204 8.50 4.30 -32.55
CA SER D 204 8.96 5.43 -33.34
C SER D 204 8.73 5.23 -34.83
N LYS D 205 8.94 6.29 -35.60
CA LYS D 205 8.75 6.20 -37.04
C LYS D 205 9.84 5.38 -37.71
N ASP D 206 11.09 5.63 -37.31
CA ASP D 206 12.22 4.98 -37.94
C ASP D 206 12.26 3.50 -37.64
N GLU D 207 11.86 3.11 -36.43
CA GLU D 207 11.82 1.69 -36.11
C GLU D 207 10.77 0.97 -36.92
N LEU D 208 9.64 1.61 -37.20
CA LEU D 208 8.63 0.97 -38.05
C LEU D 208 9.15 0.77 -39.46
N LEU D 209 9.75 1.81 -40.04
CA LEU D 209 10.25 1.70 -41.42
C LEU D 209 11.41 0.72 -41.51
N LYS D 210 12.33 0.77 -40.56
CA LYS D 210 13.52 -0.05 -40.69
C LYS D 210 13.25 -1.49 -40.27
N LYS D 211 12.65 -1.69 -39.12
CA LYS D 211 12.47 -3.06 -38.66
C LYS D 211 11.28 -3.74 -39.32
N LEU D 212 10.12 -3.10 -39.36
CA LEU D 212 8.93 -3.82 -39.78
C LEU D 212 8.51 -3.51 -41.21
N LYS D 213 9.18 -2.57 -41.87
CA LYS D 213 8.84 -2.10 -43.21
C LYS D 213 7.41 -1.60 -43.29
N ILE D 214 7.10 -0.61 -42.46
CA ILE D 214 5.87 0.15 -42.55
C ILE D 214 6.25 1.61 -42.72
N ASP D 215 5.69 2.26 -43.71
CA ASP D 215 5.88 3.69 -43.90
C ASP D 215 4.62 4.38 -43.45
N ILE D 216 4.74 5.29 -42.48
CA ILE D 216 3.56 5.99 -42.01
C ILE D 216 3.14 7.06 -43.01
N ASN D 217 4.12 7.66 -43.68
CA ASN D 217 3.87 8.67 -44.69
C ASN D 217 3.45 8.09 -46.03
N TYR D 218 3.18 6.79 -46.08
CA TYR D 218 2.60 6.15 -47.25
C TYR D 218 1.33 6.85 -47.66
N SER D 219 1.36 7.43 -48.85
CA SER D 219 0.21 8.05 -49.44
C SER D 219 -0.21 7.17 -50.61
N GLY D 220 -1.48 6.86 -50.66
CA GLY D 220 -1.98 5.83 -51.55
C GLY D 220 -3.30 5.35 -51.00
N ARG D 221 -3.69 4.16 -51.41
CA ARG D 221 -4.80 3.53 -50.74
C ARG D 221 -4.29 2.98 -49.43
N LYS D 222 -4.89 3.41 -48.33
CA LYS D 222 -4.32 3.14 -47.03
C LYS D 222 -5.06 2.08 -46.24
N GLY D 223 -6.09 1.49 -46.78
CA GLY D 223 -6.83 0.46 -46.09
C GLY D 223 -6.05 -0.83 -45.89
N PRO D 224 -5.75 -1.53 -46.99
CA PRO D 224 -4.98 -2.78 -46.86
C PRO D 224 -3.57 -2.61 -46.35
N TYR D 225 -2.96 -1.45 -46.56
CA TYR D 225 -1.67 -1.19 -45.97
C TYR D 225 -1.76 -1.15 -44.46
N LEU D 226 -2.87 -0.62 -43.95
CA LEU D 226 -3.07 -0.62 -42.51
C LEU D 226 -3.35 -2.01 -41.99
N GLN D 227 -4.13 -2.80 -42.71
CA GLN D 227 -4.39 -4.16 -42.25
C GLN D 227 -3.10 -4.99 -42.23
N ASP D 228 -2.21 -4.74 -43.18
CA ASP D 228 -0.92 -5.41 -43.17
C ASP D 228 -0.09 -4.95 -41.97
N ALA D 229 -0.15 -3.66 -41.66
CA ALA D 229 0.59 -3.16 -40.51
C ALA D 229 0.10 -3.74 -39.21
N LYS D 230 -1.21 -3.87 -39.06
CA LYS D 230 -1.73 -4.42 -37.84
C LYS D 230 -1.41 -5.89 -37.72
N LYS D 231 -1.38 -6.61 -38.84
CA LYS D 231 -0.94 -7.99 -38.79
C LYS D 231 0.52 -8.12 -38.36
N LYS D 232 1.38 -7.21 -38.80
CA LYS D 232 2.78 -7.28 -38.40
C LYS D 232 3.00 -6.95 -36.93
N LEU D 233 2.30 -5.94 -36.42
CA LEU D 233 2.45 -5.61 -35.01
C LEU D 233 1.79 -6.64 -34.10
N LYS D 234 0.75 -7.31 -34.58
CA LYS D 234 0.20 -8.39 -33.79
C LYS D 234 1.15 -9.58 -33.75
N LYS D 235 1.96 -9.77 -34.79
CA LYS D 235 2.96 -10.83 -34.72
C LYS D 235 4.09 -10.49 -33.75
N ILE D 236 4.58 -9.26 -33.76
CA ILE D 236 5.67 -8.92 -32.86
C ILE D 236 5.21 -8.96 -31.40
N THR D 237 3.93 -8.65 -31.14
CA THR D 237 3.39 -8.85 -29.81
C THR D 237 3.29 -10.32 -29.46
N LYS D 238 3.01 -11.18 -30.44
CA LYS D 238 2.91 -12.61 -30.14
C LYS D 238 4.22 -13.17 -29.66
N GLU D 239 5.32 -12.73 -30.25
CA GLU D 239 6.62 -13.23 -29.79
C GLU D 239 6.97 -12.70 -28.40
N MET D 240 6.64 -11.44 -28.12
CA MET D 240 6.90 -10.92 -26.79
C MET D 240 6.03 -11.59 -25.71
N TYR D 241 4.78 -11.92 -26.04
CA TYR D 241 3.93 -12.69 -25.15
C TYR D 241 4.50 -14.05 -24.90
N MET D 242 5.09 -14.65 -25.90
CA MET D 242 5.59 -16.01 -25.78
C MET D 242 6.77 -16.07 -24.81
N VAL D 243 7.65 -15.08 -24.88
CA VAL D 243 8.72 -14.91 -23.90
C VAL D 243 8.19 -14.76 -22.48
N VAL D 244 7.25 -13.83 -22.28
CA VAL D 244 6.78 -13.54 -20.93
C VAL D 244 5.96 -14.69 -20.37
N GLN D 245 5.24 -15.40 -21.20
CA GLN D 245 4.51 -16.57 -20.75
C GLN D 245 5.45 -17.64 -20.26
N TYR D 246 6.59 -17.81 -20.92
CA TYR D 246 7.56 -18.78 -20.42
C TYR D 246 8.09 -18.37 -19.05
N GLN D 247 8.43 -17.09 -18.88
CA GLN D 247 8.91 -16.59 -17.58
C GLN D 247 7.91 -16.84 -16.47
N VAL D 248 6.69 -16.35 -16.67
CA VAL D 248 5.61 -16.45 -15.65
C VAL D 248 5.22 -17.89 -15.36
N LEU D 249 5.23 -18.78 -16.35
CA LEU D 249 4.75 -20.12 -16.08
C LEU D 249 5.84 -20.92 -15.39
N GLU D 250 7.09 -20.54 -15.61
CA GLU D 250 8.21 -21.14 -14.91
C GLU D 250 8.23 -20.73 -13.44
N ILE D 251 8.11 -19.42 -13.18
CA ILE D 251 8.08 -18.90 -11.80
C ILE D 251 6.91 -19.45 -11.03
N TYR D 252 5.74 -19.52 -11.63
CA TYR D 252 4.61 -20.08 -10.92
C TYR D 252 4.81 -21.55 -10.63
N SER D 253 5.20 -22.35 -11.63
CA SER D 253 5.19 -23.80 -11.47
C SER D 253 6.24 -24.27 -10.48
N ILE D 254 7.40 -23.62 -10.44
CA ILE D 254 8.38 -24.10 -9.47
C ILE D 254 8.14 -23.47 -8.11
N PHE D 255 8.03 -22.15 -8.04
CA PHE D 255 8.16 -21.43 -6.78
C PHE D 255 6.86 -20.93 -6.19
N GLU D 256 6.13 -20.10 -6.91
CA GLU D 256 5.02 -19.37 -6.31
C GLU D 256 3.81 -20.24 -6.07
N SER D 257 3.76 -21.42 -6.66
CA SER D 257 2.71 -22.37 -6.31
C SER D 257 2.90 -22.89 -4.91
N LYS D 258 4.12 -22.83 -4.41
CA LYS D 258 4.51 -23.52 -3.19
C LYS D 258 4.39 -22.64 -1.95
N ILE D 259 4.50 -21.32 -2.09
CA ILE D 259 4.41 -20.40 -0.96
C ILE D 259 2.95 -20.16 -0.61
N TYR D 260 2.56 -20.38 0.64
CA TYR D 260 1.17 -20.15 0.98
C TYR D 260 0.95 -18.90 1.81
N ILE D 261 1.91 -18.52 2.65
CA ILE D 261 1.78 -17.41 3.59
C ILE D 261 2.67 -16.28 3.10
N ASN D 262 2.08 -15.13 2.82
CA ASN D 262 2.78 -13.97 2.28
C ASN D 262 2.86 -12.80 3.24
N TYR D 263 2.39 -12.97 4.47
CA TYR D 263 2.30 -11.80 5.37
C TYR D 263 2.87 -12.13 6.75
N TYR D 264 3.33 -11.09 7.43
CA TYR D 264 3.86 -11.20 8.81
C TYR D 264 2.67 -11.52 9.72
N THR D 265 2.82 -12.48 10.64
CA THR D 265 1.70 -12.80 11.57
C THR D 265 2.06 -12.27 12.96
N SER D 266 2.91 -12.98 13.69
CA SER D 266 3.36 -12.53 15.02
C SER D 266 4.68 -13.23 15.37
N PRO D 267 5.52 -12.65 16.23
CA PRO D 267 6.77 -13.28 16.68
C PRO D 267 6.64 -14.65 17.24
N GLU D 268 5.44 -15.18 17.40
CA GLU D 268 5.27 -16.53 17.93
C GLU D 268 4.79 -17.49 16.89
N THR D 269 4.78 -17.13 15.62
CA THR D 269 4.27 -18.08 14.66
C THR D 269 5.41 -18.81 13.97
N LEU D 270 5.12 -20.03 13.55
CA LEU D 270 6.10 -20.92 12.97
C LEU D 270 5.78 -21.05 11.49
N VAL D 271 6.78 -21.36 10.69
CA VAL D 271 6.56 -21.59 9.28
C VAL D 271 6.92 -23.02 8.94
N SER D 272 6.17 -23.61 8.02
CA SER D 272 6.39 -24.98 7.61
C SER D 272 7.73 -25.09 6.94
N SER D 273 8.32 -26.29 6.96
CA SER D 273 9.66 -26.44 6.42
C SER D 273 9.67 -26.29 4.91
N ASP D 274 8.56 -26.65 4.28
CA ASP D 274 8.39 -26.54 2.84
C ASP D 274 8.54 -25.10 2.38
N GLU D 275 7.95 -24.18 3.10
CA GLU D 275 8.03 -22.79 2.69
C GLU D 275 9.39 -22.20 2.97
N ILE D 276 10.10 -22.71 3.97
CA ILE D 276 11.47 -22.25 4.17
C ILE D 276 12.34 -22.69 3.02
N GLU D 277 12.11 -23.91 2.54
CA GLU D 277 12.91 -24.44 1.45
C GLU D 277 12.62 -23.72 0.14
N THR D 278 11.35 -23.44 -0.14
CA THR D 278 11.07 -22.78 -1.41
C THR D 278 11.38 -21.30 -1.36
N TRP D 279 11.39 -20.67 -0.18
CA TRP D 279 11.87 -19.30 -0.14
C TRP D 279 13.36 -19.24 -0.38
N ILE D 280 14.12 -20.17 0.18
CA ILE D 280 15.57 -20.19 -0.09
C ILE D 280 15.87 -20.44 -1.56
N LYS D 281 15.15 -21.36 -2.18
CA LYS D 281 15.39 -21.63 -3.60
C LYS D 281 14.91 -20.49 -4.48
N TYR D 282 13.84 -19.80 -4.07
CA TYR D 282 13.31 -18.75 -4.90
C TYR D 282 14.17 -17.52 -4.81
N LEU D 283 14.81 -17.32 -3.67
CA LEU D 283 15.80 -16.25 -3.61
C LEU D 283 17.02 -16.59 -4.43
N ASP D 284 17.43 -17.84 -4.47
CA ASP D 284 18.57 -18.20 -5.31
C ASP D 284 18.30 -17.97 -6.78
N TYR D 285 17.10 -18.33 -7.24
CA TYR D 285 16.65 -18.03 -8.61
C TYR D 285 16.69 -16.54 -8.90
N THR D 286 16.14 -15.73 -8.00
CA THR D 286 16.11 -14.29 -8.20
C THR D 286 17.49 -13.68 -8.29
N ILE D 287 18.41 -14.12 -7.43
CA ILE D 287 19.79 -13.63 -7.44
C ILE D 287 20.46 -13.98 -8.75
N THR D 288 20.12 -15.13 -9.33
CA THR D 288 20.67 -15.49 -10.63
C THR D 288 20.23 -14.53 -11.73
N LEU D 289 18.93 -14.18 -11.76
CA LEU D 289 18.38 -13.33 -12.81
C LEU D 289 19.01 -11.95 -12.92
N GLN D 290 19.61 -11.45 -11.84
CA GLN D 290 20.35 -10.18 -11.80
C GLN D 290 19.52 -8.98 -12.16
N THR D 291 18.42 -8.81 -11.48
CA THR D 291 17.63 -7.60 -11.51
C THR D 291 17.60 -7.09 -10.09
N ASP D 292 18.30 -5.98 -9.82
CA ASP D 292 18.59 -5.64 -8.43
C ASP D 292 17.37 -5.12 -7.69
N SER D 293 16.53 -4.36 -8.38
CA SER D 293 15.23 -3.99 -7.85
C SER D 293 14.44 -5.23 -7.45
N LEU D 294 14.53 -6.28 -8.25
CA LEU D 294 13.73 -7.44 -7.98
C LEU D 294 14.37 -8.32 -6.92
N THR D 295 15.70 -8.27 -6.76
CA THR D 295 16.29 -9.05 -5.68
C THR D 295 16.03 -8.41 -4.33
N HIS D 296 16.19 -7.08 -4.24
CA HIS D 296 15.81 -6.38 -3.03
C HIS D 296 14.35 -6.55 -2.70
N LEU D 297 13.48 -6.48 -3.71
CA LEU D 297 12.07 -6.68 -3.48
C LEU D 297 11.80 -8.09 -3.02
N ASN D 298 12.55 -9.07 -3.50
CA ASN D 298 12.21 -10.43 -3.11
C ASN D 298 12.76 -10.78 -1.75
N PHE D 299 13.83 -10.13 -1.31
CA PHE D 299 14.23 -10.35 0.06
C PHE D 299 13.29 -9.70 1.02
N GLN D 300 12.85 -8.49 0.72
CA GLN D 300 11.85 -7.85 1.56
C GLN D 300 10.53 -8.58 1.52
N ARG D 301 10.20 -9.17 0.40
CA ARG D 301 8.98 -9.93 0.28
C ARG D 301 9.10 -11.26 1.00
N ALA D 302 10.32 -11.73 1.21
CA ALA D 302 10.56 -13.00 1.92
C ALA D 302 10.69 -12.82 3.41
N LEU D 303 11.03 -11.61 3.85
CA LEU D 303 11.13 -11.40 5.30
C LEU D 303 9.78 -11.35 5.97
N LEU D 304 8.71 -11.27 5.21
CA LEU D 304 7.41 -11.17 5.86
C LEU D 304 7.00 -12.44 6.60
N PRO D 305 7.06 -13.66 6.05
CA PRO D 305 6.65 -14.80 6.88
C PRO D 305 7.68 -15.17 7.91
N LEU D 306 8.92 -14.87 7.65
CA LEU D 306 10.02 -15.33 8.48
C LEU D 306 11.02 -14.21 8.72
N ALA D 307 10.52 -13.10 9.25
CA ALA D 307 11.37 -12.07 9.82
C ALA D 307 12.12 -12.56 11.02
N HIS D 308 11.45 -13.34 11.84
CA HIS D 308 12.01 -13.70 13.13
C HIS D 308 12.84 -14.93 13.09
N TYR D 309 13.24 -15.39 11.91
CA TYR D 309 14.04 -16.59 11.94
C TYR D 309 15.50 -16.30 12.09
N ASP D 310 16.06 -15.49 11.20
CA ASP D 310 17.46 -15.16 10.80
C ASP D 310 18.14 -15.83 9.63
N LEU D 311 17.55 -16.78 8.93
CA LEU D 311 18.30 -17.33 7.80
C LEU D 311 18.29 -16.38 6.61
N VAL D 312 17.27 -15.53 6.51
CA VAL D 312 17.21 -14.60 5.40
C VAL D 312 17.91 -13.29 5.73
N TRP D 313 18.03 -12.96 7.01
CA TRP D 313 18.86 -11.81 7.37
C TRP D 313 20.32 -12.10 7.06
N ILE D 314 20.77 -13.31 7.39
CA ILE D 314 22.12 -13.76 7.01
C ILE D 314 22.27 -13.82 5.52
N LYS D 315 21.29 -14.38 4.82
CA LYS D 315 21.40 -14.62 3.40
C LYS D 315 21.40 -13.32 2.61
N TYR D 316 20.56 -12.37 3.00
CA TYR D 316 20.51 -11.08 2.36
C TYR D 316 21.78 -10.31 2.63
N SER D 317 22.34 -10.49 3.81
CA SER D 317 23.63 -9.88 4.08
C SER D 317 24.74 -10.47 3.23
N LYS D 318 24.74 -11.78 3.04
CA LYS D 318 25.76 -12.44 2.23
C LYS D 318 25.67 -12.03 0.77
N TRP D 319 24.45 -11.94 0.24
CA TRP D 319 24.25 -11.43 -1.12
C TRP D 319 24.82 -10.05 -1.28
N LEU D 320 24.63 -9.18 -0.30
CA LEU D 320 25.23 -7.86 -0.44
C LEU D 320 26.74 -7.90 -0.33
N ILE D 321 27.30 -8.82 0.46
CA ILE D 321 28.75 -8.88 0.62
C ILE D 321 29.42 -9.33 -0.66
N ASN D 322 29.06 -10.49 -1.17
CA ASN D 322 29.91 -11.09 -2.18
C ASN D 322 29.37 -10.94 -3.59
N SER D 323 28.07 -10.73 -3.77
CA SER D 323 27.54 -10.55 -5.11
C SER D 323 27.43 -9.08 -5.51
N LYS D 324 27.19 -8.18 -4.57
CA LYS D 324 27.15 -6.76 -4.88
C LYS D 324 28.39 -5.99 -4.41
N ASN D 325 29.23 -6.60 -3.61
CA ASN D 325 30.44 -6.00 -3.03
C ASN D 325 30.13 -4.72 -2.25
N ASP D 326 29.41 -4.87 -1.14
CA ASP D 326 28.87 -3.77 -0.37
C ASP D 326 28.89 -4.16 1.10
N LEU D 327 29.80 -3.64 1.89
CA LEU D 327 29.82 -4.06 3.28
C LEU D 327 29.01 -3.16 4.19
N LEU D 328 28.88 -1.88 3.88
CA LEU D 328 28.02 -1.06 4.71
C LEU D 328 26.57 -1.46 4.53
N GLY D 329 26.21 -1.88 3.33
CA GLY D 329 24.91 -2.47 3.12
C GLY D 329 24.69 -3.70 3.96
N ALA D 330 25.69 -4.55 4.05
CA ALA D 330 25.53 -5.79 4.79
C ALA D 330 25.55 -5.58 6.28
N LYS D 331 26.28 -4.55 6.73
CA LYS D 331 26.21 -4.18 8.12
C LYS D 331 24.84 -3.69 8.47
N ASN D 332 24.21 -2.91 7.58
CA ASN D 332 22.88 -2.39 7.91
C ASN D 332 21.84 -3.49 7.89
N VAL D 333 22.02 -4.50 7.04
CA VAL D 333 21.09 -5.62 7.06
C VAL D 333 21.23 -6.43 8.33
N LEU D 334 22.46 -6.74 8.74
CA LEU D 334 22.63 -7.56 9.93
C LEU D 334 22.24 -6.79 11.18
N LEU D 335 22.50 -5.49 11.18
CA LEU D 335 22.19 -4.64 12.31
C LEU D 335 20.70 -4.52 12.48
N MET D 336 19.96 -4.44 11.38
CA MET D 336 18.51 -4.49 11.45
C MET D 336 18.02 -5.87 11.79
N GLY D 337 18.78 -6.90 11.47
CA GLY D 337 18.35 -8.23 11.80
C GLY D 337 18.45 -8.54 13.28
N LEU D 338 19.26 -7.77 14.01
CA LEU D 338 19.24 -7.88 15.46
C LEU D 338 17.89 -7.52 16.04
N LYS D 339 17.15 -6.63 15.39
CA LYS D 339 15.91 -6.17 15.97
C LYS D 339 14.84 -7.22 15.87
N PHE D 340 14.89 -8.01 14.82
CA PHE D 340 13.76 -8.86 14.50
C PHE D 340 13.93 -10.27 15.03
N SER D 341 15.09 -10.84 14.86
CA SER D 341 15.26 -12.27 15.00
C SER D 341 15.35 -12.66 16.46
N LEU D 342 14.97 -13.89 16.76
CA LEU D 342 14.95 -14.30 18.15
C LEU D 342 16.25 -14.94 18.55
N LYS D 343 16.98 -15.54 17.61
CA LYS D 343 18.18 -16.28 17.96
C LYS D 343 19.35 -15.36 18.24
N LYS D 344 19.73 -14.52 17.28
CA LYS D 344 20.72 -13.45 17.37
C LYS D 344 22.17 -13.89 17.53
N THR D 345 22.50 -15.15 17.77
CA THR D 345 23.91 -15.47 18.01
C THR D 345 24.70 -15.54 16.73
N GLU D 346 24.11 -16.11 15.67
CA GLU D 346 24.81 -16.19 14.41
C GLU D 346 24.89 -14.82 13.75
N ILE D 347 23.89 -13.97 13.98
CA ILE D 347 23.92 -12.62 13.44
C ILE D 347 24.99 -11.79 14.13
N ILE D 348 25.10 -11.90 15.44
CA ILE D 348 26.12 -11.14 16.16
C ILE D 348 27.50 -11.61 15.76
N LYS D 349 27.69 -12.90 15.57
CA LYS D 349 28.99 -13.40 15.10
C LYS D 349 29.37 -12.84 13.73
N LEU D 350 28.43 -12.91 12.80
CA LEU D 350 28.72 -12.42 11.46
C LEU D 350 28.81 -10.92 11.43
N LEU D 351 28.14 -10.23 12.34
CA LEU D 351 28.19 -8.78 12.34
C LEU D 351 29.48 -8.25 12.97
N TYR D 352 29.99 -8.93 14.00
CA TYR D 352 31.32 -8.65 14.52
C TYR D 352 32.35 -8.73 13.44
N SER D 353 32.29 -9.79 12.64
CA SER D 353 33.30 -9.95 11.61
C SER D 353 33.12 -8.98 10.45
N VAL D 354 31.89 -8.60 10.12
CA VAL D 354 31.67 -7.58 9.10
C VAL D 354 32.22 -6.24 9.57
N ILE D 355 32.04 -5.91 10.84
CA ILE D 355 32.56 -4.64 11.36
C ILE D 355 34.07 -4.64 11.39
N CYS D 356 34.68 -5.75 11.83
CA CYS D 356 36.13 -5.88 11.82
C CYS D 356 36.71 -5.72 10.42
N LYS D 357 36.02 -6.21 9.41
CA LYS D 357 36.47 -5.95 8.05
C LYS D 357 36.29 -4.49 7.65
N LEU D 358 35.27 -3.83 8.14
CA LEU D 358 35.01 -2.43 7.82
C LEU D 358 35.84 -1.45 8.61
N ASN D 359 36.78 -1.93 9.42
CA ASN D 359 37.74 -1.11 10.16
C ASN D 359 37.06 -0.10 11.06
N GLU D 360 36.02 -0.53 11.74
CA GLU D 360 35.28 0.35 12.62
C GLU D 360 35.30 -0.25 14.00
N TYR D 361 36.40 -0.05 14.71
CA TYR D 361 36.60 -0.85 15.89
C TYR D 361 35.92 -0.25 17.10
N VAL D 362 35.60 1.03 17.05
CA VAL D 362 34.93 1.68 18.17
C VAL D 362 33.49 1.20 18.26
N LEU D 363 32.87 0.94 17.12
CA LEU D 363 31.55 0.34 17.14
C LEU D 363 31.60 -1.06 17.69
N LEU D 364 32.69 -1.77 17.44
CA LEU D 364 32.86 -3.10 18.01
C LEU D 364 33.01 -3.02 19.53
N ARG D 365 33.73 -2.02 20.01
CA ARG D 365 33.83 -1.78 21.44
C ARG D 365 32.47 -1.45 22.05
N ASN D 366 31.63 -0.74 21.31
CA ASN D 366 30.32 -0.40 21.87
C ASN D 366 29.40 -1.60 21.87
N LEU D 367 29.52 -2.49 20.89
CA LEU D 367 28.67 -3.67 20.91
C LEU D 367 29.13 -4.65 21.96
N LEU D 368 30.43 -4.74 22.19
CA LEU D 368 30.91 -5.57 23.28
C LEU D 368 30.52 -5.00 24.63
N GLU D 369 30.52 -3.67 24.77
CA GLU D 369 30.07 -3.07 26.02
C GLU D 369 28.57 -3.26 26.22
N LYS D 370 27.78 -3.28 25.16
CA LYS D 370 26.36 -3.51 25.35
C LYS D 370 26.06 -4.96 25.64
N ILE D 371 26.90 -5.88 25.19
CA ILE D 371 26.63 -7.27 25.50
C ILE D 371 27.10 -7.60 26.90
N GLU D 372 28.15 -6.94 27.37
CA GLU D 372 28.49 -7.16 28.77
C GLU D 372 27.54 -6.41 29.68
N SER D 373 26.98 -5.29 29.21
CA SER D 373 26.00 -4.58 30.01
C SER D 373 24.65 -5.25 30.02
N SER D 374 24.34 -6.00 28.97
CA SER D 374 23.05 -6.67 28.93
C SER D 374 22.95 -7.82 29.90
N TYR D 375 24.09 -8.39 30.30
CA TYR D 375 24.16 -9.45 31.28
C TYR D 375 24.67 -8.95 32.62
N SER D 376 24.61 -7.64 32.85
CA SER D 376 24.96 -6.97 34.09
C SER D 376 26.42 -7.12 34.44
N ASP D 377 27.29 -6.83 33.47
CA ASP D 377 28.75 -6.90 33.61
C ASP D 377 29.23 -8.28 34.04
N ASN D 378 28.47 -9.30 33.66
CA ASN D 378 28.57 -10.66 34.15
C ASN D 378 28.31 -11.64 33.02
N VAL D 379 29.02 -11.48 31.91
CA VAL D 379 28.88 -12.42 30.80
C VAL D 379 29.53 -13.76 31.11
N GLU D 380 30.37 -13.82 32.15
CA GLU D 380 31.04 -15.07 32.50
C GLU D 380 30.06 -16.13 32.93
N ASN D 381 28.88 -15.73 33.38
CA ASN D 381 27.94 -16.64 33.97
C ASN D 381 26.79 -17.00 33.03
N VAL D 382 26.91 -16.76 31.73
CA VAL D 382 25.78 -16.99 30.85
C VAL D 382 25.63 -18.49 30.59
N ASP D 383 24.38 -18.96 30.58
CA ASP D 383 24.09 -20.36 30.35
C ASP D 383 24.47 -20.78 28.94
N ASP D 384 24.19 -19.95 27.93
CA ASP D 384 24.45 -20.29 26.54
C ASP D 384 25.86 -19.86 26.17
N PHE D 385 26.72 -20.83 25.89
CA PHE D 385 28.14 -20.58 25.80
C PHE D 385 28.53 -19.80 24.58
N GLU D 386 27.72 -19.83 23.53
CA GLU D 386 28.11 -19.23 22.27
C GLU D 386 28.19 -17.71 22.37
N ILE D 387 27.33 -17.11 23.21
CA ILE D 387 27.42 -15.68 23.51
C ILE D 387 28.76 -15.33 24.15
N PHE D 388 29.12 -16.07 25.19
CA PHE D 388 30.35 -15.78 25.93
C PHE D 388 31.56 -16.00 25.06
N TRP D 389 31.54 -17.01 24.22
CA TRP D 389 32.76 -17.34 23.51
C TRP D 389 33.00 -16.39 22.35
N ASP D 390 31.94 -15.96 21.66
CA ASP D 390 32.11 -14.97 20.60
C ASP D 390 32.49 -13.60 21.14
N TYR D 391 31.81 -13.18 22.22
CA TYR D 391 32.20 -12.01 22.99
C TYR D 391 33.67 -12.03 23.33
N LEU D 392 34.14 -13.16 23.85
CA LEU D 392 35.48 -13.21 24.41
C LEU D 392 36.54 -13.19 23.32
N GLN D 393 36.27 -13.81 22.17
CA GLN D 393 37.23 -13.75 21.07
C GLN D 393 37.38 -12.32 20.57
N PHE D 394 36.28 -11.61 20.31
CA PHE D 394 36.46 -10.27 19.74
C PHE D 394 36.92 -9.27 20.78
N LYS D 395 36.54 -9.46 22.05
CA LYS D 395 37.06 -8.63 23.12
C LYS D 395 38.55 -8.85 23.29
N THR D 396 39.04 -10.07 23.03
CA THR D 396 40.46 -10.34 23.09
C THR D 396 41.21 -9.69 21.94
N PHE D 397 40.62 -9.66 20.76
CA PHE D 397 41.25 -8.95 19.63
C PHE D 397 41.40 -7.47 19.95
N CYS D 398 40.34 -6.85 20.49
CA CYS D 398 40.42 -5.45 20.88
C CYS D 398 41.44 -5.24 21.99
N GLN D 399 41.55 -6.20 22.89
CA GLN D 399 42.39 -6.04 24.06
C GLN D 399 43.86 -6.22 23.73
N ASN D 400 44.21 -7.14 22.82
CA ASN D 400 45.59 -7.25 22.39
C ASN D 400 45.99 -6.02 21.62
N SER D 401 45.06 -5.44 20.87
CA SER D 401 45.42 -4.27 20.09
C SER D 401 45.49 -3.02 20.95
N LEU D 402 44.88 -3.06 22.12
CA LEU D 402 44.72 -1.86 22.92
C LEU D 402 45.82 -1.74 23.95
N TYR D 403 46.24 -2.86 24.53
CA TYR D 403 47.30 -2.89 25.54
C TYR D 403 48.48 -3.68 25.01
N SER D 404 49.67 -3.11 25.07
CA SER D 404 50.85 -3.79 24.53
C SER D 404 51.22 -4.98 25.40
N SER D 405 52.03 -5.87 24.84
CA SER D 405 52.21 -7.19 25.43
C SER D 405 53.12 -7.14 26.63
N ARG D 406 52.98 -8.14 27.50
CA ARG D 406 53.77 -8.26 28.71
C ARG D 406 54.83 -9.35 28.60
N TYR D 407 54.80 -10.13 27.54
CA TYR D 407 55.63 -11.30 27.42
C TYR D 407 56.60 -11.13 26.26
N SER D 408 57.52 -12.07 26.14
CA SER D 408 58.65 -11.91 25.24
C SER D 408 58.29 -12.27 23.81
N ASP D 409 59.09 -11.76 22.87
CA ASP D 409 58.93 -11.94 21.42
C ASP D 409 57.60 -11.39 20.88
N SER D 410 57.12 -10.30 21.50
CA SER D 410 55.88 -9.60 21.10
C SER D 410 54.69 -10.54 21.07
N GLN D 411 54.69 -11.49 21.99
CA GLN D 411 53.69 -12.53 22.04
C GLN D 411 52.48 -11.92 22.72
N SER D 412 51.46 -11.63 21.93
CA SER D 412 50.30 -10.90 22.43
C SER D 412 49.54 -11.77 23.40
N ASN D 413 49.32 -11.27 24.60
CA ASN D 413 48.73 -12.08 25.66
C ASN D 413 47.23 -12.10 25.50
N GLY D 414 46.71 -13.21 25.01
CA GLY D 414 45.32 -13.16 24.69
C GLY D 414 44.45 -13.32 25.89
N LEU D 415 44.37 -14.51 26.45
CA LEU D 415 43.47 -14.70 27.57
C LEU D 415 44.20 -14.47 28.86
N LEU D 416 45.46 -14.07 28.78
CA LEU D 416 46.29 -13.91 29.97
C LEU D 416 46.36 -12.44 30.34
N ASN D 417 45.21 -11.79 30.28
CA ASN D 417 45.15 -10.40 30.66
C ASN D 417 44.19 -10.33 31.83
N LYS D 418 44.51 -9.45 32.77
CA LYS D 418 43.88 -9.47 34.08
C LYS D 418 42.39 -9.19 34.00
N GLU D 419 41.96 -8.46 32.97
CA GLU D 419 40.53 -8.25 32.75
C GLU D 419 39.86 -9.51 32.22
N LEU D 420 40.53 -10.21 31.28
CA LEU D 420 39.90 -11.35 30.62
C LEU D 420 40.15 -12.64 31.38
N PHE D 421 41.31 -12.76 32.00
CA PHE D 421 41.65 -13.99 32.70
C PHE D 421 40.79 -14.18 33.93
N ASP D 422 40.29 -13.08 34.50
CA ASP D 422 39.38 -13.18 35.62
C ASP D 422 38.01 -13.71 35.19
N LYS D 423 37.55 -13.35 33.99
CA LYS D 423 36.30 -13.91 33.46
C LYS D 423 36.47 -15.39 33.17
N VAL D 424 37.61 -15.77 32.62
CA VAL D 424 37.83 -17.17 32.27
C VAL D 424 37.94 -18.02 33.52
N TRP D 425 38.66 -17.54 34.54
CA TRP D 425 38.73 -18.27 35.80
C TRP D 425 37.39 -18.32 36.52
N LYS D 426 36.60 -17.26 36.40
CA LYS D 426 35.31 -17.26 37.08
C LYS D 426 34.33 -18.20 36.40
N ARG D 427 34.52 -18.47 35.11
CA ARG D 427 33.67 -19.50 34.51
C ARG D 427 34.22 -20.89 34.75
N LEU D 428 35.54 -21.03 34.84
CA LEU D 428 36.13 -22.33 35.15
C LEU D 428 35.79 -22.79 36.56
N SER D 429 35.52 -21.84 37.46
CA SER D 429 35.29 -22.20 38.86
C SER D 429 33.90 -22.76 39.12
N CYS D 430 33.04 -22.91 38.11
CA CYS D 430 31.69 -23.38 38.40
C CYS D 430 31.51 -24.87 38.11
N LYS D 431 32.37 -25.42 37.27
CA LYS D 431 32.81 -26.82 37.20
C LYS D 431 31.77 -27.76 36.60
N GLU D 432 30.48 -27.60 36.78
CA GLU D 432 29.60 -28.51 36.06
C GLU D 432 28.31 -27.81 35.72
N LYS D 433 28.04 -26.73 36.44
CA LYS D 433 26.87 -25.92 36.13
C LYS D 433 27.04 -25.25 34.79
N LYS D 434 28.24 -24.82 34.46
CA LYS D 434 28.45 -24.19 33.18
C LYS D 434 28.72 -25.22 32.10
N SER D 435 28.88 -24.75 30.86
CA SER D 435 28.77 -25.67 29.73
C SER D 435 30.08 -25.88 29.01
N GLY D 436 30.93 -24.87 28.95
CA GLY D 436 31.96 -24.91 27.95
C GLY D 436 33.36 -25.06 28.48
N GLN D 437 33.58 -26.00 29.38
CA GLN D 437 34.82 -26.00 30.14
C GLN D 437 36.02 -26.44 29.32
N GLU D 438 35.86 -27.48 28.51
CA GLU D 438 37.01 -28.06 27.82
C GLU D 438 37.46 -27.18 26.67
N ILE D 439 36.54 -26.47 26.03
CA ILE D 439 36.90 -25.52 24.98
C ILE D 439 37.73 -24.40 25.56
N LEU D 440 37.43 -24.02 26.78
CA LEU D 440 38.08 -22.89 27.39
C LEU D 440 39.49 -23.27 27.83
N LEU D 441 39.65 -24.47 28.42
CA LEU D 441 40.98 -25.00 28.71
C LEU D 441 41.79 -25.19 27.45
N ASN D 442 41.14 -25.68 26.41
CA ASN D 442 41.83 -26.12 25.23
C ASN D 442 42.30 -24.93 24.41
N ASN D 443 41.71 -23.78 24.65
CA ASN D 443 42.24 -22.55 24.07
C ASN D 443 43.24 -21.86 24.99
N LEU D 444 43.19 -22.14 26.28
CA LEU D 444 44.20 -21.60 27.17
C LEU D 444 45.54 -22.28 27.00
N VAL D 445 45.53 -23.52 26.53
CA VAL D 445 46.75 -24.25 26.26
C VAL D 445 47.65 -23.63 25.21
N GLN D 446 47.08 -22.91 24.26
CA GLN D 446 47.78 -22.60 23.03
C GLN D 446 48.77 -21.46 23.16
N PHE D 447 49.80 -21.55 24.00
CA PHE D 447 50.72 -20.43 24.07
C PHE D 447 52.16 -20.74 23.67
N TYR D 448 52.65 -21.95 23.94
CA TYR D 448 53.85 -22.52 23.30
C TYR D 448 55.16 -21.80 23.57
N SER D 449 55.20 -20.94 24.60
CA SER D 449 56.44 -20.19 24.93
C SER D 449 56.76 -20.35 26.41
N LYS D 450 58.04 -20.28 26.80
CA LYS D 450 58.42 -20.56 28.20
C LYS D 450 57.75 -19.61 29.20
N ASP D 451 57.73 -18.31 28.95
CA ASP D 451 57.07 -17.39 29.91
C ASP D 451 55.56 -17.64 29.94
N THR D 452 54.94 -17.79 28.77
CA THR D 452 53.48 -18.03 28.64
C THR D 452 53.12 -19.40 29.22
N VAL D 453 53.92 -20.43 28.94
CA VAL D 453 53.62 -21.81 29.44
C VAL D 453 53.71 -21.81 30.97
N GLU D 454 54.66 -21.05 31.53
CA GLU D 454 54.79 -21.07 32.98
C GLU D 454 53.60 -20.43 33.65
N PHE D 455 53.11 -19.31 33.10
CA PHE D 455 51.94 -18.64 33.65
C PHE D 455 50.71 -19.51 33.54
N VAL D 456 50.49 -20.14 32.38
CA VAL D 456 49.29 -20.94 32.21
C VAL D 456 49.36 -22.20 33.06
N GLU D 457 50.55 -22.76 33.23
CA GLU D 457 50.70 -23.93 34.07
C GLU D 457 50.43 -23.60 35.52
N LYS D 458 50.89 -22.44 35.98
CA LYS D 458 50.76 -22.11 37.39
C LYS D 458 49.34 -21.68 37.74
N ASN D 459 48.65 -21.00 36.82
CA ASN D 459 47.41 -20.36 37.23
C ASN D 459 46.17 -21.23 37.03
N ILE D 460 46.11 -22.07 36.01
CA ILE D 460 44.93 -22.91 35.80
C ILE D 460 45.23 -24.38 35.98
N PHE D 461 46.48 -24.78 35.82
CA PHE D 461 46.72 -26.20 35.97
C PHE D 461 47.11 -26.55 37.39
N GLN D 462 48.11 -25.86 37.97
CA GLN D 462 48.46 -26.10 39.36
C GLN D 462 47.32 -25.73 40.30
N LYS D 463 46.51 -24.75 39.95
CA LYS D 463 45.55 -24.25 40.92
C LYS D 463 44.34 -25.15 40.99
N ILE D 464 43.93 -25.70 39.86
CA ILE D 464 42.85 -26.69 39.88
C ILE D 464 43.39 -28.01 40.42
N ILE D 465 44.70 -28.22 40.36
CA ILE D 465 45.26 -29.33 41.14
C ILE D 465 45.05 -29.11 42.63
N GLU D 466 45.48 -27.96 43.14
CA GLU D 466 45.54 -27.82 44.59
C GLU D 466 44.16 -27.55 45.18
N PHE D 467 43.21 -27.12 44.37
CA PHE D 467 41.86 -27.00 44.93
C PHE D 467 41.17 -28.35 44.95
N GLY D 468 41.66 -29.30 44.17
CA GLY D 468 41.10 -30.64 44.23
C GLY D 468 39.69 -30.74 43.68
N TRP D 469 39.38 -29.93 42.68
CA TRP D 469 38.07 -30.00 42.02
C TRP D 469 37.95 -31.31 41.29
N GLU D 470 36.97 -32.12 41.68
CA GLU D 470 36.93 -33.49 41.20
C GLU D 470 36.47 -33.55 39.76
N TYR D 471 35.68 -32.56 39.32
CA TYR D 471 35.26 -32.49 37.93
C TYR D 471 36.45 -32.43 37.00
N TYR D 472 37.43 -31.62 37.32
CA TYR D 472 38.54 -31.48 36.42
C TYR D 472 39.52 -32.63 36.58
N LEU D 473 39.63 -33.18 37.77
CA LEU D 473 40.63 -34.21 37.98
C LEU D 473 40.20 -35.54 37.38
N GLN D 474 38.91 -35.83 37.40
CA GLN D 474 38.51 -37.11 36.82
C GLN D 474 38.43 -37.01 35.32
N ASN D 475 38.48 -35.81 34.78
CA ASN D 475 38.24 -35.60 33.35
C ASN D 475 39.53 -35.79 32.59
N GLY D 476 39.48 -36.58 31.53
CA GLY D 476 40.69 -36.89 30.82
C GLY D 476 41.22 -35.71 30.03
N MET D 477 40.32 -34.83 29.60
CA MET D 477 40.71 -33.73 28.74
C MET D 477 41.54 -32.71 29.49
N PHE D 478 41.35 -32.61 30.80
CA PHE D 478 42.19 -31.73 31.61
C PHE D 478 43.64 -32.17 31.58
N TRP D 479 43.89 -33.45 31.84
CA TRP D 479 45.24 -33.95 31.87
C TRP D 479 45.86 -33.94 30.48
N ASN D 480 45.04 -34.21 29.47
CA ASN D 480 45.53 -34.21 28.10
C ASN D 480 45.93 -32.81 27.67
N CYS D 481 45.14 -31.81 28.03
CA CYS D 481 45.50 -30.44 27.70
C CYS D 481 46.74 -30.00 28.47
N TYR D 482 46.95 -30.52 29.67
CA TYR D 482 48.12 -30.12 30.44
C TYR D 482 49.39 -30.74 29.87
N CYS D 483 49.32 -32.01 29.50
CA CYS D 483 50.43 -32.65 28.83
C CYS D 483 50.72 -32.01 27.49
N ARG D 484 49.69 -31.58 26.80
CA ARG D 484 49.88 -31.00 25.49
C ARG D 484 50.38 -29.57 25.60
N LEU D 485 50.10 -28.92 26.72
CA LEU D 485 50.71 -27.62 27.00
C LEU D 485 52.20 -27.75 27.16
N ILE D 486 52.64 -28.74 27.93
CA ILE D 486 54.05 -28.85 28.23
C ILE D 486 54.84 -29.41 27.05
N TYR D 487 54.24 -30.34 26.31
CA TYR D 487 55.00 -31.04 25.28
C TYR D 487 55.27 -30.16 24.07
N PHE D 488 54.43 -29.17 23.81
CA PHE D 488 54.60 -28.30 22.65
C PHE D 488 55.29 -27.00 22.99
N ASP D 489 55.86 -26.88 24.18
CA ASP D 489 56.73 -25.77 24.55
C ASP D 489 57.95 -25.74 23.65
N THR D 490 58.20 -24.58 23.03
CA THR D 490 59.38 -24.48 22.19
C THR D 490 60.64 -24.30 23.02
N SER D 491 60.48 -24.00 24.31
CA SER D 491 61.64 -23.80 25.16
C SER D 491 62.26 -25.11 25.60
N ARG D 492 61.48 -25.98 26.24
CA ARG D 492 61.96 -27.20 26.83
C ARG D 492 62.50 -28.18 25.80
N SER D 493 63.58 -28.86 26.14
CA SER D 493 64.15 -29.91 25.30
C SER D 493 63.36 -31.18 25.46
N TYR D 494 63.71 -32.19 24.66
CA TYR D 494 62.89 -33.40 24.60
C TYR D 494 62.94 -34.21 25.89
N LEU D 495 64.14 -34.40 26.44
CA LEU D 495 64.27 -35.16 27.67
C LEU D 495 63.61 -34.41 28.82
N ASP D 496 63.66 -33.08 28.78
CA ASP D 496 63.04 -32.26 29.81
C ASP D 496 61.53 -32.44 29.83
N LYS D 497 60.90 -32.40 28.67
CA LYS D 497 59.45 -32.48 28.64
C LYS D 497 58.96 -33.89 28.85
N ARG D 498 59.70 -34.90 28.38
CA ARG D 498 59.29 -36.27 28.65
C ARG D 498 59.48 -36.61 30.12
N GLN D 499 60.58 -36.13 30.71
CA GLN D 499 60.82 -36.21 32.13
C GLN D 499 59.69 -35.58 32.93
N TYR D 500 59.24 -34.39 32.51
CA TYR D 500 58.23 -33.67 33.26
C TYR D 500 56.90 -34.40 33.18
N ILE D 501 56.53 -34.86 32.00
CA ILE D 501 55.20 -35.43 31.83
C ILE D 501 55.11 -36.76 32.54
N VAL D 502 56.10 -37.63 32.37
CA VAL D 502 56.02 -38.97 32.96
C VAL D 502 56.29 -38.92 34.46
N ARG D 503 57.24 -38.09 34.88
CA ARG D 503 57.70 -38.15 36.26
C ARG D 503 56.93 -37.22 37.18
N LYS D 504 56.60 -36.02 36.72
CA LYS D 504 55.86 -35.07 37.55
C LYS D 504 54.35 -35.12 37.34
N ILE D 505 53.88 -35.12 36.10
CA ILE D 505 52.43 -35.00 35.90
C ILE D 505 51.73 -36.30 36.20
N TRP D 506 52.09 -37.37 35.53
CA TRP D 506 51.33 -38.62 35.63
C TRP D 506 51.24 -39.31 36.99
N PRO D 507 52.14 -39.11 37.97
CA PRO D 507 51.82 -39.60 39.32
C PRO D 507 50.71 -38.85 40.00
N GLN D 508 50.47 -37.58 39.63
CA GLN D 508 49.57 -36.74 40.39
C GLN D 508 48.14 -37.15 40.26
N ILE D 509 47.80 -37.87 39.19
CA ILE D 509 46.40 -38.17 38.99
C ILE D 509 46.09 -39.40 39.85
N ASP D 510 44.88 -39.48 40.34
CA ASP D 510 44.55 -40.51 41.31
C ASP D 510 44.27 -41.81 40.57
N LYS D 511 44.42 -42.92 41.28
CA LYS D 511 44.26 -44.22 40.65
C LYS D 511 42.80 -44.65 40.63
N LYS D 512 41.95 -43.97 41.43
CA LYS D 512 40.53 -44.23 41.34
C LYS D 512 39.95 -43.70 40.04
N PHE D 513 40.58 -42.67 39.48
CA PHE D 513 40.12 -41.98 38.30
C PHE D 513 40.59 -42.63 37.02
N ALA D 514 41.27 -43.78 37.12
CA ALA D 514 41.97 -44.35 35.97
C ALA D 514 41.01 -44.72 34.87
N GLN D 515 39.87 -45.30 35.24
CA GLN D 515 38.88 -45.72 34.26
C GLN D 515 38.30 -44.52 33.52
N SER D 516 38.36 -43.33 34.11
CA SER D 516 37.92 -42.16 33.40
C SER D 516 39.05 -41.49 32.63
N VAL D 517 40.30 -41.61 33.08
CA VAL D 517 41.32 -40.78 32.46
C VAL D 517 42.08 -41.54 31.39
N LEU D 518 42.27 -42.84 31.58
CA LEU D 518 43.06 -43.64 30.63
C LEU D 518 42.63 -43.68 29.17
N PRO D 519 41.37 -43.52 28.78
CA PRO D 519 41.10 -43.40 27.34
C PRO D 519 41.78 -42.23 26.69
N SER D 520 41.74 -41.06 27.32
CA SER D 520 42.32 -39.90 26.66
C SER D 520 43.83 -39.92 26.77
N LEU D 521 44.35 -40.35 27.91
CA LEU D 521 45.76 -40.21 28.17
C LEU D 521 46.57 -41.17 27.31
N THR D 522 46.04 -42.39 27.10
CA THR D 522 46.55 -43.32 26.10
C THR D 522 46.59 -42.67 24.72
N GLU D 523 45.56 -41.92 24.38
CA GLU D 523 45.51 -41.30 23.06
C GLU D 523 46.56 -40.23 22.93
N PHE D 524 46.99 -39.64 24.04
CA PHE D 524 48.17 -38.79 23.96
C PHE D 524 49.40 -39.64 23.79
N CYS D 525 49.48 -40.72 24.55
CA CYS D 525 50.73 -41.46 24.67
C CYS D 525 51.11 -42.09 23.36
N GLU D 526 50.20 -42.85 22.75
CA GLU D 526 50.43 -43.46 21.45
C GLU D 526 50.68 -42.42 20.36
N SER D 527 50.23 -41.19 20.56
CA SER D 527 50.44 -40.20 19.52
C SER D 527 51.84 -39.65 19.58
N TYR D 528 52.43 -39.60 20.77
CA TYR D 528 53.71 -38.92 20.93
C TYR D 528 54.75 -39.71 21.68
N PHE D 529 54.36 -40.58 22.61
CA PHE D 529 55.27 -41.36 23.43
C PHE D 529 54.95 -42.83 23.27
N PRO D 530 55.35 -43.47 22.19
CA PRO D 530 55.10 -44.90 22.11
C PRO D 530 56.02 -45.66 23.02
N GLU D 531 57.21 -45.12 23.29
CA GLU D 531 58.19 -45.78 24.13
C GLU D 531 57.72 -45.88 25.57
N GLU D 532 57.08 -44.83 26.09
CA GLU D 532 56.65 -44.82 27.48
C GLU D 532 55.29 -45.43 27.67
N MET D 533 54.71 -46.02 26.63
CA MET D 533 53.35 -46.54 26.70
C MET D 533 53.25 -47.73 27.64
N ASP D 534 54.35 -48.41 27.94
CA ASP D 534 54.32 -49.44 28.98
C ASP D 534 54.12 -48.82 30.35
N THR D 535 54.84 -47.73 30.63
CA THR D 535 54.87 -47.09 31.95
C THR D 535 53.48 -46.67 32.40
N LEU D 536 52.78 -45.95 31.54
CA LEU D 536 51.39 -45.57 31.73
C LEU D 536 50.52 -46.79 32.03
N GLU D 537 50.68 -47.84 31.22
CA GLU D 537 49.85 -49.02 31.40
C GLU D 537 50.21 -49.75 32.67
N GLU D 538 51.45 -49.57 33.13
CA GLU D 538 51.84 -50.18 34.38
C GLU D 538 51.40 -49.34 35.56
N MET D 539 51.31 -48.02 35.36
CA MET D 539 51.01 -47.13 36.48
C MET D 539 49.56 -47.25 36.91
N PHE D 540 48.68 -47.67 36.00
CA PHE D 540 47.25 -47.62 36.29
C PHE D 540 46.61 -48.99 36.35
N THR D 541 47.37 -50.05 36.12
CA THR D 541 46.90 -51.40 36.41
C THR D 541 47.62 -51.96 37.61
N ALA E 18 32.78 -67.88 -8.11
CA ALA E 18 32.13 -67.97 -6.81
C ALA E 18 30.65 -68.33 -6.97
N LEU E 19 30.28 -68.79 -8.17
CA LEU E 19 29.00 -69.47 -8.38
C LEU E 19 29.14 -70.86 -7.77
N ARG E 20 28.87 -70.92 -6.46
CA ARG E 20 29.21 -72.12 -5.69
C ARG E 20 28.29 -73.29 -6.02
N GLY E 21 27.03 -73.02 -6.35
CA GLY E 21 26.15 -74.09 -6.80
C GLY E 21 26.54 -74.62 -8.17
N LEU E 22 26.98 -73.72 -9.06
CA LEU E 22 27.51 -74.15 -10.35
C LEU E 22 28.83 -74.88 -10.18
N ASP E 23 29.61 -74.50 -9.16
CA ASP E 23 30.82 -75.25 -8.83
C ASP E 23 30.48 -76.64 -8.30
N THR E 24 29.41 -76.76 -7.51
CA THR E 24 28.99 -78.06 -7.02
C THR E 24 28.51 -78.95 -8.16
N GLN E 25 27.81 -78.35 -9.13
CA GLN E 25 27.43 -79.11 -10.32
C GLN E 25 28.63 -79.45 -11.19
N PHE E 26 29.64 -78.57 -11.25
CA PHE E 26 30.86 -78.87 -12.02
C PHE E 26 31.66 -80.00 -11.38
N LEU E 27 31.78 -79.96 -10.06
CA LEU E 27 32.43 -81.05 -9.32
C LEU E 27 31.63 -82.34 -9.45
N GLN E 28 30.30 -82.24 -9.43
CA GLN E 28 29.45 -83.41 -9.58
C GLN E 28 29.55 -84.02 -10.96
N ASP E 29 29.62 -83.18 -12.00
CA ASP E 29 29.77 -83.66 -13.36
C ASP E 29 31.18 -84.16 -13.63
N ASN E 30 32.17 -83.64 -12.91
CA ASN E 30 33.54 -84.16 -13.02
C ASN E 30 33.64 -85.54 -12.38
N THR E 31 33.07 -85.71 -11.19
CA THR E 31 33.01 -87.01 -10.54
C THR E 31 32.17 -87.99 -11.35
N ALA E 32 31.05 -87.52 -11.90
CA ALA E 32 30.19 -88.37 -12.71
C ALA E 32 30.80 -88.70 -14.06
N LEU E 33 31.65 -87.84 -14.61
CA LEU E 33 32.35 -88.15 -15.86
C LEU E 33 33.55 -89.06 -15.64
N VAL E 34 34.18 -88.98 -14.46
CA VAL E 34 35.17 -89.99 -14.09
C VAL E 34 34.50 -91.34 -13.86
N GLN E 35 33.30 -91.31 -13.27
CA GLN E 35 32.58 -92.55 -12.99
C GLN E 35 31.91 -93.13 -14.23
N ALA E 36 31.58 -92.28 -15.20
CA ALA E 36 30.94 -92.70 -16.43
C ALA E 36 31.92 -92.85 -17.58
N TYR E 37 33.18 -92.49 -17.39
CA TYR E 37 34.24 -92.97 -18.27
C TYR E 37 34.70 -94.37 -17.88
N ARG E 38 34.36 -94.80 -16.66
CA ARG E 38 34.49 -96.16 -16.12
C ARG E 38 35.94 -96.60 -15.87
N GLY E 39 36.90 -95.78 -16.30
CA GLY E 39 38.28 -96.02 -15.98
C GLY E 39 38.73 -95.15 -14.81
N LEU E 40 40.05 -95.13 -14.61
CA LEU E 40 40.65 -94.25 -13.62
C LEU E 40 40.38 -92.79 -13.93
N ASP E 41 40.40 -92.43 -15.22
CA ASP E 41 40.20 -91.08 -15.77
C ASP E 41 41.09 -90.06 -15.08
N TRP E 42 42.41 -90.26 -15.14
CA TRP E 42 43.35 -89.46 -14.37
C TRP E 42 43.36 -88.00 -14.77
N SER E 43 43.10 -87.69 -16.04
CA SER E 43 42.84 -86.31 -16.45
C SER E 43 41.58 -85.78 -15.79
N ASP E 44 40.48 -86.54 -15.86
CA ASP E 44 39.25 -86.15 -15.20
C ASP E 44 39.38 -86.24 -13.67
N ILE E 45 40.21 -87.16 -13.17
CA ILE E 45 40.42 -87.26 -11.72
C ILE E 45 41.16 -86.02 -11.21
N SER E 46 42.20 -85.61 -11.94
CA SER E 46 42.94 -84.41 -11.60
C SER E 46 42.10 -83.15 -11.78
N SER E 47 41.22 -83.14 -12.77
CA SER E 47 40.29 -82.03 -12.94
C SER E 47 39.30 -81.95 -11.78
N LEU E 48 38.72 -83.09 -11.38
CA LEU E 48 37.77 -83.12 -10.27
C LEU E 48 38.46 -82.80 -8.94
N THR E 49 39.72 -83.25 -8.79
CA THR E 49 40.44 -83.00 -7.55
C THR E 49 40.87 -81.55 -7.43
N GLN E 50 41.33 -80.95 -8.54
CA GLN E 50 41.66 -79.54 -8.54
C GLN E 50 40.41 -78.68 -8.42
N MET E 51 39.28 -79.18 -8.95
CA MET E 51 38.00 -78.51 -8.75
C MET E 51 37.59 -78.53 -7.28
N VAL E 52 37.75 -79.67 -6.60
CA VAL E 52 37.43 -79.75 -5.18
C VAL E 52 38.42 -78.93 -4.36
N ASP E 53 39.67 -78.85 -4.82
CA ASP E 53 40.65 -77.99 -4.17
C ASP E 53 40.27 -76.52 -4.29
N VAL E 54 39.81 -76.11 -5.48
CA VAL E 54 39.40 -74.73 -5.69
C VAL E 54 38.08 -74.44 -4.96
N ILE E 55 37.25 -75.47 -4.80
CA ILE E 55 35.97 -75.30 -4.09
C ILE E 55 36.21 -75.16 -2.60
N GLU E 56 37.13 -75.96 -2.04
CA GLU E 56 37.49 -75.83 -0.63
C GLU E 56 38.23 -74.52 -0.37
N GLN E 57 39.12 -74.13 -1.28
CA GLN E 57 39.82 -72.86 -1.14
C GLN E 57 38.92 -71.66 -1.46
N THR E 58 37.76 -71.88 -2.07
CA THR E 58 36.86 -70.77 -2.33
C THR E 58 35.69 -70.73 -1.34
N VAL E 59 35.21 -71.88 -0.88
CA VAL E 59 33.99 -71.93 -0.08
C VAL E 59 34.26 -72.75 1.17
N VAL E 60 33.24 -72.89 2.02
CA VAL E 60 33.40 -73.32 3.40
C VAL E 60 33.79 -74.78 3.55
N LYS E 61 33.44 -75.62 2.58
CA LYS E 61 33.56 -77.08 2.63
C LYS E 61 32.82 -77.67 3.82
N TYR E 62 31.49 -77.54 3.82
CA TYR E 62 30.65 -78.26 4.77
C TYR E 62 30.73 -79.77 4.53
N GLY E 63 30.26 -80.53 5.52
CA GLY E 63 30.60 -81.94 5.67
C GLY E 63 30.19 -82.85 4.53
N ASN E 64 29.19 -82.46 3.74
CA ASN E 64 28.74 -83.32 2.65
C ASN E 64 29.74 -83.35 1.49
N PRO E 65 30.18 -82.21 0.96
CA PRO E 65 31.18 -82.27 -0.13
C PRO E 65 32.53 -82.74 0.32
N ASN E 66 32.92 -82.41 1.55
CA ASN E 66 34.17 -82.91 2.12
C ASN E 66 34.11 -84.43 2.28
N ASP E 67 32.97 -84.94 2.71
CA ASP E 67 32.81 -86.39 2.84
C ASP E 67 32.78 -87.08 1.48
N SER E 68 32.21 -86.42 0.47
CA SER E 68 32.19 -86.99 -0.87
C SER E 68 33.59 -87.04 -1.48
N ILE E 69 34.37 -85.97 -1.30
CA ILE E 69 35.75 -85.94 -1.80
C ILE E 69 36.61 -86.95 -1.03
N LYS E 70 36.33 -87.11 0.27
CA LYS E 70 37.04 -88.11 1.07
C LYS E 70 36.69 -89.53 0.62
N LEU E 71 35.43 -89.77 0.24
CA LEU E 71 35.03 -91.09 -0.24
C LEU E 71 35.65 -91.41 -1.60
N ALA E 72 35.65 -90.42 -2.49
CA ALA E 72 36.27 -90.61 -3.81
C ALA E 72 37.77 -90.79 -3.70
N LEU E 73 38.41 -90.04 -2.79
CA LEU E 73 39.85 -90.15 -2.63
C LEU E 73 40.23 -91.45 -1.93
N GLU E 74 39.43 -91.89 -0.97
CA GLU E 74 39.72 -93.13 -0.27
C GLU E 74 39.53 -94.34 -1.19
N THR E 75 38.57 -94.27 -2.11
CA THR E 75 38.42 -95.33 -3.11
C THR E 75 39.55 -95.29 -4.15
N ILE E 76 40.28 -94.17 -4.24
CA ILE E 76 41.39 -94.03 -5.16
C ILE E 76 42.74 -94.28 -4.48
N LEU E 77 42.73 -94.95 -3.32
CA LEU E 77 43.90 -95.31 -2.51
C LEU E 77 44.77 -94.11 -2.15
N TRP E 78 44.21 -93.16 -1.39
CA TRP E 78 44.90 -91.90 -1.10
C TRP E 78 44.99 -91.65 0.39
N GLN E 79 45.39 -92.68 1.15
CA GLN E 79 45.50 -92.74 2.61
C GLN E 79 46.13 -91.52 3.29
N ILE E 80 47.34 -91.14 2.87
CA ILE E 80 47.99 -89.97 3.46
C ILE E 80 47.29 -88.69 3.02
N LEU E 81 46.89 -88.62 1.76
CA LEU E 81 46.12 -87.47 1.27
C LEU E 81 44.71 -87.45 1.84
N ARG E 82 44.19 -88.63 2.25
CA ARG E 82 42.95 -88.65 3.01
C ARG E 82 43.16 -88.12 4.42
N LYS E 83 44.33 -88.37 5.01
CA LYS E 83 44.62 -87.85 6.34
C LYS E 83 44.79 -86.33 6.32
N TYR E 84 45.44 -85.80 5.29
CA TYR E 84 45.60 -84.35 5.17
C TYR E 84 44.31 -83.64 4.83
N PRO E 85 43.51 -84.08 3.85
CA PRO E 85 42.27 -83.37 3.54
C PRO E 85 41.23 -83.50 4.62
N LEU E 86 41.24 -84.60 5.39
CA LEU E 86 40.40 -84.67 6.58
C LEU E 86 40.89 -83.72 7.66
N LEU E 87 42.20 -83.43 7.69
CA LEU E 87 42.71 -82.46 8.67
C LEU E 87 42.23 -81.04 8.35
N PHE E 88 42.33 -80.63 7.08
CA PHE E 88 41.81 -79.31 6.72
C PHE E 88 40.27 -79.31 6.65
N GLY E 89 39.66 -80.50 6.53
CA GLY E 89 38.21 -80.59 6.61
C GLY E 89 37.69 -80.48 8.03
N PHE E 90 38.37 -81.14 8.97
CA PHE E 90 38.02 -80.97 10.39
C PHE E 90 38.41 -79.59 10.85
N TRP E 91 39.37 -78.97 10.17
CA TRP E 91 39.52 -77.54 10.28
C TRP E 91 38.28 -76.79 9.80
N LYS E 92 37.52 -77.31 8.82
CA LYS E 92 36.42 -76.53 8.23
C LYS E 92 35.10 -77.29 8.44
N ARG E 93 35.01 -77.97 9.59
CA ARG E 93 33.78 -78.34 10.29
C ARG E 93 34.15 -78.74 11.71
N PHE E 94 33.73 -77.95 12.69
CA PHE E 94 34.14 -78.24 14.07
C PHE E 94 33.27 -79.31 14.71
N ALA E 95 32.02 -79.45 14.27
CA ALA E 95 31.10 -80.45 14.81
C ALA E 95 31.16 -81.76 14.01
N THR E 96 32.26 -81.96 13.29
CA THR E 96 32.35 -83.04 12.31
C THR E 96 32.66 -84.37 12.96
N ILE E 97 31.77 -84.83 13.84
CA ILE E 97 31.87 -86.19 14.37
C ILE E 97 31.60 -87.20 13.27
N GLU E 98 30.90 -86.79 12.21
CA GLU E 98 30.83 -87.61 11.00
C GLU E 98 32.20 -87.79 10.39
N TYR E 99 32.93 -86.69 10.18
CA TYR E 99 34.28 -86.78 9.62
C TYR E 99 35.27 -87.33 10.63
N GLN E 100 35.04 -87.08 11.92
CA GLN E 100 35.87 -87.69 12.96
C GLN E 100 35.73 -89.20 12.95
N LEU E 101 34.48 -89.67 12.94
CA LEU E 101 34.18 -91.13 12.91
C LEU E 101 34.73 -91.71 11.61
N PHE E 102 34.55 -91.00 10.49
CA PHE E 102 35.10 -91.45 9.19
C PHE E 102 36.63 -91.47 9.29
N GLY E 103 37.18 -90.42 9.92
CA GLY E 103 38.64 -90.31 10.13
C GLY E 103 39.12 -91.42 11.06
N LEU E 104 38.32 -91.73 12.09
CA LEU E 104 38.67 -92.80 13.06
C LEU E 104 38.74 -94.14 12.33
N LYS E 105 37.80 -94.38 11.40
CA LYS E 105 37.81 -95.64 10.61
C LYS E 105 39.09 -95.65 9.77
N LYS E 106 39.44 -94.51 9.17
CA LYS E 106 40.69 -94.37 8.38
C LYS E 106 41.88 -94.55 9.33
N SER E 107 41.77 -93.98 10.53
CA SER E 107 42.82 -94.07 11.59
C SER E 107 43.00 -95.52 12.05
N ILE E 108 41.91 -96.27 12.12
CA ILE E 108 41.93 -97.69 12.62
C ILE E 108 42.85 -98.54 11.73
N ALA E 109 42.79 -98.36 10.41
CA ALA E 109 43.66 -99.16 9.52
C ALA E 109 44.91 -98.34 9.16
N VAL E 110 46.06 -98.73 9.73
CA VAL E 110 47.31 -98.00 9.49
C VAL E 110 48.51 -98.92 9.67
N LEU E 111 49.70 -98.31 9.60
CA LEU E 111 51.01 -99.02 9.66
C LEU E 111 51.62 -99.02 11.06
N ALA E 112 52.96 -98.87 11.13
CA ALA E 112 53.73 -98.95 12.39
C ALA E 112 53.33 -97.88 13.41
N THR E 113 53.12 -96.63 12.99
CA THR E 113 52.72 -95.64 14.00
C THR E 113 51.25 -95.72 14.38
N SER E 114 50.55 -96.80 14.00
CA SER E 114 49.10 -96.95 14.07
C SER E 114 48.44 -96.73 15.42
N VAL E 115 48.86 -97.50 16.44
CA VAL E 115 48.14 -97.54 17.70
C VAL E 115 48.30 -96.22 18.46
N LYS E 116 49.34 -95.46 18.12
CA LYS E 116 49.45 -94.10 18.61
C LYS E 116 48.63 -93.10 17.80
N TRP E 117 48.72 -93.16 16.46
CA TRP E 117 48.13 -92.12 15.61
C TRP E 117 46.61 -92.19 15.61
N PHE E 118 46.06 -93.41 15.63
CA PHE E 118 44.61 -93.59 15.76
C PHE E 118 44.19 -93.10 17.13
N PRO E 119 44.91 -93.45 18.20
CA PRO E 119 44.54 -92.93 19.54
C PRO E 119 44.81 -91.45 19.72
N THR E 120 45.80 -90.91 18.99
CA THR E 120 45.99 -89.46 18.94
C THR E 120 44.76 -88.79 18.35
N SER E 121 44.21 -89.36 17.27
CA SER E 121 42.98 -88.82 16.69
C SER E 121 41.77 -89.09 17.59
N LEU E 122 41.84 -90.15 18.40
CA LEU E 122 40.77 -90.42 19.36
C LEU E 122 40.71 -89.34 20.44
N GLU E 123 41.87 -89.01 21.03
CA GLU E 123 41.93 -87.90 21.99
C GLU E 123 41.67 -86.56 21.31
N LEU E 124 42.00 -86.43 20.02
CA LEU E 124 41.69 -85.22 19.27
C LEU E 124 40.19 -85.01 19.11
N TRP E 125 39.46 -86.06 18.70
CA TRP E 125 38.01 -85.95 18.58
C TRP E 125 37.36 -85.84 19.96
N CYS E 126 38.04 -86.38 20.98
CA CYS E 126 37.59 -86.17 22.35
C CYS E 126 37.72 -84.71 22.75
N ASP E 127 38.76 -84.03 22.26
CA ASP E 127 38.90 -82.60 22.50
C ASP E 127 37.97 -81.76 21.64
N TYR E 128 37.62 -82.22 20.44
CA TYR E 128 36.95 -81.39 19.45
C TYR E 128 35.43 -81.59 19.38
N LEU E 129 34.90 -82.78 19.70
CA LEU E 129 33.48 -83.05 19.52
C LEU E 129 32.80 -83.74 20.69
N ASN E 130 33.54 -84.21 21.71
CA ASN E 130 32.98 -85.17 22.65
C ASN E 130 31.97 -84.60 23.62
N VAL E 131 31.82 -83.28 23.73
CA VAL E 131 31.00 -82.69 24.78
C VAL E 131 29.57 -82.45 24.32
N LEU E 132 29.23 -82.82 23.10
CA LEU E 132 27.88 -82.63 22.59
C LEU E 132 27.08 -83.90 22.74
N CYS E 133 25.75 -83.76 22.75
CA CYS E 133 24.87 -84.91 22.93
C CYS E 133 24.82 -85.79 21.68
N VAL E 134 25.36 -85.31 20.56
CA VAL E 134 25.40 -86.07 19.33
C VAL E 134 26.78 -86.66 19.08
N ASN E 135 27.54 -86.93 20.14
CA ASN E 135 28.89 -87.46 20.04
C ASN E 135 29.02 -88.93 20.44
N ASN E 136 27.90 -89.61 20.68
CA ASN E 136 27.94 -90.96 21.23
C ASN E 136 28.58 -92.00 20.32
N PRO E 137 28.48 -91.89 18.99
CA PRO E 137 29.18 -92.85 18.11
C PRO E 137 30.69 -92.75 18.19
N ASN E 138 31.24 -91.58 18.54
CA ASN E 138 32.68 -91.44 18.68
C ASN E 138 33.20 -92.20 19.90
N GLU E 139 32.53 -92.04 21.04
CA GLU E 139 32.92 -92.79 22.24
C GLU E 139 32.63 -94.28 22.07
N THR E 140 31.58 -94.62 21.31
CA THR E 140 31.29 -96.02 21.02
C THR E 140 32.37 -96.63 20.13
N ASP E 141 32.83 -95.89 19.12
CA ASP E 141 33.87 -96.38 18.25
C ASP E 141 35.20 -96.48 18.97
N PHE E 142 35.48 -95.54 19.87
CA PHE E 142 36.69 -95.60 20.68
C PHE E 142 36.65 -96.79 21.64
N ILE E 143 35.47 -97.07 22.20
CA ILE E 143 35.29 -98.24 23.04
C ILE E 143 35.46 -99.51 22.22
N ARG E 144 34.99 -99.49 20.97
CA ARG E 144 35.12 -100.64 20.09
C ARG E 144 36.59 -100.88 19.72
N ASN E 145 37.34 -99.80 19.53
CA ASN E 145 38.77 -99.91 19.20
C ASN E 145 39.56 -100.42 20.38
N ASN E 146 39.30 -99.88 21.58
CA ASN E 146 40.01 -100.35 22.76
C ASN E 146 39.53 -101.73 23.21
N PHE E 147 38.31 -102.12 22.84
CA PHE E 147 37.83 -103.47 23.12
C PHE E 147 38.37 -104.46 22.09
N GLU E 148 38.73 -103.97 20.90
CA GLU E 148 39.53 -104.75 19.97
C GLU E 148 40.96 -104.94 20.48
N ILE E 149 41.47 -104.01 21.27
CA ILE E 149 42.73 -104.19 21.97
C ILE E 149 42.46 -104.98 23.25
N ALA E 150 43.52 -105.49 23.88
CA ALA E 150 43.37 -106.24 25.12
C ALA E 150 43.55 -105.37 26.35
N LYS E 151 43.48 -104.05 26.19
CA LYS E 151 43.62 -103.08 27.27
C LYS E 151 42.28 -102.76 27.91
N ASP E 152 41.81 -103.66 28.77
CA ASP E 152 40.53 -103.49 29.46
C ASP E 152 40.55 -102.28 30.39
N LEU E 153 41.73 -101.95 30.94
CA LEU E 153 41.86 -100.74 31.75
C LEU E 153 41.67 -99.49 30.90
N ILE E 154 42.11 -99.51 29.64
CA ILE E 154 41.94 -98.35 28.76
C ILE E 154 40.48 -98.18 28.35
N GLY E 155 39.80 -99.29 28.07
CA GLY E 155 38.37 -99.23 27.78
C GLY E 155 37.57 -98.78 28.98
N LYS E 156 37.97 -99.22 30.18
CA LYS E 156 37.29 -98.77 31.39
C LYS E 156 37.60 -97.30 31.70
N GLN E 157 38.79 -96.83 31.32
CA GLN E 157 39.13 -95.42 31.51
C GLN E 157 38.30 -94.52 30.59
N PHE E 158 38.18 -94.92 29.32
CA PHE E 158 37.28 -94.21 28.42
C PHE E 158 35.82 -94.32 28.86
N LEU E 159 35.47 -95.44 29.50
CA LEU E 159 34.12 -95.61 30.06
C LEU E 159 33.89 -94.68 31.25
N SER E 160 34.93 -94.47 32.07
CA SER E 160 34.86 -93.51 33.16
C SER E 160 34.76 -92.09 32.63
N HIS E 161 35.36 -91.85 31.46
CA HIS E 161 35.14 -90.58 30.78
C HIS E 161 33.71 -90.44 30.28
N PRO E 162 33.09 -91.49 29.72
CA PRO E 162 31.74 -91.33 29.15
C PRO E 162 30.64 -91.16 30.19
N PHE E 163 30.87 -91.65 31.41
CA PHE E 163 29.87 -91.52 32.47
C PHE E 163 29.78 -90.08 32.98
N TRP E 164 30.87 -89.32 32.89
CA TRP E 164 30.94 -87.97 33.46
C TRP E 164 30.53 -86.89 32.47
N ASP E 165 30.16 -87.24 31.23
CA ASP E 165 29.83 -86.27 30.21
C ASP E 165 28.32 -86.25 29.97
N LYS E 166 27.79 -85.05 29.73
CA LYS E 166 26.38 -84.90 29.40
C LYS E 166 26.18 -85.25 27.93
N PHE E 167 25.65 -86.44 27.66
CA PHE E 167 25.27 -86.86 26.33
C PHE E 167 23.79 -87.23 26.32
N ILE E 168 23.29 -87.66 25.15
CA ILE E 168 21.89 -88.10 25.07
C ILE E 168 21.72 -89.42 25.80
N GLU E 169 22.36 -90.48 25.30
CA GLU E 169 22.20 -91.83 25.81
C GLU E 169 23.22 -92.18 26.89
N PHE E 170 23.30 -91.37 27.95
CA PHE E 170 24.22 -91.67 29.04
C PHE E 170 23.75 -92.87 29.85
N GLU E 171 22.43 -93.10 29.90
CA GLU E 171 21.88 -94.19 30.70
C GLU E 171 22.20 -95.54 30.08
N VAL E 172 22.07 -95.64 28.76
CA VAL E 172 22.43 -96.86 28.04
C VAL E 172 23.92 -97.14 28.18
N GLY E 173 24.73 -96.06 28.14
CA GLY E 173 26.15 -96.21 28.37
C GLY E 173 26.50 -96.66 29.77
N GLN E 174 25.75 -96.18 30.77
CA GLN E 174 26.01 -96.56 32.16
C GLN E 174 25.65 -98.01 32.43
N LYS E 175 24.49 -98.44 31.91
CA LYS E 175 24.10 -99.85 32.04
C LYS E 175 25.06 -100.76 31.29
N ASN E 176 25.52 -100.33 30.11
CA ASN E 176 26.52 -101.10 29.37
C ASN E 176 27.88 -101.07 30.07
N TRP E 177 28.14 -100.03 30.86
CA TRP E 177 29.38 -99.98 31.63
C TRP E 177 29.35 -100.95 32.79
N HIS E 178 28.21 -101.05 33.49
CA HIS E 178 28.09 -101.99 34.61
C HIS E 178 27.74 -103.40 34.17
N ASN E 179 27.50 -103.62 32.87
CA ASN E 179 27.33 -104.96 32.34
C ASN E 179 28.55 -105.48 31.57
N VAL E 180 29.34 -104.59 30.95
CA VAL E 180 30.52 -105.04 30.22
C VAL E 180 31.66 -105.35 31.18
N GLN E 181 31.78 -104.56 32.24
CA GLN E 181 32.78 -104.79 33.27
C GLN E 181 32.36 -105.84 34.28
N ARG E 182 32.28 -107.10 33.85
CA ARG E 182 32.03 -108.19 34.78
C ARG E 182 33.17 -108.39 35.77
N ILE E 183 34.38 -107.97 35.42
CA ILE E 183 35.55 -108.19 36.27
C ILE E 183 35.73 -107.05 37.28
N TYR E 184 35.35 -105.83 36.91
CA TYR E 184 35.68 -104.70 37.80
C TYR E 184 34.62 -103.60 37.81
N GLU E 185 33.31 -103.93 37.79
CA GLU E 185 32.18 -103.02 37.57
C GLU E 185 32.17 -101.73 38.39
N TYR E 186 32.18 -101.86 39.72
CA TYR E 186 32.03 -100.71 40.62
C TYR E 186 33.06 -100.81 41.74
N ILE E 187 34.34 -100.93 41.37
CA ILE E 187 35.46 -100.89 42.31
C ILE E 187 35.50 -99.56 43.02
N ILE E 188 35.11 -98.49 42.33
CA ILE E 188 34.84 -97.21 42.98
C ILE E 188 33.39 -96.86 42.66
N GLU E 189 32.49 -97.30 43.53
CA GLU E 189 31.05 -97.26 43.29
C GLU E 189 30.49 -95.85 43.42
N VAL E 190 30.81 -95.19 44.53
CA VAL E 190 30.28 -93.88 44.91
C VAL E 190 30.66 -92.85 43.85
N PRO E 191 31.92 -92.82 43.41
CA PRO E 191 32.35 -91.87 42.37
C PRO E 191 31.66 -92.11 41.03
N LEU E 192 31.51 -93.39 40.66
CA LEU E 192 30.88 -93.74 39.39
C LEU E 192 29.41 -93.37 39.38
N HIS E 193 28.69 -93.69 40.46
CA HIS E 193 27.28 -93.34 40.53
C HIS E 193 27.08 -91.83 40.67
N GLN E 194 28.02 -91.13 41.32
CA GLN E 194 27.91 -89.69 41.44
C GLN E 194 28.12 -89.01 40.09
N TYR E 195 29.08 -89.51 39.30
CA TYR E 195 29.27 -89.00 37.95
C TYR E 195 28.08 -89.34 37.05
N ALA E 196 27.49 -90.53 37.21
CA ALA E 196 26.35 -90.91 36.38
C ALA E 196 25.12 -90.08 36.71
N ARG E 197 24.86 -89.86 38.00
CA ARG E 197 23.73 -89.03 38.41
C ARG E 197 23.98 -87.55 38.08
N PHE E 198 25.23 -87.09 38.14
CA PHE E 198 25.56 -85.73 37.76
C PHE E 198 25.35 -85.50 36.26
N PHE E 199 25.81 -86.45 35.44
CA PHE E 199 25.57 -86.38 34.00
C PHE E 199 24.09 -86.52 33.66
N THR E 200 23.35 -87.27 34.48
CA THR E 200 21.91 -87.38 34.26
C THR E 200 21.17 -86.08 34.60
N SER E 201 21.55 -85.40 35.68
CA SER E 201 21.01 -84.08 35.98
C SER E 201 21.42 -83.07 34.91
N TYR E 202 22.66 -83.19 34.44
CA TYR E 202 23.16 -82.31 33.38
C TYR E 202 22.39 -82.52 32.08
N LYS E 203 22.09 -83.78 31.73
CA LYS E 203 21.30 -84.04 30.54
C LYS E 203 19.85 -83.64 30.74
N LYS E 204 19.34 -83.71 31.97
CA LYS E 204 17.99 -83.25 32.26
C LYS E 204 17.86 -81.74 32.04
N PHE E 205 18.83 -80.98 32.54
CA PHE E 205 18.83 -79.53 32.31
C PHE E 205 19.12 -79.21 30.85
N LEU E 206 19.94 -80.04 30.20
CA LEU E 206 20.34 -79.78 28.81
C LEU E 206 19.24 -80.11 27.83
N ASN E 207 18.36 -81.05 28.18
CA ASN E 207 17.33 -81.53 27.25
C ASN E 207 16.27 -80.47 26.98
N GLU E 208 16.13 -79.48 27.88
CA GLU E 208 15.26 -78.34 27.65
C GLU E 208 15.62 -77.60 26.37
N LYS E 209 16.85 -77.08 26.32
CA LYS E 209 17.28 -76.32 25.15
C LYS E 209 17.64 -77.25 23.99
N ASN E 210 18.02 -78.50 24.29
CA ASN E 210 18.24 -79.46 23.21
C ASN E 210 16.95 -79.79 22.48
N LEU E 211 15.83 -79.88 23.20
CA LEU E 211 14.53 -80.11 22.60
C LEU E 211 13.99 -78.83 21.95
N LYS E 212 14.30 -77.68 22.54
CA LYS E 212 14.01 -76.40 21.88
C LYS E 212 14.77 -76.23 20.58
N THR E 213 15.94 -76.86 20.46
CA THR E 213 16.71 -76.89 19.22
C THR E 213 16.09 -77.86 18.22
N THR E 214 15.83 -79.09 18.63
CA THR E 214 15.30 -80.10 17.72
C THR E 214 13.86 -79.86 17.32
N ARG E 215 13.12 -78.99 18.02
CA ARG E 215 11.76 -78.65 17.63
C ARG E 215 11.72 -77.44 16.72
N ASN E 216 12.87 -76.84 16.43
CA ASN E 216 13.02 -75.76 15.46
C ASN E 216 13.95 -76.08 14.31
N ILE E 217 14.98 -76.90 14.53
CA ILE E 217 15.98 -77.17 13.50
C ILE E 217 15.43 -78.10 12.42
N ASP E 218 15.19 -77.53 11.24
CA ASP E 218 14.83 -78.28 10.03
C ASP E 218 15.06 -77.35 8.86
N ILE E 219 15.64 -77.87 7.78
CA ILE E 219 15.95 -77.05 6.61
C ILE E 219 14.67 -76.63 5.90
N VAL E 220 14.23 -75.39 6.14
CA VAL E 220 12.98 -74.90 5.57
C VAL E 220 13.20 -73.51 4.97
N LEU E 221 14.47 -73.15 4.73
CA LEU E 221 14.89 -71.91 4.08
C LEU E 221 14.37 -70.66 4.80
N ARG E 222 14.73 -70.55 6.09
CA ARG E 222 14.35 -69.42 6.94
C ARG E 222 15.27 -69.39 8.14
N LYS E 223 14.91 -68.55 9.12
CA LYS E 223 15.62 -68.54 10.40
C LYS E 223 15.38 -69.80 11.22
N THR E 224 14.30 -70.54 10.94
CA THR E 224 14.10 -71.83 11.58
C THR E 224 15.12 -72.85 11.10
N GLN E 225 15.58 -72.71 9.85
CA GLN E 225 16.71 -73.50 9.38
C GLN E 225 17.96 -73.18 10.20
N THR E 226 18.11 -71.92 10.59
CA THR E 226 19.21 -71.55 11.45
C THR E 226 18.98 -71.98 12.89
N THR E 227 17.71 -72.11 13.32
CA THR E 227 17.31 -72.18 14.73
C THR E 227 17.94 -71.06 15.55
N VAL E 228 18.00 -69.87 14.96
CA VAL E 228 18.90 -68.79 15.36
C VAL E 228 18.51 -68.24 16.73
N ASN E 229 17.23 -68.00 16.93
CA ASN E 229 16.75 -67.61 18.24
C ASN E 229 16.93 -68.75 19.25
N GLU E 230 16.66 -69.98 18.81
CA GLU E 230 16.84 -71.14 19.66
C GLU E 230 18.29 -71.37 20.02
N ILE E 231 19.21 -71.28 19.04
CA ILE E 231 20.62 -71.51 19.31
C ILE E 231 21.18 -70.36 20.14
N TRP E 232 20.66 -69.15 19.93
CA TRP E 232 21.11 -68.00 20.70
C TRP E 232 20.68 -68.12 22.16
N GLN E 233 19.44 -68.55 22.39
CA GLN E 233 18.97 -68.73 23.77
C GLN E 233 19.67 -69.90 24.45
N PHE E 234 19.98 -70.96 23.70
CA PHE E 234 20.70 -72.09 24.27
C PHE E 234 22.12 -71.70 24.65
N GLU E 235 22.79 -70.94 23.78
CA GLU E 235 24.14 -70.48 24.09
C GLU E 235 24.13 -69.48 25.24
N SER E 236 23.06 -68.66 25.34
CA SER E 236 22.94 -67.72 26.44
C SER E 236 22.67 -68.46 27.75
N LYS E 237 21.99 -69.59 27.67
CA LYS E 237 21.89 -70.50 28.79
C LYS E 237 23.23 -71.11 29.15
N ILE E 238 24.08 -71.36 28.16
CA ILE E 238 25.42 -71.86 28.43
C ILE E 238 26.36 -70.74 28.91
N LYS E 239 25.95 -69.49 28.79
CA LYS E 239 26.77 -68.40 29.31
C LYS E 239 26.64 -68.31 30.83
N GLN E 240 25.39 -68.36 31.35
CA GLN E 240 25.18 -68.09 32.77
C GLN E 240 25.60 -69.25 33.64
N PRO E 241 25.22 -70.49 33.35
CA PRO E 241 25.59 -71.61 34.22
C PRO E 241 27.06 -71.97 34.13
N PHE E 242 27.91 -71.15 34.75
CA PHE E 242 29.35 -71.24 34.64
C PHE E 242 29.97 -72.23 35.61
N PHE E 243 29.75 -73.53 35.41
CA PHE E 243 30.43 -74.51 36.27
C PHE E 243 31.66 -75.08 35.59
N ASN E 244 32.25 -74.29 34.67
CA ASN E 244 33.53 -74.47 33.97
C ASN E 244 33.58 -75.64 32.99
N LEU E 245 32.57 -76.50 33.02
CA LEU E 245 32.37 -77.54 32.02
C LEU E 245 31.97 -76.85 30.73
N GLY E 246 31.30 -75.72 30.90
CA GLY E 246 31.06 -74.72 29.88
C GLY E 246 32.30 -74.34 29.10
N GLN E 247 33.48 -74.28 29.75
CA GLN E 247 34.73 -74.02 29.03
C GLN E 247 34.98 -75.08 27.95
N VAL E 248 34.60 -76.32 28.23
CA VAL E 248 34.49 -77.34 27.19
C VAL E 248 33.13 -77.25 26.48
N LEU E 249 32.07 -76.92 27.19
CA LEU E 249 30.73 -77.11 26.64
C LEU E 249 30.29 -75.95 25.75
N ASN E 250 30.73 -74.71 26.06
CA ASN E 250 30.28 -73.58 25.24
C ASN E 250 30.85 -73.64 23.84
N ASP E 251 32.07 -74.17 23.69
CA ASP E 251 32.57 -74.56 22.38
C ASP E 251 31.66 -75.62 21.77
N ASP E 252 31.28 -76.62 22.57
CA ASP E 252 30.26 -77.59 22.18
C ASP E 252 28.91 -76.92 21.95
N LEU E 253 28.69 -75.75 22.55
CA LEU E 253 27.59 -74.92 22.08
C LEU E 253 27.97 -74.16 20.80
N GLU E 254 29.09 -73.43 20.82
CA GLU E 254 29.32 -72.42 19.81
C GLU E 254 29.66 -73.03 18.46
N ASN E 255 30.40 -74.15 18.47
CA ASN E 255 30.62 -74.89 17.23
C ASN E 255 29.30 -75.39 16.66
N TRP E 256 28.40 -75.85 17.52
CA TRP E 256 27.06 -76.20 17.08
C TRP E 256 26.29 -74.98 16.62
N SER E 257 26.65 -73.80 17.13
CA SER E 257 26.05 -72.58 16.61
C SER E 257 26.69 -72.15 15.30
N ARG E 258 27.95 -72.55 15.08
CA ARG E 258 28.68 -72.02 13.94
C ARG E 258 28.33 -72.75 12.66
N TYR E 259 27.85 -73.99 12.77
CA TYR E 259 27.74 -74.86 11.60
C TYR E 259 26.61 -74.44 10.67
N LEU E 260 25.62 -73.73 11.17
CA LEU E 260 24.48 -73.41 10.33
C LEU E 260 24.05 -71.94 10.43
N TYR E 288 29.10 -69.40 10.33
CA TYR E 288 29.76 -68.18 10.75
C TYR E 288 28.82 -66.98 10.94
N HIS E 289 28.93 -66.37 12.10
CA HIS E 289 28.18 -65.18 12.46
C HIS E 289 29.00 -64.39 13.46
N GLU E 290 29.24 -63.11 13.17
CA GLU E 290 30.29 -62.36 13.85
C GLU E 290 29.94 -62.11 15.31
N ASN E 291 28.66 -61.85 15.61
CA ASN E 291 28.26 -61.56 16.98
C ASN E 291 28.40 -62.79 17.86
N THR E 292 28.27 -63.97 17.27
CA THR E 292 28.55 -65.22 17.98
C THR E 292 30.01 -65.30 18.41
N TRP E 293 30.94 -64.98 17.51
CA TRP E 293 32.36 -65.01 17.87
C TRP E 293 32.69 -63.96 18.91
N MET E 294 32.05 -62.80 18.82
CA MET E 294 32.31 -61.76 19.81
C MET E 294 31.80 -62.16 21.19
N MET E 295 30.62 -62.79 21.24
CA MET E 295 30.11 -63.30 22.51
C MET E 295 31.01 -64.39 23.07
N TYR E 296 31.54 -65.23 22.19
CA TYR E 296 32.36 -66.34 22.62
C TYR E 296 33.69 -65.86 23.18
N ILE E 297 34.35 -64.95 22.47
CA ILE E 297 35.62 -64.40 22.93
C ILE E 297 35.42 -63.59 24.20
N LYS E 298 34.31 -62.86 24.30
CA LYS E 298 34.01 -62.07 25.48
C LYS E 298 33.86 -62.96 26.71
N TRP E 299 33.20 -64.09 26.55
CA TRP E 299 33.02 -64.97 27.70
C TRP E 299 34.30 -65.72 28.05
N LEU E 300 35.10 -66.08 27.05
CA LEU E 300 36.39 -66.69 27.35
C LEU E 300 37.35 -65.71 28.04
N THR E 301 37.23 -64.42 27.72
CA THR E 301 37.98 -63.39 28.45
C THR E 301 37.43 -63.22 29.87
N LYS E 302 36.13 -63.41 30.04
CA LYS E 302 35.55 -63.29 31.38
C LYS E 302 36.01 -64.43 32.27
N LYS E 303 36.16 -65.62 31.71
CA LYS E 303 36.60 -66.73 32.54
C LYS E 303 38.08 -66.70 32.85
N ASN E 304 38.83 -65.87 32.15
CA ASN E 304 40.30 -65.74 32.27
C ASN E 304 40.96 -67.09 32.02
N ILE E 305 40.79 -67.63 30.82
CA ILE E 305 41.43 -68.86 30.43
C ILE E 305 42.77 -68.44 29.82
N SER E 306 43.65 -69.40 29.56
CA SER E 306 44.97 -69.12 29.02
C SER E 306 44.87 -68.51 27.64
N ASP E 307 45.79 -67.59 27.36
CA ASP E 307 45.64 -66.70 26.21
C ASP E 307 45.85 -67.42 24.89
N GLU E 308 46.45 -68.60 24.91
CA GLU E 308 46.59 -69.34 23.65
C GLU E 308 45.23 -69.81 23.15
N VAL E 309 44.28 -70.07 24.06
CA VAL E 309 42.94 -70.45 23.64
C VAL E 309 42.24 -69.28 22.94
N VAL E 310 42.36 -68.08 23.51
CA VAL E 310 41.67 -66.93 22.96
C VAL E 310 42.33 -66.51 21.64
N VAL E 311 43.65 -66.64 21.55
CA VAL E 311 44.34 -66.42 20.28
C VAL E 311 43.91 -67.47 19.25
N ASP E 312 43.68 -68.72 19.68
CA ASP E 312 43.24 -69.75 18.75
C ASP E 312 41.87 -69.47 18.18
N ILE E 313 40.94 -69.06 19.04
CA ILE E 313 39.62 -68.72 18.55
C ILE E 313 39.67 -67.49 17.66
N TYR E 314 40.55 -66.55 17.99
CA TYR E 314 40.74 -65.37 17.16
C TYR E 314 41.29 -65.71 15.79
N GLN E 315 42.25 -66.63 15.71
CA GLN E 315 42.80 -67.01 14.41
C GLN E 315 41.78 -67.80 13.60
N LYS E 316 40.96 -68.61 14.28
CA LYS E 316 39.89 -69.33 13.60
C LYS E 316 38.86 -68.37 13.01
N ALA E 317 38.48 -67.36 13.79
CA ALA E 317 37.53 -66.37 13.28
C ALA E 317 38.17 -65.49 12.22
N ASN E 318 39.48 -65.28 12.32
CA ASN E 318 40.17 -64.46 11.33
C ASN E 318 40.26 -65.19 10.01
N THR E 319 40.30 -66.52 10.06
CA THR E 319 40.31 -67.29 8.82
C THR E 319 38.92 -67.41 8.23
N PHE E 320 37.93 -67.75 9.06
CA PHE E 320 36.67 -68.23 8.51
C PHE E 320 35.73 -67.10 8.12
N LEU E 321 35.79 -65.99 8.83
CA LEU E 321 34.84 -64.92 8.58
C LEU E 321 35.12 -64.29 7.22
N PRO E 322 34.10 -63.94 6.47
CA PRO E 322 34.34 -63.28 5.19
C PRO E 322 34.88 -61.88 5.39
N LEU E 323 35.33 -61.31 4.28
CA LEU E 323 36.00 -60.03 4.33
C LEU E 323 35.03 -58.91 4.66
N ASP E 324 35.58 -57.74 4.96
CA ASP E 324 34.91 -56.45 5.13
C ASP E 324 34.06 -56.44 6.40
N PHE E 325 34.31 -57.33 7.35
CA PHE E 325 33.64 -57.24 8.64
C PHE E 325 34.30 -56.21 9.56
N LYS E 326 35.64 -56.26 9.68
CA LYS E 326 36.45 -55.22 10.34
C LYS E 326 36.16 -55.06 11.83
N THR E 327 35.37 -55.91 12.46
CA THR E 327 34.92 -55.59 13.80
C THR E 327 35.44 -56.57 14.82
N LEU E 328 35.41 -57.86 14.52
CA LEU E 328 36.13 -58.82 15.33
C LEU E 328 37.62 -58.64 15.15
N ARG E 329 38.03 -58.20 13.96
CA ARG E 329 39.43 -58.27 13.59
C ARG E 329 40.22 -57.10 14.17
N TYR E 330 39.62 -55.91 14.19
CA TYR E 330 40.18 -54.83 14.99
C TYR E 330 40.15 -55.15 16.47
N ASP E 331 39.18 -55.95 16.90
CA ASP E 331 39.14 -56.29 18.32
C ASP E 331 40.27 -57.24 18.67
N PHE E 332 40.66 -58.10 17.74
CA PHE E 332 41.84 -58.94 17.93
C PHE E 332 43.11 -58.11 17.91
N LEU E 333 43.14 -57.05 17.12
CA LEU E 333 44.30 -56.18 17.10
C LEU E 333 44.45 -55.46 18.44
N ARG E 334 43.33 -54.99 18.99
CA ARG E 334 43.37 -54.34 20.29
C ARG E 334 43.58 -55.35 21.42
N PHE E 335 43.22 -56.62 21.19
CA PHE E 335 43.55 -57.66 22.15
C PHE E 335 45.04 -57.88 22.25
N LEU E 336 45.71 -57.88 21.11
CA LEU E 336 47.17 -58.03 21.12
C LEU E 336 47.84 -56.84 21.79
N LYS E 337 47.28 -55.64 21.59
CA LYS E 337 47.89 -54.47 22.22
C LYS E 337 47.77 -54.53 23.74
N ARG E 338 46.69 -55.10 24.26
CA ARG E 338 46.54 -55.20 25.71
C ARG E 338 47.41 -56.32 26.26
N LYS E 339 47.42 -57.46 25.59
CA LYS E 339 48.17 -58.59 26.15
C LYS E 339 49.66 -58.53 25.80
N TYR E 340 50.11 -57.49 25.11
CA TYR E 340 51.53 -57.37 24.77
C TYR E 340 52.42 -57.32 25.98
N ARG E 341 51.99 -56.63 27.03
CA ARG E 341 52.90 -56.29 28.12
C ARG E 341 53.33 -57.56 28.86
N SER E 342 52.52 -58.60 28.80
CA SER E 342 52.82 -59.84 29.48
C SER E 342 53.98 -60.58 28.84
N ASN E 343 54.06 -60.61 27.52
CA ASN E 343 55.00 -61.52 26.88
C ASN E 343 56.09 -60.83 26.08
N ASN E 344 55.77 -59.76 25.34
CA ASN E 344 56.69 -58.80 24.73
C ASN E 344 57.46 -59.38 23.53
N THR E 345 57.38 -60.67 23.27
CA THR E 345 58.07 -61.19 22.09
C THR E 345 57.12 -61.91 21.15
N LEU E 346 56.34 -62.82 21.72
CA LEU E 346 55.36 -63.64 20.96
C LEU E 346 54.24 -62.78 20.34
N PHE E 347 53.75 -61.79 21.08
CA PHE E 347 52.63 -60.98 20.63
C PHE E 347 53.04 -60.00 19.54
N ASN E 348 54.29 -59.54 19.56
CA ASN E 348 54.79 -58.72 18.45
C ASN E 348 54.77 -59.50 17.14
N ASN E 349 55.11 -60.79 17.17
CA ASN E 349 55.15 -61.57 15.94
C ASN E 349 53.75 -61.88 15.45
N ILE E 350 52.84 -62.19 16.38
CA ILE E 350 51.43 -62.36 15.99
C ILE E 350 50.88 -61.07 15.39
N PHE E 351 51.21 -59.93 16.00
CA PHE E 351 50.73 -58.65 15.57
C PHE E 351 51.22 -58.31 14.17
N ASN E 352 52.48 -58.59 13.88
CA ASN E 352 53.00 -58.25 12.56
C ASN E 352 52.43 -59.14 11.47
N GLU E 353 52.24 -60.44 11.77
CA GLU E 353 51.58 -61.32 10.81
C GLU E 353 50.15 -60.85 10.53
N THR E 354 49.45 -60.46 11.58
CA THR E 354 48.05 -60.05 11.46
C THR E 354 47.90 -58.76 10.67
N VAL E 355 48.72 -57.75 10.97
CA VAL E 355 48.63 -56.47 10.29
C VAL E 355 49.07 -56.61 8.84
N SER E 356 49.99 -57.53 8.55
CA SER E 356 50.35 -57.75 7.15
C SER E 356 49.20 -58.35 6.36
N ARG E 357 48.51 -59.33 6.94
CA ARG E 357 47.32 -59.90 6.29
C ARG E 357 46.24 -58.85 6.09
N TYR E 358 46.10 -57.95 7.06
CA TYR E 358 45.06 -56.93 6.96
C TYR E 358 45.37 -55.92 5.88
N LEU E 359 46.61 -55.44 5.82
CA LEU E 359 46.97 -54.47 4.79
C LEU E 359 46.94 -55.08 3.40
N LYS E 360 47.04 -56.41 3.31
CA LYS E 360 46.78 -57.01 2.01
C LYS E 360 45.29 -57.04 1.68
N ILE E 361 44.43 -57.28 2.67
CA ILE E 361 43.02 -57.41 2.29
C ILE E 361 42.29 -56.06 2.35
N TRP E 362 42.78 -55.12 3.16
CA TRP E 362 42.13 -53.81 3.32
C TRP E 362 43.12 -52.71 3.03
N PRO E 363 43.51 -52.53 1.78
CA PRO E 363 44.66 -51.66 1.50
C PRO E 363 44.37 -50.17 1.64
N ASN E 364 43.11 -49.76 1.55
CA ASN E 364 42.79 -48.34 1.68
C ASN E 364 42.55 -47.94 3.12
N ASP E 365 42.71 -48.86 4.05
CA ASP E 365 42.57 -48.52 5.45
C ASP E 365 43.87 -47.91 5.96
N ILE E 366 43.77 -46.78 6.64
CA ILE E 366 44.94 -46.02 7.05
C ILE E 366 45.35 -46.33 8.48
N LEU E 367 44.45 -46.89 9.27
CA LEU E 367 44.67 -47.00 10.71
C LEU E 367 45.63 -48.14 11.01
N LEU E 368 45.74 -49.10 10.08
CA LEU E 368 46.65 -50.20 10.24
C LEU E 368 48.09 -49.73 10.26
N MET E 369 48.41 -48.74 9.45
CA MET E 369 49.79 -48.27 9.39
C MET E 369 50.18 -47.50 10.63
N THR E 370 49.28 -46.71 11.20
CA THR E 370 49.58 -46.03 12.46
C THR E 370 49.79 -47.02 13.57
N GLU E 371 48.95 -48.06 13.61
CA GLU E 371 49.13 -49.08 14.63
C GLU E 371 50.43 -49.83 14.44
N TYR E 372 50.81 -50.09 13.19
CA TYR E 372 52.09 -50.74 12.94
C TYR E 372 53.24 -49.88 13.39
N LEU E 373 53.21 -48.59 13.10
CA LEU E 373 54.33 -47.74 13.49
C LEU E 373 54.42 -47.54 14.99
N CYS E 374 53.28 -47.54 15.69
CA CYS E 374 53.38 -47.40 17.14
C CYS E 374 53.91 -48.67 17.76
N MET E 375 53.47 -49.84 17.28
CA MET E 375 54.04 -51.08 17.80
C MET E 375 55.49 -51.24 17.38
N LEU E 376 55.86 -50.72 16.24
CA LEU E 376 57.26 -50.71 15.81
C LEU E 376 58.13 -49.89 16.74
N LYS E 377 57.71 -48.68 17.08
CA LYS E 377 58.58 -47.85 17.89
C LYS E 377 58.46 -48.22 19.36
N ARG E 378 57.39 -48.89 19.74
CA ARG E 378 57.26 -49.32 21.13
C ARG E 378 58.01 -50.63 21.36
N HIS E 379 58.03 -51.53 20.37
CA HIS E 379 58.82 -52.74 20.57
C HIS E 379 60.25 -52.56 20.11
N SER E 380 60.45 -52.37 18.81
CA SER E 380 61.79 -52.57 18.27
C SER E 380 62.74 -51.47 18.69
N PHE E 381 62.25 -50.28 18.96
CA PHE E 381 63.14 -49.19 19.35
C PHE E 381 62.73 -48.72 20.75
N LYS E 382 63.14 -49.49 21.76
CA LYS E 382 62.71 -49.29 23.16
C LYS E 382 63.63 -48.31 23.85
N ASN E 383 63.13 -47.13 24.18
CA ASN E 383 63.79 -46.30 25.19
C ASN E 383 63.32 -46.61 26.58
N SER E 384 63.78 -45.82 27.55
CA SER E 384 63.17 -45.58 28.84
C SER E 384 63.93 -44.42 29.46
N LEU E 385 63.42 -43.85 30.55
CA LEU E 385 64.03 -42.67 31.13
C LEU E 385 65.23 -42.98 31.99
N ASP E 386 65.48 -44.26 32.25
CA ASP E 386 66.61 -44.65 33.07
C ASP E 386 67.92 -44.38 32.37
N GLN E 387 67.95 -44.58 31.07
CA GLN E 387 69.20 -44.69 30.34
C GLN E 387 69.83 -43.32 30.16
N SER E 388 71.07 -43.32 29.68
CA SER E 388 71.74 -42.07 29.47
C SER E 388 71.14 -41.38 28.25
N PRO E 389 71.13 -40.05 28.22
CA PRO E 389 70.47 -39.35 27.11
C PRO E 389 71.14 -39.52 25.77
N LYS E 390 72.42 -39.82 25.76
CA LYS E 390 73.11 -40.17 24.53
C LYS E 390 72.61 -41.49 23.98
N GLU E 391 72.13 -42.38 24.84
CA GLU E 391 71.51 -43.62 24.39
C GLU E 391 70.08 -43.40 23.92
N ILE E 392 69.35 -42.50 24.58
CA ILE E 392 67.96 -42.25 24.22
C ILE E 392 67.87 -41.55 22.88
N LEU E 393 68.78 -40.61 22.62
CA LEU E 393 68.77 -39.90 21.35
C LEU E 393 69.06 -40.81 20.17
N GLU E 394 69.85 -41.86 20.39
CA GLU E 394 70.26 -42.69 19.26
C GLU E 394 69.11 -43.52 18.73
N LYS E 395 68.24 -44.01 19.60
CA LYS E 395 67.10 -44.81 19.17
C LYS E 395 66.14 -43.96 18.35
N GLN E 396 66.01 -42.69 18.73
CA GLN E 396 65.15 -41.77 18.00
C GLN E 396 65.74 -41.48 16.62
N THR E 397 67.05 -41.28 16.53
CA THR E 397 67.62 -40.97 15.22
C THR E 397 67.63 -42.20 14.32
N SER E 398 67.77 -43.40 14.89
CA SER E 398 67.67 -44.60 14.08
C SER E 398 66.26 -44.82 13.55
N PHE E 399 65.25 -44.46 14.36
CA PHE E 399 63.88 -44.49 13.88
C PHE E 399 63.68 -43.51 12.74
N THR E 400 64.31 -42.35 12.84
CA THR E 400 64.26 -41.37 11.74
C THR E 400 64.89 -41.93 10.48
N LYS E 401 65.95 -42.72 10.62
CA LYS E 401 66.62 -43.24 9.44
C LYS E 401 65.83 -44.34 8.75
N ILE E 402 65.21 -45.23 9.52
CA ILE E 402 64.44 -46.29 8.87
C ILE E 402 63.19 -45.73 8.20
N LEU E 403 62.58 -44.71 8.81
CA LEU E 403 61.46 -44.01 8.18
C LEU E 403 61.87 -43.34 6.87
N GLU E 404 62.96 -42.57 6.87
CA GLU E 404 63.31 -41.80 5.69
C GLU E 404 63.83 -42.68 4.57
N THR E 405 64.62 -43.70 4.88
CA THR E 405 65.03 -44.59 3.80
C THR E 405 63.88 -45.43 3.28
N SER E 406 62.88 -45.71 4.12
CA SER E 406 61.72 -46.45 3.63
C SER E 406 60.92 -45.63 2.64
N ILE E 407 60.67 -44.36 2.95
CA ILE E 407 59.94 -43.56 1.98
C ILE E 407 60.79 -43.29 0.73
N THR E 408 62.10 -43.02 0.89
CA THR E 408 62.94 -42.72 -0.26
C THR E 408 63.08 -43.94 -1.16
N ASN E 409 63.02 -45.13 -0.59
CA ASN E 409 63.01 -46.34 -1.41
C ASN E 409 61.65 -46.57 -2.06
N TYR E 410 60.56 -46.14 -1.43
CA TYR E 410 59.27 -46.37 -2.07
C TYR E 410 59.02 -45.39 -3.21
N ILE E 411 59.50 -44.16 -3.07
CA ILE E 411 59.26 -43.16 -4.11
C ILE E 411 59.98 -43.54 -5.40
N ASN E 412 61.21 -43.99 -5.28
CA ASN E 412 62.00 -44.45 -6.41
C ASN E 412 61.71 -45.88 -6.80
N ASN E 413 60.74 -46.52 -6.12
CA ASN E 413 60.27 -47.87 -6.41
C ASN E 413 61.37 -48.91 -6.29
N GLN E 414 62.05 -48.93 -5.15
CA GLN E 414 63.12 -49.87 -4.87
C GLN E 414 62.84 -50.54 -3.55
N ILE E 415 61.99 -51.56 -3.54
CA ILE E 415 61.50 -52.13 -2.29
C ILE E 415 62.54 -53.10 -1.76
N ASP E 416 63.13 -52.75 -0.65
CA ASP E 416 64.06 -53.59 0.09
C ASP E 416 63.22 -54.58 0.86
N ALA E 417 63.26 -55.86 0.47
CA ALA E 417 62.40 -56.85 1.12
C ALA E 417 62.88 -57.17 2.52
N LYS E 418 64.08 -56.73 2.88
CA LYS E 418 64.60 -56.92 4.23
C LYS E 418 63.82 -56.12 5.26
N VAL E 419 63.55 -54.86 4.98
CA VAL E 419 62.80 -54.04 5.91
C VAL E 419 61.33 -54.33 5.72
N HIS E 420 60.65 -54.66 6.80
CA HIS E 420 59.26 -55.09 6.70
C HIS E 420 58.34 -53.90 6.46
N LEU E 421 58.81 -52.71 6.83
CA LEU E 421 58.02 -51.50 6.62
C LEU E 421 57.79 -51.25 5.15
N GLN E 422 58.81 -51.46 4.33
CA GLN E 422 58.68 -51.16 2.93
C GLN E 422 57.84 -52.19 2.23
N THR E 423 57.78 -53.39 2.80
CA THR E 423 56.81 -54.37 2.37
C THR E 423 55.39 -53.87 2.63
N LEU E 424 55.18 -53.22 3.78
CA LEU E 424 53.82 -52.78 4.11
C LEU E 424 53.40 -51.52 3.37
N ILE E 425 54.33 -50.62 3.05
CA ILE E 425 54.02 -49.25 2.67
C ILE E 425 53.36 -49.22 1.30
N ASN E 426 52.59 -48.16 1.05
CA ASN E 426 51.45 -48.20 0.14
C ASN E 426 51.16 -46.79 -0.32
N ASP E 427 50.50 -46.62 -1.47
CA ASP E 427 50.28 -45.26 -1.92
C ASP E 427 49.05 -44.62 -1.30
N LYS E 428 48.30 -45.38 -0.53
CA LYS E 428 47.37 -44.75 0.40
C LYS E 428 48.09 -44.36 1.68
N ASN E 429 48.85 -45.29 2.25
CA ASN E 429 49.48 -45.20 3.56
C ASN E 429 50.85 -44.56 3.56
N LEU E 430 51.24 -43.83 2.52
CA LEU E 430 52.58 -43.26 2.50
C LEU E 430 52.67 -42.03 3.36
N SER E 431 51.64 -41.19 3.31
CA SER E 431 51.69 -39.88 3.91
C SER E 431 51.79 -39.96 5.41
N ILE E 432 51.34 -41.06 5.97
CA ILE E 432 51.32 -41.17 7.40
C ILE E 432 52.67 -41.63 7.93
N VAL E 433 53.43 -42.31 7.08
CA VAL E 433 54.84 -42.55 7.32
C VAL E 433 55.62 -41.24 7.26
N VAL E 434 55.26 -40.37 6.31
CA VAL E 434 55.88 -39.05 6.24
C VAL E 434 55.58 -38.25 7.49
N VAL E 435 54.33 -38.29 7.95
CA VAL E 435 53.90 -37.54 9.11
C VAL E 435 54.61 -38.02 10.37
N GLU E 436 54.86 -39.33 10.48
CA GLU E 436 55.68 -39.80 11.60
C GLU E 436 57.10 -39.28 11.52
N LEU E 437 57.64 -39.18 10.32
CA LEU E 437 58.98 -38.61 10.18
C LEU E 437 59.01 -37.14 10.55
N ILE E 438 58.02 -36.36 10.11
CA ILE E 438 57.92 -34.95 10.44
C ILE E 438 57.77 -34.76 11.93
N LYS E 439 56.87 -35.55 12.52
CA LYS E 439 56.52 -35.39 13.92
C LYS E 439 57.67 -35.77 14.82
N THR E 440 58.46 -36.77 14.41
CA THR E 440 59.64 -37.13 15.17
C THR E 440 60.76 -36.10 14.99
N THR E 441 60.91 -35.54 13.79
CA THR E 441 61.98 -34.55 13.61
C THR E 441 61.67 -33.26 14.34
N TRP E 442 60.44 -32.77 14.23
CA TRP E 442 60.06 -31.52 14.85
C TRP E 442 59.94 -31.63 16.35
N LEU E 443 59.35 -32.70 16.85
CA LEU E 443 59.07 -32.71 18.28
C LEU E 443 60.16 -33.36 19.12
N VAL E 444 60.79 -34.42 18.61
CA VAL E 444 61.80 -35.12 19.38
C VAL E 444 63.19 -34.58 19.10
N LEU E 445 63.60 -34.57 17.85
CA LEU E 445 64.92 -34.05 17.54
C LEU E 445 64.98 -32.54 17.62
N LYS E 446 63.84 -31.86 17.64
CA LYS E 446 63.70 -30.42 17.85
C LYS E 446 64.46 -29.65 16.78
N ASN E 447 64.40 -30.15 15.56
CA ASN E 447 65.23 -29.65 14.47
C ASN E 447 64.31 -28.99 13.48
N ASN E 448 64.20 -27.67 13.55
CA ASN E 448 63.15 -27.00 12.78
C ASN E 448 63.49 -26.89 11.31
N MET E 449 64.75 -26.72 10.96
CA MET E 449 65.08 -26.51 9.56
C MET E 449 64.88 -27.76 8.76
N GLN E 450 65.16 -28.92 9.35
CA GLN E 450 64.95 -30.16 8.63
C GLN E 450 63.47 -30.45 8.48
N THR E 451 62.66 -29.99 9.44
CA THR E 451 61.22 -30.12 9.35
C THR E 451 60.66 -29.26 8.24
N ARG E 452 61.08 -28.01 8.18
CA ARG E 452 60.62 -27.10 7.15
C ARG E 452 61.11 -27.55 5.78
N LYS E 453 62.29 -28.14 5.73
CA LYS E 453 62.81 -28.72 4.50
C LYS E 453 61.97 -29.90 4.04
N TYR E 454 61.48 -30.69 4.98
CA TYR E 454 60.65 -31.82 4.60
C TYR E 454 59.27 -31.38 4.14
N PHE E 455 58.71 -30.33 4.74
CA PHE E 455 57.42 -29.82 4.24
C PHE E 455 57.55 -29.31 2.83
N ASN E 456 58.63 -28.59 2.53
CA ASN E 456 58.82 -28.11 1.17
C ASN E 456 59.02 -29.26 0.20
N LEU E 457 59.73 -30.30 0.62
CA LEU E 457 59.98 -31.43 -0.28
C LEU E 457 58.71 -32.19 -0.58
N TYR E 458 58.03 -32.65 0.45
CA TYR E 458 56.91 -33.55 0.26
C TYR E 458 55.60 -32.85 0.06
N GLN E 459 55.58 -31.52 0.03
CA GLN E 459 54.38 -30.78 -0.34
C GLN E 459 53.98 -31.06 -1.79
N LYS E 460 54.95 -31.36 -2.65
CA LYS E 460 54.71 -31.39 -4.08
C LYS E 460 54.31 -32.77 -4.59
N ASN E 461 54.65 -33.83 -3.85
CA ASN E 461 54.45 -35.20 -4.32
C ASN E 461 52.97 -35.53 -4.42
N ILE E 462 52.60 -36.14 -5.55
CA ILE E 462 51.22 -36.40 -5.92
C ILE E 462 50.51 -37.32 -4.92
N LEU E 463 51.24 -38.28 -4.36
CA LEU E 463 50.59 -39.29 -3.52
C LEU E 463 50.16 -38.71 -2.19
N ILE E 464 50.82 -37.66 -1.73
CA ILE E 464 50.65 -37.14 -0.38
C ILE E 464 50.27 -35.68 -0.39
N LYS E 465 49.91 -35.12 -1.53
CA LYS E 465 49.59 -33.71 -1.62
C LYS E 465 48.21 -33.43 -1.06
N ASN E 466 47.26 -34.31 -1.34
CA ASN E 466 45.90 -34.12 -0.85
C ASN E 466 45.65 -34.96 0.40
N SER E 467 46.52 -34.80 1.38
CA SER E 467 46.56 -35.70 2.52
C SER E 467 46.20 -34.96 3.78
N VAL E 468 45.27 -35.52 4.54
CA VAL E 468 44.79 -34.84 5.74
C VAL E 468 45.80 -34.77 6.87
N PRO E 469 46.46 -35.86 7.31
CA PRO E 469 47.38 -35.68 8.43
C PRO E 469 48.61 -34.87 8.11
N PHE E 470 49.03 -34.84 6.86
CA PHE E 470 50.14 -34.00 6.47
C PHE E 470 49.81 -32.53 6.66
N TRP E 471 48.63 -32.11 6.24
CA TRP E 471 48.32 -30.69 6.31
C TRP E 471 47.82 -30.29 7.68
N LEU E 472 47.21 -31.20 8.43
CA LEU E 472 46.90 -30.86 9.81
C LEU E 472 48.17 -30.79 10.66
N THR E 473 49.20 -31.57 10.32
CA THR E 473 50.48 -31.40 10.98
C THR E 473 51.16 -30.11 10.56
N TYR E 474 51.03 -29.73 9.30
CA TYR E 474 51.56 -28.45 8.85
C TYR E 474 50.89 -27.32 9.58
N TYR E 475 49.60 -27.47 9.83
CA TYR E 475 48.87 -26.45 10.55
C TYR E 475 49.29 -26.37 12.01
N LYS E 476 49.60 -27.50 12.64
CA LYS E 476 50.07 -27.45 14.02
C LYS E 476 51.49 -26.92 14.10
N PHE E 477 52.33 -27.23 13.12
CA PHE E 477 53.69 -26.70 13.08
C PHE E 477 53.69 -25.19 12.93
N GLU E 478 52.96 -24.68 11.94
CA GLU E 478 52.92 -23.24 11.75
C GLU E 478 52.03 -22.56 12.75
N LYS E 479 51.25 -23.32 13.52
CA LYS E 479 50.48 -22.72 14.61
C LYS E 479 51.33 -22.62 15.86
N SER E 480 52.31 -23.50 16.03
CA SER E 480 53.10 -23.44 17.24
C SER E 480 54.10 -22.30 17.18
N ASN E 481 54.71 -22.05 16.04
CA ASN E 481 55.23 -20.73 15.77
C ASN E 481 54.02 -19.85 15.60
N VAL E 482 54.12 -18.57 15.89
CA VAL E 482 52.88 -17.81 15.88
C VAL E 482 52.50 -17.44 14.45
N ASN E 483 53.47 -17.47 13.53
CA ASN E 483 53.45 -16.64 12.31
C ASN E 483 52.19 -16.73 11.50
N PHE E 484 51.74 -15.60 11.02
CA PHE E 484 50.47 -15.57 10.36
C PHE E 484 50.60 -15.55 8.87
N THR E 485 51.80 -15.32 8.35
CA THR E 485 51.95 -15.24 6.91
C THR E 485 51.75 -16.60 6.26
N LYS E 486 52.34 -17.63 6.85
CA LYS E 486 52.16 -18.98 6.32
C LYS E 486 50.75 -19.48 6.58
N LEU E 487 50.15 -19.09 7.70
CA LEU E 487 48.80 -19.52 7.98
C LEU E 487 47.79 -18.83 7.09
N ASN E 488 47.97 -17.55 6.78
CA ASN E 488 47.05 -16.91 5.86
C ASN E 488 47.22 -17.45 4.46
N LYS E 489 48.45 -17.75 4.05
CA LYS E 489 48.65 -18.35 2.74
C LYS E 489 48.06 -19.75 2.67
N PHE E 490 48.07 -20.46 3.79
CA PHE E 490 47.47 -21.77 3.85
C PHE E 490 45.96 -21.72 3.72
N ILE E 491 45.29 -20.85 4.47
CA ILE E 491 43.84 -20.87 4.38
C ILE E 491 43.36 -20.16 3.12
N ARG E 492 44.24 -19.44 2.42
CA ARG E 492 43.89 -19.10 1.05
C ARG E 492 43.99 -20.30 0.15
N GLU E 493 45.01 -21.12 0.30
CA GLU E 493 45.19 -22.22 -0.62
C GLU E 493 44.28 -23.41 -0.36
N LEU E 494 43.49 -23.42 0.72
CA LEU E 494 42.69 -24.61 1.03
C LEU E 494 41.62 -24.91 -0.02
N GLY E 495 41.32 -23.98 -0.90
CA GLY E 495 40.37 -24.30 -1.95
C GLY E 495 41.05 -24.62 -3.27
N VAL E 496 42.13 -23.91 -3.55
CA VAL E 496 42.63 -23.90 -4.91
C VAL E 496 43.71 -24.95 -5.12
N GLU E 497 44.72 -24.96 -4.26
CA GLU E 497 45.79 -25.93 -4.43
C GLU E 497 45.73 -27.08 -3.45
N ILE E 498 45.05 -26.94 -2.34
CA ILE E 498 45.04 -27.96 -1.33
C ILE E 498 43.63 -28.51 -1.32
N TYR E 499 43.48 -29.79 -1.51
CA TYR E 499 42.17 -30.36 -1.66
C TYR E 499 41.95 -31.31 -0.50
N LEU E 500 41.15 -30.88 0.45
CA LEU E 500 40.90 -31.61 1.69
C LEU E 500 39.41 -31.84 1.78
N PRO E 501 38.95 -32.75 2.63
CA PRO E 501 37.53 -32.89 2.88
C PRO E 501 36.91 -31.60 3.38
N THR E 502 35.60 -31.49 3.19
CA THR E 502 34.95 -30.24 3.54
C THR E 502 34.89 -30.10 5.04
N THR E 503 34.78 -31.22 5.74
CA THR E 503 34.78 -31.18 7.19
C THR E 503 36.11 -30.71 7.73
N VAL E 504 37.19 -31.20 7.15
CA VAL E 504 38.53 -30.80 7.55
C VAL E 504 38.81 -29.35 7.19
N MET E 505 38.29 -28.89 6.06
CA MET E 505 38.48 -27.48 5.73
C MET E 505 37.66 -26.58 6.63
N ASN E 506 36.47 -27.04 7.01
CA ASN E 506 35.60 -26.28 7.95
C ASN E 506 36.31 -26.17 9.30
N ASP E 507 37.00 -27.23 9.73
CA ASP E 507 37.72 -27.22 11.00
C ASP E 507 38.90 -26.28 10.98
N ILE E 508 39.68 -26.32 9.90
CA ILE E 508 40.84 -25.45 9.77
C ILE E 508 40.43 -23.99 9.77
N LEU E 509 39.32 -23.65 9.11
CA LEU E 509 38.90 -22.25 9.10
C LEU E 509 38.32 -21.81 10.43
N THR E 510 37.58 -22.66 11.13
CA THR E 510 37.03 -22.24 12.42
C THR E 510 38.12 -22.11 13.48
N ASP E 511 39.03 -23.07 13.54
CA ASP E 511 40.09 -23.00 14.54
C ASP E 511 41.06 -21.88 14.22
N TYR E 512 41.29 -21.58 12.95
CA TYR E 512 42.20 -20.50 12.66
C TYR E 512 41.55 -19.17 12.92
N LYS E 513 40.23 -19.08 12.83
CA LYS E 513 39.59 -17.85 13.25
C LYS E 513 39.72 -17.63 14.74
N THR E 514 39.48 -18.67 15.54
CA THR E 514 39.62 -18.52 16.98
C THR E 514 41.06 -18.22 17.38
N PHE E 515 42.00 -18.85 16.70
CA PHE E 515 43.42 -18.60 16.95
C PHE E 515 43.81 -17.18 16.56
N TYR E 516 43.33 -16.70 15.41
CA TYR E 516 43.70 -15.38 14.93
C TYR E 516 43.13 -14.29 15.80
N LEU E 517 41.88 -14.45 16.24
CA LEU E 517 41.29 -13.44 17.08
C LEU E 517 41.95 -13.40 18.42
N THR E 518 42.30 -14.55 18.97
CA THR E 518 42.84 -14.55 20.33
C THR E 518 44.30 -14.13 20.34
N HIS E 519 45.02 -14.36 19.24
CA HIS E 519 46.46 -14.17 19.25
C HIS E 519 46.99 -13.05 18.37
N SER E 520 46.19 -12.16 17.82
CA SER E 520 46.78 -11.09 17.03
C SER E 520 46.01 -9.80 17.16
N ASN E 521 46.61 -8.71 16.67
CA ASN E 521 46.06 -7.40 16.96
C ASN E 521 45.72 -6.64 15.70
N ILE E 522 45.18 -5.44 15.90
CA ILE E 522 44.60 -4.67 14.79
C ILE E 522 45.68 -4.19 13.83
N VAL E 523 46.89 -3.96 14.34
CA VAL E 523 47.99 -3.53 13.48
C VAL E 523 48.36 -4.62 12.49
N THR E 524 48.54 -5.84 12.98
CA THR E 524 48.89 -6.96 12.13
C THR E 524 47.76 -7.26 11.17
N TYR E 525 46.52 -7.10 11.65
CA TYR E 525 45.35 -7.35 10.83
C TYR E 525 45.24 -6.38 9.68
N GLU E 526 45.33 -5.08 9.96
CA GLU E 526 45.15 -4.10 8.91
C GLU E 526 46.33 -4.09 7.96
N SER E 527 47.49 -4.58 8.40
CA SER E 527 48.56 -4.83 7.45
C SER E 527 48.31 -6.06 6.61
N SER E 528 47.55 -7.04 7.13
CA SER E 528 47.28 -8.27 6.37
C SER E 528 46.34 -8.04 5.20
N ILE E 529 45.62 -6.93 5.20
CA ILE E 529 44.62 -6.67 4.18
C ILE E 529 45.25 -5.91 3.01
N ILE E 530 45.07 -6.46 1.81
CA ILE E 530 45.27 -5.78 0.54
C ILE E 530 44.04 -6.01 -0.30
N ASP E 531 43.54 -4.97 -0.95
CA ASP E 531 42.23 -5.05 -1.56
C ASP E 531 42.30 -5.61 -2.96
N SER E 532 43.48 -6.03 -3.40
CA SER E 532 43.62 -6.66 -4.72
C SER E 532 43.13 -8.10 -4.70
N ASN E 533 43.13 -8.72 -3.53
CA ASN E 533 42.57 -10.06 -3.37
C ASN E 533 41.25 -10.04 -2.60
N THR E 534 41.00 -9.00 -1.83
CA THR E 534 39.96 -8.93 -0.81
C THR E 534 40.00 -10.13 0.12
N PHE E 535 41.20 -10.53 0.52
CA PHE E 535 41.43 -11.47 1.60
C PHE E 535 41.50 -10.68 2.88
N ASP E 536 40.77 -11.11 3.90
CA ASP E 536 40.90 -10.57 5.24
C ASP E 536 40.68 -11.69 6.24
N PRO E 537 41.56 -11.89 7.21
CA PRO E 537 41.53 -13.13 8.00
C PRO E 537 40.37 -13.28 8.95
N ILE E 538 39.59 -12.23 9.18
CA ILE E 538 38.41 -12.40 10.03
C ILE E 538 37.18 -12.70 9.19
N LEU E 539 36.95 -11.96 8.11
CA LEU E 539 35.72 -12.17 7.35
C LEU E 539 35.84 -13.25 6.29
N TYR E 540 36.98 -13.37 5.61
CA TYR E 540 37.15 -14.41 4.59
C TYR E 540 36.99 -15.85 5.09
N PRO E 541 37.38 -16.25 6.30
CA PRO E 541 36.99 -17.58 6.74
C PRO E 541 35.52 -17.76 6.94
N GLU E 542 34.78 -16.68 7.12
CA GLU E 542 33.37 -16.83 7.38
C GLU E 542 32.62 -17.00 6.08
N LEU E 543 33.05 -16.25 5.06
CA LEU E 543 32.42 -16.28 3.72
C LEU E 543 32.66 -17.61 3.00
N LYS E 544 33.84 -18.19 3.19
CA LYS E 544 34.28 -19.43 2.50
C LYS E 544 34.10 -20.65 3.41
N MET E 545 33.21 -20.56 4.39
CA MET E 545 33.03 -21.65 5.38
C MET E 545 32.63 -22.97 4.71
N SER E 546 31.64 -22.96 3.81
CA SER E 546 31.24 -24.25 3.21
C SER E 546 31.44 -24.24 1.69
N ASN E 547 31.88 -23.11 1.14
CA ASN E 547 32.11 -23.04 -0.33
C ASN E 547 33.56 -23.41 -0.59
N PRO E 548 33.89 -24.66 -0.99
CA PRO E 548 35.28 -25.02 -1.27
C PRO E 548 35.91 -24.27 -2.39
N LYS E 549 35.21 -24.00 -3.48
CA LYS E 549 35.80 -23.28 -4.61
C LYS E 549 35.35 -21.83 -4.61
N TYR E 550 35.58 -21.18 -3.48
CA TYR E 550 35.27 -19.77 -3.30
C TYR E 550 36.45 -18.96 -3.75
N ASP E 551 36.21 -18.04 -4.68
CA ASP E 551 37.14 -16.95 -4.88
C ASP E 551 36.35 -15.66 -4.99
N PRO E 552 36.85 -14.56 -4.44
CA PRO E 552 36.03 -13.35 -4.35
C PRO E 552 36.04 -12.50 -5.62
N VAL E 553 37.10 -12.60 -6.41
CA VAL E 553 37.39 -11.66 -7.48
C VAL E 553 36.38 -11.69 -8.61
N ASP E 561 27.23 -10.85 -20.26
CA ASP E 561 27.18 -12.10 -20.99
C ASP E 561 26.62 -13.23 -20.17
N TRP E 562 26.07 -12.88 -19.01
CA TRP E 562 25.74 -13.83 -17.96
C TRP E 562 24.48 -14.62 -18.31
N HIS E 563 24.42 -15.18 -19.49
CA HIS E 563 23.32 -16.04 -19.87
C HIS E 563 23.78 -17.26 -20.64
N LYS E 564 25.05 -17.32 -21.01
CA LYS E 564 25.68 -18.52 -21.51
C LYS E 564 26.37 -19.28 -20.41
N LYS E 565 26.34 -18.77 -19.19
CA LYS E 565 26.86 -19.50 -18.05
C LYS E 565 25.91 -20.62 -17.67
N THR E 566 26.45 -21.66 -17.07
CA THR E 566 25.60 -22.78 -16.69
C THR E 566 24.88 -22.51 -15.39
N GLU E 567 25.20 -21.42 -14.70
CA GLU E 567 24.36 -21.03 -13.56
C GLU E 567 23.05 -20.46 -14.04
N TRP E 568 23.09 -19.67 -15.11
CA TRP E 568 21.88 -19.15 -15.71
C TRP E 568 21.04 -20.26 -16.28
N LYS E 569 21.65 -21.17 -17.04
CA LYS E 569 20.90 -22.05 -17.90
C LYS E 569 20.11 -23.08 -17.12
N GLU E 570 20.54 -23.41 -15.92
CA GLU E 570 19.78 -24.33 -15.08
C GLU E 570 19.36 -23.70 -13.76
N ALA E 571 18.82 -22.49 -13.83
CA ALA E 571 18.61 -21.68 -12.63
C ALA E 571 17.53 -22.25 -11.72
N GLY E 572 16.36 -22.54 -12.25
CA GLY E 572 15.30 -23.02 -11.38
C GLY E 572 15.45 -24.48 -11.02
N HIS E 573 16.03 -25.26 -11.92
CA HIS E 573 16.06 -26.70 -11.90
C HIS E 573 17.48 -27.17 -12.10
N ILE E 574 18.02 -27.89 -11.14
CA ILE E 574 19.44 -28.20 -11.16
C ILE E 574 19.67 -29.54 -11.82
N GLY E 575 20.63 -29.58 -12.72
CA GLY E 575 20.87 -30.72 -13.54
C GLY E 575 20.23 -30.68 -14.90
N ILE E 576 19.23 -29.83 -15.10
CA ILE E 576 18.42 -29.80 -16.30
C ILE E 576 18.65 -28.46 -16.93
N THR E 577 19.31 -28.41 -18.05
CA THR E 577 19.75 -27.14 -18.62
C THR E 577 18.90 -26.75 -19.79
N THR E 578 18.34 -25.55 -19.75
CA THR E 578 17.51 -25.06 -20.84
C THR E 578 17.82 -23.62 -21.18
N GLU E 579 17.93 -23.35 -22.47
CA GLU E 579 18.11 -22.01 -22.98
C GLU E 579 16.76 -21.30 -22.86
N ARG E 580 16.75 -20.16 -22.22
CA ARG E 580 15.45 -19.55 -22.00
C ARG E 580 15.23 -18.46 -23.01
N PRO E 581 14.03 -18.34 -23.57
CA PRO E 581 13.70 -17.16 -24.34
C PRO E 581 13.81 -15.94 -23.47
N GLN E 582 14.42 -14.91 -24.01
CA GLN E 582 14.44 -13.67 -23.30
C GLN E 582 14.51 -12.53 -24.29
N ILE E 583 13.99 -11.40 -23.88
CA ILE E 583 14.03 -10.19 -24.66
C ILE E 583 15.41 -9.58 -24.52
N SER E 584 16.04 -9.26 -25.65
CA SER E 584 17.40 -8.78 -25.63
C SER E 584 17.51 -7.36 -25.12
N ASN E 585 16.62 -6.48 -25.53
CA ASN E 585 16.59 -5.13 -24.98
C ASN E 585 15.36 -4.98 -24.10
N SER E 586 15.56 -5.07 -22.80
CA SER E 586 14.44 -5.15 -21.88
C SER E 586 14.45 -3.92 -21.00
N ILE E 587 13.30 -3.29 -20.87
CA ILE E 587 13.21 -1.94 -20.32
C ILE E 587 12.69 -1.95 -18.91
N ILE E 588 12.62 -3.11 -18.27
CA ILE E 588 12.00 -3.17 -16.95
C ILE E 588 12.91 -2.61 -15.87
N GLU E 589 14.17 -2.31 -16.19
CA GLU E 589 14.96 -1.53 -15.27
C GLU E 589 14.60 -0.06 -15.36
N CYS E 590 14.14 0.39 -16.52
CA CYS E 590 13.89 1.82 -16.73
C CYS E 590 12.62 2.25 -16.05
N ASN E 591 12.64 3.42 -15.44
CA ASN E 591 11.46 3.99 -14.81
C ASN E 591 10.61 4.63 -15.88
N SER E 592 9.33 4.78 -15.60
CA SER E 592 8.42 5.29 -16.63
C SER E 592 8.63 6.76 -16.89
N GLY E 593 9.14 7.49 -15.90
CA GLY E 593 9.40 8.91 -16.10
C GLY E 593 10.49 9.17 -17.12
N THR E 594 11.44 8.25 -17.25
CA THR E 594 12.47 8.42 -18.27
C THR E 594 12.08 7.72 -19.55
N LEU E 595 11.20 6.73 -19.47
CA LEU E 595 10.71 6.11 -20.69
C LEU E 595 9.80 7.03 -21.48
N ILE E 596 9.18 8.00 -20.81
CA ILE E 596 8.29 8.89 -21.53
C ILE E 596 9.06 9.85 -22.43
N GLN E 597 10.37 9.98 -22.24
CA GLN E 597 11.12 11.06 -22.86
C GLN E 597 11.28 10.87 -24.35
N LYS E 598 11.46 9.65 -24.81
CA LYS E 598 11.77 9.31 -26.19
C LYS E 598 11.10 8.00 -26.55
N PRO E 599 10.82 7.73 -27.83
CA PRO E 599 9.95 6.60 -28.16
C PRO E 599 10.64 5.25 -28.03
N ILE E 600 9.88 4.25 -27.55
CA ILE E 600 10.46 2.97 -27.15
C ILE E 600 10.71 2.11 -28.37
N SER E 601 11.92 1.57 -28.47
CA SER E 601 12.28 0.67 -29.54
C SER E 601 11.47 -0.61 -29.49
N LEU E 602 11.37 -1.26 -30.64
CA LEU E 602 10.74 -2.56 -30.68
C LEU E 602 11.63 -3.57 -29.96
N PRO E 603 11.07 -4.66 -29.46
CA PRO E 603 11.92 -5.65 -28.80
C PRO E 603 12.78 -6.41 -29.77
N ASN E 604 14.00 -6.71 -29.33
CA ASN E 604 14.85 -7.72 -29.92
C ASN E 604 14.70 -8.96 -29.10
N PHE E 605 14.84 -10.13 -29.71
CA PHE E 605 14.61 -11.36 -28.98
C PHE E 605 15.84 -12.26 -28.95
N ARG E 606 15.67 -13.40 -28.35
CA ARG E 606 16.72 -14.41 -28.23
C ARG E 606 16.09 -15.73 -27.87
N ASN E 607 16.45 -16.78 -28.59
CA ASN E 607 16.15 -18.16 -28.25
C ASN E 607 14.67 -18.49 -28.21
N LEU E 608 13.86 -18.01 -29.16
CA LEU E 608 12.47 -18.45 -29.18
C LEU E 608 12.34 -19.88 -29.63
N GLU E 609 13.27 -20.33 -30.44
CA GLU E 609 13.21 -21.65 -31.04
C GLU E 609 13.43 -22.76 -30.02
N LYS E 610 14.00 -22.42 -28.89
CA LYS E 610 14.43 -23.44 -27.96
C LYS E 610 13.54 -23.55 -26.74
N ILE E 611 12.28 -23.13 -26.80
CA ILE E 611 11.50 -23.17 -25.56
C ILE E 611 11.06 -24.58 -25.27
N ASN E 612 10.94 -25.41 -26.30
CA ASN E 612 10.53 -26.78 -26.04
C ASN E 612 11.70 -27.74 -25.99
N GLN E 613 12.91 -27.32 -26.35
CA GLN E 613 14.03 -28.24 -26.20
C GLN E 613 14.76 -27.97 -24.89
N VAL E 614 14.89 -29.03 -24.11
CA VAL E 614 15.58 -29.05 -22.85
C VAL E 614 16.50 -30.26 -22.86
N LYS E 615 17.71 -30.12 -22.37
CA LYS E 615 18.69 -31.20 -22.44
C LYS E 615 19.20 -31.56 -21.07
N ILE E 616 19.58 -32.83 -20.92
CA ILE E 616 19.86 -33.46 -19.62
C ILE E 616 21.13 -34.28 -19.79
N ASN E 617 22.13 -34.02 -18.96
CA ASN E 617 23.43 -34.68 -19.05
C ASN E 617 23.42 -35.95 -18.20
N ASP E 618 22.77 -37.00 -18.68
CA ASP E 618 22.41 -38.12 -17.82
C ASP E 618 23.62 -38.99 -17.57
N LEU E 619 24.41 -38.61 -16.57
CA LEU E 619 25.62 -39.37 -16.28
C LEU E 619 25.30 -40.69 -15.60
N TYR E 620 24.20 -40.75 -14.86
CA TYR E 620 23.87 -41.97 -14.12
C TYR E 620 23.44 -43.09 -15.03
N THR E 621 22.74 -42.78 -16.11
CA THR E 621 22.37 -43.87 -17.00
C THR E 621 23.58 -44.34 -17.78
N GLU E 622 24.36 -43.40 -18.29
CA GLU E 622 25.46 -43.74 -19.18
C GLU E 622 26.60 -44.40 -18.43
N GLU E 623 27.11 -43.75 -17.40
CA GLU E 623 28.31 -44.22 -16.73
C GLU E 623 28.02 -45.36 -15.77
N PHE E 624 26.78 -45.55 -15.38
CA PHE E 624 26.58 -46.56 -14.36
C PHE E 624 25.77 -47.74 -14.84
N LEU E 625 24.57 -47.52 -15.37
CA LEU E 625 23.76 -48.65 -15.82
C LEU E 625 24.31 -49.24 -17.11
N LYS E 626 24.59 -48.39 -18.09
CA LYS E 626 25.18 -48.84 -19.34
C LYS E 626 26.63 -49.26 -19.16
N GLU E 627 27.25 -48.87 -18.04
CA GLU E 627 28.68 -49.00 -17.70
C GLU E 627 29.65 -48.79 -18.84
N MET F 291 -17.02 -18.63 -25.70
CA MET F 291 -16.34 -18.83 -24.44
C MET F 291 -15.47 -17.61 -24.12
N SER F 292 -14.62 -17.71 -23.10
CA SER F 292 -13.94 -16.56 -22.54
C SER F 292 -12.52 -16.51 -23.07
N GLN F 293 -11.96 -15.31 -23.12
CA GLN F 293 -10.66 -15.14 -23.73
C GLN F 293 -9.53 -15.51 -22.78
N PHE F 294 -9.83 -15.75 -21.52
CA PHE F 294 -8.82 -16.17 -20.55
C PHE F 294 -9.11 -17.57 -20.07
N ILE F 295 -8.15 -18.47 -20.24
CA ILE F 295 -8.27 -19.84 -19.77
C ILE F 295 -7.01 -20.24 -19.03
N TYR F 296 -7.17 -21.17 -18.09
CA TYR F 296 -6.04 -21.71 -17.35
C TYR F 296 -5.14 -22.54 -18.26
N PRO F 297 -3.83 -22.48 -18.05
CA PRO F 297 -2.93 -23.26 -18.89
C PRO F 297 -2.97 -24.73 -18.54
N VAL F 298 -2.63 -25.57 -19.51
CA VAL F 298 -2.60 -27.00 -19.30
C VAL F 298 -1.38 -27.57 -20.02
N GLN F 299 -0.73 -28.54 -19.39
CA GLN F 299 0.57 -29.00 -19.83
C GLN F 299 0.75 -30.49 -19.59
N GLN F 300 1.65 -31.07 -20.37
CA GLN F 300 1.84 -32.51 -20.36
C GLN F 300 2.87 -32.87 -19.30
N GLN F 301 2.77 -34.06 -18.74
CA GLN F 301 3.71 -34.50 -17.74
C GLN F 301 5.02 -34.92 -18.39
N PRO F 302 6.15 -34.80 -17.70
CA PRO F 302 7.44 -35.14 -18.31
C PRO F 302 7.97 -36.53 -18.03
N SER F 303 7.13 -37.47 -17.58
CA SER F 303 7.32 -38.94 -17.59
C SER F 303 8.23 -39.54 -16.53
N LEU F 304 8.75 -38.78 -15.57
CA LEU F 304 9.26 -39.32 -14.30
C LEU F 304 10.49 -40.21 -14.47
N ASN F 305 11.61 -39.63 -14.82
CA ASN F 305 12.84 -40.33 -14.50
C ASN F 305 13.42 -39.72 -13.24
N HIS F 306 14.72 -39.96 -13.02
CA HIS F 306 15.36 -39.45 -11.83
C HIS F 306 15.72 -37.99 -11.94
N PHE F 307 15.71 -37.44 -13.15
CA PHE F 307 15.95 -36.02 -13.30
C PHE F 307 14.70 -35.20 -13.08
N THR F 308 13.54 -35.71 -13.47
CA THR F 308 12.33 -34.95 -13.35
C THR F 308 11.57 -35.24 -12.08
N ASP F 309 12.12 -36.00 -11.17
CA ASP F 309 11.48 -36.23 -9.90
C ASP F 309 11.80 -35.06 -9.00
N PRO F 310 10.80 -34.31 -8.52
CA PRO F 310 11.11 -33.15 -7.67
C PRO F 310 11.55 -33.55 -6.28
N ASN F 311 11.27 -34.79 -5.88
CA ASN F 311 11.58 -35.25 -4.56
C ASN F 311 12.93 -35.89 -4.42
N ASN F 312 13.70 -36.02 -5.48
CA ASN F 312 14.89 -36.84 -5.43
C ASN F 312 15.97 -36.17 -4.62
N THR F 313 16.51 -36.87 -3.63
CA THR F 313 17.54 -36.31 -2.78
C THR F 313 18.88 -36.99 -2.90
N THR F 314 19.04 -37.98 -3.77
CA THR F 314 20.31 -38.67 -3.85
C THR F 314 21.16 -38.20 -5.02
N VAL F 315 22.47 -38.15 -4.80
CA VAL F 315 23.43 -37.52 -5.68
C VAL F 315 24.36 -38.60 -6.18
N PHE F 316 24.47 -38.72 -7.49
CA PHE F 316 25.44 -39.58 -8.15
C PHE F 316 26.72 -38.81 -8.29
N ILE F 317 27.76 -39.26 -7.62
CA ILE F 317 29.12 -38.74 -7.78
C ILE F 317 29.87 -39.70 -8.68
N GLY F 318 30.43 -39.20 -9.76
CA GLY F 318 31.05 -40.07 -10.72
C GLY F 318 32.45 -39.65 -11.00
N GLY F 319 33.31 -40.60 -11.33
CA GLY F 319 34.69 -40.25 -11.49
C GLY F 319 35.47 -40.40 -10.23
N LEU F 320 35.07 -41.30 -9.35
CA LEU F 320 35.81 -41.49 -8.12
C LEU F 320 37.12 -42.21 -8.35
N SER F 321 38.06 -41.99 -7.43
CA SER F 321 39.47 -42.21 -7.71
C SER F 321 39.92 -43.60 -7.35
N SER F 322 39.04 -44.42 -6.78
CA SER F 322 39.27 -45.78 -6.30
C SER F 322 40.25 -45.86 -5.12
N LEU F 323 40.81 -44.75 -4.67
CA LEU F 323 41.56 -44.66 -3.42
C LEU F 323 40.75 -44.07 -2.30
N VAL F 324 39.49 -43.76 -2.54
CA VAL F 324 38.68 -42.99 -1.61
C VAL F 324 37.62 -43.90 -1.02
N THR F 325 37.56 -43.92 0.30
CA THR F 325 36.64 -44.79 1.01
C THR F 325 35.30 -44.12 1.24
N GLU F 326 34.41 -44.82 1.92
CA GLU F 326 33.09 -44.28 2.19
C GLU F 326 33.13 -43.23 3.27
N ASP F 327 33.99 -43.42 4.27
CA ASP F 327 34.09 -42.41 5.31
C ASP F 327 34.79 -41.18 4.82
N GLU F 328 35.73 -41.35 3.89
CA GLU F 328 36.41 -40.18 3.36
C GLU F 328 35.48 -39.37 2.49
N LEU F 329 34.55 -40.04 1.81
CA LEU F 329 33.56 -39.33 1.00
C LEU F 329 32.45 -38.74 1.85
N ARG F 330 32.11 -39.40 2.94
CA ARG F 330 31.20 -38.82 3.91
C ARG F 330 31.74 -37.54 4.48
N ALA F 331 33.05 -37.49 4.70
CA ALA F 331 33.66 -36.26 5.23
C ALA F 331 33.60 -35.13 4.23
N TYR F 332 33.51 -35.43 2.94
CA TYR F 332 33.34 -34.40 1.95
C TYR F 332 31.91 -33.90 1.89
N PHE F 333 30.96 -34.82 1.87
CA PHE F 333 29.58 -34.44 1.65
C PHE F 333 28.77 -34.30 2.93
N GLN F 334 29.41 -34.36 4.08
CA GLN F 334 28.71 -34.13 5.35
C GLN F 334 28.19 -32.72 5.56
N PRO F 335 28.94 -31.63 5.33
CA PRO F 335 28.47 -30.35 5.86
C PRO F 335 27.35 -29.70 5.08
N PHE F 336 26.86 -30.35 4.04
CA PHE F 336 25.81 -29.75 3.24
C PHE F 336 24.44 -30.11 3.76
N GLY F 337 24.35 -31.07 4.67
CA GLY F 337 23.06 -31.50 5.15
C GLY F 337 23.22 -32.74 5.99
N THR F 338 22.12 -33.28 6.46
CA THR F 338 22.17 -34.57 7.11
C THR F 338 21.97 -35.69 6.11
N ILE F 339 22.80 -36.73 6.16
CA ILE F 339 22.94 -37.72 5.09
C ILE F 339 22.27 -39.01 5.51
N VAL F 340 21.25 -39.44 4.76
CA VAL F 340 20.55 -40.72 5.10
C VAL F 340 21.52 -41.90 4.92
N TYR F 341 22.29 -41.92 3.82
CA TYR F 341 23.28 -43.00 3.60
C TYR F 341 24.32 -42.59 2.55
N VAL F 342 25.53 -43.14 2.67
CA VAL F 342 26.62 -42.93 1.67
C VAL F 342 27.14 -44.31 1.28
N LYS F 343 27.22 -44.62 -0.01
CA LYS F 343 27.75 -45.96 -0.42
C LYS F 343 28.61 -45.84 -1.67
N ILE F 344 29.59 -46.73 -1.83
CA ILE F 344 30.46 -46.75 -3.05
C ILE F 344 30.38 -48.15 -3.66
N PRO F 345 30.02 -48.31 -4.95
CA PRO F 345 29.98 -49.62 -5.58
C PRO F 345 31.42 -50.15 -5.67
N VAL F 346 31.61 -51.45 -5.47
CA VAL F 346 32.94 -52.04 -5.49
C VAL F 346 33.51 -51.90 -6.89
N GLY F 347 34.58 -51.14 -6.99
CA GLY F 347 35.33 -51.03 -8.22
C GLY F 347 34.69 -50.20 -9.30
N LYS F 348 33.50 -49.66 -9.07
CA LYS F 348 32.73 -49.14 -10.19
C LYS F 348 33.01 -47.68 -10.44
N CYS F 349 33.93 -47.12 -9.67
CA CYS F 349 34.43 -45.73 -9.80
C CYS F 349 33.29 -44.70 -9.74
N CYS F 350 32.32 -44.90 -8.85
CA CYS F 350 31.23 -43.92 -8.67
C CYS F 350 30.61 -44.15 -7.28
N GLY F 351 29.96 -43.14 -6.70
CA GLY F 351 29.36 -43.32 -5.40
C GLY F 351 28.03 -42.60 -5.36
N PHE F 352 27.31 -42.78 -4.28
CA PHE F 352 26.00 -42.17 -4.11
C PHE F 352 25.94 -41.56 -2.73
N VAL F 353 25.28 -40.41 -2.61
CA VAL F 353 25.03 -39.76 -1.33
C VAL F 353 23.57 -39.39 -1.27
N GLN F 354 22.86 -39.85 -0.28
CA GLN F 354 21.42 -39.63 -0.16
C GLN F 354 21.14 -38.69 0.98
N TYR F 355 20.84 -37.43 0.67
CA TYR F 355 20.55 -36.44 1.69
C TYR F 355 19.11 -36.60 2.13
N VAL F 356 18.74 -35.84 3.15
CA VAL F 356 17.37 -35.90 3.63
C VAL F 356 16.50 -34.89 2.90
N ASP F 357 17.09 -33.77 2.49
CA ASP F 357 16.37 -32.68 1.86
C ASP F 357 16.74 -32.56 0.40
N ARG F 358 15.84 -31.99 -0.39
CA ARG F 358 16.23 -31.60 -1.74
C ARG F 358 17.16 -30.41 -1.71
N LEU F 359 17.01 -29.52 -0.73
CA LEU F 359 17.81 -28.31 -0.67
C LEU F 359 19.27 -28.64 -0.41
N SER F 360 19.50 -29.59 0.49
CA SER F 360 20.84 -30.02 0.84
C SER F 360 21.54 -30.61 -0.35
N ALA F 361 20.83 -31.41 -1.12
CA ALA F 361 21.41 -32.06 -2.28
C ALA F 361 21.77 -31.06 -3.35
N GLU F 362 20.95 -30.03 -3.54
CA GLU F 362 21.30 -29.06 -4.57
C GLU F 362 22.46 -28.20 -4.12
N ALA F 363 22.57 -27.92 -2.84
CA ALA F 363 23.77 -27.26 -2.31
C ALA F 363 25.00 -28.12 -2.48
N ALA F 364 24.83 -29.43 -2.43
CA ALA F 364 25.96 -30.32 -2.68
C ALA F 364 26.41 -30.27 -4.12
N ILE F 365 25.46 -30.35 -5.05
CA ILE F 365 25.83 -30.38 -6.46
C ILE F 365 26.39 -29.03 -6.90
N ALA F 366 25.92 -27.95 -6.32
CA ALA F 366 26.49 -26.66 -6.66
C ALA F 366 27.83 -26.47 -5.97
N GLY F 367 28.02 -27.06 -4.81
CA GLY F 367 29.22 -26.80 -4.05
C GLY F 367 30.40 -27.63 -4.49
N MET F 368 30.20 -28.90 -4.76
CA MET F 368 31.28 -29.82 -5.05
C MET F 368 31.14 -30.32 -6.47
N GLN F 369 31.37 -29.50 -7.46
CA GLN F 369 31.17 -29.93 -8.84
C GLN F 369 32.48 -29.76 -9.56
N GLY F 370 33.10 -30.86 -9.91
CA GLY F 370 34.43 -30.75 -10.44
C GLY F 370 35.46 -30.46 -9.40
N PHE F 371 35.17 -30.69 -8.14
CA PHE F 371 36.20 -30.58 -7.15
C PHE F 371 37.01 -31.86 -7.22
N PRO F 372 38.30 -31.78 -7.18
CA PRO F 372 39.07 -33.00 -7.30
C PRO F 372 39.16 -33.82 -6.04
N ILE F 373 38.35 -34.86 -5.91
CA ILE F 373 38.44 -35.76 -4.78
C ILE F 373 39.49 -36.79 -5.14
N ALA F 374 40.66 -36.64 -4.52
CA ALA F 374 41.82 -37.51 -4.73
C ALA F 374 42.28 -37.53 -6.19
N ASN F 375 42.63 -36.35 -6.69
CA ASN F 375 43.29 -36.09 -7.97
C ASN F 375 42.43 -36.34 -9.20
N SER F 376 41.17 -36.66 -9.04
CA SER F 376 40.32 -36.88 -10.20
C SER F 376 39.13 -35.98 -10.04
N ARG F 377 38.81 -35.21 -11.08
CA ARG F 377 37.66 -34.34 -10.98
C ARG F 377 36.40 -35.18 -10.96
N VAL F 378 35.39 -34.65 -10.31
CA VAL F 378 34.23 -35.40 -9.89
C VAL F 378 32.99 -34.81 -10.56
N ARG F 379 32.18 -35.66 -11.14
CA ARG F 379 31.03 -35.22 -11.92
C ARG F 379 29.79 -35.58 -11.14
N LEU F 380 29.02 -34.58 -10.73
CA LEU F 380 27.88 -34.81 -9.86
C LEU F 380 26.59 -34.58 -10.61
N SER F 381 25.61 -35.40 -10.31
CA SER F 381 24.36 -35.36 -11.03
C SER F 381 23.31 -36.05 -10.19
N TRP F 382 22.09 -36.11 -10.68
CA TRP F 382 21.08 -36.85 -9.95
C TRP F 382 21.21 -38.31 -10.30
N GLY F 383 20.98 -39.16 -9.31
CA GLY F 383 20.99 -40.59 -9.54
C GLY F 383 19.85 -41.18 -8.76
N ARG F 384 19.70 -42.48 -8.86
CA ARG F 384 18.75 -43.19 -8.03
C ARG F 384 19.44 -43.97 -6.93
N SER F 385 18.64 -44.71 -6.19
CA SER F 385 19.08 -45.40 -4.99
C SER F 385 19.74 -46.72 -5.31
N ALA F 386 19.69 -47.66 -4.37
CA ALA F 386 20.27 -48.98 -4.60
C ALA F 386 19.24 -49.95 -5.16
N LYS F 387 18.10 -50.09 -4.49
CA LYS F 387 17.04 -50.97 -4.94
C LYS F 387 16.45 -50.52 -6.26
N GLN F 388 16.32 -49.22 -6.46
CA GLN F 388 15.82 -48.69 -7.71
C GLN F 388 16.79 -48.97 -8.85
N THR F 389 18.09 -48.92 -8.56
CA THR F 389 19.10 -49.29 -9.55
C THR F 389 19.03 -50.77 -9.89
N ALA F 390 18.83 -51.63 -8.89
CA ALA F 390 18.69 -53.06 -9.16
C ALA F 390 17.47 -53.35 -10.00
N LEU F 391 16.39 -52.63 -9.76
CA LEU F 391 15.19 -52.79 -10.56
C LEU F 391 15.41 -52.30 -11.99
N LEU F 392 16.17 -51.23 -12.16
CA LEU F 392 16.42 -50.75 -13.52
C LEU F 392 17.35 -51.65 -14.30
N GLN F 393 18.31 -52.29 -13.63
CA GLN F 393 19.17 -53.25 -14.33
C GLN F 393 18.43 -54.52 -14.70
N GLN F 394 17.56 -55.02 -13.82
CA GLN F 394 16.80 -56.20 -14.20
C GLN F 394 15.77 -55.87 -15.27
N ALA F 395 15.30 -54.63 -15.33
CA ALA F 395 14.45 -54.24 -16.44
C ALA F 395 15.29 -53.94 -17.68
N MET F 396 16.58 -53.72 -17.51
CA MET F 396 17.41 -53.43 -18.66
C MET F 396 17.83 -54.72 -19.37
N LEU F 397 17.93 -55.81 -18.62
CA LEU F 397 18.19 -57.11 -19.27
C LEU F 397 16.97 -57.57 -20.07
N SER F 398 15.80 -57.58 -19.43
CA SER F 398 14.60 -58.05 -20.09
C SER F 398 14.06 -57.04 -21.10
N ASN F 399 14.63 -55.83 -21.13
CA ASN F 399 14.24 -54.59 -21.84
C ASN F 399 12.75 -54.29 -21.81
N SER F 400 12.07 -54.61 -20.70
CA SER F 400 10.61 -54.71 -20.71
C SER F 400 9.92 -53.35 -20.61
N LEU F 401 10.07 -52.68 -19.47
CA LEU F 401 9.36 -51.42 -19.27
C LEU F 401 10.30 -50.27 -18.97
N GLN F 402 11.17 -50.47 -17.98
CA GLN F 402 11.99 -49.45 -17.33
C GLN F 402 11.12 -48.29 -16.82
N VAL F 403 10.36 -48.57 -15.78
CA VAL F 403 9.49 -47.60 -15.13
C VAL F 403 10.09 -47.26 -13.77
N GLN F 404 10.20 -45.96 -13.46
CA GLN F 404 10.64 -45.62 -12.13
C GLN F 404 9.43 -45.26 -11.26
N GLN F 405 9.66 -45.17 -9.96
CA GLN F 405 8.65 -44.66 -9.05
C GLN F 405 9.26 -43.55 -8.21
N GLN F 406 8.41 -42.80 -7.53
CA GLN F 406 8.81 -41.55 -6.92
C GLN F 406 9.30 -41.74 -5.50
N GLN F 407 10.37 -41.04 -5.15
CA GLN F 407 10.93 -41.09 -3.80
C GLN F 407 10.01 -40.40 -2.82
N PRO F 408 9.79 -40.97 -1.63
CA PRO F 408 8.80 -40.42 -0.70
C PRO F 408 9.09 -39.03 -0.18
N GLY F 409 8.02 -38.28 0.05
CA GLY F 409 8.13 -36.97 0.65
C GLY F 409 7.81 -36.95 2.14
N LEU F 410 8.19 -35.86 2.80
CA LEU F 410 8.12 -35.76 4.29
C LEU F 410 6.70 -35.82 4.87
N GLN F 411 5.69 -35.39 4.13
CA GLN F 411 4.33 -35.21 4.64
C GLN F 411 4.13 -33.82 5.20
N GLN F 412 4.11 -32.83 4.33
CA GLN F 412 3.97 -31.43 4.74
C GLN F 412 2.63 -31.15 5.40
N PRO F 413 2.54 -30.17 6.30
CA PRO F 413 3.52 -29.25 6.85
C PRO F 413 4.27 -29.73 8.11
N ASN F 414 5.57 -29.47 8.15
CA ASN F 414 6.39 -29.69 9.33
C ASN F 414 6.85 -28.38 9.88
N TYR F 415 6.63 -28.17 11.16
CA TYR F 415 6.90 -26.85 11.71
C TYR F 415 8.26 -26.77 12.39
N GLY F 416 8.68 -27.83 13.06
CA GLY F 416 9.91 -27.74 13.81
C GLY F 416 11.13 -27.66 12.92
N TYR F 417 11.10 -28.35 11.80
CA TYR F 417 12.30 -28.55 11.00
C TYR F 417 12.71 -27.31 10.24
N ILE F 418 13.97 -26.90 10.39
CA ILE F 418 14.60 -25.96 9.48
C ILE F 418 15.48 -26.79 8.55
N PRO F 419 15.23 -26.79 7.25
CA PRO F 419 15.95 -27.67 6.34
C PRO F 419 17.41 -27.31 6.18
N SER F 420 18.20 -28.32 5.81
CA SER F 420 19.63 -28.26 5.60
C SER F 420 20.40 -27.86 6.86
N SER F 421 20.02 -28.41 8.00
CA SER F 421 20.66 -28.10 9.27
C SER F 421 20.99 -29.36 10.02
N THR F 422 22.20 -29.43 10.56
CA THR F 422 22.82 -30.65 11.06
C THR F 422 23.07 -30.61 12.56
N CYS F 423 22.92 -31.78 13.21
CA CYS F 423 23.19 -31.96 14.64
C CYS F 423 24.13 -33.14 14.78
N GLU F 424 25.05 -33.08 15.74
CA GLU F 424 26.10 -34.10 15.80
C GLU F 424 25.84 -35.16 16.86
N ALA F 425 25.36 -34.78 18.03
CA ALA F 425 25.17 -35.79 19.08
C ALA F 425 23.89 -35.62 19.88
N ASN F 432 18.69 -34.07 28.78
CA ASN F 432 17.58 -33.34 29.39
C ASN F 432 17.33 -31.95 28.76
N VAL F 433 16.37 -31.89 27.84
CA VAL F 433 16.06 -30.67 27.09
C VAL F 433 14.68 -30.18 27.52
N SER F 434 14.58 -28.86 27.81
CA SER F 434 13.31 -28.19 28.10
C SER F 434 13.16 -27.07 27.08
N SER F 435 12.67 -27.42 25.90
CA SER F 435 12.61 -26.47 24.81
C SER F 435 11.30 -25.70 24.85
N THR F 436 11.38 -24.40 24.61
CA THR F 436 10.20 -23.55 24.54
C THR F 436 9.65 -23.45 23.13
N MET F 437 10.35 -24.00 22.15
CA MET F 437 9.92 -24.08 20.76
C MET F 437 9.63 -22.71 20.14
N LEU F 438 10.30 -21.66 20.58
CA LEU F 438 10.10 -20.37 19.93
C LEU F 438 10.79 -20.36 18.57
N PRO F 439 10.29 -19.57 17.60
CA PRO F 439 10.53 -19.90 16.20
C PRO F 439 11.96 -19.83 15.70
N GLY F 440 12.78 -18.90 16.13
CA GLY F 440 14.13 -18.81 15.58
C GLY F 440 14.96 -20.05 15.89
N CYS F 441 14.70 -20.67 17.03
CA CYS F 441 15.40 -21.87 17.45
C CYS F 441 14.93 -23.04 16.60
N GLN F 442 15.72 -24.11 16.63
CA GLN F 442 15.51 -25.27 15.78
C GLN F 442 14.97 -26.37 16.68
N ILE F 443 13.67 -26.58 16.62
CA ILE F 443 13.04 -27.46 17.58
C ILE F 443 13.41 -28.90 17.29
N LEU F 444 13.51 -29.26 16.02
CA LEU F 444 13.63 -30.64 15.62
C LEU F 444 14.74 -30.81 14.61
N ASN F 445 15.33 -32.00 14.59
CA ASN F 445 16.41 -32.31 13.66
C ASN F 445 16.49 -33.82 13.55
N TYR F 446 17.30 -34.31 12.61
CA TYR F 446 17.51 -35.75 12.42
C TYR F 446 18.82 -36.19 13.03
N SER F 447 18.79 -37.30 13.72
CA SER F 447 20.02 -37.79 14.34
C SER F 447 20.94 -38.35 13.28
N ASN F 448 22.23 -38.12 13.47
CA ASN F 448 23.23 -38.63 12.56
C ASN F 448 23.35 -40.15 12.71
N PRO F 449 23.37 -40.89 11.59
CA PRO F 449 23.65 -42.32 11.65
C PRO F 449 25.08 -42.67 11.18
N GLN F 492 18.46 -44.45 12.82
CA GLN F 492 18.37 -43.01 12.64
C GLN F 492 17.11 -42.48 13.28
N GLN F 493 17.23 -41.40 14.05
CA GLN F 493 16.13 -41.00 14.91
C GLN F 493 15.94 -39.50 14.83
N VAL F 494 14.91 -39.04 15.52
CA VAL F 494 14.49 -37.65 15.55
C VAL F 494 14.78 -37.12 16.93
N ILE F 495 15.66 -36.14 17.04
CA ILE F 495 16.07 -35.62 18.34
C ILE F 495 15.80 -34.14 18.36
N MET F 496 15.55 -33.59 19.54
CA MET F 496 15.39 -32.15 19.62
C MET F 496 16.72 -31.47 19.87
N GLN F 497 17.08 -30.57 18.98
CA GLN F 497 18.23 -29.70 19.12
C GLN F 497 18.07 -28.85 20.37
N GLY F 498 19.19 -28.50 20.97
CA GLY F 498 19.16 -27.61 22.12
C GLY F 498 20.09 -26.43 21.89
N SER F 499 20.22 -25.63 22.95
CA SER F 499 21.27 -24.62 22.96
C SER F 499 22.63 -25.26 23.10
N GLU F 500 22.69 -26.43 23.72
CA GLU F 500 23.97 -27.02 24.10
C GLU F 500 24.72 -27.59 22.93
N ALA F 501 24.06 -27.80 21.79
CA ALA F 501 24.68 -28.52 20.70
C ALA F 501 25.75 -27.72 20.01
N VAL F 502 25.69 -26.39 20.10
CA VAL F 502 26.75 -25.57 19.50
C VAL F 502 28.05 -25.72 20.29
N VAL F 503 27.94 -26.15 21.55
CA VAL F 503 29.12 -26.61 22.25
C VAL F 503 29.63 -27.90 21.66
N ASN F 504 28.76 -28.91 21.50
CA ASN F 504 29.19 -30.27 21.25
C ASN F 504 29.92 -30.41 19.94
N SER F 505 29.40 -29.76 18.90
CA SER F 505 30.05 -29.74 17.59
C SER F 505 31.44 -29.16 17.69
N THR F 506 31.57 -27.99 18.34
CA THR F 506 32.87 -27.38 18.57
C THR F 506 33.77 -28.30 19.33
N ASN F 507 33.19 -29.00 20.31
CA ASN F 507 33.94 -29.93 21.13
C ASN F 507 34.47 -31.06 20.28
N ALA F 508 33.61 -31.61 19.43
CA ALA F 508 34.01 -32.71 18.56
C ALA F 508 34.98 -32.23 17.51
N MET F 509 34.86 -30.95 17.14
CA MET F 509 35.74 -30.39 16.15
C MET F 509 37.17 -30.41 16.61
N LEU F 510 37.41 -30.09 17.88
CA LEU F 510 38.79 -30.05 18.35
C LEU F 510 39.36 -31.45 18.40
N ASN F 511 38.48 -32.44 18.58
CA ASN F 511 38.90 -33.83 18.56
C ASN F 511 39.48 -34.21 17.21
N ARG F 512 38.79 -33.90 16.13
CA ARG F 512 39.33 -34.34 14.85
C ARG F 512 40.34 -33.36 14.32
N LEU F 513 40.58 -32.25 15.01
CA LEU F 513 41.77 -31.50 14.64
C LEU F 513 42.97 -32.14 15.26
N GLU F 514 42.82 -32.67 16.47
CA GLU F 514 43.96 -33.27 17.14
C GLU F 514 44.16 -34.68 16.66
N GLN F 515 43.16 -35.53 16.87
CA GLN F 515 43.32 -36.98 16.69
C GLN F 515 43.56 -37.32 15.23
N GLY F 516 42.80 -36.72 14.33
CA GLY F 516 43.00 -36.96 12.92
C GLY F 516 44.30 -36.39 12.39
N SER F 517 44.92 -35.48 13.12
CA SER F 517 46.24 -35.00 12.73
C SER F 517 47.29 -36.08 12.87
N ASN F 518 47.17 -36.91 13.89
CA ASN F 518 48.20 -37.91 14.10
C ASN F 518 47.97 -39.12 13.23
N GLY F 519 46.76 -39.34 12.77
CA GLY F 519 46.49 -40.39 11.83
C GLY F 519 45.35 -41.29 12.20
N PHE F 520 44.54 -40.94 13.19
CA PHE F 520 43.60 -41.90 13.72
C PHE F 520 42.27 -41.85 13.01
N MET F 521 42.04 -40.80 12.23
CA MET F 521 41.05 -40.78 11.16
C MET F 521 41.63 -39.99 10.00
N PHE F 522 41.73 -40.62 8.84
CA PHE F 522 42.19 -39.89 7.67
C PHE F 522 41.09 -38.96 7.18
N ALA F 523 39.85 -39.35 7.36
CA ALA F 523 38.74 -38.57 6.90
C ALA F 523 38.55 -37.37 7.77
N SER G 44 52.80 11.12 -1.73
CA SER G 44 53.42 11.60 -0.50
C SER G 44 52.34 11.82 0.54
N PHE G 45 52.61 11.40 1.78
CA PHE G 45 51.57 11.31 2.81
C PHE G 45 51.54 12.56 3.69
N ASP G 46 51.52 13.71 3.04
CA ASP G 46 51.28 14.96 3.75
C ASP G 46 50.15 15.70 3.06
N ILE G 47 49.20 16.16 3.86
CA ILE G 47 47.93 16.60 3.29
C ILE G 47 47.99 18.05 2.82
N TRP G 48 48.95 18.82 3.34
CA TRP G 48 49.16 20.15 2.76
C TRP G 48 49.75 20.04 1.37
N LYS G 49 50.61 19.05 1.19
CA LYS G 49 51.25 18.88 -0.09
C LYS G 49 50.24 18.39 -1.12
N ASN G 50 49.39 17.43 -0.72
CA ASN G 50 48.35 16.97 -1.62
C ASN G 50 47.29 18.03 -1.84
N LEU G 51 47.04 18.87 -0.83
CA LEU G 51 46.01 19.89 -0.96
C LEU G 51 46.45 20.95 -1.95
N ASP G 52 47.74 21.31 -1.93
CA ASP G 52 48.25 22.22 -2.94
C ASP G 52 48.31 21.55 -4.29
N ARG G 53 48.65 20.25 -4.30
CA ARG G 53 48.68 19.45 -5.52
C ARG G 53 47.33 19.40 -6.19
N ILE G 54 46.26 19.45 -5.41
CA ILE G 54 44.94 19.31 -5.99
C ILE G 54 44.30 20.68 -6.17
N ARG G 55 44.85 21.70 -5.52
CA ARG G 55 44.52 23.08 -5.87
C ARG G 55 45.08 23.41 -7.23
N SER G 56 46.20 22.79 -7.60
CA SER G 56 46.86 23.16 -8.84
C SER G 56 46.10 22.70 -10.06
N THR G 57 45.50 21.52 -10.02
CA THR G 57 45.24 20.81 -11.27
C THR G 57 43.79 20.38 -11.49
N LYS G 58 42.85 20.84 -10.69
CA LYS G 58 41.60 20.11 -10.66
C LYS G 58 40.44 20.87 -11.33
N LYS G 59 40.71 21.98 -12.01
CA LYS G 59 39.71 22.69 -12.83
C LYS G 59 38.54 23.20 -11.96
N ASN G 60 38.82 24.34 -11.32
CA ASN G 60 37.86 25.09 -10.49
C ASN G 60 37.58 24.31 -9.21
N ALA G 61 38.65 23.99 -8.50
CA ALA G 61 38.54 23.31 -7.21
C ALA G 61 38.28 24.29 -6.08
N GLY G 62 38.36 25.59 -6.35
CA GLY G 62 38.15 26.56 -5.30
C GLY G 62 36.68 26.89 -5.10
N GLN G 63 35.88 26.75 -6.17
CA GLN G 63 34.49 27.18 -6.20
C GLN G 63 33.64 26.34 -5.27
N PHE G 64 32.67 26.98 -4.61
CA PHE G 64 31.89 26.23 -3.65
C PHE G 64 30.62 25.70 -4.32
N ILE G 65 30.13 24.57 -3.81
CA ILE G 65 28.98 23.88 -4.37
C ILE G 65 27.76 24.45 -3.70
N LYS G 66 26.74 24.80 -4.47
CA LYS G 66 25.56 25.41 -3.87
C LYS G 66 24.73 24.37 -3.14
N GLY G 67 24.31 24.71 -1.94
CA GLY G 67 23.32 23.90 -1.26
C GLY G 67 23.89 22.65 -0.66
N SER G 68 25.08 22.76 -0.13
CA SER G 68 25.97 21.63 0.03
C SER G 68 26.01 21.23 1.49
N LEU G 69 25.79 19.94 1.76
CA LEU G 69 25.64 19.42 3.11
C LEU G 69 26.25 18.04 3.19
N LEU G 70 27.22 17.86 4.09
CA LEU G 70 27.85 16.54 4.31
C LEU G 70 27.80 16.25 5.81
N ILE G 71 27.29 15.08 6.22
CA ILE G 71 27.25 14.77 7.65
C ILE G 71 28.05 13.52 7.90
N LEU G 72 29.01 13.60 8.78
CA LEU G 72 29.86 12.50 9.10
C LEU G 72 29.72 12.20 10.59
N PRO G 73 29.05 11.18 10.97
CA PRO G 73 29.00 10.85 12.38
C PRO G 73 30.20 10.03 12.82
N MET G 74 30.93 10.46 13.84
CA MET G 74 32.08 9.67 14.25
C MET G 74 32.06 9.42 15.74
N ARG G 75 32.76 8.37 16.13
CA ARG G 75 32.84 7.92 17.52
C ARG G 75 34.29 7.97 17.98
N THR G 76 34.50 8.40 19.21
CA THR G 76 35.81 8.35 19.83
C THR G 76 35.68 7.71 21.20
N GLU G 77 36.80 7.18 21.71
CA GLU G 77 36.83 6.80 23.12
C GLU G 77 37.60 7.80 23.97
N ASP G 78 38.33 8.73 23.33
CA ASP G 78 38.90 9.88 24.04
C ASP G 78 38.25 11.18 23.55
N LYS G 79 37.60 11.89 24.45
CA LYS G 79 37.04 13.18 24.10
C LYS G 79 38.12 14.21 23.90
N GLN G 80 39.18 14.13 24.71
CA GLN G 80 40.14 15.21 24.84
C GLN G 80 40.97 15.39 23.59
N GLN G 81 41.54 14.31 23.09
CA GLN G 81 42.40 14.39 21.91
C GLN G 81 41.58 14.71 20.67
N PHE G 82 40.32 14.30 20.67
CA PHE G 82 39.44 14.66 19.56
C PHE G 82 39.12 16.14 19.55
N ASP G 83 38.84 16.72 20.72
CA ASP G 83 38.65 18.17 20.80
C ASP G 83 39.91 18.92 20.40
N GLU G 84 41.08 18.38 20.71
CA GLU G 84 42.32 18.98 20.26
C GLU G 84 42.40 19.00 18.74
N CYS G 85 41.99 17.91 18.10
CA CYS G 85 41.99 17.86 16.64
C CYS G 85 40.99 18.83 16.03
N MET G 86 39.83 18.98 16.66
CA MET G 86 38.85 19.92 16.15
C MET G 86 39.31 21.36 16.32
N ASP G 87 40.07 21.66 17.38
CA ASP G 87 40.67 22.99 17.48
C ASP G 87 41.67 23.24 16.37
N GLU G 88 42.58 22.28 16.14
CA GLU G 88 43.58 22.44 15.10
C GLU G 88 42.96 22.51 13.71
N LEU G 89 41.80 21.86 13.57
CA LEU G 89 40.99 21.84 12.32
C LEU G 89 40.25 23.18 12.10
N HIS G 90 39.58 23.70 13.13
CA HIS G 90 38.84 24.96 13.10
C HIS G 90 39.75 26.17 12.93
N LYS G 91 41.03 26.04 13.23
CA LYS G 91 41.92 27.16 12.95
C LYS G 91 42.02 27.43 11.44
N TYR G 92 41.72 26.43 10.62
CA TYR G 92 41.78 26.64 9.15
C TYR G 92 40.43 26.42 8.45
N ILE G 93 39.62 25.49 8.96
CA ILE G 93 38.32 25.10 8.33
C ILE G 93 37.31 26.25 8.32
N SER G 94 37.27 27.01 9.43
CA SER G 94 36.39 28.18 9.78
C SER G 94 35.10 27.66 10.45
N LYS G 95 34.52 28.47 11.34
CA LYS G 95 33.32 28.07 12.13
C LYS G 95 32.07 27.88 11.26
N ASP G 96 31.83 28.75 10.28
CA ASP G 96 30.58 28.63 9.47
C ASP G 96 30.55 27.36 8.62
N ILE G 97 31.65 27.06 7.91
CA ILE G 97 31.69 25.88 6.99
C ILE G 97 31.63 24.55 7.74
N LEU G 98 32.37 24.41 8.84
CA LEU G 98 32.42 23.10 9.55
C LEU G 98 31.96 23.24 11.00
N ARG G 99 31.07 22.34 11.45
CA ARG G 99 30.54 22.37 12.79
C ARG G 99 30.61 20.99 13.42
N CYS G 100 30.71 20.95 14.73
CA CYS G 100 30.68 19.70 15.48
C CYS G 100 29.62 19.75 16.55
N TYR G 101 28.70 18.79 16.53
CA TYR G 101 27.66 18.72 17.52
C TYR G 101 27.83 17.45 18.33
N PRO G 102 28.10 17.52 19.61
CA PRO G 102 28.22 16.28 20.38
C PRO G 102 26.88 15.76 20.85
N GLN G 103 26.56 14.51 20.57
CA GLN G 103 25.43 13.89 21.25
C GLN G 103 25.87 13.49 22.64
N LYS G 104 24.97 13.61 23.60
CA LYS G 104 25.35 13.33 24.99
C LYS G 104 24.50 12.24 25.62
N MET G 111 30.94 7.79 22.94
CA MET G 111 30.75 9.20 22.64
C MET G 111 30.60 9.43 21.15
N LEU G 112 29.63 10.22 20.73
CA LEU G 112 29.36 10.42 19.32
C LEU G 112 29.36 11.91 19.01
N PHE G 113 29.98 12.27 17.90
CA PHE G 113 30.13 13.64 17.48
C PHE G 113 29.72 13.72 16.02
N TYR G 114 28.78 14.59 15.70
CA TYR G 114 28.34 14.79 14.34
C TYR G 114 29.16 15.89 13.73
N ILE G 115 29.86 15.60 12.64
CA ILE G 115 30.69 16.58 11.99
C ILE G 115 29.97 16.99 10.73
N VAL G 116 29.63 18.26 10.60
CA VAL G 116 28.73 18.72 9.56
C VAL G 116 29.46 19.75 8.71
N LEU G 117 29.48 19.52 7.40
CA LEU G 117 29.99 20.50 6.47
C LEU G 117 28.84 21.15 5.73
N LYS G 118 28.81 22.47 5.73
CA LYS G 118 27.85 23.28 5.00
C LYS G 118 28.59 24.13 4.01
N ASP G 119 28.08 24.21 2.77
CA ASP G 119 28.58 25.13 1.75
C ASP G 119 30.05 24.96 1.46
N PHE G 120 30.55 23.75 1.57
CA PHE G 120 31.97 23.54 1.44
C PHE G 120 32.42 23.68 0.00
N ASN G 121 33.64 24.12 -0.18
CA ASN G 121 34.27 24.01 -1.48
C ASN G 121 34.63 22.57 -1.73
N ILE G 122 34.84 22.26 -3.01
CA ILE G 122 35.34 20.94 -3.38
C ILE G 122 36.72 20.69 -2.79
N LEU G 123 37.53 21.73 -2.67
CA LEU G 123 38.84 21.57 -2.08
C LEU G 123 38.76 21.42 -0.57
N ASP G 124 37.70 21.92 0.03
CA ASP G 124 37.64 22.00 1.49
C ASP G 124 37.25 20.66 2.08
N SER G 125 36.39 19.95 1.36
CA SER G 125 35.93 18.64 1.77
C SER G 125 37.07 17.64 1.82
N CYS G 126 38.01 17.75 0.88
CA CYS G 126 39.18 16.88 0.86
C CYS G 126 40.00 17.02 2.14
N PHE G 127 40.27 18.26 2.52
CA PHE G 127 41.07 18.55 3.70
C PHE G 127 40.40 18.03 4.97
N VAL G 128 39.10 18.30 5.12
CA VAL G 128 38.42 17.90 6.35
C VAL G 128 38.29 16.39 6.47
N LEU G 129 37.83 15.72 5.41
CA LEU G 129 37.61 14.28 5.52
C LEU G 129 38.92 13.54 5.64
N SER G 130 39.99 14.04 5.03
CA SER G 130 41.29 13.40 5.18
C SER G 130 41.81 13.50 6.61
N VAL G 131 41.73 14.68 7.23
CA VAL G 131 42.19 14.81 8.61
C VAL G 131 41.37 13.92 9.54
N LEU G 132 40.05 13.93 9.39
CA LEU G 132 39.24 13.21 10.37
C LEU G 132 39.31 11.71 10.18
N LEU G 133 39.36 11.23 8.94
CA LEU G 133 39.44 9.79 8.76
C LEU G 133 40.81 9.26 9.15
N ALA G 134 41.87 10.03 8.89
CA ALA G 134 43.18 9.57 9.33
C ALA G 134 43.36 9.66 10.82
N PHE G 135 42.69 10.62 11.47
CA PHE G 135 42.69 10.64 12.94
C PHE G 135 41.98 9.42 13.53
N GLN G 136 40.78 9.13 13.00
CA GLN G 136 40.00 8.00 13.46
C GLN G 136 40.74 6.70 13.28
N LYS G 137 41.60 6.63 12.26
CA LYS G 137 42.41 5.43 12.08
C LYS G 137 43.65 5.45 12.96
N ARG G 138 44.32 6.59 13.11
CA ARG G 138 45.61 6.61 13.76
C ARG G 138 45.48 6.45 15.26
N LEU G 139 44.28 6.59 15.79
CA LEU G 139 44.09 6.29 17.20
C LEU G 139 44.41 4.83 17.51
N TRP G 140 44.09 3.93 16.57
CA TRP G 140 44.38 2.52 16.74
C TRP G 140 45.73 2.14 16.17
N MET G 141 46.04 2.66 14.97
CA MET G 141 47.20 2.17 14.26
C MET G 141 48.50 2.69 14.86
N ALA G 142 48.72 3.99 14.80
CA ALA G 142 50.01 4.58 15.17
C ALA G 142 49.80 5.62 16.26
N PRO G 143 49.61 5.18 17.51
CA PRO G 143 49.13 6.11 18.53
C PRO G 143 50.18 7.08 19.03
N SER G 144 51.46 6.81 18.77
CA SER G 144 52.51 7.59 19.42
C SER G 144 52.82 8.89 18.67
N GLU G 145 52.42 9.01 17.41
CA GLU G 145 53.02 10.02 16.55
C GLU G 145 52.50 11.43 16.84
N LYS G 146 51.19 11.58 17.04
CA LYS G 146 50.55 12.78 17.60
C LYS G 146 50.77 14.03 16.74
N SER G 147 50.77 13.83 15.43
CA SER G 147 50.72 14.91 14.45
C SER G 147 49.40 14.80 13.73
N TYR G 148 48.76 15.93 13.47
CA TYR G 148 47.41 15.88 12.92
C TYR G 148 47.43 15.93 11.42
N PHE G 149 48.35 16.68 10.85
CA PHE G 149 48.37 16.90 9.42
C PHE G 149 49.35 16.00 8.72
N ARG G 150 49.84 14.96 9.36
CA ARG G 150 50.67 13.96 8.71
C ARG G 150 50.07 12.58 8.91
N VAL G 151 49.81 11.88 7.83
CA VAL G 151 49.19 10.57 7.89
C VAL G 151 50.29 9.53 7.74
N PRO G 152 50.58 8.75 8.80
CA PRO G 152 51.68 7.79 8.79
C PRO G 152 51.43 6.69 7.76
N LYS G 153 52.52 6.08 7.26
CA LYS G 153 52.45 4.99 6.26
C LYS G 153 51.75 3.77 6.87
N ASN G 154 51.02 3.03 6.01
CA ASN G 154 50.19 1.82 6.26
C ASN G 154 48.77 2.23 6.66
N ILE G 155 48.45 3.53 6.65
CA ILE G 155 47.07 3.92 6.92
C ILE G 155 46.30 3.99 5.61
N ASN G 156 45.25 3.20 5.54
CA ASN G 156 44.29 3.23 4.46
C ASN G 156 43.03 3.85 5.01
N LEU G 157 42.49 4.85 4.33
CA LEU G 157 41.37 5.60 4.88
C LEU G 157 40.08 4.87 4.60
N THR G 158 39.31 4.60 5.64
CA THR G 158 38.08 3.86 5.50
C THR G 158 37.03 4.50 6.37
N GLY G 159 35.83 4.66 5.84
CA GLY G 159 34.81 5.32 6.64
C GLY G 159 33.54 5.44 5.84
N SER G 160 32.62 6.24 6.35
CA SER G 160 31.40 6.53 5.62
C SER G 160 30.97 7.94 5.92
N PHE G 161 30.28 8.56 4.96
CA PHE G 161 29.62 9.84 5.17
C PHE G 161 28.22 9.81 4.60
N TYR G 162 27.41 10.78 4.96
CA TYR G 162 26.05 10.85 4.45
C TYR G 162 25.84 12.16 3.73
N LEU G 163 25.11 12.12 2.63
CA LEU G 163 24.67 13.30 1.90
C LEU G 163 23.16 13.30 1.96
N PRO G 164 22.50 14.42 1.65
CA PRO G 164 21.06 14.40 1.57
C PRO G 164 20.60 13.55 0.42
N LYS G 165 19.38 13.04 0.51
CA LYS G 165 18.90 12.06 -0.46
C LYS G 165 18.72 12.69 -1.83
N ASN G 166 18.44 13.98 -1.88
CA ASN G 166 18.06 14.65 -3.12
C ASN G 166 19.25 15.27 -3.82
N ILE G 167 20.26 14.45 -4.05
CA ILE G 167 21.41 14.85 -4.83
C ILE G 167 21.34 14.06 -6.12
N GLU G 168 21.89 14.62 -7.18
CA GLU G 168 21.96 13.88 -8.44
C GLU G 168 23.40 13.81 -8.91
N THR G 169 23.85 12.58 -9.18
CA THR G 169 25.28 12.33 -9.36
C THR G 169 25.74 12.57 -10.79
N GLY G 170 24.82 12.54 -11.75
CA GLY G 170 25.20 12.72 -13.14
C GLY G 170 25.68 14.11 -13.49
N SER G 185 34.64 2.65 -8.54
CA SER G 185 35.52 3.63 -7.94
C SER G 185 35.69 3.36 -6.49
N SER G 186 36.18 4.38 -5.78
CA SER G 186 36.53 4.17 -4.39
C SER G 186 35.48 4.68 -3.43
N ILE G 187 34.62 5.60 -3.85
CA ILE G 187 33.48 6.01 -3.04
C ILE G 187 32.23 5.40 -3.63
N VAL G 188 31.59 4.52 -2.90
CA VAL G 188 30.46 3.79 -3.46
C VAL G 188 29.23 4.06 -2.61
N GLU G 189 28.09 4.26 -3.25
CA GLU G 189 26.89 4.45 -2.45
C GLU G 189 26.33 3.11 -2.05
N VAL G 190 25.65 3.06 -0.92
CA VAL G 190 25.30 1.77 -0.35
C VAL G 190 23.87 1.45 -0.72
N GLY G 191 23.61 0.20 -1.03
CA GLY G 191 22.27 -0.30 -0.95
C GLY G 191 21.92 -0.49 0.49
N PHE G 192 20.64 -0.43 0.79
CA PHE G 192 20.10 -0.64 2.13
C PHE G 192 20.69 0.34 3.14
N ASN G 193 20.22 1.60 3.09
CA ASN G 193 20.68 2.64 4.05
C ASN G 193 19.64 2.79 5.18
N VAL G 194 20.09 2.67 6.42
CA VAL G 194 19.23 2.74 7.64
C VAL G 194 18.59 4.12 7.86
N VAL G 195 19.33 5.22 7.66
CA VAL G 195 18.72 6.57 7.91
C VAL G 195 17.62 6.81 6.86
N PRO G 196 16.43 7.29 7.26
CA PRO G 196 15.30 7.47 6.33
C PRO G 196 15.39 8.47 5.17
N ASP G 197 15.92 9.68 5.41
CA ASP G 197 15.94 10.70 4.32
C ASP G 197 17.35 11.02 3.84
N PHE G 198 18.35 10.21 4.20
CA PHE G 198 19.74 10.52 3.80
C PHE G 198 20.37 9.34 3.04
N GLN G 199 21.38 9.63 2.21
CA GLN G 199 22.07 8.62 1.45
C GLN G 199 23.43 8.41 2.05
N GLN G 200 23.85 7.16 2.22
CA GLN G 200 25.13 6.83 2.84
C GLN G 200 26.12 6.48 1.75
N PHE G 201 27.34 6.94 1.90
CA PHE G 201 28.42 6.62 0.99
C PHE G 201 29.57 6.03 1.78
N GLN G 202 30.26 5.04 1.19
CA GLN G 202 31.39 4.37 1.88
C GLN G 202 32.68 4.56 1.08
N VAL G 203 33.76 4.96 1.76
CA VAL G 203 35.10 5.16 1.12
C VAL G 203 35.97 3.97 1.57
N LYS G 204 36.63 3.28 0.64
CA LYS G 204 37.40 2.08 1.05
C LYS G 204 38.86 2.07 0.56
N ALA G 205 39.79 1.76 1.46
CA ALA G 205 41.22 1.53 1.14
C ALA G 205 41.85 2.66 0.31
N CYS G 206 41.73 3.91 0.72
CA CYS G 206 42.37 5.02 -0.05
C CYS G 206 43.68 5.41 0.64
N HIS G 207 44.77 5.57 -0.12
CA HIS G 207 46.09 5.88 0.47
C HIS G 207 46.08 7.21 1.22
N VAL G 208 45.47 8.23 0.57
CA VAL G 208 45.24 9.68 0.89
C VAL G 208 45.45 10.44 -0.42
N SER G 209 46.51 10.08 -1.16
CA SER G 209 46.75 10.71 -2.49
C SER G 209 45.58 10.30 -3.38
N LYS G 210 45.20 9.03 -3.27
CA LYS G 210 44.09 8.44 -4.00
C LYS G 210 42.76 8.92 -3.46
N PHE G 211 42.68 9.14 -2.15
CA PHE G 211 41.43 9.62 -1.59
C PHE G 211 41.18 11.09 -1.92
N MET G 212 42.21 11.92 -1.89
CA MET G 212 42.07 13.31 -2.32
C MET G 212 41.59 13.40 -3.76
N ASN G 213 42.19 12.60 -4.64
CA ASN G 213 41.79 12.55 -6.04
C ASN G 213 40.36 12.08 -6.18
N GLU G 214 39.97 11.11 -5.38
CA GLU G 214 38.67 10.50 -5.57
C GLU G 214 37.57 11.41 -5.05
N LEU G 215 37.82 12.12 -3.96
CA LEU G 215 36.85 13.13 -3.53
C LEU G 215 36.70 14.24 -4.53
N SER G 216 37.78 14.63 -5.20
CA SER G 216 37.64 15.65 -6.22
C SER G 216 36.79 15.17 -7.38
N ASN G 217 37.02 13.95 -7.84
CA ASN G 217 36.20 13.42 -8.93
C ASN G 217 34.78 13.10 -8.48
N PHE G 218 34.54 13.03 -7.18
CA PHE G 218 33.17 12.75 -6.73
C PHE G 218 32.36 14.01 -6.55
N PHE G 219 32.88 15.00 -5.84
CA PHE G 219 32.10 16.22 -5.67
C PHE G 219 32.23 17.17 -6.85
N SER G 220 33.06 16.85 -7.84
CA SER G 220 32.99 17.64 -9.05
C SER G 220 31.71 17.36 -9.80
N GLN G 221 31.21 16.13 -9.69
CA GLN G 221 30.04 15.73 -10.46
C GLN G 221 28.76 16.04 -9.72
N VAL G 222 28.71 15.76 -8.44
CA VAL G 222 27.45 15.71 -7.71
C VAL G 222 26.96 17.13 -7.50
N GLU G 223 25.65 17.27 -7.36
CA GLU G 223 24.96 18.54 -7.38
C GLU G 223 23.73 18.42 -6.51
N PHE G 224 23.49 19.38 -5.63
CA PHE G 224 22.56 19.13 -4.52
C PHE G 224 21.32 19.98 -4.74
N GLY G 225 20.28 19.78 -3.93
CA GLY G 225 19.21 20.75 -3.98
C GLY G 225 18.35 21.00 -2.76
N LYS G 226 18.30 22.26 -2.31
CA LYS G 226 17.24 22.85 -1.47
C LYS G 226 16.88 22.04 -0.24
N CYS G 227 17.80 21.91 0.68
CA CYS G 227 17.46 21.28 1.93
C CYS G 227 16.91 22.31 2.90
N GLU G 228 16.14 21.85 3.86
CA GLU G 228 15.50 22.67 4.88
C GLU G 228 16.55 23.29 5.80
N ALA G 229 16.14 24.27 6.60
CA ALA G 229 17.08 24.89 7.54
C ALA G 229 17.52 23.93 8.64
N ASN G 230 16.58 23.17 9.20
CA ASN G 230 16.88 22.28 10.30
C ASN G 230 16.94 20.82 9.87
N VAL G 231 17.62 20.55 8.78
CA VAL G 231 17.80 19.19 8.30
C VAL G 231 18.75 18.42 9.21
N ILE G 232 19.66 19.13 9.88
CA ILE G 232 20.68 18.52 10.73
C ILE G 232 20.06 17.92 11.98
N ASN G 233 19.09 18.61 12.58
CA ASN G 233 18.40 18.09 13.75
C ASN G 233 17.63 16.84 13.41
N TYR G 234 17.11 16.78 12.20
CA TYR G 234 16.40 15.60 11.75
C TYR G 234 17.35 14.41 11.61
N PHE G 235 18.54 14.63 11.07
CA PHE G 235 19.52 13.55 11.00
C PHE G 235 19.92 13.06 12.38
N LYS G 236 20.11 13.98 13.32
CA LYS G 236 20.48 13.58 14.67
C LYS G 236 19.40 12.72 15.31
N ARG G 237 18.15 13.14 15.15
CA ARG G 237 17.05 12.44 15.77
C ARG G 237 16.88 11.03 15.20
N GLU G 238 17.04 10.90 13.88
CA GLU G 238 16.86 9.59 13.26
C GLU G 238 18.01 8.64 13.55
N TYR G 239 19.24 9.15 13.56
CA TYR G 239 20.40 8.33 13.89
C TYR G 239 20.31 7.82 15.31
N ASN G 240 19.91 8.67 16.24
CA ASN G 240 19.76 8.24 17.62
C ASN G 240 18.64 7.24 17.77
N ARG G 241 17.58 7.35 16.97
CA ARG G 241 16.52 6.36 17.05
C ARG G 241 16.99 4.99 16.61
N THR G 242 17.80 4.91 15.54
CA THR G 242 18.21 3.57 15.10
C THR G 242 19.18 2.92 16.06
N TYR G 243 20.13 3.67 16.59
CA TYR G 243 21.04 3.03 17.53
C TYR G 243 20.38 2.78 18.88
N SER G 244 19.35 3.53 19.22
CA SER G 244 18.59 3.19 20.41
C SER G 244 17.79 1.92 20.22
N GLN G 245 17.27 1.72 19.02
CA GLN G 245 16.56 0.49 18.71
C GLN G 245 17.47 -0.72 18.76
N ILE G 246 18.69 -0.61 18.28
CA ILE G 246 19.53 -1.80 18.34
C ILE G 246 20.06 -2.03 19.74
N SER G 247 20.17 -0.98 20.56
CA SER G 247 20.56 -1.19 21.95
C SER G 247 19.48 -1.91 22.70
N LEU G 248 18.24 -1.52 22.48
CA LEU G 248 17.11 -2.20 23.07
C LEU G 248 17.00 -3.64 22.60
N ALA G 249 17.39 -3.89 21.36
CA ALA G 249 17.41 -5.25 20.84
C ALA G 249 18.44 -6.10 21.53
N LEU G 250 19.57 -5.51 21.91
CA LEU G 250 20.55 -6.28 22.67
C LEU G 250 20.15 -6.45 24.13
N TYR G 251 19.38 -5.52 24.70
CA TYR G 251 18.91 -5.73 26.06
C TYR G 251 17.83 -6.77 26.13
N GLU G 252 17.13 -7.00 25.02
CA GLU G 252 16.17 -8.08 24.98
C GLU G 252 16.80 -9.45 24.77
N LEU G 253 18.12 -9.56 24.71
CA LEU G 253 18.73 -10.85 24.45
C LEU G 253 18.53 -11.87 25.57
N PRO G 254 18.67 -11.55 26.87
CA PRO G 254 18.38 -12.59 27.86
C PRO G 254 16.92 -12.88 28.02
N LEU G 255 16.07 -11.94 27.67
CA LEU G 255 14.69 -11.92 28.11
C LEU G 255 13.74 -12.67 27.20
N ILE G 256 14.23 -13.45 26.24
CA ILE G 256 13.34 -13.97 25.20
C ILE G 256 12.42 -15.03 25.77
N GLY G 257 12.96 -15.95 26.52
CA GLY G 257 12.06 -16.94 27.05
C GLY G 257 11.40 -16.47 28.32
N ASP G 258 10.11 -16.14 28.25
CA ASP G 258 9.18 -15.91 29.36
C ASP G 258 9.44 -14.61 30.13
N GLY G 259 10.56 -13.93 29.91
CA GLY G 259 10.69 -12.61 30.48
C GLY G 259 9.71 -11.64 29.85
N LEU G 260 9.54 -11.75 28.54
CA LEU G 260 8.55 -10.96 27.83
C LEU G 260 7.79 -11.74 26.76
N PHE G 261 7.28 -12.94 27.04
CA PHE G 261 6.66 -13.67 25.96
C PHE G 261 5.44 -14.54 26.21
N ASP G 262 5.00 -14.78 27.44
CA ASP G 262 3.93 -15.76 27.74
C ASP G 262 4.28 -17.14 27.23
N ILE G 263 5.35 -17.70 27.77
CA ILE G 263 5.80 -19.02 27.35
C ILE G 263 4.81 -20.09 27.72
N LYS G 264 4.06 -19.87 28.80
CA LYS G 264 3.17 -20.91 29.33
C LYS G 264 2.01 -21.20 28.40
N SER G 265 1.44 -20.18 27.80
CA SER G 265 0.30 -20.38 26.92
C SER G 265 0.74 -20.74 25.53
N TYR G 266 1.96 -20.37 25.18
CA TYR G 266 2.52 -20.75 23.89
C TYR G 266 2.75 -22.25 23.82
N ILE G 267 3.27 -22.81 24.89
CA ILE G 267 3.71 -24.20 24.85
C ILE G 267 2.52 -25.13 24.77
N SER G 268 1.41 -24.77 25.38
CA SER G 268 0.25 -25.64 25.26
C SER G 268 -0.39 -25.52 23.89
N LYS G 269 -0.02 -24.48 23.13
CA LYS G 269 -0.55 -24.33 21.78
C LYS G 269 0.31 -25.02 20.75
N THR G 270 1.64 -25.04 20.92
CA THR G 270 2.50 -25.73 19.96
C THR G 270 3.05 -27.07 20.42
N ARG G 271 2.69 -27.56 21.59
CA ARG G 271 3.05 -28.92 21.95
C ARG G 271 2.47 -29.98 21.04
N PRO G 272 1.18 -29.99 20.65
CA PRO G 272 0.74 -31.07 19.78
C PRO G 272 1.31 -30.97 18.39
N ILE G 273 1.62 -29.76 17.94
CA ILE G 273 2.08 -29.57 16.57
C ILE G 273 3.48 -30.08 16.38
N ILE G 274 4.37 -29.79 17.32
CA ILE G 274 5.70 -30.36 17.24
C ILE G 274 5.66 -31.86 17.51
N GLU G 275 4.70 -32.33 18.30
CA GLU G 275 4.59 -33.78 18.48
C GLU G 275 4.19 -34.51 17.20
N THR G 276 3.19 -33.99 16.47
CA THR G 276 2.81 -34.65 15.23
C THR G 276 3.85 -34.43 14.14
N SER G 277 4.57 -33.30 14.19
CA SER G 277 5.66 -33.09 13.25
C SER G 277 6.79 -34.08 13.48
N LYS G 278 7.06 -34.39 14.74
CA LYS G 278 8.04 -35.42 15.07
C LYS G 278 7.60 -36.79 14.59
N ALA G 279 6.31 -37.09 14.71
CA ALA G 279 5.83 -38.37 14.22
C ALA G 279 5.94 -38.45 12.70
N GLN G 280 5.69 -37.36 12.00
CA GLN G 280 5.84 -37.36 10.54
C GLN G 280 7.30 -37.53 10.14
N MET G 281 8.23 -36.97 10.90
CA MET G 281 9.65 -37.19 10.59
C MET G 281 10.08 -38.64 10.80
N ILE G 282 9.70 -39.27 11.92
CA ILE G 282 10.10 -40.68 12.12
C ILE G 282 9.41 -41.60 11.11
N LYS G 283 8.18 -41.28 10.73
CA LYS G 283 7.55 -42.10 9.70
C LYS G 283 8.19 -41.87 8.35
N HIS G 284 8.74 -40.69 8.12
CA HIS G 284 9.44 -40.48 6.87
C HIS G 284 10.76 -41.20 6.85
N ILE G 285 11.42 -41.34 7.99
CA ILE G 285 12.68 -42.10 8.05
C ILE G 285 12.45 -43.56 7.76
N SER G 286 11.42 -44.16 8.36
CA SER G 286 11.12 -45.56 8.05
C SER G 286 10.72 -45.75 6.60
N GLU G 287 9.92 -44.83 6.08
CA GLU G 287 9.47 -44.93 4.70
C GLU G 287 10.62 -44.78 3.72
N MET G 288 11.64 -44.01 4.09
CA MET G 288 12.78 -43.82 3.20
C MET G 288 13.74 -45.00 3.25
N LYS G 289 13.85 -45.66 4.41
CA LYS G 289 14.61 -46.91 4.43
C LYS G 289 13.93 -47.98 3.59
N ALA G 290 12.60 -48.07 3.68
CA ALA G 290 11.88 -49.05 2.89
C ALA G 290 11.89 -48.73 1.40
N TYR G 291 12.12 -47.47 1.05
CA TYR G 291 12.39 -47.17 -0.35
C TYR G 291 13.79 -47.59 -0.77
N ASN G 292 14.79 -47.40 0.10
CA ASN G 292 16.16 -47.62 -0.34
C ASN G 292 16.56 -49.09 -0.32
N GLU G 293 16.21 -49.83 0.73
CA GLU G 293 16.89 -51.11 0.94
C GLU G 293 16.33 -52.21 0.05
N ILE G 294 17.23 -53.08 -0.41
CA ILE G 294 16.85 -54.15 -1.32
C ILE G 294 16.16 -55.28 -0.58
N SER G 295 16.69 -55.66 0.59
CA SER G 295 16.25 -56.77 1.42
C SER G 295 16.20 -58.10 0.65
N MET H 1 -0.92 12.08 30.81
CA MET H 1 -2.36 12.19 30.87
C MET H 1 -2.90 12.25 32.27
N ARG H 2 -4.11 11.73 32.44
CA ARG H 2 -4.77 11.66 33.73
C ARG H 2 -4.96 10.20 34.08
N ASP H 3 -4.40 9.79 35.22
CA ASP H 3 -4.52 8.46 35.80
C ASP H 3 -3.96 7.37 34.91
N ILE H 4 -3.07 7.73 33.99
CA ILE H 4 -2.44 6.80 33.07
C ILE H 4 -0.97 7.14 33.05
N VAL H 5 -0.12 6.13 33.24
CA VAL H 5 1.31 6.33 33.20
C VAL H 5 1.91 5.34 32.21
N PHE H 6 2.97 5.75 31.54
CA PHE H 6 3.51 5.02 30.41
C PHE H 6 4.77 4.31 30.86
N VAL H 7 4.77 2.99 30.75
CA VAL H 7 5.76 2.15 31.39
C VAL H 7 6.31 1.20 30.34
N SER H 8 7.59 0.86 30.43
CA SER H 8 8.17 -0.04 29.44
C SER H 8 8.80 -1.22 30.12
N PRO H 9 8.47 -2.45 29.75
CA PRO H 9 9.10 -3.59 30.41
C PRO H 9 10.54 -3.81 30.00
N GLN H 10 10.92 -3.38 28.81
CA GLN H 10 12.27 -3.63 28.36
C GLN H 10 13.29 -2.79 29.11
N LEU H 11 12.92 -1.57 29.50
CA LEU H 11 13.85 -0.74 30.27
C LEU H 11 13.74 -1.02 31.75
N TYR H 12 12.67 -1.65 32.20
CA TYR H 12 12.60 -2.05 33.60
C TYR H 12 13.29 -3.36 33.87
N LEU H 13 13.07 -4.35 33.01
CA LEU H 13 13.70 -5.66 33.17
C LEU H 13 15.21 -5.56 33.01
N SER H 14 15.66 -4.65 32.18
CA SER H 14 17.07 -4.43 31.97
C SER H 14 17.71 -3.54 33.01
N SER H 15 17.00 -3.26 34.11
CA SER H 15 17.49 -2.46 35.24
C SER H 15 17.89 -1.06 34.81
N GLN H 16 17.26 -0.56 33.76
CA GLN H 16 17.63 0.74 33.24
C GLN H 16 16.82 1.81 33.94
N GLU H 17 17.26 3.05 33.79
CA GLU H 17 16.78 4.09 34.69
C GLU H 17 15.50 4.72 34.19
N GLY H 18 15.24 4.64 32.89
CA GLY H 18 14.20 5.50 32.35
C GLY H 18 12.93 4.79 32.07
N TRP H 19 12.52 3.90 32.96
CA TRP H 19 11.55 2.89 32.57
C TRP H 19 10.12 3.40 32.56
N LYS H 20 9.83 4.48 33.25
CA LYS H 20 8.47 5.03 33.26
C LYS H 20 8.51 6.49 32.92
N SER H 21 7.38 7.01 32.47
CA SER H 21 7.20 8.42 32.22
C SER H 21 5.71 8.68 32.11
N ASP H 22 5.31 9.91 32.37
CA ASP H 22 3.91 10.27 32.20
C ASP H 22 3.62 10.80 30.79
N SER H 23 4.62 11.38 30.14
CA SER H 23 4.43 11.82 28.77
C SER H 23 4.58 10.66 27.80
N ALA H 24 4.08 10.86 26.58
CA ALA H 24 3.92 9.80 25.58
C ALA H 24 5.23 9.53 24.86
N LYS H 25 6.05 8.67 25.47
CA LYS H 25 7.24 8.21 24.80
C LYS H 25 6.97 7.00 23.93
N SER H 26 7.87 6.74 23.00
CA SER H 26 7.64 5.72 22.00
C SER H 26 7.87 4.33 22.57
N GLY H 27 6.94 3.42 22.28
CA GLY H 27 7.11 2.05 22.68
C GLY H 27 6.79 1.79 24.13
N PHE H 28 6.11 2.70 24.79
CA PHE H 28 5.75 2.60 26.17
C PHE H 28 4.30 2.17 26.25
N ILE H 29 3.98 1.35 27.23
CA ILE H 29 2.64 0.82 27.36
C ILE H 29 1.84 1.68 28.35
N PRO H 30 0.60 2.02 28.07
CA PRO H 30 -0.16 2.78 29.05
C PRO H 30 -0.79 1.92 30.12
N ILE H 31 -0.50 2.18 31.39
CA ILE H 31 -1.17 1.47 32.47
C ILE H 31 -1.85 2.47 33.37
N LEU H 32 -2.73 1.95 34.22
CA LEU H 32 -3.30 2.76 35.27
C LEU H 32 -2.22 3.16 36.25
N LYS H 33 -2.30 4.39 36.74
CA LYS H 33 -1.35 4.86 37.73
C LYS H 33 -1.53 4.10 39.04
N ASN H 34 -2.73 3.59 39.26
CA ASN H 34 -2.99 2.77 40.43
C ASN H 34 -2.32 1.41 40.34
N ASP H 35 -2.30 0.81 39.16
CA ASP H 35 -1.81 -0.56 39.06
C ASP H 35 -0.33 -0.67 38.83
N LEU H 36 0.40 0.43 38.92
CA LEU H 36 1.83 0.39 38.71
C LEU H 36 2.53 -0.51 39.70
N GLN H 37 2.05 -0.53 40.94
CA GLN H 37 2.62 -1.45 41.91
C GLN H 37 2.33 -2.89 41.52
N ARG H 38 1.15 -3.16 40.96
CA ARG H 38 0.88 -4.50 40.48
C ARG H 38 1.78 -4.85 39.32
N PHE H 39 2.17 -3.84 38.54
CA PHE H 39 3.17 -4.03 37.49
C PHE H 39 4.48 -4.52 38.06
N GLN H 40 4.93 -3.91 39.14
CA GLN H 40 6.20 -4.31 39.72
C GLN H 40 6.08 -5.65 40.43
N ASP H 41 4.86 -6.11 40.72
CA ASP H 41 4.72 -7.45 41.26
C ASP H 41 4.80 -8.48 40.15
N SER H 42 4.48 -8.06 38.93
CA SER H 42 4.47 -8.99 37.81
C SER H 42 5.88 -9.42 37.46
N LEU H 43 6.81 -8.52 37.59
CA LEU H 43 8.15 -8.69 37.11
C LEU H 43 9.14 -8.83 38.23
N LYS H 44 8.67 -9.15 39.44
CA LYS H 44 9.58 -9.30 40.57
C LYS H 44 10.42 -10.54 40.43
N HIS H 45 9.80 -11.65 40.00
CA HIS H 45 10.54 -12.89 39.96
C HIS H 45 11.58 -12.90 38.85
N ILE H 46 11.34 -12.20 37.75
CA ILE H 46 12.35 -12.18 36.70
C ILE H 46 13.53 -11.31 37.13
N VAL H 47 13.27 -10.21 37.85
CA VAL H 47 14.38 -9.37 38.29
C VAL H 47 15.15 -10.06 39.41
N ASP H 48 14.46 -10.92 40.18
CA ASP H 48 15.18 -11.70 41.19
C ASP H 48 16.03 -12.80 40.56
N ALA H 49 15.54 -13.45 39.52
CA ALA H 49 16.35 -14.43 38.80
C ALA H 49 17.51 -13.78 38.07
N ARG H 50 17.29 -12.55 37.59
CA ARG H 50 18.38 -11.76 36.99
C ARG H 50 19.44 -11.42 38.02
N ASN H 51 19.02 -11.00 39.21
CA ASN H 51 19.98 -10.58 40.22
C ASN H 51 20.68 -11.76 40.87
N SER H 52 20.06 -12.94 40.81
CA SER H 52 20.67 -14.18 41.24
C SER H 52 21.32 -14.90 40.06
N UNK H 53 -43.33 -11.78 22.26
CA UNK H 53 -43.62 -11.72 20.83
C UNK H 53 -42.35 -11.77 19.99
N UNK H 54 -42.41 -12.45 18.85
CA UNK H 54 -41.31 -12.41 17.90
C UNK H 54 -41.45 -11.12 17.11
N UNK H 55 -40.79 -10.08 17.58
CA UNK H 55 -40.86 -8.75 16.99
C UNK H 55 -39.62 -7.99 17.44
N UNK H 56 -39.47 -6.77 16.89
CA UNK H 56 -38.38 -5.84 17.21
C UNK H 56 -37.01 -6.45 16.96
N UNK H 57 -36.74 -6.75 15.69
CA UNK H 57 -35.46 -7.34 15.31
C UNK H 57 -34.35 -6.29 15.18
N UNK H 58 -34.74 -5.02 14.96
CA UNK H 58 -33.91 -3.82 14.79
C UNK H 58 -33.11 -3.77 13.50
N UNK H 59 -33.10 -4.86 12.72
CA UNK H 59 -32.57 -4.77 11.36
C UNK H 59 -33.66 -4.36 10.39
N UNK H 60 -34.91 -4.77 10.66
CA UNK H 60 -36.03 -4.37 9.83
C UNK H 60 -36.34 -2.89 9.99
N UNK H 61 -36.15 -2.36 11.20
CA UNK H 61 -36.26 -0.93 11.47
C UNK H 61 -34.93 -0.20 11.33
N UNK H 62 -34.05 -0.64 10.43
CA UNK H 62 -32.76 0.03 10.28
C UNK H 62 -32.90 1.42 9.68
N UNK H 63 -33.62 1.55 8.57
CA UNK H 63 -33.67 2.82 7.87
C UNK H 63 -34.62 3.81 8.55
N UNK H 64 -35.58 3.31 9.34
CA UNK H 64 -36.56 4.18 9.97
C UNK H 64 -35.92 5.03 11.06
N UNK H 65 -36.51 6.20 11.28
CA UNK H 65 -35.91 7.19 12.17
C UNK H 65 -35.98 6.71 13.62
N UNK H 66 -34.93 7.03 14.38
CA UNK H 66 -34.71 6.39 15.67
C UNK H 66 -35.69 6.88 16.74
N UNK H 67 -36.21 8.10 16.58
CA UNK H 67 -37.09 8.69 17.60
C UNK H 67 -38.41 7.92 17.70
N UNK H 68 -38.89 7.40 16.57
CA UNK H 68 -40.13 6.64 16.55
C UNK H 68 -39.90 5.15 16.39
N UNK H 69 -38.76 4.62 16.85
CA UNK H 69 -38.54 3.18 16.77
C UNK H 69 -39.29 2.43 17.87
N UNK H 70 -39.43 3.07 19.04
CA UNK H 70 -39.98 2.41 20.22
C UNK H 70 -41.48 2.12 20.06
N UNK H 71 -42.25 3.14 19.70
CA UNK H 71 -43.69 2.95 19.55
C UNK H 71 -44.01 2.11 18.32
N UNK H 72 -43.13 2.13 17.31
CA UNK H 72 -43.30 1.25 16.16
C UNK H 72 -43.11 -0.21 16.55
N UNK H 73 -42.13 -0.50 17.41
CA UNK H 73 -41.99 -1.84 17.94
C UNK H 73 -43.20 -2.22 18.80
N UNK H 74 -43.75 -1.25 19.54
CA UNK H 74 -44.95 -1.47 20.34
C UNK H 74 -46.15 -1.84 19.47
N UNK H 75 -46.37 -1.10 18.39
CA UNK H 75 -47.52 -1.36 17.52
C UNK H 75 -47.35 -2.67 16.74
N UNK H 76 -46.13 -2.99 16.34
CA UNK H 76 -45.88 -4.26 15.66
C UNK H 76 -46.11 -5.44 16.60
N UNK H 77 -45.70 -5.28 17.87
CA UNK H 77 -45.95 -6.31 18.88
C UNK H 77 -47.44 -6.48 19.16
N UNK H 78 -48.19 -5.38 19.23
CA UNK H 78 -49.63 -5.47 19.49
C UNK H 78 -50.37 -6.13 18.33
N UNK H 79 -49.99 -5.82 17.10
CA UNK H 79 -50.64 -6.47 15.96
C UNK H 79 -50.25 -7.95 15.88
N UNK H 80 -49.02 -8.27 16.29
CA UNK H 80 -48.60 -9.67 16.31
C UNK H 80 -49.38 -10.46 17.35
N UNK H 81 -49.56 -9.90 18.55
CA UNK H 81 -50.27 -10.60 19.62
C UNK H 81 -51.75 -10.74 19.30
N UNK H 82 -52.38 -9.69 18.77
CA UNK H 82 -53.79 -9.77 18.39
C UNK H 82 -53.98 -10.71 17.19
N UNK H 83 -52.96 -10.79 16.32
CA UNK H 83 -52.99 -11.73 15.21
C UNK H 83 -52.96 -13.17 15.71
N UNK H 84 -52.08 -13.46 16.68
CA UNK H 84 -52.02 -14.80 17.24
C UNK H 84 -53.29 -15.16 17.99
N UNK H 85 -53.88 -14.17 18.69
CA UNK H 85 -55.10 -14.39 19.46
C UNK H 85 -56.30 -14.66 18.56
N UNK H 86 -56.42 -13.89 17.46
CA UNK H 86 -57.53 -14.10 16.55
C UNK H 86 -57.33 -15.35 15.71
N UNK H 87 -56.07 -15.71 15.45
CA UNK H 87 -55.79 -16.87 14.62
C UNK H 87 -55.98 -18.17 15.41
N UNK H 88 -55.78 -18.11 16.73
CA UNK H 88 -56.02 -19.30 17.54
C UNK H 88 -57.50 -19.58 17.68
N UNK H 89 -58.24 -18.68 18.32
CA UNK H 89 -59.67 -18.86 18.53
C UNK H 89 -60.47 -18.45 17.31
N MET I 4 -46.35 30.12 1.71
CA MET I 4 -47.24 30.90 0.82
C MET I 4 -46.43 31.97 0.08
N SER I 5 -46.19 31.76 -1.22
CA SER I 5 -45.44 32.73 -2.06
C SER I 5 -44.05 33.01 -1.48
N THR I 6 -43.70 34.29 -1.35
CA THR I 6 -42.37 34.73 -0.84
C THR I 6 -42.18 34.31 0.63
N PRO I 7 -40.95 34.00 1.07
CA PRO I 7 -40.67 33.57 2.45
C PRO I 7 -41.01 34.65 3.48
N ALA I 8 -40.75 35.92 3.16
CA ALA I 8 -41.02 37.02 4.13
C ALA I 8 -42.51 37.05 4.48
N ALA I 9 -43.38 36.87 3.48
CA ALA I 9 -44.84 36.84 3.71
C ALA I 9 -45.20 35.65 4.61
N GLU I 10 -44.54 34.52 4.38
CA GLU I 10 -44.77 33.25 5.14
C GLU I 10 -44.46 33.46 6.63
N GLN I 11 -43.37 34.17 6.95
CA GLN I 11 -42.99 34.40 8.37
C GLN I 11 -44.02 35.31 9.04
N ARG I 12 -44.32 36.45 8.42
CA ARG I 12 -45.29 37.39 8.97
C ARG I 12 -46.50 36.66 9.53
N LYS I 13 -46.99 35.63 8.85
CA LYS I 13 -48.10 34.84 9.39
C LYS I 13 -47.73 34.18 10.72
N LEU I 14 -46.52 33.64 10.81
CA LEU I 14 -46.09 33.00 12.05
C LEU I 14 -45.90 34.00 13.18
N VAL I 15 -45.24 35.14 12.91
CA VAL I 15 -44.99 36.13 13.97
C VAL I 15 -46.28 36.81 14.38
N GLU I 16 -47.17 37.04 13.42
CA GLU I 16 -48.48 37.63 13.67
C GLU I 16 -49.33 36.70 14.51
N GLN I 17 -49.08 35.40 14.40
CA GLN I 17 -49.75 34.44 15.26
C GLN I 17 -49.07 34.32 16.63
N LEU I 18 -47.77 34.59 16.72
CA LEU I 18 -47.13 34.68 18.04
C LEU I 18 -47.62 35.87 18.85
N MET I 19 -47.71 37.03 18.23
CA MET I 19 -48.16 38.22 18.94
C MET I 19 -49.64 38.13 19.29
N HIS I 40 -60.35 34.12 28.04
CA HIS I 40 -59.66 32.83 28.31
C HIS I 40 -60.18 31.68 27.44
N ASP I 41 -61.50 31.50 27.29
CA ASP I 41 -61.97 30.37 26.46
C ASP I 41 -63.03 30.80 25.43
N PRO I 42 -63.56 32.05 25.46
CA PRO I 42 -64.59 32.45 24.50
C PRO I 42 -64.08 32.41 23.05
N LYS I 43 -62.88 32.91 22.80
CA LYS I 43 -62.30 32.91 21.42
C LYS I 43 -61.12 31.95 21.35
N ILE I 44 -60.87 31.17 22.41
CA ILE I 44 -59.71 30.23 22.42
C ILE I 44 -60.20 28.79 22.53
N CYS I 45 -59.74 27.92 21.62
CA CYS I 45 -60.10 26.48 21.65
C CYS I 45 -59.39 25.82 22.83
N LYS I 46 -59.99 24.80 23.44
CA LYS I 46 -59.37 24.15 24.59
C LYS I 46 -58.61 22.91 24.18
N SER I 47 -59.04 22.25 23.11
CA SER I 47 -58.46 20.97 22.73
C SER I 47 -57.03 21.13 22.21
N TYR I 48 -56.76 22.24 21.54
CA TYR I 48 -55.38 22.55 21.14
C TYR I 48 -54.55 22.94 22.37
N LEU I 49 -55.22 23.52 23.37
CA LEU I 49 -54.47 24.11 24.47
C LEU I 49 -54.13 23.07 25.53
N VAL I 50 -54.96 22.04 25.68
CA VAL I 50 -54.60 20.90 26.52
C VAL I 50 -53.48 20.10 25.89
N GLY I 51 -53.76 19.53 24.73
CA GLY I 51 -52.83 18.65 24.04
C GLY I 51 -52.87 18.89 22.56
N GLU I 52 -53.16 17.84 21.82
CA GLU I 52 -53.36 17.91 20.37
C GLU I 52 -54.82 18.16 20.07
N CYS I 53 -55.09 19.19 19.29
CA CYS I 53 -56.45 19.41 18.82
C CYS I 53 -56.80 18.34 17.78
N PRO I 54 -57.82 17.51 18.03
CA PRO I 54 -58.12 16.42 17.09
C PRO I 54 -58.68 16.90 15.76
N TYR I 55 -59.10 18.16 15.67
CA TYR I 55 -59.27 18.78 14.36
C TYR I 55 -57.95 18.82 13.60
N ASP I 56 -56.86 19.12 14.31
CA ASP I 56 -55.59 19.42 13.64
C ASP I 56 -54.89 18.13 13.20
N LEU I 57 -55.24 17.01 13.83
CA LEU I 57 -54.38 15.83 13.77
C LEU I 57 -54.60 15.00 12.52
N PHE I 58 -55.84 14.85 12.08
CA PHE I 58 -56.11 14.23 10.80
C PHE I 58 -56.68 15.20 9.78
N GLN I 59 -56.38 16.49 9.90
CA GLN I 59 -56.77 17.47 8.90
C GLN I 59 -55.95 17.29 7.62
N GLY I 60 -54.76 16.71 7.72
CA GLY I 60 -53.94 16.53 6.54
C GLY I 60 -54.44 15.43 5.62
N THR I 61 -55.00 14.37 6.21
CA THR I 61 -55.39 13.18 5.45
C THR I 61 -56.84 13.27 4.98
N LYS I 62 -57.33 12.16 4.40
CA LYS I 62 -58.63 12.15 3.74
C LYS I 62 -59.78 12.17 4.74
N GLN I 63 -59.55 11.67 5.96
CA GLN I 63 -60.64 11.56 6.92
C GLN I 63 -60.89 12.86 7.66
N SER I 64 -60.30 13.96 7.19
CA SER I 64 -60.50 15.28 7.75
C SER I 64 -61.96 15.67 7.75
N LEU I 65 -62.46 16.00 8.93
CA LEU I 65 -63.79 16.57 9.04
C LEU I 65 -63.83 17.98 8.47
N GLY I 66 -62.71 18.68 8.54
CA GLY I 66 -62.63 20.04 8.04
C GLY I 66 -61.74 20.85 8.95
N LYS I 67 -61.80 22.17 8.74
CA LYS I 67 -60.97 23.10 9.50
C LYS I 67 -61.48 23.24 10.93
N CYS I 68 -60.57 23.60 11.83
CA CYS I 68 -60.95 23.87 13.21
C CYS I 68 -61.65 25.22 13.29
N PRO I 69 -62.88 25.27 13.84
CA PRO I 69 -63.66 26.52 13.81
C PRO I 69 -63.29 27.52 14.89
N GLN I 70 -62.85 27.04 16.06
CA GLN I 70 -62.34 27.92 17.09
C GLN I 70 -60.86 28.18 16.82
N MET I 71 -60.42 29.42 17.10
CA MET I 71 -59.02 29.88 16.81
C MET I 71 -57.98 29.21 17.71
N HIS I 72 -56.79 28.95 17.15
CA HIS I 72 -55.66 28.36 17.86
C HIS I 72 -54.46 29.28 17.70
N LEU I 73 -53.72 29.48 18.79
CA LEU I 73 -52.56 30.36 18.80
C LEU I 73 -51.40 29.65 19.45
N THR I 74 -50.18 30.13 19.18
CA THR I 74 -49.02 29.62 19.89
C THR I 74 -48.80 30.36 21.21
N LYS I 75 -49.22 31.63 21.28
CA LYS I 75 -49.05 32.44 22.49
C LYS I 75 -49.84 31.88 23.66
N HIS I 76 -51.05 31.37 23.38
CA HIS I 76 -51.82 30.70 24.41
C HIS I 76 -51.13 29.43 24.86
N LYS I 77 -50.44 28.74 23.96
CA LYS I 77 -49.72 27.52 24.34
C LYS I 77 -48.54 27.83 25.24
N ILE I 78 -47.85 28.94 24.98
CA ILE I 78 -46.75 29.34 25.87
C ILE I 78 -47.29 29.79 27.22
N GLN I 79 -48.39 30.55 27.22
CA GLN I 79 -49.04 30.95 28.48
C GLN I 79 -49.54 29.74 29.26
N TYR I 80 -50.05 28.73 28.57
CA TYR I 80 -50.51 27.52 29.22
C TYR I 80 -49.35 26.71 29.78
N GLU I 81 -48.22 26.68 29.07
CA GLU I 81 -47.03 26.01 29.63
C GLU I 81 -46.51 26.77 30.84
N ARG I 82 -46.61 28.10 30.81
CA ARG I 82 -46.31 28.90 32.00
C ARG I 82 -47.25 28.55 33.15
N GLU I 83 -48.54 28.39 32.86
CA GLU I 83 -49.52 28.15 33.93
C GLU I 83 -49.42 26.74 34.50
N VAL I 84 -49.04 25.76 33.68
CA VAL I 84 -48.80 24.42 34.20
C VAL I 84 -47.50 24.38 35.00
N LYS I 85 -46.48 25.11 34.52
CA LYS I 85 -45.18 25.11 35.20
C LYS I 85 -45.26 25.81 36.56
N GLN I 86 -46.09 26.85 36.67
CA GLN I 86 -46.31 27.46 37.98
C GLN I 86 -47.08 26.52 38.89
N GLY I 87 -47.98 25.73 38.32
CA GLY I 87 -48.71 24.71 39.07
C GLY I 87 -50.16 25.01 39.32
N LYS I 88 -50.68 26.12 38.82
CA LYS I 88 -52.06 26.52 39.10
C LYS I 88 -53.00 25.97 38.02
N THR I 89 -53.01 24.65 37.92
CA THR I 89 -53.78 23.98 36.89
C THR I 89 -55.26 23.97 37.24
N PHE I 90 -56.08 23.90 36.20
CA PHE I 90 -57.52 24.02 36.31
C PHE I 90 -58.15 22.90 35.49
N PRO I 91 -58.70 21.88 36.14
CA PRO I 91 -58.95 20.60 35.44
C PRO I 91 -60.22 20.57 34.62
N GLU I 92 -61.11 21.56 34.79
CA GLU I 92 -62.34 21.62 33.99
C GLU I 92 -62.03 21.82 32.52
N PHE I 93 -60.86 22.40 32.25
CA PHE I 93 -60.29 22.47 30.91
C PHE I 93 -60.03 21.06 30.36
N GLU I 94 -59.50 20.17 31.20
CA GLU I 94 -59.25 18.79 30.79
C GLU I 94 -60.57 18.03 30.63
N ARG I 95 -61.58 18.38 31.42
CA ARG I 95 -62.89 17.79 31.24
C ARG I 95 -63.50 18.21 29.90
N GLU I 96 -63.30 19.49 29.53
CA GLU I 96 -63.67 19.96 28.19
C GLU I 96 -62.97 19.17 27.10
N TYR I 97 -61.66 18.94 27.25
CA TYR I 97 -60.92 18.19 26.24
C TYR I 97 -61.35 16.72 26.20
N LEU I 98 -61.71 16.15 27.35
CA LEU I 98 -62.16 14.76 27.37
C LEU I 98 -63.52 14.62 26.70
N ALA I 99 -64.35 15.65 26.86
CA ALA I 99 -65.64 15.73 26.18
C ALA I 99 -65.47 15.79 24.67
N ILE I 100 -64.33 16.32 24.20
CA ILE I 100 -64.04 16.28 22.77
C ILE I 100 -63.64 14.86 22.35
N LEU I 101 -62.80 14.20 23.14
CA LEU I 101 -62.21 12.92 22.72
C LEU I 101 -63.25 11.82 22.64
N SER I 102 -64.27 11.88 23.50
CA SER I 102 -65.23 10.78 23.62
C SER I 102 -66.01 10.56 22.33
N ARG I 103 -66.28 11.63 21.58
CA ARG I 103 -67.02 11.50 20.32
C ARG I 103 -66.25 10.67 19.32
N PHE I 104 -64.99 11.00 19.11
CA PHE I 104 -64.19 10.33 18.10
C PHE I 104 -63.86 8.90 18.52
N VAL I 105 -63.66 8.70 19.83
CA VAL I 105 -63.41 7.35 20.34
C VAL I 105 -64.63 6.45 20.12
N ASN I 106 -65.83 6.93 20.49
CA ASN I 106 -67.03 6.10 20.34
C ASN I 106 -67.41 5.92 18.88
N GLU I 107 -67.23 6.95 18.06
CA GLU I 107 -67.58 6.84 16.64
C GLU I 107 -66.67 5.85 15.93
N CYS I 108 -65.36 5.94 16.15
CA CYS I 108 -64.47 5.01 15.47
C CYS I 108 -64.52 3.62 16.11
N ASN I 109 -64.97 3.52 17.37
CA ASN I 109 -65.17 2.20 17.95
C ASN I 109 -66.38 1.50 17.33
N GLY I 110 -67.45 2.26 17.10
CA GLY I 110 -68.53 1.75 16.27
C GLY I 110 -68.06 1.36 14.89
N GLN I 111 -67.15 2.16 14.31
CA GLN I 111 -66.71 1.92 12.95
C GLN I 111 -65.72 0.75 12.87
N ILE I 112 -64.94 0.49 13.93
CA ILE I 112 -64.10 -0.70 13.90
C ILE I 112 -64.92 -1.95 14.14
N SER I 113 -66.02 -1.85 14.91
CA SER I 113 -66.89 -3.02 14.98
C SER I 113 -67.61 -3.25 13.66
N VAL I 114 -67.89 -2.18 12.90
CA VAL I 114 -68.34 -2.32 11.52
C VAL I 114 -67.28 -3.02 10.67
N ALA I 115 -66.01 -2.69 10.91
CA ALA I 115 -64.92 -3.34 10.17
C ALA I 115 -64.80 -4.81 10.54
N LEU I 116 -64.98 -5.14 11.82
CA LEU I 116 -64.91 -6.53 12.25
C LEU I 116 -66.10 -7.34 11.74
N GLN I 117 -67.25 -6.66 11.58
CA GLN I 117 -68.42 -7.29 11.00
C GLN I 117 -68.24 -7.53 9.50
N ASN I 118 -67.61 -6.59 8.79
CA ASN I 118 -67.26 -6.78 7.38
C ASN I 118 -66.20 -7.86 7.20
N LEU I 119 -65.23 -7.91 8.11
CA LEU I 119 -64.18 -8.93 8.03
C LEU I 119 -64.73 -10.31 8.34
N LYS I 120 -65.71 -10.38 9.25
CA LYS I 120 -66.41 -11.63 9.49
C LYS I 120 -67.29 -11.99 8.31
N HIS I 121 -68.26 -11.14 7.99
CA HIS I 121 -69.20 -11.41 6.92
C HIS I 121 -68.56 -11.07 5.58
N GLN I 196 -55.17 -15.10 0.68
CA GLN I 196 -56.15 -14.06 0.97
C GLN I 196 -56.52 -14.01 2.44
N LYS I 197 -55.57 -13.66 3.29
CA LYS I 197 -55.84 -13.51 4.71
C LYS I 197 -55.82 -12.04 5.05
N LEU I 198 -56.91 -11.55 5.65
CA LEU I 198 -56.96 -10.17 6.12
C LEU I 198 -57.33 -10.14 7.59
N GLN I 199 -56.84 -9.11 8.25
CA GLN I 199 -57.10 -8.81 9.65
C GLN I 199 -57.48 -7.34 9.74
N VAL I 200 -58.15 -6.98 10.81
CA VAL I 200 -58.57 -5.60 11.04
C VAL I 200 -57.77 -5.04 12.20
N CYS I 201 -57.13 -3.89 11.97
CA CYS I 201 -56.36 -3.20 13.00
C CYS I 201 -57.20 -2.06 13.54
N GLU I 202 -57.53 -2.13 14.85
CA GLU I 202 -58.29 -1.08 15.50
C GLU I 202 -57.47 0.18 15.65
N VAL I 203 -56.17 0.02 15.89
CA VAL I 203 -55.33 1.14 16.31
C VAL I 203 -55.00 2.04 15.11
N CYS I 204 -55.28 1.58 13.89
CA CYS I 204 -55.52 2.49 12.78
C CYS I 204 -56.98 2.53 12.36
N GLY I 205 -57.78 1.52 12.71
CA GLY I 205 -59.17 1.47 12.26
C GLY I 205 -59.35 1.06 10.82
N ALA I 206 -58.49 0.16 10.33
CA ALA I 206 -58.46 -0.17 8.91
C ALA I 206 -57.84 -1.54 8.69
N TYR I 207 -57.83 -1.98 7.43
CA TYR I 207 -57.46 -3.35 7.13
C TYR I 207 -55.96 -3.51 6.99
N LEU I 208 -55.46 -4.67 7.41
CA LEU I 208 -54.10 -5.12 7.13
C LEU I 208 -54.18 -6.59 6.74
N SER I 209 -53.05 -7.15 6.32
CA SER I 209 -52.96 -8.58 6.07
C SER I 209 -51.89 -9.16 6.98
N ARG I 210 -52.06 -10.42 7.36
CA ARG I 210 -51.02 -11.12 8.09
C ARG I 210 -49.90 -11.56 7.16
N LEU I 211 -50.20 -11.63 5.85
CA LEU I 211 -49.24 -12.13 4.89
C LEU I 211 -48.10 -11.14 4.67
N ASP I 212 -48.39 -9.83 4.78
CA ASP I 212 -47.38 -8.82 4.53
C ASP I 212 -46.33 -8.83 5.63
N THR I 213 -45.12 -8.41 5.26
CA THR I 213 -43.98 -8.48 6.16
C THR I 213 -43.93 -7.29 7.10
N ASP I 214 -42.90 -7.30 7.95
CA ASP I 214 -42.84 -6.39 9.08
C ASP I 214 -42.55 -4.96 8.65
N ARG I 215 -41.84 -4.76 7.54
CA ARG I 215 -41.42 -3.42 7.15
C ARG I 215 -42.55 -2.66 6.43
N ARG I 216 -43.32 -3.34 5.59
CA ARG I 216 -44.53 -2.71 5.03
C ARG I 216 -45.56 -2.41 6.12
N LEU I 217 -45.73 -3.33 7.06
CA LEU I 217 -46.62 -3.08 8.19
C LEU I 217 -46.11 -1.97 9.08
N ALA I 218 -44.78 -1.83 9.18
CA ALA I 218 -44.20 -0.71 9.90
C ALA I 218 -44.46 0.60 9.18
N ASP I 219 -44.46 0.57 7.84
CA ASP I 219 -44.84 1.73 7.05
C ASP I 219 -46.26 2.16 7.34
N HIS I 220 -47.18 1.20 7.41
CA HIS I 220 -48.56 1.56 7.72
C HIS I 220 -48.70 2.07 9.15
N PHE I 221 -47.88 1.53 10.05
CA PHE I 221 -47.98 1.94 11.45
C PHE I 221 -47.40 3.32 11.68
N LEU I 222 -46.64 3.84 10.72
CA LEU I 222 -46.14 5.22 10.82
C LEU I 222 -46.94 6.18 9.93
N GLY I 223 -48.22 6.34 10.27
CA GLY I 223 -49.09 7.14 9.43
C GLY I 223 -49.69 8.32 10.16
N LYS I 224 -50.23 9.27 9.39
CA LYS I 224 -50.97 10.38 9.98
C LYS I 224 -52.19 9.87 10.73
N ILE I 225 -52.92 8.94 10.12
CA ILE I 225 -54.14 8.41 10.70
C ILE I 225 -53.84 7.57 11.94
N HIS I 226 -52.88 6.65 11.83
CA HIS I 226 -52.52 5.78 12.94
C HIS I 226 -51.89 6.56 14.09
N LEU I 227 -51.04 7.54 13.80
CA LEU I 227 -50.42 8.26 14.91
C LEU I 227 -51.37 9.28 15.54
N GLY I 228 -52.24 9.89 14.74
CA GLY I 228 -53.29 10.71 15.33
C GLY I 228 -54.21 9.90 16.21
N TYR I 229 -54.47 8.66 15.80
CA TYR I 229 -55.27 7.74 16.57
C TYR I 229 -54.55 7.33 17.85
N VAL I 230 -53.23 7.09 17.76
CA VAL I 230 -52.46 6.60 18.89
C VAL I 230 -52.31 7.68 19.96
N LYS I 231 -52.03 8.92 19.55
CA LYS I 231 -52.01 10.01 20.53
C LYS I 231 -53.39 10.21 21.13
N MET I 232 -54.43 10.14 20.28
CA MET I 232 -55.82 10.25 20.73
C MET I 232 -56.17 9.19 21.77
N ARG I 233 -55.78 7.94 21.52
CA ARG I 233 -56.24 6.84 22.35
C ARG I 233 -55.48 6.73 23.66
N GLU I 234 -54.14 6.78 23.62
CA GLU I 234 -53.45 6.70 24.90
C GLU I 234 -53.65 7.97 25.73
N ASP I 235 -53.90 9.12 25.09
CA ASP I 235 -54.29 10.29 25.87
C ASP I 235 -55.66 10.09 26.50
N TYR I 236 -56.56 9.41 25.79
CA TYR I 236 -57.90 9.15 26.33
C TYR I 236 -57.84 8.18 27.51
N ASP I 237 -57.05 7.12 27.39
CA ASP I 237 -56.95 6.15 28.48
C ASP I 237 -56.18 6.71 29.66
N ARG I 238 -55.23 7.63 29.39
CA ARG I 238 -54.50 8.27 30.47
C ARG I 238 -55.38 9.25 31.24
N LEU I 239 -56.24 9.98 30.52
CA LEU I 239 -57.22 10.85 31.18
C LEU I 239 -58.23 10.05 31.99
N MET I 240 -58.66 8.89 31.46
CA MET I 240 -59.62 8.06 32.18
C MET I 240 -59.02 7.47 33.45
N LYS I 241 -57.77 7.01 33.40
CA LYS I 241 -57.17 6.44 34.60
C LYS I 241 -56.76 7.53 35.59
N ASN I 242 -56.54 8.76 35.10
CA ASN I 242 -56.32 9.87 36.04
C ASN I 242 -57.63 10.32 36.68
N ASN I 243 -58.76 10.13 36.00
CA ASN I 243 -60.05 10.35 36.66
C ASN I 243 -60.31 9.29 37.72
N ARG I 244 -60.13 8.01 37.38
CA ARG I 244 -60.33 6.93 38.33
C ARG I 244 -59.20 6.88 39.36
N ILE J 4 -15.52 36.64 -35.19
CA ILE J 4 -16.88 36.11 -35.20
C ILE J 4 -17.92 37.22 -35.03
N GLN J 5 -18.96 37.16 -35.86
CA GLN J 5 -20.06 38.11 -35.89
C GLN J 5 -21.28 37.44 -35.30
N VAL J 6 -22.00 38.14 -34.42
CA VAL J 6 -23.21 37.58 -33.82
C VAL J 6 -24.36 38.47 -34.25
N ALA J 7 -25.51 37.84 -34.53
CA ALA J 7 -26.74 38.52 -34.92
C ALA J 7 -27.12 39.60 -33.93
N HIS J 8 -27.59 40.72 -34.44
CA HIS J 8 -27.89 41.85 -33.58
C HIS J 8 -29.07 41.56 -32.68
N SER J 9 -30.01 40.77 -33.12
CA SER J 9 -31.14 40.44 -32.27
C SER J 9 -31.00 39.00 -31.91
N SER J 10 -30.08 38.73 -31.00
CA SER J 10 -29.79 37.39 -30.53
C SER J 10 -29.75 37.51 -29.03
N ARG J 11 -30.73 36.94 -28.40
CA ARG J 11 -30.87 37.01 -26.97
C ARG J 11 -30.25 35.73 -26.42
N LEU J 12 -30.29 35.51 -25.13
CA LEU J 12 -29.61 34.35 -24.57
C LEU J 12 -30.36 33.07 -24.84
N ALA J 13 -31.57 33.17 -25.37
CA ALA J 13 -32.30 31.98 -25.77
C ALA J 13 -31.89 31.51 -27.14
N ASN J 14 -31.40 32.42 -27.98
CA ASN J 14 -30.91 32.02 -29.30
C ASN J 14 -29.58 31.31 -29.17
N LEU J 15 -28.77 31.70 -28.19
CA LEU J 15 -27.39 31.27 -28.13
C LEU J 15 -27.28 29.95 -27.38
N ILE J 16 -28.12 28.99 -27.74
CA ILE J 16 -28.00 27.65 -27.20
C ILE J 16 -27.08 26.90 -28.13
N ASP J 17 -26.06 26.29 -27.55
CA ASP J 17 -24.93 25.55 -28.07
C ASP J 17 -23.81 26.43 -28.57
N TYR J 18 -23.94 27.75 -28.55
CA TYR J 18 -22.76 28.54 -28.85
C TYR J 18 -21.78 28.43 -27.71
N LYS J 19 -20.57 28.87 -27.94
CA LYS J 19 -19.58 28.80 -26.88
C LYS J 19 -19.46 30.16 -26.25
N LEU J 20 -19.80 30.25 -24.97
CA LEU J 20 -19.86 31.53 -24.31
C LEU J 20 -18.56 31.86 -23.59
N ARG J 21 -18.53 33.05 -23.02
CA ARG J 21 -17.42 33.55 -22.23
C ARG J 21 -18.02 34.29 -21.04
N VAL J 22 -18.33 33.58 -19.96
CA VAL J 22 -19.04 34.16 -18.83
C VAL J 22 -18.07 34.79 -17.84
N LEU J 23 -18.37 35.98 -17.36
CA LEU J 23 -17.47 36.68 -16.47
C LEU J 23 -18.13 36.81 -15.11
N THR J 24 -17.39 36.50 -14.05
CA THR J 24 -17.95 36.53 -12.72
C THR J 24 -17.36 37.67 -11.92
N GLN J 25 -17.80 37.79 -10.66
CA GLN J 25 -17.45 38.95 -9.85
C GLN J 25 -16.01 38.89 -9.35
N ASP J 26 -15.48 37.71 -9.18
CA ASP J 26 -14.14 37.61 -8.66
C ASP J 26 -13.10 37.64 -9.75
N GLY J 27 -13.43 38.08 -10.94
CA GLY J 27 -12.42 38.24 -11.95
C GLY J 27 -12.10 36.99 -12.70
N ARG J 28 -13.00 36.01 -12.72
CA ARG J 28 -12.72 34.74 -13.34
C ARG J 28 -13.63 34.55 -14.53
N VAL J 29 -13.07 33.97 -15.59
CA VAL J 29 -13.82 33.76 -16.87
C VAL J 29 -14.08 32.26 -17.04
N TYR J 30 -15.33 31.91 -17.36
CA TYR J 30 -15.76 30.53 -17.58
C TYR J 30 -16.09 30.37 -19.05
N ILE J 31 -15.45 29.42 -19.74
CA ILE J 31 -15.64 29.26 -21.18
C ILE J 31 -16.23 27.90 -21.48
N GLY J 32 -17.43 27.86 -22.06
CA GLY J 32 -17.96 26.56 -22.42
C GLY J 32 -19.20 26.65 -23.27
N GLN J 33 -19.57 25.52 -23.84
CA GLN J 33 -20.81 25.41 -24.62
C GLN J 33 -22.01 25.68 -23.76
N LEU J 34 -22.91 26.54 -24.21
CA LEU J 34 -24.06 26.86 -23.40
C LEU J 34 -25.13 25.81 -23.57
N MET J 35 -25.64 25.27 -22.47
CA MET J 35 -26.68 24.26 -22.51
C MET J 35 -28.05 24.81 -22.15
N ALA J 36 -28.14 25.64 -21.11
CA ALA J 36 -29.42 26.09 -20.59
C ALA J 36 -29.21 27.32 -19.74
N PHE J 37 -30.32 27.98 -19.41
CA PHE J 37 -30.31 29.19 -18.61
C PHE J 37 -31.61 29.26 -17.84
N ASP J 38 -31.78 30.33 -17.08
CA ASP J 38 -32.92 30.42 -16.20
C ASP J 38 -33.25 31.88 -15.93
N LYS J 39 -34.35 32.07 -15.20
CA LYS J 39 -34.87 33.37 -14.80
C LYS J 39 -33.85 34.17 -14.02
N HIS J 40 -33.07 33.51 -13.20
CA HIS J 40 -32.07 34.13 -12.36
C HIS J 40 -30.78 34.33 -13.09
N MET J 41 -30.76 33.95 -14.37
CA MET J 41 -29.59 33.93 -15.24
C MET J 41 -28.49 33.03 -14.69
N ASN J 42 -28.82 31.80 -14.32
CA ASN J 42 -27.78 30.85 -13.98
C ASN J 42 -27.66 29.76 -15.02
N LEU J 43 -26.51 29.71 -15.67
CA LEU J 43 -26.21 28.96 -16.87
C LEU J 43 -25.93 27.52 -16.55
N VAL J 44 -25.77 26.70 -17.58
CA VAL J 44 -25.21 25.36 -17.49
C VAL J 44 -24.24 25.24 -18.65
N LEU J 45 -22.99 24.98 -18.37
CA LEU J 45 -21.97 25.04 -19.41
C LEU J 45 -21.33 23.69 -19.61
N ASN J 46 -21.14 23.25 -20.85
CA ASN J 46 -20.84 21.85 -21.09
C ASN J 46 -19.41 21.48 -20.82
N GLU J 47 -18.49 22.20 -21.45
CA GLU J 47 -17.04 21.91 -21.32
C GLU J 47 -16.34 23.14 -20.76
N CYS J 48 -17.05 23.95 -19.99
CA CYS J 48 -16.48 25.23 -19.52
C CYS J 48 -15.18 24.99 -18.76
N ILE J 49 -14.17 25.81 -19.09
CA ILE J 49 -12.82 25.79 -18.48
C ILE J 49 -12.66 27.14 -17.78
N GLU J 50 -12.36 27.13 -16.49
CA GLU J 50 -12.21 28.36 -15.74
C GLU J 50 -10.85 28.95 -16.03
N GLU J 51 -10.77 30.24 -16.18
CA GLU J 51 -9.49 30.91 -16.23
C GLU J 51 -9.45 32.03 -15.22
N ARG J 52 -8.27 32.34 -14.73
CA ARG J 52 -8.09 33.50 -13.86
C ARG J 52 -6.71 34.06 -14.10
N VAL J 53 -6.53 35.34 -13.82
CA VAL J 53 -5.22 35.99 -13.85
C VAL J 53 -4.64 35.94 -12.45
N PRO J 54 -3.46 35.36 -12.26
CA PRO J 54 -2.85 35.34 -10.94
C PRO J 54 -2.48 36.72 -10.49
N LYS J 55 -2.31 36.92 -9.18
CA LYS J 55 -1.95 38.22 -8.67
C LYS J 55 -0.54 38.62 -9.07
N THR J 56 0.27 37.65 -9.47
CA THR J 56 1.62 37.96 -9.85
C THR J 56 1.69 38.43 -11.30
N GLN J 57 0.84 37.87 -12.15
CA GLN J 57 0.80 38.27 -13.54
C GLN J 57 0.07 39.58 -13.74
N LEU J 58 -0.63 40.07 -12.72
CA LEU J 58 -1.64 41.09 -12.92
C LEU J 58 -1.04 42.45 -13.23
N ASP J 59 0.13 42.75 -12.71
CA ASP J 59 0.70 44.07 -12.90
C ASP J 59 1.28 44.26 -14.30
N LYS J 60 1.27 43.23 -15.13
CA LYS J 60 1.56 43.43 -16.53
C LYS J 60 0.38 44.00 -17.28
N LEU J 61 -0.81 43.99 -16.67
CA LEU J 61 -1.96 44.59 -17.32
C LEU J 61 -2.03 46.09 -17.12
N ARG J 62 -1.30 46.62 -16.14
CA ARG J 62 -1.44 48.02 -15.79
C ARG J 62 -0.89 48.89 -16.92
N PRO J 63 -1.47 50.06 -17.15
CA PRO J 63 -1.08 50.86 -18.32
C PRO J 63 0.34 51.40 -18.21
N ARG J 64 1.09 51.22 -19.29
CA ARG J 64 2.46 51.68 -19.38
C ARG J 64 2.54 53.19 -19.43
N GLY J 70 7.23 46.04 -24.26
CA GLY J 70 7.06 45.44 -25.56
C GLY J 70 5.79 45.87 -26.24
N THR J 71 5.54 45.35 -27.43
CA THR J 71 4.30 45.68 -28.12
C THR J 71 3.13 44.94 -27.51
N THR J 72 3.19 43.60 -27.48
CA THR J 72 2.05 42.83 -27.01
C THR J 72 2.35 42.26 -25.64
N LEU J 73 1.32 42.34 -24.78
CA LEU J 73 1.36 41.84 -23.38
C LEU J 73 1.11 40.33 -23.42
N ASN J 74 1.80 39.59 -22.54
CA ASN J 74 1.66 38.15 -22.49
C ASN J 74 1.34 37.68 -21.08
N ILE J 75 0.13 37.22 -20.88
CA ILE J 75 -0.36 36.95 -19.55
C ILE J 75 -0.55 35.45 -19.41
N LYS J 76 0.25 34.83 -18.56
CA LYS J 76 0.08 33.42 -18.27
C LYS J 76 -1.12 33.29 -17.37
N VAL J 77 -2.07 32.47 -17.76
CA VAL J 77 -3.40 32.50 -17.19
C VAL J 77 -3.65 31.15 -16.53
N GLU J 78 -3.99 31.17 -15.26
CA GLU J 78 -4.16 29.92 -14.54
C GLU J 78 -5.54 29.37 -14.86
N LYS J 79 -5.58 28.25 -15.56
CA LYS J 79 -6.84 27.66 -15.98
C LYS J 79 -7.04 26.30 -15.34
N ARG J 80 -8.25 26.04 -14.90
CA ARG J 80 -8.66 24.73 -14.39
C ARG J 80 -9.71 24.20 -15.32
N VAL J 81 -9.81 22.90 -15.42
CA VAL J 81 -10.80 22.27 -16.28
C VAL J 81 -11.86 21.64 -15.41
N LEU J 82 -13.10 21.96 -15.70
CA LEU J 82 -14.26 21.39 -15.05
C LEU J 82 -15.28 21.09 -16.13
N GLY J 83 -16.22 20.22 -15.85
CA GLY J 83 -17.06 19.83 -16.98
C GLY J 83 -18.50 19.59 -16.63
N LEU J 84 -19.39 20.19 -17.39
CA LEU J 84 -20.82 20.23 -17.10
C LEU J 84 -21.05 20.85 -15.73
N THR J 85 -20.79 22.13 -15.63
CA THR J 85 -21.05 22.83 -14.41
C THR J 85 -22.29 23.65 -14.55
N ILE J 86 -22.93 23.94 -13.43
CA ILE J 86 -23.98 24.94 -13.42
C ILE J 86 -23.45 26.12 -12.61
N LEU J 87 -23.52 27.30 -13.18
CA LEU J 87 -23.10 28.49 -12.49
C LEU J 87 -24.26 29.04 -11.71
N ARG J 88 -24.01 30.02 -10.86
CA ARG J 88 -25.09 30.63 -10.12
C ARG J 88 -25.23 32.05 -10.62
N GLY J 89 -26.46 32.51 -10.72
CA GLY J 89 -26.72 33.71 -11.48
C GLY J 89 -26.28 34.94 -10.73
N GLU J 90 -26.24 34.84 -9.41
CA GLU J 90 -25.86 35.96 -8.58
C GLU J 90 -24.44 36.39 -8.84
N GLN J 91 -23.59 35.46 -9.26
CA GLN J 91 -22.18 35.74 -9.44
C GLN J 91 -21.87 36.25 -10.82
N ILE J 92 -22.73 35.94 -11.80
CA ILE J 92 -22.48 36.27 -13.19
C ILE J 92 -22.51 37.77 -13.37
N LEU J 93 -21.64 38.29 -14.20
CA LEU J 93 -21.53 39.71 -14.36
C LEU J 93 -21.80 40.16 -15.78
N SER J 94 -21.27 39.47 -16.78
CA SER J 94 -21.58 39.72 -18.17
C SER J 94 -21.16 38.51 -18.99
N THR J 95 -21.79 38.29 -20.14
CA THR J 95 -21.42 37.17 -20.99
C THR J 95 -21.09 37.67 -22.39
N VAL J 96 -20.09 37.07 -23.03
CA VAL J 96 -19.64 37.37 -24.38
C VAL J 96 -19.62 36.05 -25.13
N VAL J 97 -19.69 36.10 -26.46
CA VAL J 97 -19.76 34.91 -27.29
C VAL J 97 -18.39 34.68 -27.89
N GLU J 98 -17.88 33.45 -27.80
CA GLU J 98 -16.56 33.15 -28.34
C GLU J 98 -16.64 32.43 -29.68
N ASP J 99 -17.39 31.33 -29.75
CA ASP J 99 -17.36 30.55 -30.97
C ASP J 99 -18.76 30.12 -31.35
N LYS J 100 -18.97 29.93 -32.63
CA LYS J 100 -20.24 29.51 -33.19
C LYS J 100 -20.49 28.04 -32.85
N PRO J 101 -21.70 27.51 -33.11
CA PRO J 101 -21.93 26.11 -32.83
C PRO J 101 -21.23 25.22 -33.81
N LEU J 102 -21.26 23.92 -33.52
CA LEU J 102 -20.63 22.98 -34.43
C LEU J 102 -21.42 22.88 -35.71
N LEU J 103 -22.73 22.67 -35.57
CA LEU J 103 -23.59 22.45 -36.71
C LEU J 103 -24.01 23.77 -37.33
N SER J 104 -24.21 23.76 -38.63
CA SER J 104 -24.66 24.95 -39.30
C SER J 104 -26.12 25.15 -39.06
N LYS J 105 -26.59 26.37 -39.33
CA LYS J 105 -27.97 26.74 -39.07
C LYS J 105 -28.93 25.91 -39.91
N LYS J 106 -28.56 25.61 -41.14
CA LYS J 106 -29.33 24.72 -42.00
C LYS J 106 -29.34 23.31 -41.45
N GLU J 107 -28.18 22.86 -41.02
CA GLU J 107 -28.02 21.49 -40.56
C GLU J 107 -28.68 21.31 -39.20
N ARG J 108 -28.71 22.38 -38.42
CA ARG J 108 -29.44 22.41 -37.17
C ARG J 108 -30.94 22.31 -37.42
N LEU J 109 -31.45 23.00 -38.45
CA LEU J 109 -32.84 22.87 -38.87
C LEU J 109 -33.21 21.45 -39.25
N VAL J 110 -32.34 20.79 -40.02
CA VAL J 110 -32.58 19.41 -40.45
C VAL J 110 -32.71 18.50 -39.25
N ARG J 111 -31.79 18.65 -38.28
CA ARG J 111 -31.82 17.83 -37.07
C ARG J 111 -33.10 18.06 -36.27
N ASP J 112 -33.56 19.30 -36.21
CA ASP J 112 -34.75 19.60 -35.42
C ASP J 112 -36.02 19.02 -36.04
N LYS J 113 -36.16 19.10 -37.36
CA LYS J 113 -37.30 18.48 -38.02
C LYS J 113 -37.30 16.97 -37.83
N LYS J 114 -36.12 16.34 -37.93
CA LYS J 114 -35.98 14.91 -37.68
C LYS J 114 -36.43 14.54 -36.27
N GLU J 115 -35.99 15.32 -35.28
CA GLU J 115 -36.29 14.96 -33.91
C GLU J 115 -37.77 15.16 -33.59
N LYS J 116 -38.40 16.14 -34.22
CA LYS J 116 -39.84 16.32 -34.04
C LYS J 116 -40.61 15.14 -34.61
N LYS J 117 -40.20 14.64 -35.79
CA LYS J 117 -40.81 13.44 -36.36
C LYS J 117 -40.71 12.24 -35.44
N GLN J 118 -39.51 11.98 -34.91
CA GLN J 118 -39.31 10.79 -34.10
C GLN J 118 -40.07 10.86 -32.79
N ALA J 119 -40.15 12.05 -32.21
CA ALA J 119 -40.89 12.19 -30.95
C ALA J 119 -42.38 12.00 -31.15
N GLN J 120 -42.94 12.56 -32.23
CA GLN J 120 -44.36 12.37 -32.49
C GLN J 120 -44.70 10.92 -32.75
N LYS J 121 -43.80 10.20 -33.44
CA LYS J 121 -44.04 8.78 -33.65
C LYS J 121 -44.05 8.04 -32.32
N GLN J 122 -43.13 8.39 -31.41
CA GLN J 122 -43.06 7.64 -30.16
C GLN J 122 -44.27 7.88 -29.28
N THR J 123 -44.80 9.10 -29.24
CA THR J 123 -45.98 9.29 -28.39
C THR J 123 -47.23 8.73 -29.03
N LYS J 124 -47.31 8.72 -30.37
CA LYS J 124 -48.40 8.02 -31.03
C LYS J 124 -48.39 6.53 -30.67
N LEU J 125 -47.20 5.93 -30.66
CA LEU J 125 -47.06 4.53 -30.28
C LEU J 125 -47.45 4.29 -28.84
N ARG J 126 -47.02 5.16 -27.93
CA ARG J 126 -47.31 4.97 -26.50
C ARG J 126 -48.78 5.08 -26.22
N LYS J 127 -49.47 5.98 -26.93
CA LYS J 127 -50.92 6.08 -26.82
C LYS J 127 -51.61 4.80 -27.28
N GLU J 128 -51.32 4.35 -28.51
CA GLU J 128 -51.99 3.16 -29.06
C GLU J 128 -51.62 1.89 -28.29
N LYS J 129 -50.48 1.92 -27.60
CA LYS J 129 -50.12 0.79 -26.74
C LYS J 129 -50.90 0.82 -25.43
N GLU J 130 -51.18 2.00 -24.87
CA GLU J 130 -51.95 2.02 -23.63
C GLU J 130 -53.41 1.71 -23.91
N LYS J 131 -53.85 1.91 -25.16
CA LYS J 131 -55.23 1.54 -25.48
C LYS J 131 -55.41 0.02 -25.49
N LYS J 132 -54.45 -0.71 -26.03
CA LYS J 132 -54.48 -2.18 -25.97
C LYS J 132 -53.64 -2.64 -24.80
N MET K 1 -45.54 53.55 -12.44
CA MET K 1 -44.28 53.98 -13.05
C MET K 1 -43.19 53.03 -12.70
N LYS K 2 -42.61 52.42 -13.73
CA LYS K 2 -41.31 51.79 -13.62
C LYS K 2 -40.45 52.38 -14.72
N LEU K 3 -39.27 52.84 -14.36
CA LEU K 3 -38.40 53.47 -15.34
C LEU K 3 -37.71 52.46 -16.24
N VAL K 4 -37.86 51.17 -15.97
CA VAL K 4 -37.35 50.16 -16.89
C VAL K 4 -38.16 50.19 -18.18
N ASN K 5 -39.45 50.50 -18.09
CA ASN K 5 -40.25 50.66 -19.29
C ASN K 5 -39.87 51.91 -20.04
N PHE K 6 -39.35 52.93 -19.35
CA PHE K 6 -38.71 54.03 -20.05
C PHE K 6 -37.47 53.57 -20.75
N LEU K 7 -36.71 52.71 -20.12
CA LEU K 7 -35.37 52.41 -20.62
C LEU K 7 -35.43 51.46 -21.79
N LYS K 8 -36.50 50.67 -21.85
CA LYS K 8 -36.76 49.79 -22.98
C LYS K 8 -37.08 50.55 -24.24
N LYS K 9 -37.46 51.81 -24.12
CA LYS K 9 -37.88 52.58 -25.30
C LYS K 9 -36.69 52.99 -26.14
N LEU K 10 -35.48 52.89 -25.60
CA LEU K 10 -34.35 53.48 -26.29
C LEU K 10 -33.95 52.65 -27.51
N ARG K 11 -33.46 51.44 -27.28
CA ARG K 11 -33.51 50.34 -28.21
C ARG K 11 -32.65 50.50 -29.47
N ASN K 12 -32.13 51.67 -29.81
CA ASN K 12 -31.17 51.71 -30.89
C ASN K 12 -30.16 52.84 -30.73
N GLU K 13 -29.74 53.16 -29.52
CA GLU K 13 -29.08 54.43 -29.27
C GLU K 13 -27.77 54.24 -28.52
N GLN K 14 -26.79 55.07 -28.85
CA GLN K 14 -25.49 54.91 -28.22
C GLN K 14 -25.54 55.38 -26.78
N VAL K 15 -25.38 54.44 -25.85
CA VAL K 15 -25.41 54.78 -24.44
C VAL K 15 -24.02 54.54 -23.90
N THR K 16 -23.83 54.92 -22.64
CA THR K 16 -22.66 54.49 -21.89
C THR K 16 -23.11 54.01 -20.54
N ILE K 17 -22.98 52.72 -20.29
CA ILE K 17 -23.39 52.12 -19.05
C ILE K 17 -22.19 52.13 -18.12
N GLU K 18 -22.30 52.76 -16.97
CA GLU K 18 -21.24 52.73 -16.00
C GLU K 18 -21.61 51.77 -14.91
N LEU K 19 -20.83 50.71 -14.79
CA LEU K 19 -21.13 49.59 -13.93
C LEU K 19 -20.52 49.81 -12.55
N LYS K 20 -20.78 48.87 -11.64
CA LYS K 20 -20.36 49.04 -10.26
C LYS K 20 -18.88 48.72 -10.07
N ASN K 21 -18.25 48.07 -11.04
CA ASN K 21 -16.81 47.90 -11.00
C ASN K 21 -16.11 49.23 -11.16
N GLY K 22 -16.52 49.99 -12.16
CA GLY K 22 -15.83 51.19 -12.54
C GLY K 22 -15.68 51.12 -14.03
N THR K 23 -15.86 49.93 -14.57
CA THR K 23 -15.81 49.72 -16.00
C THR K 23 -17.00 50.38 -16.66
N THR K 24 -16.76 51.02 -17.80
CA THR K 24 -17.81 51.73 -18.52
C THR K 24 -17.94 51.11 -19.90
N VAL K 25 -19.18 50.85 -20.31
CA VAL K 25 -19.48 50.14 -21.54
C VAL K 25 -20.18 51.11 -22.48
N TRP K 26 -19.53 51.44 -23.59
CA TRP K 26 -20.08 52.40 -24.55
C TRP K 26 -20.57 51.63 -25.75
N GLY K 27 -21.82 51.83 -26.14
CA GLY K 27 -22.21 51.05 -27.30
C GLY K 27 -23.65 51.22 -27.69
N THR K 28 -23.97 50.68 -28.86
CA THR K 28 -25.33 50.67 -29.37
C THR K 28 -26.18 49.70 -28.59
N LEU K 29 -27.32 50.15 -28.10
CA LEU K 29 -28.11 49.34 -27.20
C LEU K 29 -29.21 48.63 -27.97
N GLN K 30 -29.26 47.31 -27.84
CA GLN K 30 -30.38 46.48 -28.27
C GLN K 30 -31.30 46.37 -27.06
N SER K 31 -32.10 45.30 -26.93
CA SER K 31 -33.16 45.24 -25.92
C SER K 31 -32.69 45.41 -24.47
N VAL K 32 -33.66 45.69 -23.60
CA VAL K 32 -33.51 45.75 -22.14
C VAL K 32 -34.60 44.91 -21.53
N SER K 33 -34.23 43.99 -20.66
CA SER K 33 -35.15 43.03 -20.06
C SER K 33 -35.93 43.73 -18.95
N PRO K 34 -36.98 43.12 -18.40
CA PRO K 34 -37.61 43.72 -17.23
C PRO K 34 -36.80 43.69 -15.95
N GLN K 35 -35.62 43.06 -15.92
CA GLN K 35 -34.71 43.25 -14.81
C GLN K 35 -33.51 44.09 -15.17
N MET K 36 -33.61 44.90 -16.21
CA MET K 36 -32.57 45.83 -16.67
C MET K 36 -31.34 45.07 -17.20
N ASN K 37 -31.58 43.97 -17.92
CA ASN K 37 -30.48 43.24 -18.56
C ASN K 37 -30.19 43.84 -19.92
N ALA K 38 -29.27 44.78 -19.95
CA ALA K 38 -28.92 45.42 -21.20
C ALA K 38 -28.14 44.47 -22.09
N ILE K 39 -28.44 44.52 -23.38
CA ILE K 39 -27.69 43.82 -24.41
C ILE K 39 -27.19 44.87 -25.38
N LEU K 40 -25.89 45.09 -25.43
CA LEU K 40 -25.35 46.09 -26.30
C LEU K 40 -24.57 45.35 -27.36
N THR K 41 -24.23 46.03 -28.46
CA THR K 41 -23.67 45.28 -29.58
C THR K 41 -22.25 45.68 -29.92
N ASP K 42 -21.98 46.93 -30.17
CA ASP K 42 -20.73 47.23 -30.83
C ASP K 42 -19.77 47.83 -29.82
N VAL K 43 -19.60 47.14 -28.70
CA VAL K 43 -19.25 47.80 -27.46
C VAL K 43 -17.76 47.97 -27.35
N LYS K 44 -17.38 48.85 -26.44
CA LYS K 44 -16.04 49.30 -26.20
C LYS K 44 -15.92 49.39 -24.69
N LEU K 45 -15.65 48.26 -24.03
CA LEU K 45 -15.45 48.26 -22.56
C LEU K 45 -14.17 49.05 -22.27
N THR K 46 -14.18 49.86 -21.21
CA THR K 46 -12.99 50.60 -20.82
C THR K 46 -13.00 50.84 -19.33
N LEU K 47 -11.83 51.01 -18.76
CA LEU K 47 -11.68 51.17 -17.32
C LEU K 47 -10.90 52.43 -17.03
N PRO K 48 -11.52 53.47 -16.57
CA PRO K 48 -10.84 54.75 -16.41
C PRO K 48 -9.83 54.77 -15.30
N GLN K 49 -8.61 55.17 -15.62
CA GLN K 49 -7.56 55.34 -14.62
C GLN K 49 -7.90 56.56 -13.77
N PRO K 50 -7.37 56.64 -12.55
CA PRO K 50 -7.82 57.69 -11.63
C PRO K 50 -7.02 58.99 -11.66
N ARG K 51 -6.23 59.27 -12.69
CA ARG K 51 -5.48 60.52 -12.96
C ARG K 51 -4.50 60.94 -11.87
N LEU K 52 -4.49 60.31 -10.71
CA LEU K 52 -3.51 60.53 -9.67
C LEU K 52 -2.55 59.36 -9.76
N ASN K 53 -1.25 59.64 -9.62
CA ASN K 53 -0.23 58.70 -10.03
C ASN K 53 -0.23 57.45 -9.17
N LYS K 54 -0.34 57.60 -7.85
CA LYS K 54 -0.10 56.48 -6.95
C LYS K 54 -1.33 55.58 -6.84
N LEU K 55 -2.50 56.12 -7.12
CA LEU K 55 -3.73 55.36 -6.96
C LEU K 55 -3.86 54.34 -8.08
N ASN K 56 -4.18 53.09 -7.74
CA ASN K 56 -4.05 52.06 -8.77
C ASN K 56 -5.22 52.05 -9.72
N SER K 57 -6.26 51.29 -9.38
CA SER K 57 -7.61 51.21 -9.96
C SER K 57 -8.20 49.97 -9.33
N ASN K 58 -9.38 49.57 -9.78
CA ASN K 58 -9.87 48.23 -9.49
C ASN K 58 -8.91 47.25 -10.13
N GLY K 59 -8.45 46.25 -9.37
CA GLY K 59 -7.61 45.22 -9.95
C GLY K 59 -8.42 44.05 -10.50
N ILE K 60 -9.51 43.71 -9.81
CA ILE K 60 -10.41 42.66 -10.27
C ILE K 60 -11.04 43.03 -11.60
N ALA K 61 -11.31 44.31 -11.82
CA ALA K 61 -11.92 44.69 -13.08
C ALA K 61 -10.89 44.77 -14.21
N MET K 62 -9.61 44.98 -13.88
CA MET K 62 -8.57 44.75 -14.87
C MET K 62 -8.55 43.31 -15.32
N ALA K 63 -8.62 42.39 -14.37
CA ALA K 63 -8.65 40.98 -14.73
C ALA K 63 -9.88 40.64 -15.54
N SER K 64 -11.02 41.23 -15.21
CA SER K 64 -12.25 40.98 -15.93
C SER K 64 -12.17 41.49 -17.38
N LEU K 65 -11.57 42.67 -17.60
CA LEU K 65 -11.41 43.13 -18.97
C LEU K 65 -10.46 42.28 -19.78
N TYR K 66 -9.34 41.86 -19.21
CA TYR K 66 -8.45 41.03 -20.01
C TYR K 66 -9.09 39.71 -20.32
N LEU K 67 -9.87 39.19 -19.40
CA LEU K 67 -10.42 37.88 -19.60
C LEU K 67 -11.64 37.90 -20.50
N THR K 68 -12.18 39.08 -20.85
CA THR K 68 -13.26 39.10 -21.86
C THR K 68 -12.79 38.57 -23.20
N GLY K 69 -11.54 38.80 -23.54
CA GLY K 69 -10.99 38.33 -24.77
C GLY K 69 -10.85 39.40 -25.80
N GLY K 70 -11.12 40.62 -25.45
CA GLY K 70 -11.14 41.66 -26.44
C GLY K 70 -10.14 42.73 -26.27
N GLN K 71 -9.25 42.59 -25.29
CA GLN K 71 -8.27 43.63 -25.11
C GLN K 71 -7.27 43.58 -26.23
N GLN K 72 -7.07 44.73 -26.87
CA GLN K 72 -6.09 44.87 -27.93
C GLN K 72 -4.70 44.66 -27.37
N PRO K 73 -3.90 43.74 -27.91
CA PRO K 73 -2.65 43.38 -27.24
C PRO K 73 -1.61 44.48 -27.25
N THR K 74 -1.69 45.42 -28.19
CA THR K 74 -0.73 46.51 -28.17
C THR K 74 -1.19 47.64 -27.27
N ALA K 75 -2.44 47.60 -26.79
CA ALA K 75 -3.07 48.77 -26.23
C ALA K 75 -2.42 49.19 -24.92
N SER K 76 -2.38 50.50 -24.70
CA SER K 76 -1.78 51.02 -23.48
C SER K 76 -2.79 51.01 -22.34
N ASP K 77 -3.99 51.50 -22.57
CA ASP K 77 -5.01 51.55 -21.52
C ASP K 77 -5.87 50.31 -21.58
N ASN K 78 -6.58 50.05 -20.49
CA ASN K 78 -7.52 48.94 -20.41
C ASN K 78 -8.77 49.27 -21.23
N ILE K 79 -8.72 48.96 -22.52
CA ILE K 79 -9.91 49.01 -23.38
C ILE K 79 -10.06 47.66 -24.07
N ALA K 80 -11.30 47.24 -24.27
CA ALA K 80 -11.56 45.96 -24.90
C ALA K 80 -12.74 46.11 -25.84
N SER K 81 -12.50 45.96 -27.12
CA SER K 81 -13.50 46.25 -28.13
C SER K 81 -14.12 44.96 -28.58
N LEU K 82 -15.39 44.77 -28.31
CA LEU K 82 -15.93 43.45 -28.55
C LEU K 82 -17.37 43.54 -29.02
N GLN K 83 -17.68 42.81 -30.06
CA GLN K 83 -19.03 42.76 -30.58
C GLN K 83 -19.86 41.92 -29.63
N TYR K 84 -21.09 42.33 -29.38
CA TYR K 84 -22.03 41.62 -28.50
C TYR K 84 -21.60 41.41 -27.05
N ILE K 85 -21.80 42.36 -26.15
CA ILE K 85 -21.77 42.06 -24.72
C ILE K 85 -23.21 41.95 -24.22
N ASN K 86 -23.43 41.17 -23.16
CA ASN K 86 -24.72 41.01 -22.49
C ASN K 86 -24.49 41.24 -21.01
N ILE K 87 -25.27 42.10 -20.38
CA ILE K 87 -24.95 42.58 -19.03
C ILE K 87 -26.10 42.26 -18.09
N ARG K 88 -25.79 41.55 -17.02
CA ARG K 88 -26.78 41.29 -15.99
C ARG K 88 -27.09 42.58 -15.24
N GLY K 89 -28.35 42.71 -14.85
CA GLY K 89 -28.93 44.00 -14.51
C GLY K 89 -28.44 44.61 -13.21
N ASN K 90 -28.08 43.79 -12.22
CA ASN K 90 -27.70 44.35 -10.93
C ASN K 90 -26.37 45.07 -10.98
N THR K 91 -25.63 44.93 -12.07
CA THR K 91 -24.30 45.49 -12.17
C THR K 91 -24.34 46.97 -12.52
N ILE K 92 -25.41 47.44 -13.14
CA ILE K 92 -25.40 48.78 -13.71
C ILE K 92 -25.54 49.80 -12.61
N ARG K 93 -24.60 50.71 -12.50
CA ARG K 93 -24.81 51.82 -11.58
C ARG K 93 -25.57 52.95 -12.23
N GLN K 94 -25.09 53.46 -13.35
CA GLN K 94 -25.78 54.56 -13.99
C GLN K 94 -25.61 54.45 -15.48
N ILE K 95 -26.52 55.04 -16.24
CA ILE K 95 -26.53 54.95 -17.69
C ILE K 95 -26.50 56.35 -18.24
N ILE K 96 -25.40 56.72 -18.85
CA ILE K 96 -25.27 58.02 -19.48
C ILE K 96 -26.02 57.95 -20.79
N LEU K 97 -27.06 58.74 -20.89
CA LEU K 97 -27.98 58.82 -22.00
C LEU K 97 -27.43 59.76 -23.08
N PRO K 98 -27.95 59.70 -24.30
CA PRO K 98 -27.50 60.65 -25.31
C PRO K 98 -28.02 62.05 -25.06
N ASP K 99 -27.39 63.02 -25.70
CA ASP K 99 -27.80 64.41 -25.50
C ASP K 99 -29.12 64.73 -26.20
N SER K 100 -29.43 63.98 -27.25
CA SER K 100 -30.35 64.49 -28.27
C SER K 100 -31.80 64.17 -27.95
N LEU K 101 -32.05 63.08 -27.24
CA LEU K 101 -33.40 62.54 -27.13
C LEU K 101 -34.26 63.43 -26.26
N ASN K 102 -35.54 63.53 -26.58
CA ASN K 102 -36.44 64.39 -25.81
C ASN K 102 -37.07 63.58 -24.70
N LEU K 103 -36.89 64.03 -23.46
CA LEU K 103 -37.41 63.28 -22.34
C LEU K 103 -38.91 63.37 -22.30
N ASP K 104 -39.48 64.50 -22.73
CA ASP K 104 -40.89 64.74 -22.52
C ASP K 104 -41.76 63.98 -23.51
N SER K 105 -41.17 63.39 -24.53
CA SER K 105 -41.91 62.41 -25.30
C SER K 105 -41.81 61.03 -24.68
N LEU K 106 -40.65 60.70 -24.11
CA LEU K 106 -40.34 59.32 -23.78
C LEU K 106 -40.88 58.96 -22.41
N LEU K 107 -40.95 59.93 -21.50
CA LEU K 107 -41.29 59.63 -20.13
C LEU K 107 -42.78 59.49 -19.93
N VAL K 108 -43.57 59.67 -20.98
CA VAL K 108 -45.00 59.49 -20.85
C VAL K 108 -45.31 58.01 -20.77
N ASP K 109 -45.72 57.56 -19.59
CA ASP K 109 -46.09 56.17 -19.42
C ASP K 109 -47.43 56.01 -20.10
N GLN K 110 -47.48 55.11 -21.08
CA GLN K 110 -48.71 54.92 -21.83
C GLN K 110 -49.76 54.26 -20.97
N LYS K 111 -49.35 53.40 -20.05
CA LYS K 111 -50.30 52.66 -19.23
C LYS K 111 -50.87 53.53 -18.13
N GLN K 112 -50.05 54.38 -17.53
CA GLN K 112 -50.56 55.33 -16.54
C GLN K 112 -51.53 56.30 -17.18
N LEU K 113 -51.17 56.85 -18.33
CA LEU K 113 -52.05 57.71 -19.10
C LEU K 113 -53.32 56.97 -19.50
N ASN K 114 -53.19 55.66 -19.76
CA ASN K 114 -54.31 54.84 -20.15
C ASN K 114 -55.32 54.72 -19.03
N SER K 115 -54.87 54.36 -17.83
CA SER K 115 -55.78 54.23 -16.71
C SER K 115 -56.34 55.59 -16.30
N LEU K 116 -55.53 56.63 -16.39
CA LEU K 116 -55.99 57.95 -15.95
C LEU K 116 -57.01 58.53 -16.89
N ARG K 117 -56.94 58.21 -18.18
CA ARG K 117 -58.05 58.53 -19.08
C ARG K 117 -59.26 57.66 -18.80
N ARG K 118 -59.02 56.35 -18.58
CA ARG K 118 -60.13 55.43 -18.34
C ARG K 118 -60.83 55.75 -17.01
N SER K 119 -60.08 56.16 -16.02
CA SER K 119 -60.66 56.54 -14.73
C SER K 119 -60.28 57.96 -14.36
N SER L 2 -56.95 54.11 2.72
CA SER L 2 -56.03 55.09 3.28
C SER L 2 -55.09 54.45 4.29
N SER L 3 -55.47 54.42 5.57
CA SER L 3 -54.63 53.79 6.58
C SER L 3 -54.76 52.27 6.51
N GLN L 4 -55.96 51.78 6.21
CA GLN L 4 -56.20 50.34 6.22
C GLN L 4 -55.46 49.64 5.10
N ILE L 5 -55.34 50.30 3.94
CA ILE L 5 -54.58 49.70 2.85
C ILE L 5 -53.08 49.73 3.16
N ILE L 6 -52.63 50.73 3.93
CA ILE L 6 -51.24 50.76 4.35
C ILE L 6 -50.95 49.60 5.30
N ASP L 7 -51.86 49.33 6.24
CA ASP L 7 -51.58 48.30 7.24
C ASP L 7 -51.73 46.89 6.68
N ARG L 8 -52.60 46.68 5.69
CA ARG L 8 -52.87 45.34 5.20
C ARG L 8 -51.68 44.78 4.41
N PRO L 9 -51.49 43.47 4.44
CA PRO L 9 -50.41 42.87 3.64
C PRO L 9 -50.74 42.90 2.16
N LYS L 10 -49.72 43.14 1.35
CA LYS L 10 -49.94 43.49 -0.05
C LYS L 10 -50.46 42.33 -0.88
N HIS L 11 -50.28 41.10 -0.41
CA HIS L 11 -50.77 39.96 -1.19
C HIS L 11 -52.29 39.87 -1.14
N GLU L 12 -52.92 40.55 -0.19
CA GLU L 12 -54.37 40.51 -0.10
C GLU L 12 -55.02 41.59 -0.97
N LEU L 13 -54.30 42.68 -1.23
CA LEU L 13 -54.93 43.85 -1.82
C LEU L 13 -55.24 43.65 -3.29
N SER L 14 -56.32 44.27 -3.75
CA SER L 14 -56.70 44.25 -5.15
C SER L 14 -55.76 45.11 -5.97
N ARG L 15 -55.83 44.93 -7.28
CA ARG L 15 -54.92 45.59 -8.21
C ARG L 15 -55.06 47.11 -8.15
N ALA L 16 -56.30 47.59 -8.09
CA ALA L 16 -56.55 49.02 -7.96
C ALA L 16 -56.06 49.55 -6.62
N GLU L 17 -56.13 48.72 -5.58
CA GLU L 17 -55.59 49.11 -4.28
C GLU L 17 -54.08 49.22 -4.32
N LEU L 18 -53.42 48.37 -5.11
CA LEU L 18 -51.97 48.47 -5.27
C LEU L 18 -51.58 49.77 -5.94
N GLU L 19 -52.28 50.12 -7.02
CA GLU L 19 -52.00 51.39 -7.70
C GLU L 19 -52.31 52.58 -6.80
N GLU L 20 -53.37 52.45 -5.99
CA GLU L 20 -53.73 53.49 -5.04
C GLU L 20 -52.68 53.66 -3.97
N LEU L 21 -52.14 52.55 -3.46
CA LEU L 21 -51.11 52.63 -2.43
C LEU L 21 -49.83 53.23 -2.98
N GLU L 22 -49.52 52.97 -4.25
CA GLU L 22 -48.31 53.57 -4.80
C GLU L 22 -48.46 55.07 -4.93
N GLU L 23 -49.62 55.53 -5.39
CA GLU L 23 -49.88 56.97 -5.43
C GLU L 23 -49.89 57.57 -4.04
N PHE L 24 -50.41 56.85 -3.05
CA PHE L 24 -50.48 57.39 -1.71
C PHE L 24 -49.11 57.49 -1.08
N GLU L 25 -48.27 56.50 -1.29
CA GLU L 25 -46.95 56.53 -0.67
C GLU L 25 -46.06 57.54 -1.38
N PHE L 26 -46.30 57.81 -2.66
CA PHE L 26 -45.53 58.87 -3.30
C PHE L 26 -46.05 60.25 -2.91
N LYS L 27 -47.34 60.38 -2.63
CA LYS L 27 -47.86 61.70 -2.32
C LYS L 27 -47.61 62.06 -0.86
N HIS L 28 -47.95 61.16 0.06
CA HIS L 28 -47.86 61.38 1.49
C HIS L 28 -46.88 60.37 2.02
N GLY L 29 -45.59 60.65 1.91
CA GLY L 29 -44.64 59.65 2.30
C GLY L 29 -43.23 60.14 2.39
N PRO L 30 -42.31 59.20 2.46
CA PRO L 30 -40.90 59.59 2.43
C PRO L 30 -40.41 59.93 1.05
N MET L 31 -40.89 59.22 0.02
CA MET L 31 -40.45 59.56 -1.32
C MET L 31 -41.13 60.79 -1.85
N SER L 32 -42.10 61.31 -1.10
CA SER L 32 -42.74 62.57 -1.44
C SER L 32 -41.76 63.71 -1.55
N LEU L 33 -40.67 63.65 -0.79
CA LEU L 33 -39.58 64.60 -0.90
C LEU L 33 -39.08 64.72 -2.32
N ILE L 34 -38.78 63.59 -2.96
CA ILE L 34 -38.27 63.61 -4.33
C ILE L 34 -39.33 64.17 -5.25
N ASN L 35 -40.60 63.83 -4.95
CA ASN L 35 -41.71 64.26 -5.76
C ASN L 35 -41.85 65.76 -5.74
N ASP L 36 -41.63 66.39 -4.58
CA ASP L 36 -41.74 67.82 -4.51
C ASP L 36 -40.64 68.46 -5.34
N ALA L 37 -39.46 67.87 -5.31
CA ALA L 37 -38.37 68.43 -6.09
C ALA L 37 -38.53 68.10 -7.56
N MET L 38 -39.36 67.11 -7.88
CA MET L 38 -39.67 66.90 -9.28
C MET L 38 -40.57 68.00 -9.77
N VAL L 39 -41.52 68.43 -8.94
CA VAL L 39 -42.54 69.35 -9.42
C VAL L 39 -42.12 70.78 -9.25
N THR L 40 -41.54 71.12 -8.10
CA THR L 40 -41.05 72.46 -7.88
C THR L 40 -39.76 72.76 -8.63
N ARG L 41 -39.17 71.75 -9.26
CA ARG L 41 -38.02 71.87 -10.16
C ARG L 41 -36.81 72.49 -9.47
N THR L 42 -36.56 72.05 -8.25
CA THR L 42 -35.42 72.45 -7.45
C THR L 42 -34.38 71.36 -7.50
N PRO L 43 -33.09 71.68 -7.49
CA PRO L 43 -32.08 70.63 -7.53
C PRO L 43 -32.06 69.85 -6.24
N VAL L 44 -31.57 68.62 -6.32
CA VAL L 44 -31.35 67.76 -5.18
C VAL L 44 -29.90 67.35 -5.17
N ILE L 45 -29.41 67.05 -3.98
CA ILE L 45 -28.08 66.51 -3.78
C ILE L 45 -28.24 65.05 -3.39
N ILE L 46 -27.60 64.16 -4.12
CA ILE L 46 -27.78 62.72 -3.92
C ILE L 46 -26.42 62.13 -3.62
N SER L 47 -26.32 61.36 -2.55
CA SER L 47 -25.03 60.82 -2.14
C SER L 47 -25.01 59.34 -2.44
N LEU L 48 -24.09 58.90 -3.29
CA LEU L 48 -24.11 57.54 -3.79
C LEU L 48 -23.25 56.64 -2.94
N ARG L 49 -23.33 55.35 -3.22
CA ARG L 49 -22.68 54.36 -2.39
C ARG L 49 -21.21 54.23 -2.72
N ASN L 50 -20.76 54.70 -3.87
CA ASN L 50 -19.37 54.65 -4.19
C ASN L 50 -18.64 55.93 -3.85
N ASN L 51 -19.20 56.71 -2.92
CA ASN L 51 -18.68 58.00 -2.48
C ASN L 51 -18.56 58.98 -3.64
N HIS L 52 -19.62 59.12 -4.42
CA HIS L 52 -19.77 60.21 -5.37
C HIS L 52 -21.03 60.97 -5.02
N LYS L 53 -21.01 62.29 -5.18
CA LYS L 53 -22.15 63.14 -4.87
C LYS L 53 -22.63 63.82 -6.13
N ILE L 54 -23.91 63.68 -6.45
CA ILE L 54 -24.41 64.30 -7.67
C ILE L 54 -25.38 65.41 -7.29
N ILE L 55 -25.36 66.48 -8.07
CA ILE L 55 -26.30 67.59 -7.93
C ILE L 55 -27.07 67.68 -9.21
N ALA L 56 -28.39 67.58 -9.13
CA ALA L 56 -29.15 67.41 -10.36
C ALA L 56 -30.61 67.74 -10.13
N ARG L 57 -31.37 67.83 -11.22
CA ARG L 57 -32.81 67.97 -11.08
C ARG L 57 -33.50 66.69 -11.51
N VAL L 58 -34.57 66.34 -10.85
CA VAL L 58 -35.21 65.04 -11.05
C VAL L 58 -36.25 65.19 -12.15
N LYS L 59 -36.10 64.44 -13.24
CA LYS L 59 -37.11 64.47 -14.28
C LYS L 59 -38.17 63.41 -14.07
N ALA L 60 -37.81 62.26 -13.52
CA ALA L 60 -38.78 61.26 -13.10
C ALA L 60 -38.13 60.39 -12.05
N PHE L 61 -38.95 59.78 -11.23
CA PHE L 61 -38.45 58.87 -10.20
C PHE L 61 -39.39 57.69 -10.14
N ASP L 62 -39.10 56.78 -9.22
CA ASP L 62 -39.61 55.43 -9.31
C ASP L 62 -39.59 54.78 -7.94
N ARG L 63 -40.28 53.65 -7.85
CA ARG L 63 -40.44 52.88 -6.62
C ARG L 63 -39.13 52.46 -5.99
N HIS L 64 -38.13 52.11 -6.78
CA HIS L 64 -36.87 51.67 -6.24
C HIS L 64 -35.90 52.81 -5.99
N CYS L 65 -36.36 54.04 -6.11
CA CYS L 65 -35.62 55.30 -6.08
C CYS L 65 -34.65 55.39 -7.25
N ASN L 66 -34.93 54.77 -8.39
CA ASN L 66 -34.17 55.09 -9.58
C ASN L 66 -34.77 56.33 -10.22
N MET L 67 -33.92 57.19 -10.77
CA MET L 67 -34.40 58.49 -11.19
C MET L 67 -33.69 59.01 -12.42
N VAL L 68 -34.44 59.60 -13.34
CA VAL L 68 -33.87 60.25 -14.51
C VAL L 68 -33.55 61.68 -14.17
N LEU L 69 -32.34 62.12 -14.48
CA LEU L 69 -31.84 63.37 -13.99
C LEU L 69 -31.30 64.16 -15.15
N GLU L 70 -31.45 65.47 -15.10
CA GLU L 70 -30.91 66.34 -16.13
C GLU L 70 -29.96 67.31 -15.46
N ASN L 71 -28.99 67.81 -16.23
CA ASN L 71 -27.96 68.74 -15.77
C ASN L 71 -27.16 68.17 -14.61
N VAL L 72 -26.85 66.88 -14.71
CA VAL L 72 -26.20 66.17 -13.62
C VAL L 72 -24.79 66.68 -13.45
N LYS L 73 -24.39 66.92 -12.22
CA LYS L 73 -23.02 67.27 -11.92
C LYS L 73 -22.48 66.32 -10.88
N GLU L 74 -21.46 65.53 -11.21
CA GLU L 74 -20.89 64.57 -10.27
C GLU L 74 -19.61 65.09 -9.66
N LEU L 75 -19.54 65.00 -8.34
CA LEU L 75 -18.42 65.49 -7.56
C LEU L 75 -17.85 64.32 -6.80
N TRP L 76 -16.53 64.19 -6.82
CA TRP L 76 -15.87 63.12 -6.11
C TRP L 76 -14.47 63.54 -5.76
N THR L 77 -13.89 62.84 -4.81
CA THR L 77 -12.54 63.15 -4.38
C THR L 77 -11.73 61.86 -4.29
N GLU L 78 -10.44 61.95 -4.57
CA GLU L 78 -9.61 60.76 -4.60
C GLU L 78 -8.31 61.01 -3.84
N LYS L 79 -7.95 60.07 -2.99
CA LYS L 79 -6.89 60.27 -2.02
C LYS L 79 -5.95 59.07 -1.95
N LYS L 80 -4.66 59.34 -1.98
CA LYS L 80 -3.65 58.34 -1.67
C LYS L 80 -2.63 58.96 -0.73
N GLY L 81 -2.59 58.47 0.50
CA GLY L 81 -1.68 59.02 1.49
C GLY L 81 -2.04 60.43 1.86
N LYS L 82 -1.10 61.34 1.65
CA LYS L 82 -1.41 62.75 1.85
C LYS L 82 -2.25 63.29 0.71
N ASN L 83 -2.05 62.74 -0.49
CA ASN L 83 -2.54 63.41 -1.68
C ASN L 83 -4.04 63.25 -1.86
N VAL L 84 -4.68 64.32 -2.32
CA VAL L 84 -6.11 64.36 -2.51
C VAL L 84 -6.39 65.26 -3.71
N ILE L 85 -7.37 64.88 -4.52
CA ILE L 85 -7.76 65.61 -5.71
C ILE L 85 -9.28 65.67 -5.76
N ASN L 86 -9.82 66.85 -6.05
CA ASN L 86 -11.24 67.01 -6.29
C ASN L 86 -11.49 66.90 -7.77
N ARG L 87 -12.29 65.92 -8.19
CA ARG L 87 -12.67 65.81 -9.57
C ARG L 87 -14.16 66.05 -9.71
N GLU L 88 -14.54 66.73 -10.77
CA GLU L 88 -15.92 67.10 -11.03
C GLU L 88 -16.21 66.88 -12.50
N ARG L 89 -17.45 66.51 -12.80
CA ARG L 89 -17.83 66.16 -14.16
C ARG L 89 -19.25 66.62 -14.41
N PHE L 90 -19.53 67.10 -15.62
CA PHE L 90 -20.86 67.48 -16.03
C PHE L 90 -21.40 66.52 -17.07
N ILE L 91 -22.60 66.00 -16.82
CA ILE L 91 -23.31 65.10 -17.72
C ILE L 91 -24.65 65.75 -17.99
N SER L 92 -25.15 65.66 -19.21
CA SER L 92 -26.40 66.35 -19.52
C SER L 92 -27.61 65.58 -19.03
N LYS L 93 -27.75 64.32 -19.39
CA LYS L 93 -28.91 63.52 -19.03
C LYS L 93 -28.43 62.16 -18.54
N LEU L 94 -29.04 61.64 -17.48
CA LEU L 94 -28.51 60.45 -16.86
C LEU L 94 -29.61 59.64 -16.20
N PHE L 95 -29.47 58.33 -16.30
CA PHE L 95 -30.30 57.40 -15.57
C PHE L 95 -29.50 56.98 -14.34
N LEU L 96 -30.14 56.87 -13.20
CA LEU L 96 -29.50 56.45 -11.97
C LEU L 96 -30.27 55.31 -11.39
N ARG L 97 -29.66 54.13 -11.32
CA ARG L 97 -30.29 52.97 -10.68
C ARG L 97 -30.38 53.22 -9.19
N GLY L 98 -31.43 52.69 -8.59
CA GLY L 98 -31.85 53.20 -7.30
C GLY L 98 -31.07 52.67 -6.13
N ASP L 99 -30.30 51.61 -6.33
CA ASP L 99 -29.70 50.97 -5.17
C ASP L 99 -28.46 51.67 -4.67
N SER L 100 -27.92 52.59 -5.45
CA SER L 100 -26.68 53.26 -5.06
C SER L 100 -26.93 54.41 -4.10
N VAL L 101 -28.15 54.93 -4.02
CA VAL L 101 -28.36 56.18 -3.30
C VAL L 101 -28.35 55.92 -1.81
N ILE L 102 -27.85 56.89 -1.06
CA ILE L 102 -27.83 56.77 0.39
C ILE L 102 -28.78 57.77 1.00
N VAL L 103 -28.55 59.03 0.69
CA VAL L 103 -29.38 60.11 1.17
C VAL L 103 -29.64 61.01 -0.02
N VAL L 104 -30.85 61.57 -0.06
CA VAL L 104 -31.25 62.58 -1.03
C VAL L 104 -31.68 63.80 -0.25
N LEU L 105 -31.11 64.94 -0.57
CA LEU L 105 -31.37 66.18 0.14
C LEU L 105 -32.03 67.14 -0.81
N LYS L 106 -33.10 67.79 -0.38
CA LYS L 106 -33.71 68.84 -1.17
C LYS L 106 -33.05 70.18 -0.86
N THR L 107 -32.48 70.80 -1.86
CA THR L 107 -31.90 72.11 -1.73
C THR L 107 -32.98 73.14 -1.45
N PRO L 108 -32.80 74.02 -0.45
CA PRO L 108 -33.62 75.20 -0.24
C PRO L 108 -33.62 76.15 -1.44
N GLY M 5 -36.80 25.59 -13.15
CA GLY M 5 -36.07 25.80 -14.40
C GLY M 5 -35.07 24.70 -14.57
N ILE M 6 -34.45 24.60 -15.75
CA ILE M 6 -33.58 23.46 -16.04
C ILE M 6 -32.36 23.32 -15.13
N PRO M 7 -31.57 24.37 -14.82
CA PRO M 7 -30.36 24.14 -14.00
C PRO M 7 -30.60 23.58 -12.61
N VAL M 8 -31.64 24.03 -11.93
CA VAL M 8 -31.99 23.48 -10.63
C VAL M 8 -32.47 22.04 -10.77
N LYS M 9 -33.11 21.71 -11.88
CA LYS M 9 -33.52 20.33 -12.08
C LYS M 9 -32.34 19.44 -12.44
N LEU M 10 -31.31 20.00 -13.05
CA LEU M 10 -30.09 19.25 -13.31
C LEU M 10 -29.40 18.93 -12.01
N LEU M 11 -29.43 19.85 -11.06
CA LEU M 11 -28.89 19.56 -9.73
C LEU M 11 -29.69 18.47 -9.04
N ASN M 12 -30.97 18.35 -9.32
CA ASN M 12 -31.73 17.26 -8.75
C ASN M 12 -31.42 15.94 -9.44
N GLU M 13 -30.92 15.99 -10.67
CA GLU M 13 -30.53 14.75 -11.34
C GLU M 13 -29.31 14.15 -10.71
N ALA M 14 -28.45 14.96 -10.13
CA ALA M 14 -27.17 14.49 -9.66
C ALA M 14 -27.19 13.91 -8.27
N GLN M 15 -28.32 13.41 -7.77
CA GLN M 15 -28.33 12.92 -6.41
C GLN M 15 -27.74 11.54 -6.29
N GLY M 16 -26.77 11.40 -5.40
CA GLY M 16 -26.07 10.15 -5.27
C GLY M 16 -24.84 10.04 -6.14
N HIS M 17 -24.36 11.13 -6.70
CA HIS M 17 -23.18 11.08 -7.53
C HIS M 17 -22.20 12.12 -7.04
N ILE M 18 -20.92 11.89 -7.26
CA ILE M 18 -19.94 12.78 -6.67
C ILE M 18 -19.96 14.12 -7.39
N VAL M 19 -20.29 15.17 -6.66
CA VAL M 19 -20.28 16.52 -7.20
C VAL M 19 -19.21 17.30 -6.47
N SER M 20 -18.79 18.40 -7.09
CA SER M 20 -17.78 19.27 -6.51
C SER M 20 -18.28 20.69 -6.59
N LEU M 21 -18.31 21.40 -5.48
CA LEU M 21 -18.87 22.74 -5.51
C LEU M 21 -17.95 23.72 -4.83
N GLU M 22 -17.82 24.92 -5.36
CA GLU M 22 -16.98 25.93 -4.76
C GLU M 22 -17.84 27.04 -4.19
N LEU M 23 -17.67 27.33 -2.91
CA LEU M 23 -18.51 28.29 -2.24
C LEU M 23 -18.01 29.67 -2.51
N THR M 24 -18.73 30.67 -2.01
CA THR M 24 -18.33 32.03 -2.32
C THR M 24 -17.23 32.51 -1.39
N THR M 25 -16.96 31.76 -0.33
CA THR M 25 -15.83 32.10 0.51
C THR M 25 -14.53 31.67 -0.15
N GLY M 26 -14.58 30.62 -0.95
CA GLY M 26 -13.41 30.15 -1.64
C GLY M 26 -13.18 28.69 -1.42
N ALA M 27 -13.95 28.09 -0.54
CA ALA M 27 -13.73 26.71 -0.21
C ALA M 27 -14.25 25.81 -1.30
N THR M 28 -13.66 24.63 -1.45
CA THR M 28 -14.08 23.65 -2.43
C THR M 28 -14.53 22.42 -1.65
N TYR M 29 -15.53 21.71 -2.14
CA TYR M 29 -16.01 20.52 -1.47
C TYR M 29 -16.34 19.47 -2.49
N ARG M 30 -15.84 18.26 -2.30
CA ARG M 30 -16.20 17.19 -3.23
C ARG M 30 -16.68 15.96 -2.50
N GLY M 31 -17.91 15.56 -2.78
CA GLY M 31 -18.52 14.48 -2.05
C GLY M 31 -19.79 14.08 -2.75
N LYS M 32 -20.43 13.04 -2.25
CA LYS M 32 -21.70 12.59 -2.80
C LYS M 32 -22.77 13.62 -2.55
N LEU M 33 -23.71 13.76 -3.46
CA LEU M 33 -24.78 14.72 -3.22
C LEU M 33 -25.95 13.96 -2.66
N VAL M 34 -26.20 14.13 -1.37
CA VAL M 34 -27.28 13.39 -0.76
C VAL M 34 -28.61 14.05 -1.03
N GLU M 35 -28.74 15.32 -0.71
CA GLU M 35 -30.02 15.98 -0.90
C GLU M 35 -29.76 17.36 -1.43
N SER M 36 -30.65 17.83 -2.27
CA SER M 36 -30.58 19.16 -2.80
C SER M 36 -31.97 19.73 -2.81
N GLU M 37 -32.06 21.05 -2.87
CA GLU M 37 -33.36 21.68 -2.77
C GLU M 37 -33.53 22.66 -3.90
N ASP M 38 -34.77 23.13 -4.01
CA ASP M 38 -35.15 24.11 -5.02
C ASP M 38 -34.49 25.45 -4.73
N SER M 39 -34.02 25.63 -3.51
CA SER M 39 -33.28 26.83 -3.15
C SER M 39 -31.80 26.74 -3.40
N MET M 40 -31.33 25.57 -3.87
CA MET M 40 -29.95 25.09 -4.01
C MET M 40 -29.20 24.74 -2.73
N ASN M 41 -29.86 24.56 -1.59
CA ASN M 41 -29.18 24.01 -0.42
C ASN M 41 -28.71 22.60 -0.72
N VAL M 42 -27.47 22.30 -0.44
CA VAL M 42 -26.98 20.97 -0.81
C VAL M 42 -26.39 20.32 0.41
N GLN M 43 -26.49 19.00 0.47
CA GLN M 43 -25.88 18.27 1.56
C GLN M 43 -24.93 17.22 1.02
N LEU M 44 -23.65 17.41 1.24
CA LEU M 44 -22.65 16.53 0.70
C LEU M 44 -22.26 15.55 1.78
N ARG M 45 -21.90 14.34 1.39
CA ARG M 45 -21.55 13.29 2.33
C ARG M 45 -20.25 12.64 1.92
N ASP M 46 -19.44 12.28 2.91
CA ASP M 46 -18.09 11.77 2.76
C ASP M 46 -17.22 12.77 2.02
N VAL M 47 -17.23 13.98 2.50
CA VAL M 47 -16.80 15.13 1.70
C VAL M 47 -15.35 15.48 1.97
N ILE M 48 -14.57 15.70 0.93
CA ILE M 48 -13.21 16.20 1.06
C ILE M 48 -13.23 17.70 0.86
N ALA M 49 -12.75 18.43 1.85
CA ALA M 49 -12.99 19.85 1.96
C ALA M 49 -11.69 20.60 1.85
N THR M 50 -11.59 21.50 0.91
CA THR M 50 -10.39 22.27 0.72
C THR M 50 -10.67 23.70 1.11
N GLU M 51 -9.94 24.22 2.06
CA GLU M 51 -10.16 25.56 2.57
C GLU M 51 -9.56 26.55 1.59
N PRO M 52 -9.87 27.85 1.69
CA PRO M 52 -9.39 28.80 0.68
C PRO M 52 -7.89 28.93 0.58
N GLN M 53 -7.16 28.84 1.68
CA GLN M 53 -5.73 28.91 1.56
C GLN M 53 -5.10 27.54 1.34
N GLY M 54 -5.92 26.50 1.26
CA GLY M 54 -5.51 25.28 0.62
C GLY M 54 -5.53 24.03 1.44
N ALA M 55 -5.81 24.10 2.75
CA ALA M 55 -5.78 22.92 3.59
C ALA M 55 -6.95 22.02 3.29
N VAL M 56 -6.70 20.72 3.24
CA VAL M 56 -7.71 19.72 2.92
C VAL M 56 -8.03 18.94 4.18
N THR M 57 -9.31 18.66 4.42
CA THR M 57 -9.77 17.82 5.51
C THR M 57 -10.88 16.90 5.03
N HIS M 58 -11.37 16.05 5.91
CA HIS M 58 -12.44 15.13 5.61
C HIS M 58 -13.60 15.38 6.54
N MET M 59 -14.79 15.55 5.99
CA MET M 59 -15.99 15.79 6.76
C MET M 59 -16.98 14.68 6.51
N ASP M 60 -17.76 14.31 7.52
CA ASP M 60 -18.68 13.22 7.34
C ASP M 60 -19.91 13.64 6.56
N GLN M 61 -20.55 14.74 6.95
CA GLN M 61 -21.56 15.40 6.14
C GLN M 61 -21.38 16.88 6.26
N ILE M 62 -21.89 17.61 5.28
CA ILE M 62 -21.95 19.06 5.35
C ILE M 62 -23.24 19.52 4.69
N PHE M 63 -23.82 20.58 5.24
CA PHE M 63 -24.98 21.26 4.70
C PHE M 63 -24.52 22.63 4.29
N VAL M 64 -24.52 22.97 3.01
CA VAL M 64 -24.18 24.33 2.66
C VAL M 64 -25.46 25.00 2.20
N ARG M 65 -25.62 26.27 2.62
CA ARG M 65 -26.72 27.11 2.17
C ARG M 65 -26.43 27.52 0.76
N GLY M 66 -27.43 27.36 -0.10
CA GLY M 66 -27.20 27.42 -1.51
C GLY M 66 -26.96 28.81 -2.04
N SER M 67 -27.24 29.81 -1.22
CA SER M 67 -26.91 31.18 -1.57
C SER M 67 -25.42 31.39 -1.74
N GLN M 68 -24.62 30.54 -1.09
CA GLN M 68 -23.19 30.78 -1.02
C GLN M 68 -22.44 30.10 -2.15
N ILE M 69 -23.13 29.33 -2.99
CA ILE M 69 -22.49 28.53 -4.03
C ILE M 69 -22.06 29.42 -5.18
N LYS M 70 -20.82 29.23 -5.67
CA LYS M 70 -20.47 29.75 -6.97
C LYS M 70 -20.87 28.80 -8.07
N PHE M 71 -20.29 27.61 -8.09
CA PHE M 71 -20.65 26.64 -9.09
C PHE M 71 -20.67 25.26 -8.48
N ILE M 72 -21.30 24.36 -9.20
CA ILE M 72 -21.40 22.96 -8.88
C ILE M 72 -20.98 22.22 -10.13
N VAL M 73 -20.18 21.17 -9.99
CA VAL M 73 -19.74 20.35 -11.12
C VAL M 73 -20.34 18.97 -10.92
N VAL M 74 -21.21 18.56 -11.83
CA VAL M 74 -21.96 17.31 -11.74
C VAL M 74 -21.26 16.27 -12.62
N PRO M 75 -21.65 14.98 -12.63
CA PRO M 75 -20.98 14.05 -13.54
C PRO M 75 -21.23 14.35 -14.99
N ASP M 76 -20.37 13.80 -15.83
CA ASP M 76 -20.28 14.30 -17.19
C ASP M 76 -21.28 13.61 -18.10
N LEU M 77 -21.83 12.48 -17.65
CA LEU M 77 -22.85 11.79 -18.43
C LEU M 77 -24.15 12.56 -18.47
N LEU M 78 -24.42 13.41 -17.50
CA LEU M 78 -25.70 14.07 -17.41
C LEU M 78 -25.97 15.08 -18.51
N LYS M 79 -25.05 15.31 -19.45
CA LYS M 79 -25.39 16.08 -20.63
C LYS M 79 -26.37 15.34 -21.51
N ASN M 80 -26.54 14.05 -21.31
CA ASN M 80 -27.48 13.23 -22.06
C ASN M 80 -28.79 13.06 -21.34
N ALA M 81 -29.03 13.87 -20.31
CA ALA M 81 -30.27 13.81 -19.58
C ALA M 81 -31.40 14.34 -20.45
N PRO M 82 -32.62 13.87 -20.24
CA PRO M 82 -33.68 14.20 -21.18
C PRO M 82 -34.26 15.57 -21.01
N LEU M 83 -33.87 16.29 -19.97
CA LEU M 83 -34.41 17.63 -19.80
C LEU M 83 -33.71 18.63 -20.72
N PHE M 84 -32.66 18.22 -21.40
CA PHE M 84 -32.04 19.09 -22.38
C PHE M 84 -32.66 18.97 -23.77
N LYS M 85 -33.57 18.02 -23.99
CA LYS M 85 -34.15 17.81 -25.31
C LYS M 85 -35.10 18.92 -25.69
N LYS M 86 -34.93 19.46 -26.89
CA LYS M 86 -35.74 20.58 -27.33
C LYS M 86 -37.10 20.11 -27.83
N ASN M 87 -37.10 19.12 -28.71
CA ASN M 87 -38.31 18.66 -29.39
C ASN M 87 -38.85 17.45 -28.67
N SER M 88 -39.97 17.63 -28.00
CA SER M 88 -40.42 16.63 -27.06
C SER M 88 -41.92 16.77 -26.90
N SER M 89 -42.60 15.65 -26.77
CA SER M 89 -44.04 15.63 -26.84
C SER M 89 -44.61 14.81 -25.70
N ARG M 90 -45.69 15.33 -25.12
CA ARG M 90 -46.21 14.85 -23.86
C ARG M 90 -47.43 13.96 -24.09
N PRO M 91 -47.74 13.08 -23.15
CA PRO M 91 -48.86 12.15 -23.34
C PRO M 91 -50.26 12.63 -23.02
N MET M 92 -50.58 13.96 -23.07
CA MET M 92 -51.92 14.51 -22.81
C MET M 92 -52.39 14.28 -21.38
N PRO M 93 -52.04 15.17 -20.47
CA PRO M 93 -52.13 14.92 -19.03
C PRO M 93 -53.53 14.60 -18.56
N PRO M 94 -53.66 13.80 -17.53
CA PRO M 94 -54.98 13.41 -17.05
C PRO M 94 -55.62 14.45 -16.15
N ILE M 95 -56.89 14.22 -15.84
CA ILE M 95 -57.65 15.07 -14.93
C ILE M 95 -57.06 15.10 -13.52
N ALA N 9 -38.85 18.14 21.40
CA ALA N 9 -39.57 19.37 21.09
C ALA N 9 -38.63 20.39 20.49
N MET N 10 -39.06 21.06 19.42
CA MET N 10 -38.24 22.02 18.70
C MET N 10 -38.64 23.40 19.17
N VAL N 11 -37.67 24.30 19.30
CA VAL N 11 -37.96 25.71 19.54
C VAL N 11 -37.55 26.49 18.29
N PRO N 12 -38.48 27.00 17.50
CA PRO N 12 -38.14 27.83 16.37
C PRO N 12 -37.60 29.16 16.83
N PRO N 13 -36.86 29.90 15.99
CA PRO N 13 -36.13 31.05 16.51
C PRO N 13 -37.02 32.24 16.83
N ILE N 14 -38.20 32.29 16.24
CA ILE N 14 -39.20 33.24 16.69
C ILE N 14 -39.54 33.01 18.14
N ASN N 15 -39.69 31.75 18.53
CA ASN N 15 -39.99 31.43 19.91
C ASN N 15 -38.84 31.79 20.83
N CYS N 16 -37.60 31.68 20.37
CA CYS N 16 -36.51 32.03 21.26
C CYS N 16 -36.39 33.54 21.43
N ILE N 17 -36.64 34.31 20.37
CA ILE N 17 -36.65 35.76 20.51
C ILE N 17 -37.82 36.21 21.36
N PHE N 18 -38.94 35.50 21.26
CA PHE N 18 -40.09 35.88 22.07
C PHE N 18 -39.89 35.53 23.52
N ASN N 19 -39.12 34.48 23.79
CA ASN N 19 -38.79 34.19 25.18
C ASN N 19 -37.81 35.21 25.74
N PHE N 20 -36.91 35.71 24.89
CA PHE N 20 -36.05 36.80 25.34
C PHE N 20 -36.85 38.04 25.69
N LEU N 21 -37.92 38.28 24.93
CA LEU N 21 -38.79 39.40 25.25
C LEU N 21 -39.52 39.16 26.54
N GLN N 22 -40.08 37.97 26.71
CA GLN N 22 -41.04 37.72 27.76
C GLN N 22 -40.37 37.60 29.12
N GLN N 23 -39.12 37.13 29.15
CA GLN N 23 -38.43 37.10 30.44
C GLN N 23 -37.53 38.30 30.66
N GLN N 24 -37.39 39.17 29.67
CA GLN N 24 -36.51 40.35 29.71
C GLN N 24 -35.05 39.98 29.96
N THR N 25 -34.63 38.81 29.51
CA THR N 25 -33.26 38.39 29.74
C THR N 25 -32.30 39.18 28.87
N PRO N 26 -31.24 39.73 29.45
CA PRO N 26 -30.44 40.71 28.74
C PRO N 26 -29.59 40.07 27.65
N VAL N 27 -29.65 40.64 26.46
CA VAL N 27 -29.01 40.03 25.31
C VAL N 27 -27.84 40.88 24.88
N THR N 28 -26.86 40.17 24.34
CA THR N 28 -25.77 40.75 23.58
C THR N 28 -26.06 40.44 22.13
N ILE N 29 -26.08 41.47 21.30
CA ILE N 29 -26.37 41.34 19.89
C ILE N 29 -25.08 41.56 19.15
N TRP N 30 -24.63 40.53 18.45
CA TRP N 30 -23.49 40.64 17.59
C TRP N 30 -23.98 41.16 16.26
N LEU N 31 -23.57 42.36 15.93
CA LEU N 31 -23.73 42.86 14.57
C LEU N 31 -22.68 42.21 13.72
N PHE N 32 -22.85 42.30 12.41
CA PHE N 32 -21.88 41.69 11.53
C PHE N 32 -20.66 42.59 11.49
N GLU N 33 -19.51 42.01 11.18
CA GLU N 33 -18.26 42.71 11.35
C GLU N 33 -18.03 43.73 10.25
N GLN N 34 -16.88 44.41 10.34
CA GLN N 34 -16.44 45.59 9.62
C GLN N 34 -17.18 46.85 10.11
N ILE N 35 -18.24 46.68 10.90
CA ILE N 35 -18.74 47.77 11.72
C ILE N 35 -17.97 47.84 13.03
N GLY N 36 -18.02 46.75 13.78
CA GLY N 36 -17.17 46.59 14.94
C GLY N 36 -17.73 47.05 16.26
N ILE N 37 -19.05 47.04 16.43
CA ILE N 37 -19.63 47.29 17.74
C ILE N 37 -20.56 46.12 18.05
N ARG N 38 -20.96 46.02 19.32
CA ARG N 38 -21.99 45.09 19.75
C ARG N 38 -23.03 45.86 20.54
N ILE N 39 -24.26 45.41 20.53
CA ILE N 39 -25.30 46.11 21.27
C ILE N 39 -25.71 45.24 22.45
N LYS N 40 -25.56 45.74 23.66
CA LYS N 40 -26.17 45.07 24.79
C LYS N 40 -27.48 45.75 25.09
N GLY N 41 -28.45 44.99 25.56
CA GLY N 41 -29.73 45.58 25.90
C GLY N 41 -30.75 44.50 26.16
N LYS N 42 -32.02 44.91 26.16
CA LYS N 42 -33.13 44.01 26.43
C LYS N 42 -34.17 44.16 25.34
N ILE N 43 -34.76 43.04 24.91
CA ILE N 43 -35.60 43.03 23.72
C ILE N 43 -37.02 43.33 24.13
N VAL N 44 -37.59 44.39 23.56
CA VAL N 44 -38.94 44.82 23.91
C VAL N 44 -39.93 44.35 22.86
N GLY N 45 -39.53 44.33 21.60
CA GLY N 45 -40.40 43.89 20.53
C GLY N 45 -39.61 43.55 19.30
N PHE N 46 -40.06 42.53 18.59
CA PHE N 46 -39.33 42.02 17.43
C PHE N 46 -40.23 41.90 16.24
N ASP N 47 -39.64 41.94 15.06
CA ASP N 47 -40.39 41.99 13.82
C ASP N 47 -40.42 40.63 13.13
N GLU N 48 -41.18 40.56 12.05
CA GLU N 48 -41.14 39.42 11.15
C GLU N 48 -39.82 39.37 10.38
N PHE N 49 -39.14 40.50 10.30
CA PHE N 49 -37.95 40.67 9.50
C PHE N 49 -36.73 40.63 10.39
N MET N 50 -36.95 40.41 11.68
CA MET N 50 -36.00 40.34 12.76
C MET N 50 -35.43 41.73 13.05
N ASN N 51 -36.18 42.79 12.79
CA ASN N 51 -35.91 44.08 13.42
C ASN N 51 -36.23 43.96 14.90
N VAL N 52 -35.43 44.56 15.76
CA VAL N 52 -35.75 44.49 17.18
C VAL N 52 -35.68 45.88 17.78
N VAL N 53 -36.48 46.13 18.81
CA VAL N 53 -36.34 47.35 19.60
C VAL N 53 -35.71 47.00 20.93
N ILE N 54 -34.82 47.86 21.39
CA ILE N 54 -33.98 47.58 22.54
C ILE N 54 -34.17 48.70 23.55
N ASP N 55 -34.52 48.34 24.78
CA ASP N 55 -34.59 49.29 25.88
C ASP N 55 -33.31 49.25 26.70
N GLU N 56 -32.84 50.43 27.09
CA GLU N 56 -31.57 50.62 27.80
C GLU N 56 -30.42 50.04 27.01
N ALA N 57 -30.32 50.43 25.76
CA ALA N 57 -29.28 49.91 24.90
C ALA N 57 -27.94 50.55 25.21
N VAL N 58 -26.90 49.74 25.11
CA VAL N 58 -25.51 50.18 25.19
C VAL N 58 -24.85 49.70 23.91
N GLU N 59 -23.98 50.49 23.32
CA GLU N 59 -23.14 49.99 22.24
C GLU N 59 -21.73 49.87 22.78
N ILE N 60 -20.98 48.89 22.29
CA ILE N 60 -19.69 48.52 22.84
C ILE N 60 -18.71 48.36 21.69
N PRO N 61 -17.52 48.96 21.74
CA PRO N 61 -16.52 48.72 20.69
C PRO N 61 -15.83 47.37 20.85
N VAL N 62 -15.28 46.87 19.73
CA VAL N 62 -14.48 45.65 19.75
C VAL N 62 -13.08 45.92 19.16
N GLU N 72 -15.68 47.33 27.32
CA GLU N 72 -17.02 47.43 27.88
C GLU N 72 -17.23 48.81 28.48
N LYS N 73 -16.71 49.82 27.79
CA LYS N 73 -16.80 51.22 28.18
C LYS N 73 -17.68 52.05 27.27
N GLY N 74 -18.47 51.42 26.40
CA GLY N 74 -19.10 52.17 25.34
C GLY N 74 -20.34 52.92 25.77
N THR N 75 -20.89 53.68 24.84
CA THR N 75 -21.89 54.69 25.09
C THR N 75 -23.28 54.09 25.27
N PRO N 76 -24.17 54.78 25.99
CA PRO N 76 -25.56 54.32 26.08
C PRO N 76 -26.47 55.00 25.08
N LEU N 77 -27.53 54.32 24.66
CA LEU N 77 -28.36 54.80 23.56
C LEU N 77 -29.79 54.98 23.95
N GLY N 78 -30.19 54.54 25.12
CA GLY N 78 -31.61 54.57 25.40
C GLY N 78 -32.28 53.48 24.62
N LYS N 79 -33.42 53.79 24.02
CA LYS N 79 -34.22 52.80 23.32
C LYS N 79 -34.07 52.99 21.82
N ILE N 80 -33.67 51.92 21.12
CA ILE N 80 -33.38 52.00 19.69
C ILE N 80 -34.26 51.00 18.95
N LEU N 81 -34.48 51.28 17.67
CA LEU N 81 -34.93 50.30 16.71
C LEU N 81 -33.73 49.86 15.89
N LEU N 82 -33.43 48.57 15.90
CA LEU N 82 -32.29 48.02 15.21
C LEU N 82 -32.77 47.22 14.01
N LYS N 83 -32.30 47.62 12.83
CA LYS N 83 -32.70 46.99 11.59
C LYS N 83 -32.07 45.64 11.46
N GLY N 84 -32.89 44.66 11.06
CA GLY N 84 -32.51 43.27 11.20
C GLY N 84 -31.55 42.78 10.14
N ASP N 85 -31.29 43.61 9.13
CA ASP N 85 -30.34 43.25 8.09
C ASP N 85 -28.92 43.16 8.64
N ASN N 86 -28.67 43.77 9.78
CA ASN N 86 -27.32 43.87 10.28
C ASN N 86 -27.00 42.75 11.27
N ILE N 87 -28.01 42.29 12.01
CA ILE N 87 -27.84 41.45 13.18
C ILE N 87 -27.29 40.09 12.78
N THR N 88 -26.26 39.64 13.47
CA THR N 88 -25.71 38.31 13.25
C THR N 88 -26.05 37.33 14.35
N LEU N 89 -25.78 37.62 15.61
CA LEU N 89 -26.24 36.75 16.68
C LEU N 89 -27.06 37.55 17.65
N ILE N 90 -28.02 36.88 18.26
CA ILE N 90 -28.70 37.38 19.45
C ILE N 90 -28.46 36.35 20.53
N THR N 91 -27.61 36.68 21.49
CA THR N 91 -27.20 35.70 22.47
C THR N 91 -27.52 36.26 23.84
N SER N 92 -27.56 35.39 24.84
CA SER N 92 -27.92 35.89 26.16
C SER N 92 -26.78 35.83 27.14
N PRO O 12 -43.73 46.37 25.50
CA PRO O 12 -44.33 45.42 24.56
C PRO O 12 -44.57 46.04 23.18
N VAL O 13 -43.70 46.94 22.77
CA VAL O 13 -43.92 47.79 21.62
C VAL O 13 -43.13 47.27 20.44
N ASN O 14 -43.81 47.02 19.33
CA ASN O 14 -43.19 46.41 18.18
C ASN O 14 -42.53 47.49 17.30
N PRO O 15 -41.71 47.11 16.31
CA PRO O 15 -41.02 48.15 15.51
C PRO O 15 -41.88 49.05 14.66
N LYS O 16 -42.90 48.54 14.00
CA LYS O 16 -43.76 49.44 13.24
C LYS O 16 -44.59 50.38 14.11
N PRO O 17 -45.17 49.98 15.25
CA PRO O 17 -45.72 51.00 16.14
C PRO O 17 -44.68 51.90 16.76
N PHE O 18 -43.45 51.42 16.91
CA PHE O 18 -42.40 52.29 17.42
C PHE O 18 -42.11 53.40 16.44
N LEU O 19 -42.11 53.10 15.15
CA LEU O 19 -41.86 54.18 14.17
C LEU O 19 -43.08 55.05 13.98
N LYS O 20 -44.28 54.49 14.10
CA LYS O 20 -45.46 55.35 14.05
C LYS O 20 -45.54 56.25 15.26
N GLY O 21 -44.99 55.81 16.38
CA GLY O 21 -45.02 56.62 17.58
C GLY O 21 -44.07 57.80 17.51
N LEU O 22 -42.98 57.63 16.77
CA LEU O 22 -41.91 58.66 16.67
C LEU O 22 -42.23 59.67 15.57
N VAL O 23 -43.39 59.55 14.92
CA VAL O 23 -43.73 60.52 13.84
C VAL O 23 -43.79 61.92 14.46
N ASN O 24 -43.17 62.90 13.77
CA ASN O 24 -43.06 64.33 14.19
C ASN O 24 -42.47 64.44 15.60
N HIS O 25 -41.42 63.66 15.87
CA HIS O 25 -40.67 63.66 17.15
C HIS O 25 -39.17 63.69 16.81
N ARG O 26 -38.32 64.23 17.68
CA ARG O 26 -36.87 64.26 17.34
C ARG O 26 -36.34 62.83 17.41
N VAL O 27 -35.59 62.41 16.38
CA VAL O 27 -34.97 61.04 16.34
C VAL O 27 -33.59 61.16 15.68
N GLY O 28 -32.69 60.25 16.02
CA GLY O 28 -31.37 60.18 15.44
C GLY O 28 -31.19 58.88 14.73
N VAL O 29 -30.83 58.90 13.45
CA VAL O 29 -30.61 57.68 12.68
C VAL O 29 -29.14 57.59 12.38
N LYS O 30 -28.53 56.44 12.62
CA LYS O 30 -27.14 56.35 12.23
C LYS O 30 -26.99 55.35 11.12
N LEU O 31 -26.31 55.75 10.07
CA LEU O 31 -26.10 54.88 8.94
C LEU O 31 -25.01 53.89 9.31
N LYS O 32 -24.93 52.81 8.55
CA LYS O 32 -24.04 51.73 8.95
C LYS O 32 -22.61 51.97 8.52
N PHE O 33 -22.36 53.04 7.77
CA PHE O 33 -21.08 53.12 7.10
C PHE O 33 -20.00 53.71 7.99
N ASN O 34 -20.09 55.00 8.26
CA ASN O 34 -18.96 55.77 8.75
C ASN O 34 -19.18 56.21 10.17
N SER O 35 -20.17 55.61 10.83
CA SER O 35 -20.85 56.19 11.96
C SER O 35 -21.22 57.63 11.68
N THR O 36 -21.88 57.84 10.55
CA THR O 36 -22.58 59.08 10.29
C THR O 36 -23.94 58.97 10.92
N GLU O 37 -24.41 60.07 11.47
CA GLU O 37 -25.70 60.11 12.12
C GLU O 37 -26.42 61.37 11.66
N TYR O 38 -27.71 61.28 11.45
CA TYR O 38 -28.53 62.44 11.16
C TYR O 38 -29.51 62.59 12.30
N ARG O 39 -29.49 63.73 12.96
CA ARG O 39 -30.43 64.01 14.02
C ARG O 39 -31.43 65.03 13.51
N GLY O 40 -32.72 64.72 13.61
CA GLY O 40 -33.73 65.59 13.04
C GLY O 40 -35.10 65.08 13.41
N THR O 41 -36.11 65.82 13.00
CA THR O 41 -37.48 65.42 13.32
C THR O 41 -38.04 64.53 12.24
N LEU O 42 -38.77 63.50 12.64
CA LEU O 42 -39.22 62.51 11.70
C LEU O 42 -40.54 62.96 11.10
N VAL O 43 -40.58 63.14 9.79
CA VAL O 43 -41.80 63.55 9.11
C VAL O 43 -42.69 62.37 8.82
N SER O 44 -42.17 61.38 8.10
CA SER O 44 -42.96 60.24 7.67
C SER O 44 -42.05 59.10 7.27
N THR O 45 -42.61 57.90 7.37
CA THR O 45 -41.90 56.65 7.25
C THR O 45 -42.69 55.72 6.32
N ASP O 46 -41.98 54.81 5.69
CA ASP O 46 -42.56 53.95 4.66
C ASP O 46 -42.88 52.58 5.26
N ASN O 47 -43.30 51.65 4.42
CA ASN O 47 -43.37 50.26 4.84
C ASN O 47 -42.01 49.60 4.79
N TYR O 48 -41.12 50.13 3.98
CA TYR O 48 -39.75 49.66 3.95
C TYR O 48 -38.89 50.38 4.93
N PHE O 49 -39.49 51.22 5.77
CA PHE O 49 -38.82 52.11 6.73
C PHE O 49 -37.85 53.01 6.03
N ASN O 50 -38.23 53.53 4.88
CA ASN O 50 -37.58 54.71 4.35
C ASN O 50 -37.87 55.86 5.28
N LEU O 51 -36.94 56.77 5.46
CA LEU O 51 -37.13 57.79 6.48
C LEU O 51 -37.09 59.16 5.86
N GLN O 52 -38.02 60.05 6.23
CA GLN O 52 -37.89 61.44 5.86
C GLN O 52 -37.68 62.29 7.09
N LEU O 53 -36.60 63.07 7.08
CA LEU O 53 -36.20 63.88 8.22
C LEU O 53 -36.22 65.36 7.85
N ASN O 54 -36.69 66.17 8.79
CA ASN O 54 -36.81 67.61 8.61
C ASN O 54 -35.96 68.30 9.66
N GLU O 55 -35.32 69.39 9.25
CA GLU O 55 -34.40 70.18 10.09
C GLU O 55 -33.30 69.30 10.68
N ALA O 56 -32.60 68.59 9.81
CA ALA O 56 -31.65 67.60 10.27
C ALA O 56 -30.23 68.14 10.30
N GLU O 57 -29.43 67.58 11.18
CA GLU O 57 -28.02 67.92 11.32
C GLU O 57 -27.21 66.65 11.17
N GLU O 58 -25.98 66.80 10.71
CA GLU O 58 -25.14 65.71 10.26
C GLU O 58 -23.89 65.55 11.13
N PHE O 59 -23.65 64.34 11.62
CA PHE O 59 -22.56 64.01 12.54
C PHE O 59 -21.76 62.85 11.99
N VAL O 60 -20.66 63.14 11.29
CA VAL O 60 -19.87 62.08 10.67
C VAL O 60 -19.02 61.37 11.73
N ALA O 61 -18.82 62.01 12.84
CA ALA O 61 -18.24 61.43 14.04
C ALA O 61 -19.10 62.02 15.13
N GLY O 62 -18.55 62.23 16.32
CA GLY O 62 -19.14 63.23 17.19
C GLY O 62 -19.18 64.62 16.58
N VAL O 63 -18.32 64.89 15.60
CA VAL O 63 -18.22 66.21 14.97
C VAL O 63 -19.46 66.51 14.14
N SER O 64 -20.07 67.67 14.37
CA SER O 64 -21.22 68.15 13.61
C SER O 64 -20.74 68.97 12.43
N HIS O 65 -21.09 68.56 11.23
CA HIS O 65 -20.60 69.29 10.07
C HIS O 65 -21.54 70.41 9.66
N GLY O 66 -22.84 70.19 9.74
CA GLY O 66 -23.70 71.20 9.20
C GLY O 66 -25.13 71.00 9.64
N THR O 67 -26.02 71.72 8.96
CA THR O 67 -27.45 71.52 9.06
C THR O 67 -28.01 71.25 7.67
N LEU O 68 -29.00 70.39 7.62
CA LEU O 68 -29.56 69.86 6.38
C LEU O 68 -31.05 70.11 6.40
N GLY O 69 -31.60 70.54 5.28
CA GLY O 69 -33.00 70.93 5.29
C GLY O 69 -33.93 69.74 5.43
N GLU O 70 -34.08 68.97 4.36
CA GLU O 70 -34.92 67.78 4.40
C GLU O 70 -34.12 66.69 3.74
N ILE O 71 -34.11 65.50 4.34
CA ILE O 71 -33.38 64.40 3.77
C ILE O 71 -34.28 63.18 3.71
N PHE O 72 -34.16 62.46 2.61
CA PHE O 72 -34.74 61.16 2.44
C PHE O 72 -33.63 60.16 2.64
N ILE O 73 -33.73 59.34 3.66
CA ILE O 73 -32.71 58.34 3.96
C ILE O 73 -33.22 56.97 3.54
N ARG O 74 -32.47 56.37 2.63
CA ARG O 74 -32.81 55.14 1.96
C ARG O 74 -32.79 53.98 2.94
N CYS O 75 -33.67 53.01 2.72
CA CYS O 75 -34.08 52.10 3.77
C CYS O 75 -32.98 51.16 4.21
N ASN O 76 -32.06 50.83 3.32
CA ASN O 76 -31.12 49.74 3.61
C ASN O 76 -29.93 50.21 4.42
N ASN O 77 -29.67 51.51 4.44
CA ASN O 77 -28.40 52.01 4.95
C ASN O 77 -28.41 52.20 6.46
N VAL O 78 -29.58 52.34 7.05
CA VAL O 78 -29.67 52.75 8.43
C VAL O 78 -29.36 51.57 9.35
N LEU O 79 -28.46 51.79 10.31
CA LEU O 79 -28.19 50.76 11.31
C LEU O 79 -29.24 50.80 12.40
N TYR O 80 -29.41 51.93 13.07
CA TYR O 80 -30.48 52.02 14.04
C TYR O 80 -31.10 53.41 14.03
N ILE O 81 -32.30 53.49 14.62
CA ILE O 81 -33.08 54.71 14.79
C ILE O 81 -33.39 54.84 16.26
N ARG O 82 -32.98 55.94 16.90
CA ARG O 82 -33.24 56.07 18.32
C ARG O 82 -34.01 57.35 18.61
N GLU O 83 -34.79 57.32 19.69
CA GLU O 83 -35.44 58.53 20.17
C GLU O 83 -34.50 59.33 21.06
N LEU O 84 -34.36 60.63 20.76
CA LEU O 84 -33.35 61.52 21.34
C LEU O 84 -33.94 62.29 22.52
N PRO O 85 -33.13 62.72 23.50
CA PRO O 85 -33.69 63.49 24.60
C PRO O 85 -34.08 64.91 24.22
N VAL P 2 -41.45 29.51 2.21
CA VAL P 2 -41.46 28.77 0.97
C VAL P 2 -41.31 27.30 1.34
N SER P 3 -40.08 26.80 1.48
CA SER P 3 -39.82 25.42 1.86
C SER P 3 -38.80 25.40 2.97
N THR P 4 -39.13 24.67 4.03
CA THR P 4 -38.25 24.60 5.18
C THR P 4 -37.04 23.74 4.86
N PRO P 5 -35.85 24.13 5.31
CA PRO P 5 -34.67 23.31 5.04
C PRO P 5 -34.74 21.95 5.70
N GLU P 6 -34.00 21.02 5.12
CA GLU P 6 -34.02 19.62 5.53
C GLU P 6 -32.98 19.37 6.62
N LEU P 7 -33.29 19.82 7.83
CA LEU P 7 -32.40 19.60 8.95
C LEU P 7 -33.07 18.82 10.07
N LYS P 8 -34.04 17.97 9.74
CA LYS P 8 -34.70 17.18 10.77
C LYS P 8 -33.77 16.13 11.33
N LYS P 9 -32.70 15.80 10.61
CA LYS P 9 -31.77 14.79 11.06
C LYS P 9 -30.67 15.38 11.93
N TYR P 10 -30.52 16.71 11.92
CA TYR P 10 -29.47 17.33 12.72
C TYR P 10 -29.93 17.81 14.07
N MET P 11 -31.20 17.60 14.43
CA MET P 11 -31.72 18.12 15.68
C MET P 11 -31.08 17.44 16.87
N ASP P 12 -30.78 18.23 17.90
CA ASP P 12 -30.25 17.80 19.19
C ASP P 12 -28.89 17.13 19.06
N LYS P 13 -28.10 17.57 18.09
CA LYS P 13 -26.75 17.07 17.90
C LYS P 13 -25.79 18.23 17.80
N LYS P 14 -24.55 17.99 18.17
CA LYS P 14 -23.58 19.06 18.18
C LYS P 14 -23.16 19.35 16.75
N ILE P 15 -22.93 20.61 16.45
CA ILE P 15 -22.80 21.11 15.09
C ILE P 15 -21.86 22.30 15.10
N LEU P 16 -21.00 22.35 14.07
CA LEU P 16 -20.05 23.48 13.90
C LEU P 16 -20.42 24.19 12.59
N LEU P 17 -20.69 25.49 12.65
CA LEU P 17 -21.04 26.25 11.43
C LEU P 17 -20.19 27.51 11.37
N ASN P 18 -19.79 27.95 10.18
CA ASN P 18 -18.95 29.18 10.14
C ASN P 18 -19.81 30.41 9.86
N ILE P 19 -20.02 31.22 10.89
CA ILE P 19 -20.75 32.51 10.76
C ILE P 19 -19.88 33.44 9.93
N ASN P 20 -20.48 34.20 9.01
CA ASN P 20 -19.69 35.10 8.12
C ASN P 20 -18.64 34.24 7.41
N GLY P 21 -17.38 34.68 7.42
CA GLY P 21 -16.32 33.86 6.80
C GLY P 21 -15.25 33.43 7.78
N SER P 22 -15.20 34.05 8.97
CA SER P 22 -14.14 33.72 9.95
C SER P 22 -14.65 33.03 11.22
N ARG P 23 -15.72 33.55 11.82
CA ARG P 23 -16.22 32.97 13.11
C ARG P 23 -16.69 31.52 12.92
N LYS P 24 -16.46 30.68 13.93
CA LYS P 24 -16.89 29.30 13.91
C LYS P 24 -17.57 28.97 15.23
N VAL P 25 -18.85 28.69 15.19
CA VAL P 25 -19.66 28.53 16.37
C VAL P 25 -20.11 27.09 16.42
N ALA P 26 -19.99 26.45 17.57
CA ALA P 26 -20.36 25.06 17.71
C ALA P 26 -21.35 24.91 18.86
N GLY P 27 -22.48 24.27 18.60
CA GLY P 27 -23.49 24.16 19.63
C GLY P 27 -24.42 23.00 19.36
N ILE P 28 -25.46 22.88 20.18
CA ILE P 28 -26.48 21.87 19.93
C ILE P 28 -27.63 22.52 19.19
N LEU P 29 -28.06 21.95 18.09
CA LEU P 29 -29.10 22.58 17.28
C LEU P 29 -30.45 22.30 17.89
N ARG P 30 -31.18 23.35 18.29
CA ARG P 30 -32.50 23.16 18.87
C ARG P 30 -33.60 23.48 17.89
N GLY P 31 -33.42 24.47 17.02
CA GLY P 31 -34.48 24.78 16.10
C GLY P 31 -33.98 25.49 14.85
N TYR P 32 -34.82 25.50 13.83
CA TYR P 32 -34.46 26.11 12.55
C TYR P 32 -35.70 26.76 11.94
N ASP P 33 -35.45 27.68 11.01
CA ASP P 33 -36.48 28.47 10.36
C ASP P 33 -36.35 28.27 8.87
N ILE P 34 -37.20 28.94 8.10
CA ILE P 34 -37.15 28.76 6.65
C ILE P 34 -36.14 29.67 6.01
N PHE P 35 -35.53 30.55 6.79
CA PHE P 35 -34.43 31.36 6.31
C PHE P 35 -33.09 30.75 6.64
N LEU P 36 -33.13 29.59 7.27
CA LEU P 36 -32.02 28.89 7.91
C LEU P 36 -31.48 29.68 9.09
N ASN P 37 -32.32 30.43 9.79
CA ASN P 37 -32.02 30.84 11.15
C ASN P 37 -31.83 29.61 11.99
N VAL P 38 -30.93 29.64 12.94
CA VAL P 38 -30.77 28.47 13.76
C VAL P 38 -30.54 28.90 15.19
N VAL P 39 -31.15 28.19 16.14
CA VAL P 39 -30.93 28.49 17.59
C VAL P 39 -30.26 27.28 18.23
N LEU P 40 -29.06 27.44 18.79
CA LEU P 40 -28.35 26.29 19.41
C LEU P 40 -27.90 26.63 20.84
N ASP P 41 -28.18 25.72 21.78
CA ASP P 41 -27.81 25.89 23.22
C ASP P 41 -26.34 25.58 23.46
N ASP P 42 -25.77 26.17 24.52
CA ASP P 42 -24.35 25.95 24.95
C ASP P 42 -23.36 26.26 23.82
N ALA P 43 -23.54 27.36 23.10
CA ALA P 43 -22.64 27.70 22.03
C ALA P 43 -21.26 28.03 22.55
N MET P 44 -20.27 27.94 21.68
CA MET P 44 -18.93 28.36 21.99
C MET P 44 -18.31 28.84 20.70
N GLU P 45 -17.47 29.83 20.78
CA GLU P 45 -16.83 30.35 19.59
C GLU P 45 -15.40 29.86 19.55
N ILE P 46 -15.14 28.91 18.67
CA ILE P 46 -13.84 28.28 18.54
C ILE P 46 -12.82 29.27 17.99
N ASN P 47 -11.66 29.34 18.62
CA ASN P 47 -10.58 30.16 18.08
C ASN P 47 -9.59 29.28 17.32
N ASN P 53 -9.21 28.48 25.37
CA ASN P 53 -9.17 29.79 24.72
C ASN P 53 -10.54 30.24 24.19
N ASN P 54 -11.26 29.32 23.56
CA ASN P 54 -12.55 29.60 22.97
C ASN P 54 -13.60 29.95 24.01
N HIS P 55 -14.24 31.12 23.86
CA HIS P 55 -15.11 31.66 24.91
C HIS P 55 -16.56 31.33 24.64
N GLN P 56 -17.28 30.91 25.69
CA GLN P 56 -18.67 30.52 25.50
C GLN P 56 -19.56 31.72 25.31
N LEU P 57 -20.63 31.51 24.54
CA LEU P 57 -21.49 32.62 24.18
C LEU P 57 -22.56 32.85 25.23
N GLY P 58 -23.35 31.85 25.51
CA GLY P 58 -24.51 32.05 26.34
C GLY P 58 -25.41 30.85 26.28
N LEU P 59 -26.45 30.90 27.10
CA LEU P 59 -27.24 29.72 27.35
C LEU P 59 -28.12 29.38 26.16
N GLN P 60 -28.41 30.36 25.33
CA GLN P 60 -29.35 30.22 24.24
C GLN P 60 -29.07 31.32 23.24
N THR P 61 -28.71 30.97 22.00
CA THR P 61 -28.38 31.98 20.99
C THR P 61 -29.20 31.68 19.75
N VAL P 62 -29.49 32.72 18.95
CA VAL P 62 -30.03 32.52 17.62
C VAL P 62 -29.05 33.13 16.63
N ILE P 63 -28.94 32.53 15.46
CA ILE P 63 -28.07 33.02 14.39
C ILE P 63 -28.93 33.28 13.18
N ARG P 64 -28.80 34.47 12.62
CA ARG P 64 -29.45 34.81 11.38
C ARG P 64 -28.81 34.07 10.23
N GLY P 65 -29.59 33.28 9.50
CA GLY P 65 -29.05 32.40 8.47
C GLY P 65 -28.53 33.09 7.24
N ASN P 66 -28.73 34.40 7.14
CA ASN P 66 -28.03 35.23 6.18
C ASN P 66 -26.53 35.09 6.33
N SER P 67 -26.05 34.87 7.55
CA SER P 67 -24.64 34.90 7.86
C SER P 67 -23.99 33.53 7.96
N ILE P 68 -24.77 32.46 7.84
CA ILE P 68 -24.28 31.10 7.88
C ILE P 68 -23.85 30.71 6.49
N ILE P 69 -22.69 30.07 6.36
CA ILE P 69 -22.33 29.49 5.09
C ILE P 69 -22.61 28.01 5.06
N SER P 70 -22.03 27.27 6.00
CA SER P 70 -22.03 25.83 5.96
C SER P 70 -22.11 25.32 7.37
N LEU P 71 -22.68 24.14 7.56
CA LEU P 71 -23.14 23.70 8.86
C LEU P 71 -22.80 22.22 9.11
N GLU P 72 -21.53 21.85 9.04
CA GLU P 72 -21.20 20.44 9.22
C GLU P 72 -21.39 19.96 10.65
N ALA P 73 -21.70 18.69 10.80
CA ALA P 73 -22.19 18.12 12.05
C ALA P 73 -21.14 17.25 12.68
N LEU P 74 -20.78 17.56 13.93
CA LEU P 74 -19.71 16.91 14.63
C LEU P 74 -20.28 15.84 15.56
N ASP P 75 -21.03 14.91 14.99
CA ASP P 75 -21.68 13.90 15.80
C ASP P 75 -22.05 12.75 14.88
N ALA P 76 -23.06 11.98 15.27
CA ALA P 76 -23.38 10.78 14.50
C ALA P 76 -24.12 11.11 13.22
N ILE P 77 -25.18 11.90 13.33
CA ILE P 77 -26.30 11.95 12.40
C ILE P 77 -26.75 10.53 12.13
ZN ZN S . -40.46 8.92 -13.27
#